data_8BUF
#
_entry.id   8BUF
#
_cell.length_a   249.618
_cell.length_b   249.618
_cell.length_c   220.667
_cell.angle_alpha   90.000
_cell.angle_beta   90.000
_cell.angle_gamma   120.000
#
_symmetry.space_group_name_H-M   'P 31 2 1'
#
loop_
_entity.id
_entity.type
_entity.pdbx_description
1 polymer 'DNA damage-binding protein 1'
2 polymer 'Cyclin-dependent kinase 12'
3 polymer Cyclin-K
4 non-polymer 'SULFATE ION'
5 non-polymer 2-(6,7-dihydro-4~{H}-thieno[3,2-c]pyridin-5-ylmethyl)-6,7-dimethoxy-3~{H}-quinazolin-4-one
#
loop_
_entity_poly.entity_id
_entity_poly.type
_entity_poly.pdbx_seq_one_letter_code
_entity_poly.pdbx_strand_id
1 'polypeptide(L)'
;GGGRMSYNYVVTAQKPTAVNGCVTGHFTSAEDLNLLIAKNTRLEIYVVTAEGLRPVKEVGMYGKIAVMELFRPKGESKDL
LFILTAKYNACILEYKQSGESIDIITRAHGNVQDRIGRPSETGIIGIIDPECRMIGLRLYDGLFKVIPLDRDNKELKAFN
IRLEELHVIDVKFLYGCQAPTICFVYQDPQGRHVKTYEVSLREKEFNKGPWKQENVEAEASMVIAVPEPFGGAIIIGQES
ITYHNGDKYLAIAPPIIKQSTIVCHNRVDPNGSRYLLGDMEGRLFMLLLEKEEQMDGTVTLKDLRVELLGETSIAECLTY
LDNGVVFVGSRLGDSQLVKLNVDSNEQGSYVVAMETFTNLGPIVDMCVVDLERQGQGQLVTCSGAFKEGSLRIIRNGIGG
NGNSGEIQKLHIRTVPLYESPRKICYQEVSQCFGVLSSRIEVQDTSGGTTALRPSASTQALSSSVSSSKLFSSSTAPHET
SFGEEVEVHNLLIIDQHTFEVLHAHQFLQNEYALSLVSCKLGKDPNTYFIVGTAMVYPEEAEPKQGRIVVFQYSDGKLQT
VAEKEVKGAVYSMVEFNGKLLASINSTVRLYEWTTEKELRTECNHYNNIMALYLKTKGDFILVGDLMRSVLLLAYKPMEG
NFEEIARDFNPNWMSAVEILDDDNFLGAENAFNLFVCQKDSAATTDEERQHLQEVGLFHLGEFVNVFCHGSLVMQNLGET
STPTQGSVLFGTVNGMIGLVTSLSESWYNLLLDMQNRLNKVIKSVGKIEHSFWRSFHTERKTEPATGFIDGDLIESFLDI
SRPKMQEVVANLQYDDGSGMKREATADDLIKVVEELTRIH
;
A,D,G
2 'polypeptide(L)'
;GGGRRQTESDWGKRCVDKFDIIGIIGEGTYGQVYKAKDKDTGELVALKKVRLDNEKEGFPITAIREIKILRQLIHRSVVN
MKEIVTDKQDALDFKKDKGAFYLVFEYMDHDLMGLLESGLVHFSEDHIKSFMKQLMEGLEYCHKKNFLHRDIKCSNILLN
NSGQIKLADFGLARLYNSEESRPY(TPO)NKVITLWYRPPELLLGEERYTPAIDVWSCGCILGELFTKKPIFQANLELAQ
LELISRLCGSPCPAVWPDVIRLPYFNTMKPKKQYRRRLREEFSFIPSAALDLLDHMLTLDPSKRCTAEQTLQSDFLKDVE
LSKMAPPDLPHWQDCHELWSKKRRRQRQ
;
B,E,H
3 'polypeptide(L)'
;GGGRMKENKENSSPSVTSANLDHTKPCWYWDKKDLAHTPSQLEGLDPATEARYRREGARFIFDVGTRLGLHYDTLATGII
YFHRFYMFHSFKQFPRYVTGACCLFLAGKVEETPKKCKDIIKTARSLLNDVQFGQFGDDPKEEVMVLERILLQTIKFDLQ
VEHPYQFLLKYAKQLKGDKNKIQKLVQMAWTFVNDSLCTTLSLQWEPEIIAVAVMYLAGRLCKFEIQEWTSKPMYRRWWE
QFVQDVPVDVLEDICHQILDLYSQGKQQMPH
;
C,F,I
#
loop_
_chem_comp.id
_chem_comp.type
_chem_comp.name
_chem_comp.formula
RW6 non-polymer 2-(6,7-dihydro-4~{H}-thieno[3,2-c]pyridin-5-ylmethyl)-6,7-dimethoxy-3~{H}-quinazolin-4-one 'C18 H19 N3 O3 S'
SO4 non-polymer 'SULFATE ION' 'O4 S -2'
#
# COMPACT_ATOMS: atom_id res chain seq x y z
N MET A 5 -60.97 4.49 -3.75
CA MET A 5 -61.13 5.28 -2.49
C MET A 5 -61.06 4.31 -1.30
N SER A 6 -60.86 4.83 -0.10
CA SER A 6 -60.81 4.02 1.12
C SER A 6 -61.79 4.54 2.16
N TYR A 7 -62.23 3.64 3.04
CA TYR A 7 -63.26 3.94 4.02
C TYR A 7 -62.80 3.49 5.40
N ASN A 8 -62.73 4.42 6.35
CA ASN A 8 -62.21 4.14 7.67
C ASN A 8 -63.04 4.83 8.73
N TYR A 9 -62.84 4.40 9.97
CA TYR A 9 -63.63 4.78 11.15
C TYR A 9 -62.67 5.07 12.29
N VAL A 10 -62.85 6.20 12.97
CA VAL A 10 -61.94 6.62 14.03
C VAL A 10 -62.74 6.98 15.28
N VAL A 11 -62.40 6.36 16.41
CA VAL A 11 -63.07 6.61 17.67
C VAL A 11 -62.05 6.83 18.79
N THR A 12 -62.52 7.50 19.84
CA THR A 12 -61.75 7.72 21.06
C THR A 12 -62.00 6.60 22.05
N ALA A 13 -60.93 5.92 22.46
CA ALA A 13 -61.02 4.93 23.53
C ALA A 13 -60.85 5.56 24.90
N GLN A 14 -59.94 6.54 25.02
CA GLN A 14 -59.74 7.32 26.22
C GLN A 14 -59.69 8.79 25.83
N LYS A 15 -60.49 9.62 26.51
CA LYS A 15 -60.50 11.04 26.21
C LYS A 15 -59.20 11.69 26.68
N PRO A 16 -58.86 12.85 26.13
CA PRO A 16 -57.66 13.57 26.58
C PRO A 16 -57.68 13.80 28.09
N THR A 17 -56.54 13.53 28.72
CA THR A 17 -56.39 13.64 30.16
C THR A 17 -55.52 14.81 30.59
N ALA A 18 -54.75 15.39 29.67
CA ALA A 18 -53.86 16.49 30.03
C ALA A 18 -54.66 17.75 30.27
N VAL A 19 -54.24 18.52 31.28
CA VAL A 19 -54.93 19.76 31.63
C VAL A 19 -54.27 20.86 30.81
N ASN A 20 -55.02 21.42 29.84
CA ASN A 20 -54.45 22.51 29.06
C ASN A 20 -54.61 23.85 29.76
N GLY A 21 -55.66 24.00 30.55
CA GLY A 21 -55.84 25.24 31.28
C GLY A 21 -56.89 25.09 32.36
N CYS A 22 -56.84 26.01 33.31
CA CYS A 22 -57.77 26.00 34.43
C CYS A 22 -58.01 27.42 34.93
N VAL A 23 -59.29 27.74 35.14
CA VAL A 23 -59.75 29.03 35.62
C VAL A 23 -60.79 28.78 36.71
N THR A 24 -60.95 29.75 37.59
CA THR A 24 -61.96 29.67 38.64
C THR A 24 -62.78 30.97 38.67
N GLY A 25 -64.08 30.80 38.90
CA GLY A 25 -64.98 31.94 38.94
C GLY A 25 -66.38 31.50 39.32
N HIS A 26 -67.36 32.33 38.96
CA HIS A 26 -68.76 32.10 39.32
C HIS A 26 -69.60 31.95 38.05
N PHE A 27 -69.46 30.79 37.42
CA PHE A 27 -70.01 30.51 36.10
C PHE A 27 -71.38 29.83 36.12
N THR A 28 -71.57 28.82 36.98
CA THR A 28 -72.84 28.10 36.98
C THR A 28 -73.91 28.86 37.75
N SER A 29 -73.52 29.61 38.78
CA SER A 29 -74.41 30.45 39.55
C SER A 29 -73.58 31.59 40.10
N ALA A 30 -74.21 32.74 40.32
CA ALA A 30 -73.48 33.86 40.90
C ALA A 30 -72.98 33.55 42.29
N GLU A 31 -73.43 32.44 42.86
CA GLU A 31 -73.16 32.06 44.25
C GLU A 31 -72.05 31.04 44.40
N ASP A 32 -72.01 30.01 43.57
CA ASP A 32 -71.01 28.95 43.69
C ASP A 32 -69.67 29.39 43.12
N LEU A 33 -68.60 28.82 43.68
CA LEU A 33 -67.27 28.95 43.10
C LEU A 33 -66.99 27.71 42.26
N ASN A 34 -66.70 27.91 40.99
CA ASN A 34 -66.54 26.81 40.04
C ASN A 34 -65.08 26.74 39.62
N LEU A 35 -64.64 25.53 39.28
CA LEU A 35 -63.33 25.30 38.68
C LEU A 35 -63.59 24.74 37.29
N LEU A 36 -63.24 25.50 36.26
CA LEU A 36 -63.36 25.06 34.89
C LEU A 36 -61.99 24.55 34.44
N ILE A 37 -61.94 23.28 34.07
CA ILE A 37 -60.71 22.62 33.63
C ILE A 37 -60.86 22.32 32.13
N ALA A 38 -59.87 22.73 31.35
CA ALA A 38 -59.89 22.57 29.90
C ALA A 38 -58.87 21.50 29.53
N LYS A 39 -59.34 20.40 28.99
CA LYS A 39 -58.50 19.42 28.31
C LYS A 39 -58.74 19.56 26.82
N ASN A 40 -57.82 19.02 26.02
CA ASN A 40 -57.91 19.28 24.59
C ASN A 40 -59.31 18.90 24.11
N THR A 41 -60.05 19.88 23.58
CA THR A 41 -61.39 19.74 23.03
C THR A 41 -62.46 19.47 24.09
N ARG A 42 -62.08 19.33 25.37
CA ARG A 42 -63.01 18.99 26.44
C ARG A 42 -63.02 20.08 27.52
N LEU A 43 -64.21 20.50 27.95
CA LEU A 43 -64.38 21.43 29.05
C LEU A 43 -65.07 20.73 30.22
N GLU A 44 -64.43 20.75 31.39
CA GLU A 44 -65.00 20.16 32.59
C GLU A 44 -65.36 21.28 33.57
N ILE A 45 -66.59 21.24 34.07
CA ILE A 45 -67.08 22.24 35.01
C ILE A 45 -67.27 21.55 36.36
N TYR A 46 -66.66 22.10 37.39
CA TYR A 46 -66.75 21.58 38.75
C TYR A 46 -67.30 22.68 39.64
N VAL A 47 -67.90 22.28 40.75
CA VAL A 47 -68.33 23.21 41.79
C VAL A 47 -67.43 22.99 42.99
N VAL A 48 -66.80 24.07 43.45
CA VAL A 48 -65.82 23.96 44.52
C VAL A 48 -66.58 23.85 45.83
N THR A 49 -66.30 22.78 46.57
CA THR A 49 -66.85 22.60 47.91
C THR A 49 -65.66 22.53 48.86
N ALA A 50 -65.93 22.56 50.16
CA ALA A 50 -64.85 22.44 51.12
C ALA A 50 -64.31 21.02 51.25
N GLU A 51 -65.12 20.01 50.93
CA GLU A 51 -64.65 18.64 51.01
C GLU A 51 -63.90 18.29 49.74
N GLY A 52 -64.32 18.85 48.62
CA GLY A 52 -63.73 18.57 47.34
C GLY A 52 -64.62 19.00 46.19
N LEU A 53 -64.02 19.06 45.01
CA LEU A 53 -64.74 19.46 43.81
C LEU A 53 -65.91 18.53 43.55
N ARG A 54 -67.04 19.11 43.14
CA ARG A 54 -68.22 18.33 42.77
C ARG A 54 -68.42 18.44 41.27
N PRO A 55 -68.36 17.36 40.49
CA PRO A 55 -68.59 17.49 39.04
C PRO A 55 -70.03 17.86 38.75
N VAL A 56 -70.22 18.72 37.75
CA VAL A 56 -71.58 19.18 37.41
C VAL A 56 -71.88 19.01 35.93
N LYS A 57 -70.91 19.24 35.06
CA LYS A 57 -71.19 19.21 33.63
C LYS A 57 -69.90 19.08 32.84
N GLU A 58 -69.96 18.31 31.75
CA GLU A 58 -68.86 18.23 30.79
C GLU A 58 -69.42 18.34 29.38
N VAL A 59 -68.78 19.18 28.56
CA VAL A 59 -69.15 19.33 27.16
C VAL A 59 -67.89 19.14 26.33
N GLY A 60 -68.08 18.69 25.09
CA GLY A 60 -67.05 18.71 24.08
C GLY A 60 -67.24 19.90 23.15
N MET A 61 -66.15 20.37 22.57
CA MET A 61 -66.19 21.42 21.55
C MET A 61 -65.48 20.93 20.31
N TYR A 62 -65.95 21.40 19.15
CA TYR A 62 -65.37 20.99 17.88
C TYR A 62 -64.18 21.91 17.56
N GLY A 63 -63.15 21.81 18.42
CA GLY A 63 -61.98 22.65 18.33
C GLY A 63 -61.05 22.47 19.51
N LYS A 64 -59.76 22.76 19.32
CA LYS A 64 -58.82 22.77 20.42
C LYS A 64 -58.97 24.07 21.20
N ILE A 65 -59.15 23.96 22.52
CA ILE A 65 -59.38 25.12 23.36
C ILE A 65 -58.05 25.84 23.55
N ALA A 66 -57.92 27.03 22.97
CA ALA A 66 -56.72 27.83 23.07
C ALA A 66 -56.79 28.89 24.16
N VAL A 67 -57.93 29.58 24.27
CA VAL A 67 -58.13 30.61 25.28
C VAL A 67 -59.41 30.28 26.04
N MET A 68 -59.34 30.34 27.37
CA MET A 68 -60.50 30.14 28.23
C MET A 68 -60.44 31.18 29.34
N GLU A 69 -61.44 32.05 29.40
CA GLU A 69 -61.45 33.14 30.37
C GLU A 69 -62.87 33.41 30.82
N LEU A 70 -63.04 33.71 32.10
CA LEU A 70 -64.33 34.05 32.69
C LEU A 70 -64.38 35.55 32.95
N PHE A 71 -65.51 36.17 32.60
CA PHE A 71 -65.72 37.60 32.79
C PHE A 71 -67.18 37.84 33.16
N ARG A 72 -67.44 38.96 33.82
CA ARG A 72 -68.81 39.30 34.24
C ARG A 72 -69.08 40.76 33.88
N PRO A 73 -69.67 41.01 32.71
CA PRO A 73 -69.95 42.40 32.32
C PRO A 73 -71.07 42.98 33.16
N LYS A 74 -71.02 44.30 33.36
CA LYS A 74 -72.07 44.99 34.10
C LYS A 74 -73.44 44.65 33.53
N GLY A 75 -74.34 44.24 34.42
CA GLY A 75 -75.68 43.84 34.06
C GLY A 75 -75.93 42.34 34.12
N GLU A 76 -74.86 41.55 34.14
CA GLU A 76 -74.99 40.10 34.24
C GLU A 76 -74.97 39.70 35.71
N SER A 77 -75.73 38.65 36.04
CA SER A 77 -75.73 38.14 37.41
C SER A 77 -74.52 37.27 37.69
N LYS A 78 -73.96 36.62 36.67
CA LYS A 78 -72.95 35.62 36.89
C LYS A 78 -71.94 35.66 35.75
N ASP A 79 -70.84 34.94 35.95
CA ASP A 79 -69.74 35.00 34.99
C ASP A 79 -70.16 34.38 33.67
N LEU A 80 -69.65 34.95 32.59
CA LEU A 80 -69.75 34.37 31.26
C LEU A 80 -68.38 33.80 30.88
N LEU A 81 -68.38 32.88 29.92
CA LEU A 81 -67.18 32.18 29.53
C LEU A 81 -66.81 32.53 28.10
N PHE A 82 -65.57 32.96 27.90
CA PHE A 82 -65.03 33.17 26.56
C PHE A 82 -64.09 32.03 26.20
N ILE A 83 -64.24 31.50 25.00
CA ILE A 83 -63.35 30.46 24.49
C ILE A 83 -62.99 30.78 23.05
N LEU A 84 -61.72 30.57 22.71
CA LEU A 84 -61.21 30.70 21.35
C LEU A 84 -60.52 29.40 21.00
N THR A 85 -60.87 28.81 19.86
CA THR A 85 -60.25 27.57 19.48
C THR A 85 -58.97 27.85 18.68
N ALA A 86 -58.14 26.82 18.52
CA ALA A 86 -56.91 26.99 17.77
C ALA A 86 -57.15 27.26 16.30
N LYS A 87 -58.34 26.93 15.78
CA LYS A 87 -58.72 27.31 14.42
C LYS A 87 -59.42 28.65 14.38
N TYR A 88 -59.36 29.42 15.47
CA TYR A 88 -59.83 30.79 15.55
C TYR A 88 -61.37 30.87 15.60
N ASN A 89 -62.01 29.85 16.15
CA ASN A 89 -63.44 29.91 16.43
C ASN A 89 -63.62 30.54 17.82
N ALA A 90 -64.25 31.70 17.86
CA ALA A 90 -64.50 32.41 19.10
C ALA A 90 -65.97 32.29 19.50
N CYS A 91 -66.22 32.35 20.81
CA CYS A 91 -67.59 32.29 21.31
C CYS A 91 -67.65 32.74 22.76
N ILE A 92 -68.84 33.20 23.17
CA ILE A 92 -69.15 33.51 24.55
C ILE A 92 -70.27 32.56 25.00
N LEU A 93 -70.06 31.91 26.14
CA LEU A 93 -70.94 30.84 26.60
C LEU A 93 -71.57 31.18 27.94
N GLU A 94 -72.79 30.67 28.14
CA GLU A 94 -73.51 30.85 29.40
C GLU A 94 -74.07 29.52 29.90
N TYR A 95 -73.91 29.29 31.20
CA TYR A 95 -74.50 28.15 31.89
C TYR A 95 -75.93 28.46 32.27
N LYS A 96 -76.86 27.58 31.91
CA LYS A 96 -78.27 27.72 32.24
C LYS A 96 -78.79 26.38 32.71
N GLN A 97 -79.50 26.37 33.83
CA GLN A 97 -79.99 25.14 34.43
C GLN A 97 -81.48 25.31 34.70
N SER A 98 -82.27 24.33 34.25
CA SER A 98 -83.71 24.32 34.44
C SER A 98 -83.98 23.06 35.25
N GLY A 99 -83.91 23.16 36.57
CA GLY A 99 -84.09 21.95 37.36
C GLY A 99 -82.97 20.97 37.05
N GLU A 100 -83.37 19.82 36.53
CA GLU A 100 -82.45 18.74 36.18
C GLU A 100 -81.80 18.92 34.82
N SER A 101 -82.30 19.83 33.99
CA SER A 101 -81.80 20.01 32.62
C SER A 101 -80.68 21.05 32.64
N ILE A 102 -79.45 20.61 32.34
CA ILE A 102 -78.29 21.49 32.26
C ILE A 102 -77.90 21.64 30.80
N ASP A 103 -77.79 22.88 30.32
CA ASP A 103 -77.36 23.15 28.96
C ASP A 103 -76.42 24.35 28.93
N ILE A 104 -75.67 24.46 27.84
CA ILE A 104 -74.72 25.56 27.63
C ILE A 104 -75.21 26.45 26.50
N ILE A 105 -75.37 27.73 26.79
CA ILE A 105 -75.93 28.69 25.85
C ILE A 105 -74.79 29.34 25.07
N THR A 106 -74.93 29.43 23.75
CA THR A 106 -74.00 30.18 22.92
C THR A 106 -74.56 31.59 22.77
N ARG A 107 -73.96 32.56 23.46
CA ARG A 107 -74.45 33.94 23.43
C ARG A 107 -73.91 34.73 22.25
N ALA A 108 -72.68 34.47 21.82
CA ALA A 108 -72.07 35.15 20.69
C ALA A 108 -71.04 34.22 20.06
N HIS A 109 -70.84 34.34 18.76
CA HIS A 109 -69.86 33.48 18.11
C HIS A 109 -69.44 34.02 16.75
N GLY A 110 -68.25 33.60 16.33
CA GLY A 110 -67.70 33.94 15.03
C GLY A 110 -66.27 33.47 14.93
N ASN A 111 -65.74 33.51 13.71
CA ASN A 111 -64.36 33.14 13.43
C ASN A 111 -63.57 34.39 13.14
N VAL A 112 -62.45 34.55 13.85
CA VAL A 112 -61.70 35.80 13.86
C VAL A 112 -60.42 35.72 13.02
N GLN A 113 -60.29 34.70 12.18
CA GLN A 113 -59.09 34.52 11.37
C GLN A 113 -58.94 35.65 10.37
N ASP A 114 -57.70 36.11 10.20
CA ASP A 114 -57.34 37.13 9.22
C ASP A 114 -56.80 36.50 7.96
N ARG A 115 -57.12 37.11 6.81
CA ARG A 115 -56.64 36.58 5.54
C ARG A 115 -55.12 36.63 5.47
N ILE A 116 -54.51 37.69 5.98
CA ILE A 116 -53.07 37.90 5.92
C ILE A 116 -52.54 38.17 7.33
N GLY A 117 -51.68 37.27 7.81
CA GLY A 117 -51.04 37.45 9.10
C GLY A 117 -49.99 36.37 9.34
N ARG A 118 -49.06 36.68 10.23
CA ARG A 118 -48.02 35.72 10.61
C ARG A 118 -48.29 35.22 12.03
N PRO A 119 -48.62 33.94 12.21
CA PRO A 119 -48.80 33.40 13.56
C PRO A 119 -47.58 33.62 14.45
N SER A 120 -47.82 34.02 15.69
CA SER A 120 -46.76 34.41 16.61
C SER A 120 -46.08 33.20 17.24
N GLU A 121 -44.83 33.40 17.67
CA GLU A 121 -44.03 32.32 18.25
C GLU A 121 -44.60 31.85 19.58
N THR A 122 -44.96 32.78 20.46
CA THR A 122 -45.47 32.45 21.77
C THR A 122 -46.94 32.11 21.77
N GLY A 123 -47.53 31.91 20.59
CA GLY A 123 -48.85 31.35 20.49
C GLY A 123 -49.95 32.36 20.71
N ILE A 124 -51.18 31.87 20.58
CA ILE A 124 -52.36 32.70 20.80
C ILE A 124 -52.39 33.13 22.26
N ILE A 125 -52.60 34.42 22.49
CA ILE A 125 -52.83 34.96 23.84
C ILE A 125 -54.18 35.64 23.85
N GLY A 126 -54.98 35.36 24.88
CA GLY A 126 -56.25 36.03 25.07
C GLY A 126 -56.41 36.59 26.47
N ILE A 127 -56.78 37.87 26.57
CA ILE A 127 -56.95 38.55 27.83
C ILE A 127 -58.22 39.39 27.75
N ILE A 128 -58.77 39.70 28.91
CA ILE A 128 -59.99 40.51 28.98
C ILE A 128 -59.79 41.67 29.95
N ASP A 129 -60.35 42.80 29.58
CA ASP A 129 -60.25 44.03 30.34
C ASP A 129 -60.86 43.86 31.73
N PRO A 130 -60.28 44.49 32.76
CA PRO A 130 -60.91 44.41 34.09
C PRO A 130 -62.31 44.98 34.15
N GLU A 131 -62.64 45.97 33.32
CA GLU A 131 -64.00 46.48 33.23
C GLU A 131 -64.82 45.74 32.19
N CYS A 132 -64.32 44.62 31.67
CA CYS A 132 -65.01 43.82 30.67
C CYS A 132 -65.54 44.69 29.54
N ARG A 133 -64.69 45.61 29.09
CA ARG A 133 -65.05 46.44 27.95
C ARG A 133 -64.63 45.80 26.64
N MET A 134 -63.60 44.96 26.66
CA MET A 134 -63.10 44.36 25.44
C MET A 134 -62.32 43.09 25.75
N ILE A 135 -62.18 42.26 24.72
CA ILE A 135 -61.32 41.08 24.73
C ILE A 135 -60.11 41.39 23.87
N GLY A 136 -58.91 41.20 24.41
CA GLY A 136 -57.68 41.37 23.65
C GLY A 136 -57.19 40.02 23.14
N LEU A 137 -56.81 39.98 21.87
CA LEU A 137 -56.26 38.79 21.25
C LEU A 137 -54.94 39.13 20.57
N ARG A 138 -53.91 38.34 20.84
CA ARG A 138 -52.63 38.41 20.11
C ARG A 138 -52.51 37.16 19.26
N LEU A 139 -52.92 37.25 18.00
CA LEU A 139 -52.88 36.12 17.08
C LEU A 139 -51.71 36.19 16.12
N TYR A 140 -51.35 37.38 15.63
CA TYR A 140 -50.31 37.52 14.62
C TYR A 140 -49.28 38.54 15.04
N ASP A 141 -48.06 38.34 14.57
CA ASP A 141 -46.98 39.30 14.82
C ASP A 141 -47.34 40.65 14.23
N GLY A 142 -47.15 41.70 15.03
CA GLY A 142 -47.38 43.04 14.56
C GLY A 142 -48.81 43.51 14.61
N LEU A 143 -49.74 42.68 15.10
CA LEU A 143 -51.14 43.04 15.16
C LEU A 143 -51.77 42.69 16.50
N PHE A 144 -52.59 43.61 17.01
CA PHE A 144 -53.41 43.40 18.21
C PHE A 144 -54.86 43.48 17.78
N LYS A 145 -55.64 42.44 18.07
CA LYS A 145 -57.03 42.37 17.65
C LYS A 145 -57.93 42.64 18.85
N VAL A 146 -58.93 43.49 18.66
CA VAL A 146 -59.84 43.92 19.71
C VAL A 146 -61.24 43.48 19.34
N ILE A 147 -61.85 42.67 20.20
CA ILE A 147 -63.28 42.41 20.13
C ILE A 147 -63.96 43.27 21.24
N PRO A 148 -64.66 44.34 20.86
CA PRO A 148 -65.33 45.13 21.92
C PRO A 148 -66.55 44.40 22.46
N LEU A 149 -66.69 44.40 23.79
CA LEU A 149 -67.77 43.67 24.42
C LEU A 149 -69.00 44.58 24.62
N ASP A 150 -69.59 45.00 23.50
CA ASP A 150 -70.87 45.68 23.55
C ASP A 150 -71.99 44.66 23.39
N ARG A 151 -73.18 45.02 23.88
CA ARG A 151 -74.33 44.12 23.83
C ARG A 151 -74.67 43.67 22.42
N ASP A 152 -74.40 44.51 21.42
CA ASP A 152 -74.84 44.22 20.07
C ASP A 152 -73.89 43.33 19.28
N ASN A 153 -72.68 43.11 19.78
CA ASN A 153 -71.66 42.40 19.02
C ASN A 153 -71.86 40.89 19.17
N LYS A 154 -72.99 40.42 18.64
CA LYS A 154 -73.30 39.00 18.76
C LYS A 154 -72.47 38.15 17.81
N GLU A 155 -71.87 38.76 16.78
CA GLU A 155 -71.01 38.04 15.85
C GLU A 155 -69.53 38.17 16.20
N LEU A 156 -69.21 38.87 17.28
CA LEU A 156 -67.83 39.07 17.72
C LEU A 156 -66.97 39.69 16.60
N LYS A 157 -67.51 40.74 15.97
CA LYS A 157 -66.74 41.48 14.98
C LYS A 157 -65.61 42.25 15.67
N ALA A 158 -64.48 42.37 14.96
CA ALA A 158 -63.27 42.91 15.57
C ALA A 158 -62.44 43.66 14.54
N PHE A 159 -61.52 44.47 15.06
CA PHE A 159 -60.59 45.27 14.26
C PHE A 159 -59.17 45.09 14.78
N ASN A 160 -58.21 45.40 13.91
CA ASN A 160 -56.80 45.28 14.22
C ASN A 160 -56.16 46.65 14.38
N ILE A 161 -55.32 46.77 15.42
CA ILE A 161 -54.51 47.96 15.67
C ILE A 161 -53.07 47.61 15.34
N ARG A 162 -52.44 48.42 14.50
CA ARG A 162 -51.04 48.15 14.18
C ARG A 162 -50.20 48.21 15.45
N LEU A 163 -49.34 47.21 15.62
CA LEU A 163 -48.45 47.10 16.76
C LEU A 163 -47.03 47.17 16.22
N GLU A 164 -46.26 48.15 16.67
CA GLU A 164 -44.90 48.30 16.17
C GLU A 164 -44.02 47.14 16.63
N GLU A 165 -44.21 46.68 17.87
CA GLU A 165 -43.36 45.64 18.44
C GLU A 165 -43.78 44.29 17.88
N LEU A 166 -42.96 43.74 16.98
CA LEU A 166 -43.37 42.55 16.24
C LEU A 166 -43.33 41.29 17.11
N HIS A 167 -42.32 41.17 17.96
CA HIS A 167 -42.11 39.96 18.77
C HIS A 167 -42.55 40.25 20.21
N VAL A 168 -43.76 39.80 20.56
CA VAL A 168 -44.33 40.01 21.88
C VAL A 168 -44.24 38.70 22.66
N ILE A 169 -43.75 38.78 23.90
CA ILE A 169 -43.63 37.59 24.73
C ILE A 169 -44.92 37.30 25.47
N ASP A 170 -45.46 38.30 26.19
CA ASP A 170 -46.70 38.11 26.93
C ASP A 170 -47.36 39.46 27.16
N VAL A 171 -48.69 39.45 27.30
CA VAL A 171 -49.45 40.67 27.50
C VAL A 171 -50.60 40.40 28.47
N LYS A 172 -50.95 41.43 29.24
CA LYS A 172 -52.07 41.41 30.17
C LYS A 172 -52.70 42.79 30.19
N PHE A 173 -54.00 42.85 30.45
CA PHE A 173 -54.64 44.12 30.77
C PHE A 173 -54.26 44.49 32.20
N LEU A 174 -53.97 45.77 32.44
CA LEU A 174 -53.55 46.22 33.75
C LEU A 174 -54.77 46.64 34.56
N TYR A 175 -54.64 46.54 35.89
CA TYR A 175 -55.70 46.94 36.79
C TYR A 175 -55.44 48.40 37.18
N GLY A 176 -56.50 49.16 37.39
CA GLY A 176 -56.32 50.50 37.92
C GLY A 176 -55.89 51.58 36.96
N CYS A 177 -56.36 51.54 35.72
CA CYS A 177 -56.07 52.59 34.74
C CYS A 177 -57.29 53.42 34.35
N GLN A 178 -57.01 54.69 34.01
CA GLN A 178 -58.09 55.59 33.59
C GLN A 178 -58.75 55.08 32.31
N ALA A 179 -57.98 54.48 31.43
CA ALA A 179 -58.44 53.85 30.20
C ALA A 179 -57.97 52.40 30.14
N PRO A 180 -58.59 51.56 29.29
CA PRO A 180 -58.06 50.21 29.08
C PRO A 180 -56.59 50.26 28.67
N THR A 181 -55.74 49.59 29.44
CA THR A 181 -54.29 49.66 29.24
C THR A 181 -53.72 48.25 29.20
N ILE A 182 -52.84 48.00 28.24
CA ILE A 182 -52.14 46.73 28.12
C ILE A 182 -50.68 46.90 28.56
N CYS A 183 -50.15 45.89 29.23
CA CYS A 183 -48.74 45.84 29.62
C CYS A 183 -48.16 44.57 29.01
N PHE A 184 -47.01 44.70 28.35
CA PHE A 184 -46.45 43.54 27.66
C PHE A 184 -44.93 43.61 27.63
N VAL A 185 -44.31 42.42 27.56
CA VAL A 185 -42.89 42.25 27.34
C VAL A 185 -42.66 41.90 25.88
N TYR A 186 -41.73 42.59 25.23
CA TYR A 186 -41.42 42.34 23.83
C TYR A 186 -39.92 42.23 23.64
N GLN A 187 -39.54 41.61 22.53
CA GLN A 187 -38.13 41.39 22.19
C GLN A 187 -37.82 42.05 20.86
N ASP A 188 -36.71 42.78 20.81
CA ASP A 188 -36.15 43.35 19.59
C ASP A 188 -34.65 43.09 19.69
N PRO A 189 -33.83 43.52 18.73
CA PRO A 189 -32.40 43.16 18.81
C PRO A 189 -31.69 43.68 20.05
N GLN A 190 -32.25 44.65 20.76
CA GLN A 190 -31.57 45.22 21.92
C GLN A 190 -31.90 44.51 23.22
N GLY A 191 -32.60 43.39 23.17
CA GLY A 191 -33.00 42.70 24.36
C GLY A 191 -34.51 42.69 24.52
N ARG A 192 -34.94 42.43 25.76
CA ARG A 192 -36.34 42.47 26.11
C ARG A 192 -36.68 43.70 26.92
N HIS A 193 -37.90 44.17 26.71
CA HIS A 193 -38.38 45.42 27.30
C HIS A 193 -39.81 45.24 27.77
N VAL A 194 -40.23 46.09 28.70
CA VAL A 194 -41.60 46.15 29.17
C VAL A 194 -42.14 47.53 28.78
N LYS A 195 -43.34 47.56 28.20
CA LYS A 195 -43.91 48.75 27.61
C LYS A 195 -45.42 48.75 27.80
N THR A 196 -46.03 49.94 27.75
CA THR A 196 -47.46 50.08 27.94
C THR A 196 -48.11 50.90 26.81
N TYR A 197 -49.35 50.56 26.51
CA TYR A 197 -50.21 51.32 25.60
C TYR A 197 -51.60 51.44 26.23
N GLU A 198 -52.35 52.45 25.80
CA GLU A 198 -53.77 52.57 26.13
C GLU A 198 -54.58 52.21 24.89
N VAL A 199 -55.69 51.50 25.07
CA VAL A 199 -56.50 51.01 23.96
C VAL A 199 -57.76 51.87 23.88
N SER A 200 -57.96 52.52 22.73
CA SER A 200 -59.10 53.41 22.51
C SER A 200 -60.08 52.75 21.55
N LEU A 201 -61.25 52.35 22.09
CA LEU A 201 -62.31 51.81 21.24
C LEU A 201 -62.88 52.89 20.32
N ARG A 202 -62.88 54.15 20.77
CA ARG A 202 -63.44 55.23 19.96
C ARG A 202 -62.55 55.55 18.76
N GLU A 203 -61.24 55.70 19.00
CA GLU A 203 -60.31 55.98 17.92
C GLU A 203 -59.80 54.74 17.20
N LYS A 204 -59.95 53.56 17.80
CA LYS A 204 -59.49 52.31 17.18
C LYS A 204 -57.99 52.37 16.90
N GLU A 205 -57.23 52.78 17.91
CA GLU A 205 -55.78 52.80 17.85
C GLU A 205 -55.22 52.82 19.27
N PHE A 206 -53.89 52.75 19.38
CA PHE A 206 -53.20 52.86 20.65
C PHE A 206 -52.87 54.33 20.93
N ASN A 207 -52.94 54.72 22.20
CA ASN A 207 -52.44 56.02 22.66
C ASN A 207 -51.32 55.78 23.66
N LYS A 208 -50.47 56.79 23.85
CA LYS A 208 -49.34 56.64 24.76
C LYS A 208 -49.79 56.07 26.10
N GLY A 209 -49.01 55.12 26.61
CA GLY A 209 -49.35 54.39 27.81
C GLY A 209 -48.96 55.12 29.07
N PRO A 210 -49.47 54.63 30.20
CA PRO A 210 -49.25 55.36 31.46
C PRO A 210 -47.79 55.45 31.91
N TRP A 211 -46.94 54.46 31.65
CA TRP A 211 -45.56 54.58 32.11
C TRP A 211 -44.57 54.13 31.06
N LYS A 212 -43.31 54.56 31.26
CA LYS A 212 -42.29 54.46 30.25
C LYS A 212 -41.78 53.02 30.13
N GLN A 213 -41.12 52.76 29.02
CA GLN A 213 -40.48 51.46 28.79
C GLN A 213 -39.31 51.26 29.74
N GLU A 214 -39.15 50.02 30.20
CA GLU A 214 -38.04 49.61 31.05
C GLU A 214 -37.42 48.36 30.46
N ASN A 215 -36.09 48.34 30.36
CA ASN A 215 -35.37 47.14 29.95
C ASN A 215 -35.46 46.09 31.04
N VAL A 216 -35.72 44.85 30.65
CA VAL A 216 -35.95 43.76 31.59
C VAL A 216 -35.04 42.58 31.24
N GLU A 217 -35.08 41.58 32.10
CA GLU A 217 -34.26 40.37 31.95
C GLU A 217 -34.40 39.79 30.54
N ALA A 218 -33.30 39.26 30.03
CA ALA A 218 -33.30 38.73 28.67
C ALA A 218 -34.31 37.60 28.49
N GLU A 219 -34.55 36.81 29.54
CA GLU A 219 -35.50 35.71 29.49
C GLU A 219 -36.77 36.00 30.28
N ALA A 220 -37.17 37.28 30.32
CA ALA A 220 -38.45 37.66 30.90
C ALA A 220 -39.59 36.91 30.22
N SER A 221 -40.34 36.11 30.99
CA SER A 221 -41.31 35.19 30.41
C SER A 221 -42.77 35.55 30.62
N MET A 222 -43.18 35.98 31.82
CA MET A 222 -44.60 36.11 32.13
C MET A 222 -44.90 37.49 32.73
N VAL A 223 -46.12 37.96 32.45
CA VAL A 223 -46.61 39.25 32.93
C VAL A 223 -47.78 39.00 33.87
N ILE A 224 -47.73 39.62 35.05
CA ILE A 224 -48.79 39.51 36.05
C ILE A 224 -49.44 40.88 36.23
N ALA A 225 -50.77 40.93 36.09
CA ALA A 225 -51.54 42.14 36.37
C ALA A 225 -51.86 42.19 37.86
N VAL A 226 -51.35 43.21 38.55
CA VAL A 226 -51.50 43.30 40.00
C VAL A 226 -52.74 44.10 40.39
N PRO A 227 -53.51 43.62 41.38
CA PRO A 227 -54.81 44.25 41.68
C PRO A 227 -54.69 45.63 42.30
N GLU A 228 -55.85 46.23 42.51
CA GLU A 228 -55.88 47.68 42.74
C GLU A 228 -55.11 48.17 43.95
N PRO A 229 -55.07 47.47 45.10
CA PRO A 229 -54.33 48.05 46.24
C PRO A 229 -52.93 48.49 45.87
N PHE A 230 -52.25 47.73 45.02
CA PHE A 230 -50.90 48.05 44.56
C PHE A 230 -50.89 48.68 43.17
N GLY A 231 -51.53 48.03 42.20
CA GLY A 231 -51.47 48.44 40.82
C GLY A 231 -50.17 47.99 40.18
N GLY A 232 -50.10 48.16 38.87
CA GLY A 232 -48.87 47.86 38.15
C GLY A 232 -48.77 46.41 37.74
N ALA A 233 -47.52 45.95 37.56
CA ALA A 233 -47.28 44.61 37.04
C ALA A 233 -46.02 44.00 37.65
N ILE A 234 -46.00 42.66 37.65
CA ILE A 234 -44.82 41.88 38.02
C ILE A 234 -44.35 41.13 36.78
N ILE A 235 -43.03 41.05 36.60
CA ILE A 235 -42.41 40.38 35.46
C ILE A 235 -41.55 39.24 36.00
N ILE A 236 -41.87 38.01 35.59
CA ILE A 236 -41.18 36.81 36.04
C ILE A 236 -40.14 36.42 34.99
N GLY A 237 -38.91 36.16 35.43
CA GLY A 237 -37.88 35.70 34.51
C GLY A 237 -37.27 34.35 34.89
N GLN A 238 -36.05 34.10 34.43
CA GLN A 238 -35.30 32.91 34.84
C GLN A 238 -34.57 33.15 36.15
N GLU A 239 -34.01 34.35 36.33
CA GLU A 239 -33.26 34.67 37.53
C GLU A 239 -33.90 35.69 38.44
N SER A 240 -34.78 36.55 37.92
CA SER A 240 -35.28 37.66 38.70
C SER A 240 -36.77 37.87 38.51
N ILE A 241 -37.39 38.42 39.56
CA ILE A 241 -38.78 38.87 39.55
C ILE A 241 -38.74 40.37 39.81
N THR A 242 -39.46 41.14 39.00
CA THR A 242 -39.44 42.59 39.12
C THR A 242 -40.86 43.12 39.13
N TYR A 243 -41.04 44.26 39.80
CA TYR A 243 -42.31 44.96 39.86
C TYR A 243 -42.13 46.32 39.22
N HIS A 244 -43.08 46.70 38.37
CA HIS A 244 -43.04 47.97 37.65
C HIS A 244 -44.35 48.72 37.82
N ASN A 245 -44.25 50.02 38.08
CA ASN A 245 -45.44 50.88 38.09
C ASN A 245 -45.05 52.35 38.08
N GLY A 246 -45.00 52.94 36.89
CA GLY A 246 -44.60 54.33 36.77
C GLY A 246 -43.19 54.55 37.27
N ASP A 247 -43.05 55.24 38.40
CA ASP A 247 -41.76 55.53 39.00
C ASP A 247 -41.25 54.44 39.93
N LYS A 248 -42.10 53.50 40.36
CA LYS A 248 -41.70 52.47 41.30
C LYS A 248 -41.04 51.30 40.58
N TYR A 249 -39.92 50.82 41.13
CA TYR A 249 -39.22 49.68 40.56
C TYR A 249 -38.62 48.85 41.69
N LEU A 250 -38.94 47.56 41.71
CA LEU A 250 -38.35 46.60 42.64
C LEU A 250 -37.77 45.42 41.87
N ALA A 251 -36.80 44.76 42.49
CA ALA A 251 -36.24 43.55 41.91
C ALA A 251 -35.71 42.63 43.02
N ILE A 252 -36.21 41.40 43.03
CA ILE A 252 -35.68 40.32 43.87
C ILE A 252 -35.15 39.24 42.95
N ALA A 253 -33.97 38.72 43.26
CA ALA A 253 -33.31 37.70 42.44
C ALA A 253 -32.81 36.58 43.36
N PRO A 254 -33.73 35.85 43.99
CA PRO A 254 -33.32 34.80 44.93
C PRO A 254 -32.74 33.63 44.17
N PRO A 255 -31.61 33.07 44.62
CA PRO A 255 -30.95 32.02 43.81
C PRO A 255 -31.79 30.77 43.63
N ILE A 256 -32.88 30.60 44.40
CA ILE A 256 -33.62 29.35 44.36
C ILE A 256 -34.35 29.22 43.02
N ILE A 257 -34.84 30.32 42.48
CA ILE A 257 -35.61 30.25 41.24
C ILE A 257 -34.73 30.03 40.01
N LYS A 258 -33.43 30.32 40.10
CA LYS A 258 -32.53 30.13 38.96
C LYS A 258 -32.44 28.68 38.51
N GLN A 259 -32.58 27.73 39.44
CA GLN A 259 -32.37 26.33 39.14
C GLN A 259 -33.39 25.78 38.15
N SER A 260 -34.62 26.25 38.20
CA SER A 260 -35.68 25.70 37.37
C SER A 260 -36.58 26.82 36.90
N THR A 261 -36.88 26.81 35.60
CA THR A 261 -37.69 27.84 34.97
C THR A 261 -39.09 27.85 35.57
N ILE A 262 -39.60 29.05 35.86
CA ILE A 262 -40.96 29.21 36.36
C ILE A 262 -41.91 29.36 35.18
N VAL A 263 -42.92 28.50 35.13
CA VAL A 263 -43.83 28.45 33.99
C VAL A 263 -45.26 28.87 34.30
N CYS A 264 -45.72 28.82 35.54
CA CYS A 264 -47.11 29.12 35.85
C CYS A 264 -47.23 30.04 37.06
N HIS A 265 -48.31 30.80 37.10
CA HIS A 265 -48.59 31.73 38.19
C HIS A 265 -50.10 31.75 38.44
N ASN A 266 -50.47 32.12 39.66
CA ASN A 266 -51.87 32.31 40.01
C ASN A 266 -51.94 33.24 41.22
N ARG A 267 -53.00 34.06 41.27
CA ARG A 267 -53.24 34.95 42.39
C ARG A 267 -53.95 34.21 43.52
N VAL A 268 -53.44 34.37 44.74
CA VAL A 268 -54.03 33.73 45.91
C VAL A 268 -55.02 34.70 46.54
N ASP A 269 -54.52 35.83 47.00
CA ASP A 269 -55.32 36.83 47.70
C ASP A 269 -55.85 37.83 46.69
N PRO A 270 -57.17 38.01 46.57
CA PRO A 270 -57.68 39.01 45.63
C PRO A 270 -57.07 40.40 45.77
N ASN A 271 -56.58 40.77 46.95
CA ASN A 271 -55.94 42.09 47.07
C ASN A 271 -54.63 42.17 46.28
N GLY A 272 -53.98 41.03 46.04
CA GLY A 272 -52.71 41.00 45.34
C GLY A 272 -51.50 40.77 46.23
N SER A 273 -51.70 40.40 47.48
CA SER A 273 -50.60 40.28 48.42
C SER A 273 -49.79 39.01 48.17
N ARG A 274 -50.45 37.94 47.74
CA ARG A 274 -49.77 36.65 47.58
C ARG A 274 -50.10 36.03 46.24
N TYR A 275 -49.07 35.47 45.60
CA TYR A 275 -49.17 34.74 44.35
C TYR A 275 -48.50 33.39 44.51
N LEU A 276 -48.97 32.42 43.74
CA LEU A 276 -48.32 31.12 43.64
C LEU A 276 -47.50 31.08 42.35
N LEU A 277 -46.27 30.59 42.47
CA LEU A 277 -45.38 30.40 41.33
C LEU A 277 -44.96 28.94 41.31
N GLY A 278 -44.90 28.37 40.12
CA GLY A 278 -44.47 27.00 39.96
C GLY A 278 -43.43 26.89 38.87
N ASP A 279 -42.59 25.86 38.99
CA ASP A 279 -41.47 25.71 38.07
C ASP A 279 -41.46 24.30 37.48
N MET A 280 -40.58 24.13 36.49
CA MET A 280 -40.57 22.92 35.68
C MET A 280 -40.14 21.69 36.46
N GLU A 281 -39.39 21.85 37.55
CA GLU A 281 -39.00 20.72 38.38
C GLU A 281 -40.06 20.41 39.43
N GLY A 282 -41.23 21.05 39.35
CA GLY A 282 -42.33 20.78 40.23
C GLY A 282 -42.37 21.53 41.54
N ARG A 283 -41.46 22.49 41.74
CA ARG A 283 -41.50 23.24 42.98
C ARG A 283 -42.61 24.28 42.95
N LEU A 284 -43.20 24.51 44.13
CA LEU A 284 -44.27 25.46 44.31
C LEU A 284 -43.74 26.58 45.21
N PHE A 285 -43.82 27.82 44.73
CA PHE A 285 -43.31 28.96 45.46
C PHE A 285 -44.48 29.88 45.84
N MET A 286 -44.31 30.61 46.93
CA MET A 286 -45.21 31.70 47.28
C MET A 286 -44.46 32.99 47.03
N LEU A 287 -45.03 33.87 46.19
CA LEU A 287 -44.50 35.20 45.97
C LEU A 287 -45.30 36.16 46.83
N LEU A 288 -44.62 36.87 47.72
CA LEU A 288 -45.26 37.72 48.72
C LEU A 288 -45.02 39.18 48.38
N LEU A 289 -46.10 39.98 48.42
CA LEU A 289 -46.02 41.42 48.20
C LEU A 289 -46.13 42.10 49.55
N GLU A 290 -45.01 42.61 50.06
CA GLU A 290 -44.97 43.24 51.38
C GLU A 290 -45.43 44.69 51.25
N LYS A 291 -46.45 45.05 52.03
CA LYS A 291 -47.09 46.35 51.93
C LYS A 291 -46.52 47.33 52.94
N GLU A 292 -46.56 48.61 52.55
CA GLU A 292 -46.20 49.73 53.40
C GLU A 292 -47.23 50.82 53.23
N GLU A 293 -47.86 51.26 54.31
CA GLU A 293 -48.89 52.29 54.23
C GLU A 293 -48.32 53.60 54.78
N GLN A 294 -48.33 54.64 53.94
CA GLN A 294 -47.86 55.94 54.36
C GLN A 294 -48.93 56.65 55.20
N MET A 295 -48.50 57.71 55.89
CA MET A 295 -49.44 58.53 56.66
C MET A 295 -50.46 59.18 55.74
N ASP A 296 -50.10 59.36 54.47
CA ASP A 296 -51.02 59.84 53.45
C ASP A 296 -52.24 58.97 53.29
N GLY A 297 -52.18 57.72 53.74
CA GLY A 297 -53.25 56.77 53.56
C GLY A 297 -53.07 55.88 52.35
N THR A 298 -52.10 56.18 51.52
CA THR A 298 -51.80 55.42 50.30
C THR A 298 -51.00 54.16 50.61
N VAL A 299 -51.33 53.07 49.93
CA VAL A 299 -50.68 51.78 50.08
C VAL A 299 -49.67 51.59 48.95
N THR A 300 -48.40 51.37 49.31
CA THR A 300 -47.33 51.14 48.35
C THR A 300 -46.70 49.77 48.54
N LEU A 301 -46.00 49.30 47.51
CA LEU A 301 -45.29 48.03 47.55
C LEU A 301 -43.89 48.23 48.11
N LYS A 302 -43.63 47.66 49.29
CA LYS A 302 -42.34 47.80 49.96
C LYS A 302 -41.28 46.89 49.37
N ASP A 303 -41.58 45.60 49.23
CA ASP A 303 -40.58 44.64 48.81
C ASP A 303 -41.28 43.38 48.33
N LEU A 304 -40.51 42.49 47.71
CA LEU A 304 -40.99 41.19 47.26
C LEU A 304 -40.18 40.11 47.97
N ARG A 305 -40.83 39.00 48.28
CA ARG A 305 -40.22 37.85 48.94
C ARG A 305 -40.69 36.61 48.21
N VAL A 306 -39.82 35.61 48.13
CA VAL A 306 -40.17 34.32 47.55
C VAL A 306 -39.87 33.24 48.58
N GLU A 307 -40.83 32.34 48.78
CA GLU A 307 -40.72 31.26 49.73
C GLU A 307 -41.10 29.94 49.06
N LEU A 308 -40.23 28.94 49.23
CA LEU A 308 -40.51 27.60 48.73
C LEU A 308 -41.53 26.93 49.64
N LEU A 309 -42.61 26.42 49.06
CA LEU A 309 -43.67 25.76 49.82
C LEU A 309 -43.51 24.25 49.87
N GLY A 310 -43.10 23.63 48.77
CA GLY A 310 -42.98 22.18 48.67
C GLY A 310 -42.87 21.77 47.21
N GLU A 311 -43.35 20.56 46.92
CA GLU A 311 -43.29 20.02 45.57
C GLU A 311 -44.66 19.54 45.15
N THR A 312 -44.99 19.80 43.89
CA THR A 312 -46.23 19.38 43.26
C THR A 312 -45.87 18.63 41.98
N SER A 313 -46.88 18.19 41.25
CA SER A 313 -46.62 17.72 39.90
C SER A 313 -46.21 18.89 39.01
N ILE A 314 -45.45 18.59 37.95
CA ILE A 314 -45.06 19.64 37.02
C ILE A 314 -46.32 20.20 36.38
N ALA A 315 -46.64 21.45 36.69
CA ALA A 315 -47.95 22.00 36.41
C ALA A 315 -47.90 23.02 35.26
N GLU A 316 -48.75 22.80 34.26
CA GLU A 316 -48.99 23.83 33.25
C GLU A 316 -49.80 24.99 33.80
N CYS A 317 -50.78 24.71 34.66
CA CYS A 317 -51.60 25.76 35.20
C CYS A 317 -51.83 25.50 36.68
N LEU A 318 -51.94 26.58 37.45
CA LEU A 318 -52.27 26.52 38.87
C LEU A 318 -53.49 27.40 39.11
N THR A 319 -54.38 26.92 39.98
CA THR A 319 -55.50 27.72 40.45
C THR A 319 -55.67 27.44 41.93
N TYR A 320 -55.68 28.51 42.73
CA TYR A 320 -56.03 28.43 44.13
C TYR A 320 -57.54 28.39 44.24
N LEU A 321 -58.05 27.46 45.05
CA LEU A 321 -59.49 27.33 45.21
C LEU A 321 -59.98 28.00 46.49
N ASP A 322 -59.90 27.32 47.62
CA ASP A 322 -60.25 27.93 48.89
C ASP A 322 -59.48 27.24 49.99
N ASN A 323 -59.39 27.89 51.15
CA ASN A 323 -58.69 27.32 52.30
C ASN A 323 -57.26 27.20 51.81
N GLY A 324 -56.62 26.04 51.93
CA GLY A 324 -55.33 25.78 51.35
C GLY A 324 -55.34 24.98 50.08
N VAL A 325 -56.50 24.82 49.45
CA VAL A 325 -56.62 23.90 48.32
C VAL A 325 -56.18 24.62 47.04
N VAL A 326 -55.30 23.96 46.30
CA VAL A 326 -54.79 24.46 45.03
C VAL A 326 -54.99 23.33 44.03
N PHE A 327 -55.44 23.65 42.83
CA PHE A 327 -55.54 22.65 41.79
C PHE A 327 -54.25 22.69 40.97
N VAL A 328 -53.48 21.62 41.01
CA VAL A 328 -52.23 21.49 40.24
C VAL A 328 -52.65 20.80 38.93
N GLY A 329 -52.74 21.55 37.87
CA GLY A 329 -53.13 21.03 36.57
C GLY A 329 -51.88 20.68 35.78
N SER A 330 -51.73 19.41 35.49
CA SER A 330 -50.51 18.92 34.88
C SER A 330 -50.80 18.33 33.51
N ARG A 331 -49.91 18.66 32.56
CA ARG A 331 -49.89 18.10 31.22
C ARG A 331 -48.84 17.02 31.06
N LEU A 332 -47.77 17.07 31.84
CA LEU A 332 -46.71 16.08 31.80
C LEU A 332 -46.89 15.00 32.87
N GLY A 333 -47.62 15.28 33.93
CA GLY A 333 -47.80 14.32 35.00
C GLY A 333 -49.25 14.24 35.45
N ASP A 334 -49.47 13.72 36.65
CA ASP A 334 -50.83 13.58 37.16
C ASP A 334 -51.29 14.90 37.77
N SER A 335 -52.48 15.36 37.38
CA SER A 335 -53.06 16.54 38.00
C SER A 335 -53.42 16.23 39.45
N GLN A 336 -53.45 17.26 40.28
CA GLN A 336 -53.52 17.00 41.71
C GLN A 336 -54.36 18.08 42.41
N LEU A 337 -54.81 17.73 43.61
CA LEU A 337 -55.33 18.68 44.59
C LEU A 337 -54.39 18.63 45.80
N VAL A 338 -53.81 19.77 46.16
CA VAL A 338 -52.85 19.81 47.25
C VAL A 338 -53.30 20.82 48.29
N LYS A 339 -52.97 20.53 49.55
CA LYS A 339 -53.31 21.38 50.69
C LYS A 339 -52.07 22.17 51.08
N LEU A 340 -52.21 23.47 51.22
CA LEU A 340 -51.15 24.33 51.72
C LEU A 340 -51.39 24.54 53.20
N ASN A 341 -50.42 24.16 54.02
CA ASN A 341 -50.56 24.28 55.47
C ASN A 341 -49.74 25.45 55.96
N VAL A 342 -50.21 26.06 57.06
CA VAL A 342 -49.47 27.16 57.66
C VAL A 342 -48.20 26.63 58.33
N ASP A 343 -48.29 25.49 58.99
CA ASP A 343 -47.17 24.85 59.63
C ASP A 343 -46.59 23.81 58.67
N SER A 344 -45.27 23.77 58.59
CA SER A 344 -44.59 22.77 57.79
C SER A 344 -44.65 21.41 58.49
N ASN A 345 -44.50 20.36 57.70
CA ASN A 345 -44.43 19.03 58.28
C ASN A 345 -42.99 18.78 58.72
N GLU A 346 -42.71 17.58 59.22
CA GLU A 346 -41.37 17.31 59.76
C GLU A 346 -40.29 17.32 58.70
N GLN A 347 -40.65 17.28 57.42
CA GLN A 347 -39.66 17.33 56.34
C GLN A 347 -39.41 18.76 55.87
N GLY A 348 -40.13 19.74 56.42
CA GLY A 348 -40.01 21.12 55.99
C GLY A 348 -40.98 21.56 54.93
N SER A 349 -41.91 20.70 54.52
CA SER A 349 -42.84 21.01 53.45
C SER A 349 -44.15 21.53 54.02
N TYR A 350 -44.75 22.49 53.30
CA TYR A 350 -46.08 22.98 53.62
C TYR A 350 -47.16 22.40 52.72
N VAL A 351 -46.80 21.49 51.81
CA VAL A 351 -47.72 20.98 50.80
C VAL A 351 -47.97 19.52 51.08
N VAL A 352 -49.25 19.15 51.16
CA VAL A 352 -49.66 17.79 51.44
C VAL A 352 -50.71 17.43 50.39
N ALA A 353 -50.40 16.45 49.56
CA ALA A 353 -51.31 16.06 48.48
C ALA A 353 -52.60 15.50 49.07
N MET A 354 -53.72 15.87 48.46
CA MET A 354 -55.03 15.37 48.89
C MET A 354 -55.55 14.27 47.95
N GLU A 355 -55.64 14.57 46.66
CA GLU A 355 -56.13 13.63 45.67
C GLU A 355 -55.19 13.68 44.47
N THR A 356 -55.17 12.59 43.70
CA THR A 356 -54.34 12.49 42.52
C THR A 356 -55.24 12.09 41.36
N PHE A 357 -55.31 12.94 40.33
CA PHE A 357 -56.15 12.74 39.17
C PHE A 357 -55.31 12.17 38.04
N THR A 358 -55.73 11.03 37.49
CA THR A 358 -54.93 10.32 36.50
C THR A 358 -54.77 11.11 35.19
N ASN A 359 -53.52 11.20 34.74
CA ASN A 359 -53.17 11.79 33.45
C ASN A 359 -52.27 10.80 32.73
N LEU A 360 -52.73 10.25 31.60
CA LEU A 360 -51.85 9.38 30.84
C LEU A 360 -50.63 10.12 30.27
N GLY A 361 -50.56 11.44 30.45
CA GLY A 361 -49.41 12.22 30.10
C GLY A 361 -49.11 12.08 28.63
N PRO A 362 -47.96 12.58 28.20
CA PRO A 362 -47.50 12.27 26.84
C PRO A 362 -47.28 10.77 26.69
N ILE A 363 -47.89 10.17 25.67
CA ILE A 363 -47.69 8.74 25.40
C ILE A 363 -46.62 8.68 24.32
N VAL A 364 -45.36 8.51 24.76
CA VAL A 364 -44.25 8.50 23.80
C VAL A 364 -44.26 7.22 22.98
N ASP A 365 -44.51 6.08 23.61
CA ASP A 365 -44.57 4.80 22.93
C ASP A 365 -45.50 3.90 23.74
N MET A 366 -45.96 2.82 23.12
CA MET A 366 -46.81 1.86 23.80
C MET A 366 -46.84 0.56 23.02
N CYS A 367 -47.14 -0.53 23.74
CA CYS A 367 -47.30 -1.83 23.12
C CYS A 367 -48.50 -2.56 23.73
N VAL A 368 -49.10 -3.45 22.95
CA VAL A 368 -50.23 -4.26 23.39
C VAL A 368 -49.72 -5.67 23.64
N VAL A 369 -49.99 -6.20 24.83
CA VAL A 369 -49.49 -7.51 25.26
C VAL A 369 -50.59 -8.17 26.07
N ASP A 370 -50.77 -9.48 25.86
CA ASP A 370 -51.75 -10.26 26.63
C ASP A 370 -51.00 -10.88 27.80
N LEU A 371 -50.93 -10.14 28.91
CA LEU A 371 -50.16 -10.58 30.05
C LEU A 371 -50.77 -11.81 30.75
N GLU A 372 -52.08 -11.82 30.93
CA GLU A 372 -52.77 -12.86 31.67
C GLU A 372 -53.28 -14.02 30.81
N ARG A 373 -52.86 -14.10 29.54
CA ARG A 373 -53.29 -15.14 28.60
C ARG A 373 -54.81 -15.16 28.39
N GLN A 374 -55.49 -14.06 28.70
CA GLN A 374 -56.94 -13.95 28.62
C GLN A 374 -57.50 -13.57 27.25
N GLY A 375 -56.80 -13.86 26.16
CA GLY A 375 -57.30 -13.52 24.84
C GLY A 375 -57.96 -12.16 24.74
N GLN A 376 -57.28 -11.16 25.30
CA GLN A 376 -57.78 -9.78 25.36
C GLN A 376 -56.74 -8.81 24.85
N GLY A 377 -55.76 -8.53 25.70
CA GLY A 377 -54.70 -7.60 25.40
C GLY A 377 -54.81 -6.41 26.33
N GLN A 378 -53.69 -6.02 26.92
CA GLN A 378 -53.58 -4.88 27.82
C GLN A 378 -52.55 -3.95 27.20
N LEU A 379 -52.72 -2.66 27.44
CA LEU A 379 -51.87 -1.64 26.84
C LEU A 379 -50.89 -1.13 27.89
N VAL A 380 -49.60 -1.29 27.63
CA VAL A 380 -48.55 -0.73 28.46
C VAL A 380 -48.01 0.49 27.73
N THR A 381 -48.13 1.66 28.34
CA THR A 381 -47.81 2.92 27.68
C THR A 381 -46.62 3.56 28.39
N CYS A 382 -45.71 4.12 27.60
CA CYS A 382 -44.67 5.01 28.13
C CYS A 382 -45.29 6.39 28.28
N SER A 383 -45.59 6.78 29.52
CA SER A 383 -46.37 7.97 29.78
C SER A 383 -45.61 8.93 30.70
N GLY A 384 -45.84 10.21 30.48
CA GLY A 384 -45.27 11.24 31.33
C GLY A 384 -43.84 11.61 30.95
N ALA A 385 -43.31 12.58 31.68
CA ALA A 385 -41.95 13.05 31.46
C ALA A 385 -41.31 13.48 32.77
N PHE A 386 -39.97 13.43 32.79
CA PHE A 386 -39.15 13.89 33.91
C PHE A 386 -39.61 13.17 35.18
N LYS A 387 -39.83 13.87 36.29
CA LYS A 387 -40.13 13.19 37.55
C LYS A 387 -41.51 12.52 37.52
N GLU A 388 -42.32 12.84 36.52
CA GLU A 388 -43.65 12.26 36.36
C GLU A 388 -43.64 11.03 35.45
N GLY A 389 -42.47 10.60 34.99
CA GLY A 389 -42.44 9.47 34.08
C GLY A 389 -42.99 8.22 34.74
N SER A 390 -43.74 7.45 33.96
CA SER A 390 -44.42 6.29 34.50
C SER A 390 -44.68 5.30 33.37
N LEU A 391 -44.98 4.07 33.77
CA LEU A 391 -45.50 3.06 32.87
C LEU A 391 -46.93 2.77 33.29
N ARG A 392 -47.86 2.84 32.34
CA ARG A 392 -49.27 2.70 32.66
C ARG A 392 -49.80 1.45 31.97
N ILE A 393 -50.38 0.55 32.75
CA ILE A 393 -50.98 -0.67 32.25
C ILE A 393 -52.49 -0.46 32.22
N ILE A 394 -53.09 -0.60 31.03
CA ILE A 394 -54.48 -0.26 30.80
C ILE A 394 -55.22 -1.49 30.30
N ARG A 395 -56.35 -1.80 30.94
CA ARG A 395 -57.20 -2.91 30.55
C ARG A 395 -58.65 -2.46 30.62
N ASN A 396 -59.51 -3.11 29.83
CA ASN A 396 -60.95 -2.86 29.86
C ASN A 396 -61.66 -3.74 30.88
N GLY A 397 -62.58 -3.14 31.63
CA GLY A 397 -63.31 -3.85 32.67
C GLY A 397 -64.41 -3.01 33.30
N GLN A 408 -68.54 0.04 33.39
CA GLN A 408 -67.85 0.32 32.13
C GLN A 408 -66.85 1.45 32.31
N LYS A 409 -65.58 1.08 32.52
CA LYS A 409 -64.49 2.04 32.67
C LYS A 409 -63.21 1.28 32.35
N LEU A 410 -62.12 2.03 32.18
CA LEU A 410 -60.82 1.43 31.92
C LEU A 410 -60.05 1.37 33.23
N HIS A 411 -59.48 0.21 33.53
CA HIS A 411 -58.65 0.03 34.73
C HIS A 411 -57.20 0.35 34.38
N ILE A 412 -56.62 1.33 35.07
CA ILE A 412 -55.26 1.79 34.79
C ILE A 412 -54.41 1.57 36.04
N ARG A 413 -53.26 0.94 35.85
CA ARG A 413 -52.27 0.75 36.91
C ARG A 413 -51.06 1.60 36.57
N THR A 414 -50.58 2.36 37.56
CA THR A 414 -49.48 3.29 37.35
C THR A 414 -48.18 2.72 37.93
N VAL A 415 -47.14 2.70 37.13
CA VAL A 415 -45.80 2.28 37.54
C VAL A 415 -44.91 3.52 37.49
N PRO A 416 -44.54 4.12 38.62
CA PRO A 416 -43.69 5.32 38.56
C PRO A 416 -42.24 4.99 38.22
N LEU A 417 -41.65 5.83 37.38
CA LEU A 417 -40.24 5.73 37.00
C LEU A 417 -39.40 6.93 37.44
N TYR A 418 -40.00 8.11 37.60
CA TYR A 418 -39.29 9.33 37.98
C TYR A 418 -38.21 9.71 36.97
N GLU A 419 -38.30 9.15 35.76
CA GLU A 419 -37.43 9.54 34.65
C GLU A 419 -38.23 9.33 33.37
N SER A 420 -37.74 9.90 32.29
CA SER A 420 -38.51 9.94 31.05
C SER A 420 -38.49 8.58 30.37
N PRO A 421 -39.66 7.99 30.07
CA PRO A 421 -39.69 6.76 29.26
C PRO A 421 -39.83 7.12 27.79
N ARG A 422 -39.03 6.45 26.96
CA ARG A 422 -38.96 6.77 25.53
C ARG A 422 -39.52 5.69 24.62
N LYS A 423 -39.14 4.42 24.80
CA LYS A 423 -39.66 3.36 23.97
C LYS A 423 -39.87 2.13 24.84
N ILE A 424 -40.87 1.33 24.49
CA ILE A 424 -41.16 0.09 25.20
C ILE A 424 -41.40 -1.04 24.19
N CYS A 425 -40.91 -2.23 24.53
CA CYS A 425 -41.12 -3.42 23.74
C CYS A 425 -41.16 -4.61 24.69
N TYR A 426 -42.00 -5.59 24.36
CA TYR A 426 -42.20 -6.76 25.22
C TYR A 426 -41.43 -7.97 24.71
N GLN A 427 -40.78 -8.67 25.63
CA GLN A 427 -39.99 -9.87 25.35
C GLN A 427 -40.60 -10.99 26.18
N GLU A 428 -41.42 -11.82 25.54
CA GLU A 428 -42.13 -12.85 26.30
C GLU A 428 -41.18 -13.90 26.87
N VAL A 429 -40.17 -14.31 26.09
CA VAL A 429 -39.26 -15.36 26.53
C VAL A 429 -38.71 -15.02 27.92
N SER A 430 -38.50 -13.74 28.19
CA SER A 430 -37.89 -13.29 29.43
C SER A 430 -38.91 -12.82 30.46
N GLN A 431 -40.20 -12.96 30.17
CA GLN A 431 -41.26 -12.49 31.06
C GLN A 431 -40.99 -11.09 31.59
N CYS A 432 -40.55 -10.20 30.69
CA CYS A 432 -40.21 -8.84 31.09
C CYS A 432 -40.33 -7.89 29.91
N PHE A 433 -40.41 -6.61 30.23
CA PHE A 433 -40.37 -5.54 29.24
C PHE A 433 -38.98 -4.90 29.18
N GLY A 434 -38.60 -4.48 27.98
CA GLY A 434 -37.47 -3.58 27.80
C GLY A 434 -38.01 -2.16 27.61
N VAL A 435 -37.45 -1.23 28.36
CA VAL A 435 -37.87 0.17 28.29
C VAL A 435 -36.64 1.06 28.19
N LEU A 436 -36.66 1.97 27.22
CA LEU A 436 -35.60 2.97 27.07
C LEU A 436 -36.01 4.21 27.84
N SER A 437 -35.07 4.75 28.62
CA SER A 437 -35.37 5.90 29.48
C SER A 437 -34.20 6.88 29.45
N SER A 438 -34.51 8.13 29.78
CA SER A 438 -33.49 9.16 29.95
C SER A 438 -33.77 9.96 31.21
N ARG A 439 -32.71 10.31 31.93
CA ARG A 439 -32.81 11.10 33.14
C ARG A 439 -31.89 12.32 33.02
N ILE A 440 -32.26 13.39 33.71
CA ILE A 440 -31.52 14.64 33.67
C ILE A 440 -30.50 14.67 34.81
N GLU A 441 -29.24 14.85 34.47
CA GLU A 441 -28.19 15.17 35.43
C GLU A 441 -27.64 16.55 35.07
N VAL A 442 -26.94 17.17 36.02
CA VAL A 442 -26.44 18.53 35.86
C VAL A 442 -24.93 18.51 36.10
N GLN A 443 -24.20 19.28 35.29
CA GLN A 443 -22.75 19.36 35.46
C GLN A 443 -22.44 19.90 36.85
N ASP A 444 -21.64 19.17 37.61
CA ASP A 444 -21.36 19.55 39.00
C ASP A 444 -19.87 19.86 39.15
N THR A 445 -19.51 20.27 40.36
CA THR A 445 -18.14 20.75 40.60
C THR A 445 -17.10 19.65 40.47
N SER A 446 -17.50 18.38 40.43
CA SER A 446 -16.54 17.30 40.27
C SER A 446 -16.08 17.13 38.83
N GLY A 447 -16.72 17.81 37.88
CA GLY A 447 -16.50 17.55 36.47
C GLY A 447 -17.46 16.54 35.88
N GLY A 448 -18.01 15.66 36.70
CA GLY A 448 -19.04 14.73 36.27
C GLY A 448 -20.40 15.36 36.35
N THR A 449 -21.42 14.53 36.59
CA THR A 449 -22.78 15.05 36.70
C THR A 449 -23.48 14.39 37.88
N THR A 450 -24.53 15.06 38.37
CA THR A 450 -25.28 14.62 39.52
C THR A 450 -26.77 14.69 39.21
N ALA A 451 -27.50 13.62 39.53
CA ALA A 451 -28.93 13.56 39.28
C ALA A 451 -29.73 14.29 40.36
N LEU A 452 -30.81 14.95 39.93
CA LEU A 452 -31.62 15.76 40.82
C LEU A 452 -32.42 14.90 41.80
N ARG A 453 -32.65 13.62 41.49
CA ARG A 453 -33.45 12.73 42.32
C ARG A 453 -33.19 11.31 41.88
N PRO A 454 -33.36 10.32 42.76
CA PRO A 454 -33.23 8.92 42.33
C PRO A 454 -34.40 8.51 41.45
N SER A 455 -34.11 7.57 40.53
CA SER A 455 -35.10 7.15 39.56
C SER A 455 -34.83 5.72 39.09
N ALA A 456 -35.68 5.25 38.17
CA ALA A 456 -35.69 3.84 37.77
C ALA A 456 -34.30 3.34 37.40
N SER A 457 -33.56 4.12 36.62
CA SER A 457 -32.27 3.65 36.13
C SER A 457 -31.25 3.55 37.25
N THR A 458 -31.44 4.28 38.34
CA THR A 458 -30.56 4.24 39.49
C THR A 458 -31.04 3.29 40.57
N GLN A 459 -32.31 2.89 40.54
CA GLN A 459 -32.84 1.96 41.54
C GLN A 459 -33.12 0.60 40.92
N ALA A 460 -32.16 0.09 40.15
CA ALA A 460 -32.30 -1.22 39.53
C ALA A 460 -31.60 -2.22 40.42
N LEU A 461 -32.09 -3.47 40.40
CA LEU A 461 -31.46 -4.48 41.22
C LEU A 461 -30.00 -4.70 40.82
N SER A 462 -29.76 -4.96 39.54
CA SER A 462 -28.43 -5.08 38.97
C SER A 462 -28.27 -4.04 37.86
N SER A 463 -27.03 -3.62 37.61
CA SER A 463 -26.77 -2.56 36.64
C SER A 463 -25.48 -2.80 35.87
N SER A 464 -25.39 -2.16 34.70
CA SER A 464 -24.23 -2.23 33.82
C SER A 464 -24.09 -0.92 33.06
N VAL A 465 -22.87 -0.65 32.59
CA VAL A 465 -22.59 0.54 31.79
C VAL A 465 -21.82 0.14 30.52
N SER A 466 -22.16 0.77 29.40
CA SER A 466 -21.46 0.47 28.16
C SER A 466 -20.00 0.87 28.26
N SER A 467 -19.12 -0.03 27.84
CA SER A 467 -17.68 0.22 27.78
C SER A 467 -17.19 0.31 26.34
N SER A 468 -18.09 0.51 25.39
CA SER A 468 -17.73 0.44 23.98
C SER A 468 -16.61 1.43 23.67
N LYS A 469 -15.72 1.01 22.78
CA LYS A 469 -14.57 1.82 22.40
C LYS A 469 -14.74 2.40 21.00
N LEU A 470 -15.95 2.27 20.43
CA LEU A 470 -16.14 2.62 19.03
C LEU A 470 -15.77 4.06 18.75
N PHE A 471 -16.32 5.00 19.50
CA PHE A 471 -16.08 6.42 19.36
C PHE A 471 -14.96 6.94 20.27
N SER A 472 -14.40 6.06 21.11
CA SER A 472 -13.36 6.46 22.05
C SER A 472 -12.21 7.27 21.46
N SER A 473 -11.99 7.22 20.14
CA SER A 473 -10.87 7.98 19.61
C SER A 473 -11.09 9.47 19.77
N SER A 474 -12.35 9.90 19.79
CA SER A 474 -12.71 11.28 20.01
C SER A 474 -11.80 12.29 19.33
N THR A 475 -11.04 13.06 20.12
CA THR A 475 -10.21 14.17 19.64
C THR A 475 -11.12 15.34 19.24
N ALA A 476 -12.42 15.23 19.54
CA ALA A 476 -13.43 16.28 19.35
C ALA A 476 -13.77 16.91 20.70
N PRO A 477 -13.46 18.21 20.92
CA PRO A 477 -13.67 18.80 22.25
C PRO A 477 -15.12 19.24 22.47
N HIS A 478 -15.67 18.90 23.64
CA HIS A 478 -17.01 19.36 24.02
C HIS A 478 -16.90 19.94 25.43
N GLU A 479 -16.81 21.26 25.56
CA GLU A 479 -16.66 21.87 26.88
C GLU A 479 -17.95 21.88 27.68
N THR A 480 -17.78 21.77 28.99
CA THR A 480 -18.87 21.69 29.95
C THR A 480 -18.81 22.88 30.91
N SER A 481 -19.96 23.49 31.16
CA SER A 481 -20.08 24.55 32.15
C SER A 481 -20.91 24.03 33.31
N PHE A 482 -20.50 24.37 34.53
CA PHE A 482 -21.25 23.95 35.71
C PHE A 482 -22.69 24.44 35.62
N GLY A 483 -23.62 23.55 35.95
CA GLY A 483 -25.03 23.87 35.94
C GLY A 483 -25.79 23.48 34.69
N GLU A 484 -25.09 23.14 33.61
CA GLU A 484 -25.77 22.74 32.38
C GLU A 484 -26.37 21.34 32.52
N GLU A 485 -27.50 21.13 31.85
CA GLU A 485 -28.17 19.83 31.88
C GLU A 485 -27.64 18.92 30.79
N VAL A 486 -27.71 17.61 31.08
CA VAL A 486 -27.38 16.56 30.12
C VAL A 486 -28.45 15.47 30.27
N GLU A 487 -28.63 14.70 29.20
CA GLU A 487 -29.47 13.51 29.27
C GLU A 487 -28.59 12.26 29.38
N VAL A 488 -29.01 11.34 30.25
CA VAL A 488 -28.36 10.05 30.43
C VAL A 488 -29.37 8.98 30.08
N HIS A 489 -29.03 8.16 29.09
CA HIS A 489 -29.98 7.20 28.52
C HIS A 489 -29.69 5.80 29.02
N ASN A 490 -30.76 5.03 29.22
CA ASN A 490 -30.64 3.70 29.78
C ASN A 490 -31.62 2.75 29.10
N LEU A 491 -31.31 1.47 29.19
CA LEU A 491 -32.23 0.38 28.87
C LEU A 491 -32.62 -0.28 30.18
N LEU A 492 -33.93 -0.29 30.46
CA LEU A 492 -34.46 -0.87 31.69
C LEU A 492 -35.08 -2.22 31.39
N ILE A 493 -34.75 -3.22 32.21
CA ILE A 493 -35.40 -4.52 32.15
C ILE A 493 -36.38 -4.58 33.32
N ILE A 494 -37.67 -4.68 32.99
CA ILE A 494 -38.77 -4.54 33.94
C ILE A 494 -39.63 -5.80 33.90
N ASP A 495 -39.93 -6.33 35.09
CA ASP A 495 -40.67 -7.57 35.20
C ASP A 495 -42.14 -7.36 34.86
N GLN A 496 -42.73 -8.32 34.15
CA GLN A 496 -44.07 -8.14 33.63
C GLN A 496 -45.16 -8.29 34.69
N HIS A 497 -44.85 -8.94 35.82
CA HIS A 497 -45.84 -9.11 36.88
C HIS A 497 -45.65 -8.11 38.01
N THR A 498 -44.44 -8.00 38.54
CA THR A 498 -44.17 -7.07 39.62
C THR A 498 -43.91 -5.66 39.08
N PHE A 499 -43.44 -5.55 37.84
CA PHE A 499 -43.02 -4.27 37.26
C PHE A 499 -41.93 -3.67 38.14
N GLU A 500 -40.96 -4.51 38.49
CA GLU A 500 -39.81 -4.14 39.29
C GLU A 500 -38.62 -4.03 38.34
N VAL A 501 -37.83 -2.97 38.50
CA VAL A 501 -36.69 -2.78 37.63
C VAL A 501 -35.62 -3.81 37.99
N LEU A 502 -35.46 -4.80 37.11
CA LEU A 502 -34.52 -5.87 37.36
C LEU A 502 -33.11 -5.45 36.98
N HIS A 503 -32.97 -4.72 35.88
CA HIS A 503 -31.66 -4.34 35.39
C HIS A 503 -31.77 -3.01 34.66
N ALA A 504 -30.69 -2.23 34.75
CA ALA A 504 -30.57 -0.98 34.03
C ALA A 504 -29.20 -0.93 33.37
N HIS A 505 -29.17 -0.67 32.07
CA HIS A 505 -27.93 -0.52 31.32
C HIS A 505 -27.81 0.93 30.88
N GLN A 506 -26.70 1.57 31.24
CA GLN A 506 -26.47 2.96 30.90
C GLN A 506 -25.60 3.06 29.65
N PHE A 507 -26.06 3.84 28.68
CA PHE A 507 -25.35 4.00 27.42
C PHE A 507 -24.25 5.05 27.58
N LEU A 508 -23.47 5.23 26.51
CA LEU A 508 -22.29 6.08 26.56
C LEU A 508 -22.69 7.53 26.86
N GLN A 509 -21.69 8.30 27.30
CA GLN A 509 -21.90 9.74 27.50
C GLN A 509 -22.25 10.38 26.17
N ASN A 510 -23.33 11.16 26.16
CA ASN A 510 -23.86 11.82 24.98
C ASN A 510 -24.48 10.85 23.98
N GLU A 511 -24.73 9.60 24.38
CA GLU A 511 -25.36 8.63 23.51
C GLU A 511 -26.85 8.65 23.81
N TYR A 512 -27.66 8.79 22.77
CA TYR A 512 -29.11 8.80 22.90
C TYR A 512 -29.65 7.46 22.40
N ALA A 513 -30.50 6.84 23.22
CA ALA A 513 -31.17 5.62 22.83
C ALA A 513 -32.46 6.01 22.10
N LEU A 514 -32.55 5.66 20.82
CA LEU A 514 -33.68 6.09 20.00
C LEU A 514 -34.61 4.98 19.56
N SER A 515 -34.12 3.75 19.39
CA SER A 515 -34.95 2.67 18.85
C SER A 515 -34.70 1.39 19.64
N LEU A 516 -35.76 0.60 19.80
CA LEU A 516 -35.71 -0.64 20.55
C LEU A 516 -36.58 -1.71 19.90
N VAL A 517 -36.04 -2.93 19.83
CA VAL A 517 -36.80 -4.08 19.34
C VAL A 517 -36.40 -5.31 20.16
N SER A 518 -37.30 -6.28 20.24
CA SER A 518 -37.04 -7.58 20.83
C SER A 518 -37.37 -8.65 19.80
N CYS A 519 -36.37 -9.47 19.45
CA CYS A 519 -36.58 -10.45 18.39
C CYS A 519 -35.46 -11.47 18.35
N LYS A 520 -35.70 -12.53 17.57
CA LYS A 520 -34.69 -13.48 17.13
C LYS A 520 -34.25 -13.13 15.72
N LEU A 521 -32.98 -13.36 15.42
CA LEU A 521 -32.45 -13.07 14.09
C LEU A 521 -31.83 -14.33 13.49
N GLY A 522 -32.00 -14.49 12.17
CA GLY A 522 -31.33 -15.55 11.44
C GLY A 522 -31.62 -16.94 11.98
N LYS A 523 -30.56 -17.73 12.08
CA LYS A 523 -30.61 -19.06 12.66
C LYS A 523 -30.24 -19.05 14.14
N ASP A 524 -30.22 -17.86 14.74
CA ASP A 524 -29.85 -17.72 16.14
C ASP A 524 -31.08 -17.96 17.01
N PRO A 525 -31.07 -18.97 17.89
CA PRO A 525 -32.25 -19.24 18.70
C PRO A 525 -32.46 -18.27 19.86
N ASN A 526 -31.45 -17.46 20.19
CA ASN A 526 -31.56 -16.55 21.32
C ASN A 526 -32.43 -15.34 20.98
N THR A 527 -33.23 -14.91 21.97
CA THR A 527 -34.05 -13.71 21.82
C THR A 527 -33.30 -12.52 22.41
N TYR A 528 -33.10 -11.49 21.59
CA TYR A 528 -32.28 -10.35 21.99
C TYR A 528 -33.09 -9.08 22.13
N PHE A 529 -32.57 -8.16 22.94
CA PHE A 529 -32.97 -6.76 22.95
C PHE A 529 -31.98 -6.01 22.06
N ILE A 530 -32.46 -5.28 21.06
CA ILE A 530 -31.59 -4.53 20.15
C ILE A 530 -31.95 -3.06 20.23
N VAL A 531 -30.94 -2.22 20.46
CA VAL A 531 -31.11 -0.79 20.64
C VAL A 531 -30.32 -0.05 19.57
N GLY A 532 -30.94 0.97 19.00
CA GLY A 532 -30.30 1.86 18.04
C GLY A 532 -30.10 3.22 18.66
N THR A 533 -28.89 3.76 18.51
CA THR A 533 -28.49 4.95 19.23
C THR A 533 -27.93 6.00 18.27
N ALA A 534 -27.76 7.20 18.82
CA ALA A 534 -27.16 8.33 18.11
C ALA A 534 -26.28 9.08 19.09
N MET A 535 -25.06 9.40 18.68
CA MET A 535 -24.18 10.25 19.48
C MET A 535 -24.57 11.70 19.20
N VAL A 536 -25.09 12.38 20.22
CA VAL A 536 -25.66 13.71 20.07
C VAL A 536 -24.71 14.68 20.77
N TYR A 537 -24.11 15.58 20.00
CA TYR A 537 -23.31 16.66 20.55
C TYR A 537 -23.96 17.99 20.17
N PRO A 538 -24.02 18.95 21.11
CA PRO A 538 -24.76 20.20 20.82
C PRO A 538 -24.33 20.89 19.54
N GLU A 539 -23.09 20.68 19.12
CA GLU A 539 -22.57 21.37 17.94
C GLU A 539 -23.24 20.86 16.66
N GLU A 540 -23.69 19.61 16.65
CA GLU A 540 -24.13 18.95 15.42
C GLU A 540 -25.59 19.22 15.07
N ALA A 541 -25.81 19.62 13.81
CA ALA A 541 -27.16 19.76 13.30
C ALA A 541 -27.87 18.42 13.19
N GLU A 542 -27.15 17.38 12.76
CA GLU A 542 -27.68 16.04 12.60
C GLU A 542 -26.63 15.08 13.12
N PRO A 543 -27.00 14.10 13.94
CA PRO A 543 -25.98 13.16 14.47
C PRO A 543 -25.27 12.41 13.34
N LYS A 544 -23.96 12.29 13.47
CA LYS A 544 -23.13 11.63 12.47
C LYS A 544 -22.47 10.35 12.97
N GLN A 545 -22.76 9.93 14.19
CA GLN A 545 -22.25 8.68 14.74
C GLN A 545 -23.39 7.95 15.43
N GLY A 546 -23.27 6.63 15.50
CA GLY A 546 -24.34 5.86 16.12
C GLY A 546 -23.95 4.41 16.25
N ARG A 547 -24.76 3.70 17.01
CA ARG A 547 -24.54 2.29 17.27
C ARG A 547 -25.83 1.52 17.10
N ILE A 548 -25.71 0.28 16.68
CA ILE A 548 -26.73 -0.74 16.86
C ILE A 548 -26.14 -1.75 17.81
N VAL A 549 -26.79 -1.93 18.95
CA VAL A 549 -26.24 -2.76 20.03
C VAL A 549 -27.19 -3.92 20.23
N VAL A 550 -26.63 -5.12 20.30
CA VAL A 550 -27.38 -6.34 20.56
C VAL A 550 -27.08 -6.75 21.99
N PHE A 551 -28.14 -6.91 22.77
CA PHE A 551 -28.05 -7.27 24.18
C PHE A 551 -28.77 -8.60 24.36
N GLN A 552 -28.33 -9.39 25.34
CA GLN A 552 -29.10 -10.56 25.75
C GLN A 552 -29.40 -10.47 27.24
N TYR A 553 -30.68 -10.53 27.60
CA TYR A 553 -31.09 -10.57 28.99
C TYR A 553 -31.15 -12.04 29.41
N SER A 554 -30.22 -12.44 30.27
CA SER A 554 -30.15 -13.81 30.74
C SER A 554 -29.73 -13.83 32.21
N ASP A 555 -30.49 -14.57 33.02
CA ASP A 555 -30.14 -14.81 34.41
C ASP A 555 -29.88 -13.50 35.17
N GLY A 556 -30.79 -12.56 35.01
CA GLY A 556 -30.74 -11.34 35.79
C GLY A 556 -29.67 -10.36 35.36
N LYS A 557 -28.94 -10.66 34.30
CA LYS A 557 -27.89 -9.79 33.81
C LYS A 557 -28.09 -9.57 32.33
N LEU A 558 -27.73 -8.37 31.87
CA LEU A 558 -27.80 -8.01 30.46
C LEU A 558 -26.39 -8.14 29.90
N GLN A 559 -26.25 -8.90 28.82
CA GLN A 559 -24.95 -9.16 28.23
C GLN A 559 -24.91 -8.42 26.90
N THR A 560 -23.79 -7.79 26.59
CA THR A 560 -23.62 -7.15 25.29
C THR A 560 -23.12 -8.19 24.30
N VAL A 561 -23.93 -8.48 23.28
CA VAL A 561 -23.62 -9.56 22.34
C VAL A 561 -22.84 -9.07 21.13
N ALA A 562 -23.18 -7.90 20.60
CA ALA A 562 -22.53 -7.40 19.40
C ALA A 562 -22.91 -5.94 19.25
N GLU A 563 -22.01 -5.18 18.63
CA GLU A 563 -22.27 -3.80 18.33
C GLU A 563 -21.86 -3.51 16.89
N LYS A 564 -22.67 -2.69 16.23
CA LYS A 564 -22.43 -2.28 14.86
C LYS A 564 -22.38 -0.77 14.84
N GLU A 565 -21.27 -0.22 14.36
CA GLU A 565 -21.14 1.22 14.25
C GLU A 565 -21.85 1.68 12.98
N VAL A 566 -22.57 2.80 13.08
CA VAL A 566 -23.22 3.41 11.94
C VAL A 566 -22.84 4.87 11.91
N LYS A 567 -23.03 5.48 10.75
CA LYS A 567 -22.64 6.87 10.53
C LYS A 567 -23.83 7.81 10.61
N GLY A 568 -24.62 7.66 11.67
CA GLY A 568 -25.82 8.46 11.84
C GLY A 568 -26.63 7.96 13.01
N ALA A 569 -27.84 8.51 13.11
CA ALA A 569 -28.78 8.15 14.16
C ALA A 569 -29.67 7.01 13.72
N VAL A 570 -29.78 5.98 14.55
CA VAL A 570 -30.66 4.83 14.26
C VAL A 570 -32.03 5.21 14.80
N TYR A 571 -32.78 5.99 14.02
CA TYR A 571 -34.04 6.52 14.53
C TYR A 571 -35.06 5.39 14.75
N SER A 572 -35.13 4.43 13.84
CA SER A 572 -36.12 3.36 13.95
C SER A 572 -35.53 2.03 13.48
N MET A 573 -35.98 0.96 14.12
CA MET A 573 -35.62 -0.41 13.74
C MET A 573 -36.86 -1.30 13.82
N VAL A 574 -36.87 -2.35 13.03
CA VAL A 574 -37.98 -3.31 13.05
C VAL A 574 -37.46 -4.65 12.53
N GLU A 575 -37.95 -5.73 13.12
CA GLU A 575 -37.57 -7.07 12.68
C GLU A 575 -38.20 -7.35 11.33
N PHE A 576 -37.40 -7.88 10.40
CA PHE A 576 -37.82 -8.09 9.01
C PHE A 576 -37.38 -9.46 8.54
N ASN A 577 -38.25 -10.45 8.69
CA ASN A 577 -38.01 -11.79 8.16
C ASN A 577 -36.64 -12.31 8.60
N GLY A 578 -36.41 -12.29 9.90
CA GLY A 578 -35.16 -12.77 10.45
C GLY A 578 -33.99 -11.83 10.25
N LYS A 579 -34.21 -10.69 9.63
CA LYS A 579 -33.18 -9.71 9.35
C LYS A 579 -33.53 -8.44 10.12
N LEU A 580 -32.54 -7.58 10.35
CA LEU A 580 -32.75 -6.35 11.09
C LEU A 580 -32.84 -5.19 10.10
N LEU A 581 -34.01 -4.57 10.05
CA LEU A 581 -34.25 -3.39 9.23
C LEU A 581 -34.09 -2.16 10.13
N ALA A 582 -33.16 -1.29 9.77
CA ALA A 582 -32.85 -0.11 10.56
C ALA A 582 -32.75 1.09 9.63
N SER A 583 -33.13 2.24 10.14
CA SER A 583 -33.05 3.50 9.42
C SER A 583 -31.97 4.36 10.06
N ILE A 584 -30.92 4.68 9.31
CA ILE A 584 -29.85 5.55 9.78
C ILE A 584 -29.91 6.83 8.96
N ASN A 585 -30.46 7.89 9.56
CA ASN A 585 -30.64 9.17 8.88
C ASN A 585 -31.41 9.02 7.57
N SER A 586 -30.74 9.30 6.45
CA SER A 586 -31.35 9.14 5.13
C SER A 586 -31.48 7.68 4.71
N THR A 587 -30.55 6.84 5.13
CA THR A 587 -30.46 5.46 4.67
C THR A 587 -31.50 4.58 5.35
N VAL A 588 -32.07 3.65 4.58
CA VAL A 588 -32.84 2.53 5.10
C VAL A 588 -32.05 1.26 4.79
N ARG A 589 -31.63 0.54 5.82
CA ARG A 589 -30.71 -0.58 5.66
C ARG A 589 -31.31 -1.88 6.17
N LEU A 590 -30.94 -2.97 5.51
CA LEU A 590 -31.31 -4.32 5.94
C LEU A 590 -30.04 -5.08 6.32
N TYR A 591 -29.95 -5.52 7.56
CA TYR A 591 -28.80 -6.26 8.07
C TYR A 591 -29.16 -7.73 8.21
N GLU A 592 -28.20 -8.61 7.95
CA GLU A 592 -28.33 -10.03 8.26
C GLU A 592 -27.53 -10.35 9.52
N TRP A 593 -28.00 -11.36 10.25
CA TRP A 593 -27.38 -11.82 11.49
C TRP A 593 -26.62 -13.10 11.18
N THR A 594 -25.29 -13.02 11.19
CA THR A 594 -24.46 -14.11 10.73
C THR A 594 -24.35 -15.21 11.79
N THR A 595 -23.78 -16.35 11.38
CA THR A 595 -23.49 -17.41 12.33
C THR A 595 -22.40 -17.01 13.32
N GLU A 596 -21.66 -15.93 13.05
CA GLU A 596 -20.69 -15.39 13.99
C GLU A 596 -21.27 -14.34 14.92
N LYS A 597 -22.59 -14.17 14.94
CA LYS A 597 -23.25 -13.23 15.84
C LYS A 597 -22.73 -11.80 15.65
N GLU A 598 -22.75 -11.37 14.39
CA GLU A 598 -22.47 -9.98 14.01
C GLU A 598 -23.46 -9.58 12.93
N LEU A 599 -23.74 -8.28 12.85
CA LEU A 599 -24.66 -7.78 11.86
C LEU A 599 -23.91 -7.56 10.55
N ARG A 600 -24.50 -8.00 9.44
CA ARG A 600 -23.90 -7.83 8.13
C ARG A 600 -24.91 -7.17 7.21
N THR A 601 -24.49 -6.10 6.55
CA THR A 601 -25.38 -5.35 5.70
C THR A 601 -25.71 -6.14 4.44
N GLU A 602 -26.99 -6.21 4.10
CA GLU A 602 -27.40 -6.79 2.82
C GLU A 602 -27.66 -5.73 1.77
N CYS A 603 -28.51 -4.74 2.06
CA CYS A 603 -28.90 -3.75 1.05
C CYS A 603 -29.33 -2.45 1.72
N ASN A 604 -29.37 -1.38 0.93
CA ASN A 604 -29.66 -0.04 1.44
C ASN A 604 -30.63 0.68 0.53
N HIS A 605 -31.37 1.64 1.10
CA HIS A 605 -32.15 2.58 0.31
C HIS A 605 -31.80 3.99 0.74
N TYR A 606 -31.54 4.87 -0.23
CA TYR A 606 -31.00 6.20 0.08
C TYR A 606 -31.89 7.38 -0.29
N ASN A 607 -33.01 7.17 -0.98
CA ASN A 607 -33.84 8.30 -1.42
C ASN A 607 -34.79 8.72 -0.30
N ASN A 608 -34.18 9.22 0.78
CA ASN A 608 -34.91 9.76 1.92
C ASN A 608 -34.14 10.94 2.50
N ILE A 609 -34.89 11.88 3.06
CA ILE A 609 -34.28 12.99 3.78
C ILE A 609 -33.93 12.58 5.21
N MET A 610 -34.92 12.11 5.94
CA MET A 610 -34.73 11.58 7.29
C MET A 610 -35.73 10.44 7.46
N ALA A 611 -35.21 9.21 7.53
CA ALA A 611 -36.07 8.03 7.67
C ALA A 611 -36.46 7.89 9.13
N LEU A 612 -37.48 8.65 9.52
CA LEU A 612 -37.83 8.70 10.94
C LEU A 612 -38.59 7.46 11.39
N TYR A 613 -39.44 6.89 10.55
CA TYR A 613 -40.36 5.84 11.00
C TYR A 613 -40.36 4.68 10.00
N LEU A 614 -40.42 3.46 10.55
CA LEU A 614 -40.45 2.24 9.75
C LEU A 614 -41.56 1.32 10.26
N LYS A 615 -42.28 0.71 9.31
CA LYS A 615 -43.25 -0.34 9.53
C LYS A 615 -43.12 -1.34 8.38
N THR A 616 -43.38 -2.61 8.68
CA THR A 616 -43.23 -3.65 7.66
C THR A 616 -44.43 -4.59 7.64
N LYS A 617 -44.68 -5.19 6.48
CA LYS A 617 -45.68 -6.26 6.33
C LYS A 617 -45.25 -7.12 5.15
N GLY A 618 -44.93 -8.38 5.42
CA GLY A 618 -44.42 -9.25 4.35
C GLY A 618 -43.05 -8.77 3.92
N ASP A 619 -42.88 -8.61 2.61
CA ASP A 619 -41.65 -8.06 2.06
C ASP A 619 -41.77 -6.57 1.76
N PHE A 620 -42.84 -5.92 2.22
CA PHE A 620 -43.10 -4.51 1.99
C PHE A 620 -42.72 -3.71 3.23
N ILE A 621 -42.11 -2.54 3.01
CA ILE A 621 -41.65 -1.65 4.07
C ILE A 621 -42.25 -0.27 3.83
N LEU A 622 -42.84 0.32 4.87
CA LEU A 622 -43.35 1.68 4.81
C LEU A 622 -42.42 2.61 5.58
N VAL A 623 -41.96 3.67 4.92
CA VAL A 623 -40.99 4.61 5.47
C VAL A 623 -41.68 5.95 5.68
N GLY A 624 -41.49 6.53 6.86
CA GLY A 624 -41.98 7.88 7.15
C GLY A 624 -40.81 8.85 7.20
N ASP A 625 -40.98 9.97 6.50
CA ASP A 625 -39.90 10.94 6.29
C ASP A 625 -40.26 12.23 7.01
N LEU A 626 -39.22 13.00 7.34
CA LEU A 626 -39.46 14.25 8.07
C LEU A 626 -40.33 15.21 7.28
N MET A 627 -40.19 15.24 5.96
CA MET A 627 -40.87 16.23 5.14
C MET A 627 -41.37 15.71 3.82
N ARG A 628 -41.23 14.42 3.54
CA ARG A 628 -41.59 13.84 2.24
C ARG A 628 -42.72 12.83 2.36
N SER A 629 -43.43 12.82 3.48
CA SER A 629 -44.60 11.96 3.69
C SER A 629 -44.15 10.50 3.76
N VAL A 630 -44.78 9.60 3.00
CA VAL A 630 -44.56 8.17 3.15
C VAL A 630 -44.14 7.56 1.81
N LEU A 631 -43.27 6.55 1.91
CA LEU A 631 -42.73 5.80 0.77
C LEU A 631 -42.94 4.32 0.98
N LEU A 632 -43.44 3.62 -0.04
CA LEU A 632 -43.60 2.16 0.03
C LEU A 632 -42.44 1.48 -0.70
N LEU A 633 -41.56 0.84 0.06
CA LEU A 633 -40.44 0.04 -0.43
C LEU A 633 -40.79 -1.44 -0.43
N ALA A 634 -40.05 -2.21 -1.23
CA ALA A 634 -40.15 -3.66 -1.18
C ALA A 634 -38.76 -4.28 -1.26
N TYR A 635 -38.61 -5.41 -0.56
CA TYR A 635 -37.41 -6.23 -0.62
C TYR A 635 -37.61 -7.27 -1.71
N LYS A 636 -36.74 -7.26 -2.73
CA LYS A 636 -36.88 -8.23 -3.80
C LYS A 636 -35.97 -9.39 -3.50
N PRO A 637 -36.45 -10.48 -2.88
CA PRO A 637 -35.52 -11.53 -2.42
C PRO A 637 -34.71 -12.15 -3.55
N MET A 638 -35.27 -12.21 -4.76
CA MET A 638 -34.54 -12.79 -5.88
C MET A 638 -33.26 -12.02 -6.13
N GLU A 639 -33.25 -10.72 -5.83
CA GLU A 639 -32.14 -9.84 -6.15
C GLU A 639 -31.30 -9.39 -4.97
N GLY A 640 -31.85 -9.42 -3.75
CA GLY A 640 -31.12 -8.97 -2.58
C GLY A 640 -30.96 -7.46 -2.47
N ASN A 641 -31.99 -6.71 -2.84
CA ASN A 641 -31.95 -5.25 -2.82
C ASN A 641 -33.35 -4.72 -2.47
N PHE A 642 -33.52 -3.40 -2.58
CA PHE A 642 -34.80 -2.74 -2.35
C PHE A 642 -35.36 -2.18 -3.65
N GLU A 643 -36.69 -2.04 -3.70
CA GLU A 643 -37.33 -1.38 -4.83
C GLU A 643 -38.42 -0.44 -4.32
N GLU A 644 -38.48 0.77 -4.89
CA GLU A 644 -39.50 1.74 -4.54
C GLU A 644 -40.81 1.35 -5.22
N ILE A 645 -41.82 0.94 -4.44
CA ILE A 645 -43.11 0.62 -5.04
C ILE A 645 -43.89 1.90 -5.32
N ALA A 646 -44.01 2.77 -4.33
CA ALA A 646 -44.84 3.97 -4.47
C ALA A 646 -44.47 4.98 -3.39
N ARG A 647 -44.56 6.26 -3.74
CA ARG A 647 -44.27 7.36 -2.84
C ARG A 647 -45.46 8.32 -2.82
N ASP A 648 -45.67 8.96 -1.67
CA ASP A 648 -46.66 10.02 -1.55
C ASP A 648 -45.95 11.34 -1.85
N PHE A 649 -46.27 11.95 -2.98
CA PHE A 649 -45.55 13.16 -3.38
C PHE A 649 -46.09 14.41 -2.71
N ASN A 650 -47.26 14.36 -2.10
CA ASN A 650 -47.77 15.50 -1.32
C ASN A 650 -46.88 15.71 -0.10
N PRO A 651 -46.42 16.94 0.16
CA PRO A 651 -45.44 17.12 1.26
C PRO A 651 -46.16 17.16 2.59
N ASN A 652 -45.77 16.25 3.50
CA ASN A 652 -46.25 16.28 4.87
C ASN A 652 -45.11 15.92 5.82
N TRP A 653 -45.22 16.46 7.03
CA TRP A 653 -44.30 16.17 8.14
C TRP A 653 -44.91 15.11 9.05
N MET A 654 -44.26 13.96 9.14
CA MET A 654 -44.85 12.79 9.79
C MET A 654 -44.53 12.77 11.27
N SER A 655 -45.51 12.32 12.07
CA SER A 655 -45.28 12.01 13.48
C SER A 655 -45.37 10.52 13.81
N ALA A 656 -46.09 9.76 13.01
CA ALA A 656 -46.20 8.32 13.16
C ALA A 656 -46.85 7.76 11.90
N VAL A 657 -46.56 6.49 11.62
CA VAL A 657 -47.16 5.80 10.48
C VAL A 657 -47.58 4.41 10.89
N GLU A 658 -48.48 3.83 10.11
CA GLU A 658 -48.90 2.45 10.31
C GLU A 658 -49.44 1.90 9.00
N ILE A 659 -49.28 0.58 8.83
CA ILE A 659 -49.81 -0.13 7.69
C ILE A 659 -51.17 -0.69 8.08
N LEU A 660 -52.20 -0.35 7.30
CA LEU A 660 -53.54 -0.88 7.55
C LEU A 660 -53.73 -2.21 6.84
N ASP A 661 -53.35 -2.28 5.56
CA ASP A 661 -53.42 -3.52 4.79
C ASP A 661 -52.46 -3.37 3.61
N ASP A 662 -52.45 -4.38 2.74
CA ASP A 662 -51.43 -4.42 1.70
C ASP A 662 -51.48 -3.23 0.76
N ASP A 663 -52.60 -2.50 0.73
CA ASP A 663 -52.75 -1.35 -0.15
C ASP A 663 -52.95 -0.02 0.55
N ASN A 664 -53.47 -0.01 1.78
CA ASN A 664 -53.78 1.22 2.50
C ASN A 664 -52.75 1.49 3.58
N PHE A 665 -52.35 2.75 3.72
CA PHE A 665 -51.32 3.15 4.67
C PHE A 665 -51.77 4.38 5.44
N LEU A 666 -51.57 4.37 6.75
CA LEU A 666 -52.06 5.40 7.64
C LEU A 666 -50.92 6.26 8.14
N GLY A 667 -51.15 7.57 8.19
CA GLY A 667 -50.14 8.52 8.61
C GLY A 667 -50.73 9.58 9.50
N ALA A 668 -49.85 10.21 10.28
CA ALA A 668 -50.24 11.27 11.21
C ALA A 668 -49.33 12.47 10.98
N GLU A 669 -49.91 13.66 10.86
CA GLU A 669 -49.17 14.86 10.52
C GLU A 669 -48.93 15.63 11.81
N ASN A 670 -47.90 16.47 11.82
CA ASN A 670 -47.61 17.28 12.99
C ASN A 670 -48.60 18.40 13.22
N ALA A 671 -49.50 18.63 12.27
CA ALA A 671 -50.56 19.62 12.40
C ALA A 671 -51.82 19.05 13.04
N PHE A 672 -51.73 17.87 13.64
CA PHE A 672 -52.86 17.19 14.29
C PHE A 672 -53.86 16.63 13.26
N ASN A 673 -53.34 16.17 12.12
CA ASN A 673 -54.14 15.59 11.04
C ASN A 673 -53.76 14.14 10.75
N LEU A 674 -54.73 13.39 10.25
CA LEU A 674 -54.56 12.00 9.81
C LEU A 674 -54.86 11.84 8.33
N PHE A 675 -54.12 10.96 7.65
CA PHE A 675 -54.40 10.66 6.25
C PHE A 675 -54.08 9.20 5.91
N VAL A 676 -54.74 8.69 4.86
CA VAL A 676 -54.57 7.34 4.36
C VAL A 676 -54.18 7.43 2.88
N CYS A 677 -53.12 6.72 2.52
CA CYS A 677 -52.61 6.64 1.16
C CYS A 677 -52.78 5.23 0.62
N GLN A 678 -53.04 5.12 -0.68
CA GLN A 678 -53.23 3.80 -1.29
C GLN A 678 -52.51 3.70 -2.62
N LYS A 679 -52.04 2.49 -2.92
CA LYS A 679 -51.52 2.21 -4.26
C LYS A 679 -52.61 2.48 -5.29
N ASP A 680 -52.28 3.25 -6.32
CA ASP A 680 -53.33 3.70 -7.24
C ASP A 680 -53.95 2.54 -8.00
N SER A 681 -53.42 1.33 -7.83
CA SER A 681 -53.98 0.10 -8.38
C SER A 681 -54.35 0.13 -9.86
N ALA A 682 -53.87 1.12 -10.60
CA ALA A 682 -54.10 1.23 -12.03
C ALA A 682 -52.74 0.95 -12.67
N ALA A 683 -52.63 -0.18 -13.36
CA ALA A 683 -51.36 -0.62 -13.93
C ALA A 683 -51.15 -0.15 -15.36
N THR A 684 -51.97 0.76 -15.87
CA THR A 684 -51.79 1.26 -17.22
C THR A 684 -50.38 1.83 -17.41
N THR A 685 -49.99 2.76 -16.54
CA THR A 685 -48.67 3.38 -16.57
C THR A 685 -47.90 3.06 -15.28
N ASP A 686 -46.56 3.01 -15.39
CA ASP A 686 -45.74 2.89 -14.18
C ASP A 686 -45.91 4.08 -13.24
N GLU A 687 -46.12 5.27 -13.80
CA GLU A 687 -46.26 6.50 -13.04
C GLU A 687 -47.45 6.45 -12.11
N GLU A 688 -48.51 5.76 -12.53
CA GLU A 688 -49.68 5.61 -11.68
C GLU A 688 -49.37 4.72 -10.47
N ARG A 689 -48.66 3.62 -10.69
CA ARG A 689 -48.33 2.73 -9.59
C ARG A 689 -47.38 3.39 -8.60
N GLN A 690 -46.54 4.30 -9.08
CA GLN A 690 -45.60 5.00 -8.22
C GLN A 690 -46.25 6.13 -7.46
N HIS A 691 -47.48 6.48 -7.79
CA HIS A 691 -48.19 7.55 -7.13
C HIS A 691 -49.14 6.96 -6.10
N LEU A 692 -48.88 7.26 -4.83
CA LEU A 692 -49.85 6.96 -3.79
C LEU A 692 -50.88 8.08 -3.74
N GLN A 693 -52.16 7.73 -3.82
CA GLN A 693 -53.22 8.73 -3.85
C GLN A 693 -53.72 8.88 -2.42
N GLU A 694 -53.60 10.08 -1.87
CA GLU A 694 -54.11 10.35 -0.54
C GLU A 694 -55.63 10.22 -0.60
N VAL A 695 -56.16 9.10 -0.11
CA VAL A 695 -57.59 8.82 -0.25
C VAL A 695 -58.37 9.24 0.98
N GLY A 696 -57.74 9.34 2.15
CA GLY A 696 -58.39 9.77 3.37
C GLY A 696 -57.70 11.00 3.95
N LEU A 697 -58.51 11.94 4.41
CA LEU A 697 -58.01 13.15 5.08
C LEU A 697 -58.90 13.38 6.30
N PHE A 698 -58.30 13.65 7.46
CA PHE A 698 -59.06 13.80 8.69
C PHE A 698 -58.27 14.62 9.69
N HIS A 699 -58.90 15.66 10.23
CA HIS A 699 -58.30 16.44 11.31
C HIS A 699 -58.64 15.76 12.63
N LEU A 700 -57.62 15.19 13.28
CA LEU A 700 -57.84 14.48 14.53
C LEU A 700 -57.95 15.44 15.71
N GLY A 701 -57.08 16.45 15.76
CA GLY A 701 -57.02 17.35 16.90
C GLY A 701 -56.05 16.94 17.99
N GLU A 702 -55.33 15.85 17.80
CA GLU A 702 -54.36 15.35 18.77
C GLU A 702 -53.06 15.03 18.04
N PHE A 703 -51.99 14.88 18.82
CA PHE A 703 -50.67 14.58 18.30
C PHE A 703 -50.42 13.10 18.51
N VAL A 704 -50.38 12.33 17.43
CA VAL A 704 -50.23 10.89 17.50
C VAL A 704 -48.74 10.56 17.45
N ASN A 705 -48.22 9.96 18.52
CA ASN A 705 -46.83 9.51 18.53
C ASN A 705 -46.67 8.05 18.13
N VAL A 706 -47.62 7.18 18.44
CA VAL A 706 -47.43 5.74 18.29
C VAL A 706 -48.72 5.12 17.76
N PHE A 707 -48.62 4.44 16.61
CA PHE A 707 -49.64 3.55 16.11
C PHE A 707 -49.26 2.12 16.51
N CYS A 708 -50.25 1.32 16.87
CA CYS A 708 -49.99 -0.03 17.40
C CYS A 708 -51.19 -0.92 17.10
N HIS A 709 -50.96 -2.01 16.36
CA HIS A 709 -52.03 -2.95 16.07
C HIS A 709 -52.47 -3.66 17.36
N GLY A 710 -53.78 -3.76 17.56
CA GLY A 710 -54.30 -4.47 18.71
C GLY A 710 -55.62 -3.89 19.16
N SER A 711 -56.25 -4.60 20.09
CA SER A 711 -57.50 -4.15 20.70
C SER A 711 -57.54 -4.52 22.17
N LEU A 712 -58.22 -3.68 22.95
CA LEU A 712 -58.36 -3.88 24.39
C LEU A 712 -59.56 -4.73 24.78
N VAL A 713 -60.52 -4.95 23.86
CA VAL A 713 -61.69 -5.77 24.17
C VAL A 713 -61.35 -7.25 24.04
N MET A 714 -62.05 -8.07 24.83
CA MET A 714 -61.83 -9.52 24.87
C MET A 714 -62.76 -10.21 23.88
N GLN A 715 -62.38 -10.23 22.62
CA GLN A 715 -63.22 -10.79 21.57
C GLN A 715 -62.76 -12.18 21.16
N ASN A 716 -63.69 -13.13 21.22
CA ASN A 716 -63.47 -14.47 20.67
C ASN A 716 -63.66 -14.44 19.17
N LEU A 717 -64.46 -13.50 18.69
CA LEU A 717 -64.76 -13.23 17.29
C LEU A 717 -65.69 -14.34 16.80
N GLY A 718 -65.88 -15.42 17.59
CA GLY A 718 -66.91 -16.41 17.29
C GLY A 718 -68.30 -15.85 17.45
N GLU A 719 -68.49 -14.95 18.42
CA GLU A 719 -69.75 -14.24 18.56
C GLU A 719 -69.79 -13.17 17.48
N THR A 720 -70.93 -12.50 17.35
CA THR A 720 -71.08 -11.56 16.25
C THR A 720 -69.89 -10.62 16.14
N SER A 721 -69.29 -10.57 14.95
CA SER A 721 -68.19 -9.65 14.67
C SER A 721 -68.80 -8.34 14.17
N THR A 722 -68.29 -7.23 14.68
CA THR A 722 -68.77 -5.92 14.27
C THR A 722 -68.39 -5.64 12.81
N PRO A 723 -69.17 -4.82 12.11
CA PRO A 723 -68.82 -4.53 10.70
C PRO A 723 -67.39 -4.01 10.53
N THR A 724 -66.90 -3.22 11.48
CA THR A 724 -65.55 -2.69 11.39
C THR A 724 -64.56 -3.85 11.28
N GLN A 725 -63.51 -3.65 10.50
CA GLN A 725 -62.49 -4.68 10.32
C GLN A 725 -61.10 -4.08 10.48
N GLY A 726 -60.28 -4.74 11.29
CA GLY A 726 -58.95 -4.27 11.64
C GLY A 726 -58.96 -3.46 12.91
N SER A 727 -57.80 -3.38 13.55
CA SER A 727 -57.71 -2.62 14.80
C SER A 727 -56.33 -1.99 14.94
N VAL A 728 -56.29 -0.67 14.91
CA VAL A 728 -55.10 0.12 15.17
C VAL A 728 -55.39 1.05 16.34
N LEU A 729 -54.58 0.96 17.38
CA LEU A 729 -54.65 1.85 18.52
C LEU A 729 -53.57 2.92 18.38
N PHE A 730 -53.84 4.12 18.87
CA PHE A 730 -52.81 5.17 18.83
C PHE A 730 -52.83 5.98 20.12
N GLY A 731 -51.65 6.42 20.52
CA GLY A 731 -51.47 7.24 21.70
C GLY A 731 -51.04 8.64 21.31
N THR A 732 -51.44 9.63 22.10
CA THR A 732 -51.23 11.02 21.73
C THR A 732 -50.57 11.78 22.88
N VAL A 733 -50.17 13.02 22.58
CA VAL A 733 -49.45 13.83 23.55
C VAL A 733 -50.34 14.18 24.73
N ASN A 734 -51.63 14.40 24.49
CA ASN A 734 -52.54 14.81 25.55
C ASN A 734 -53.16 13.62 26.28
N GLY A 735 -52.58 12.43 26.13
CA GLY A 735 -53.07 11.24 26.79
C GLY A 735 -54.19 10.54 26.08
N MET A 736 -54.78 11.18 25.08
CA MET A 736 -55.86 10.58 24.32
C MET A 736 -55.41 9.29 23.65
N ILE A 737 -56.21 8.25 23.80
CA ILE A 737 -56.00 6.99 23.10
C ILE A 737 -57.17 6.81 22.13
N GLY A 738 -56.86 6.51 20.87
CA GLY A 738 -57.87 6.36 19.85
C GLY A 738 -57.73 5.04 19.12
N LEU A 739 -58.68 4.78 18.24
CA LEU A 739 -58.72 3.53 17.49
C LEU A 739 -59.15 3.83 16.06
N VAL A 740 -58.46 3.24 15.10
CA VAL A 740 -58.79 3.38 13.69
C VAL A 740 -59.16 2.00 13.17
N THR A 741 -60.25 1.93 12.40
CA THR A 741 -60.70 0.69 11.80
C THR A 741 -61.32 0.99 10.44
N SER A 742 -61.40 -0.04 9.60
CA SER A 742 -61.88 0.08 8.23
C SER A 742 -63.33 -0.34 8.07
N LEU A 743 -63.95 0.19 7.02
CA LEU A 743 -65.35 -0.05 6.72
C LEU A 743 -65.48 -0.56 5.29
N SER A 744 -66.63 -1.15 4.99
CA SER A 744 -67.01 -1.48 3.62
C SER A 744 -67.66 -0.25 3.00
N GLU A 745 -67.72 -0.24 1.65
CA GLU A 745 -68.32 0.93 1.01
C GLU A 745 -69.75 1.14 1.52
N SER A 746 -70.49 0.05 1.71
CA SER A 746 -71.86 0.15 2.19
C SER A 746 -71.94 0.78 3.57
N TRP A 747 -71.10 0.31 4.50
CA TRP A 747 -71.18 0.81 5.87
C TRP A 747 -70.72 2.26 5.96
N TYR A 748 -69.69 2.63 5.18
CA TYR A 748 -69.22 4.01 5.17
C TYR A 748 -70.32 4.97 4.74
N ASN A 749 -70.94 4.70 3.58
CA ASN A 749 -71.96 5.61 3.06
C ASN A 749 -73.11 5.77 4.04
N LEU A 750 -73.54 4.67 4.66
CA LEU A 750 -74.61 4.79 5.65
C LEU A 750 -74.19 5.71 6.79
N LEU A 751 -73.04 5.45 7.38
CA LEU A 751 -72.59 6.24 8.52
C LEU A 751 -72.25 7.66 8.12
N LEU A 752 -71.77 7.85 6.89
CA LEU A 752 -71.52 9.21 6.41
C LEU A 752 -72.81 9.97 6.20
N ASP A 753 -73.76 9.37 5.48
CA ASP A 753 -75.06 10.01 5.31
C ASP A 753 -75.67 10.35 6.66
N MET A 754 -75.45 9.47 7.64
CA MET A 754 -75.97 9.71 8.98
C MET A 754 -75.28 10.90 9.65
N GLN A 755 -73.96 11.01 9.50
CA GLN A 755 -73.28 12.16 10.11
C GLN A 755 -73.89 13.46 9.62
N ASN A 756 -74.09 13.58 8.30
CA ASN A 756 -74.66 14.79 7.75
C ASN A 756 -76.03 15.06 8.35
N ARG A 757 -76.78 13.99 8.63
CA ARG A 757 -78.06 14.13 9.30
C ARG A 757 -77.85 14.50 10.76
N LEU A 758 -76.88 13.85 11.42
CA LEU A 758 -76.63 14.18 12.82
C LEU A 758 -76.14 15.61 12.98
N ASN A 759 -75.33 16.10 12.05
CA ASN A 759 -74.80 17.46 12.18
C ASN A 759 -75.91 18.49 12.07
N LYS A 760 -76.97 18.20 11.32
CA LYS A 760 -78.10 19.13 11.25
C LYS A 760 -78.93 19.12 12.54
N VAL A 761 -78.92 18.02 13.27
CA VAL A 761 -79.78 17.89 14.45
C VAL A 761 -79.07 18.34 15.72
N ILE A 762 -77.79 18.01 15.87
CA ILE A 762 -77.10 18.21 17.14
C ILE A 762 -76.65 19.66 17.23
N LYS A 763 -76.81 20.25 18.42
CA LYS A 763 -76.41 21.63 18.69
C LYS A 763 -74.99 21.64 19.21
N SER A 764 -74.12 22.42 18.55
CA SER A 764 -72.72 22.49 18.93
C SER A 764 -72.48 23.60 19.92
N VAL A 765 -71.55 23.37 20.85
CA VAL A 765 -71.12 24.44 21.74
C VAL A 765 -70.33 25.45 20.94
N GLY A 766 -70.69 26.72 21.06
CA GLY A 766 -70.07 27.75 20.24
C GLY A 766 -70.57 27.80 18.82
N LYS A 767 -71.53 26.96 18.45
CA LYS A 767 -72.07 26.92 17.10
C LYS A 767 -70.94 26.72 16.08
N ILE A 768 -70.08 25.75 16.37
CA ILE A 768 -68.98 25.40 15.48
C ILE A 768 -69.45 24.30 14.53
N GLU A 769 -69.35 24.55 13.23
CA GLU A 769 -69.73 23.54 12.24
C GLU A 769 -68.83 22.31 12.36
N HIS A 770 -69.45 21.14 12.49
CA HIS A 770 -68.68 19.91 12.60
C HIS A 770 -67.81 19.68 11.37
N SER A 771 -68.36 19.95 10.18
CA SER A 771 -67.61 19.74 8.95
C SER A 771 -66.33 20.59 8.93
N PHE A 772 -66.41 21.81 9.47
CA PHE A 772 -65.23 22.67 9.55
C PHE A 772 -64.17 22.06 10.47
N TRP A 773 -64.58 21.64 11.65
CA TRP A 773 -63.67 21.11 12.66
C TRP A 773 -62.81 19.98 12.12
N ARG A 774 -63.44 19.02 11.45
CA ARG A 774 -62.71 17.86 10.95
C ARG A 774 -62.02 18.11 9.61
N SER A 775 -62.13 19.32 9.04
CA SER A 775 -61.43 19.59 7.78
C SER A 775 -59.93 19.54 8.02
N PHE A 776 -59.21 18.88 7.11
CA PHE A 776 -57.76 18.86 7.13
C PHE A 776 -57.25 20.29 7.22
N HIS A 777 -56.30 20.54 8.12
CA HIS A 777 -55.84 21.92 8.33
C HIS A 777 -54.36 21.96 8.64
N THR A 778 -53.63 22.66 7.79
CA THR A 778 -52.29 23.18 8.01
C THR A 778 -52.40 24.69 7.99
N GLU A 779 -51.34 25.40 8.37
CA GLU A 779 -51.38 26.84 8.19
C GLU A 779 -51.64 27.21 6.74
N ARG A 780 -51.14 26.39 5.82
CA ARG A 780 -51.21 26.68 4.40
C ARG A 780 -52.48 26.18 3.74
N LYS A 781 -53.05 25.07 4.21
CA LYS A 781 -54.18 24.44 3.52
C LYS A 781 -55.34 24.14 4.45
N THR A 782 -56.52 24.04 3.83
CA THR A 782 -57.72 23.53 4.48
C THR A 782 -58.51 22.73 3.45
N GLU A 783 -58.75 21.45 3.73
CA GLU A 783 -59.47 20.56 2.85
C GLU A 783 -60.62 19.92 3.60
N PRO A 784 -61.73 19.61 2.92
CA PRO A 784 -62.80 18.87 3.60
C PRO A 784 -62.33 17.45 3.90
N ALA A 785 -62.79 16.92 5.03
CA ALA A 785 -62.43 15.57 5.42
C ALA A 785 -62.92 14.57 4.38
N THR A 786 -62.23 13.44 4.27
CA THR A 786 -62.65 12.41 3.34
C THR A 786 -62.17 11.04 3.80
N GLY A 787 -63.04 10.04 3.59
CA GLY A 787 -62.70 8.66 3.87
C GLY A 787 -62.76 8.25 5.32
N PHE A 788 -63.21 9.13 6.21
CA PHE A 788 -63.17 8.88 7.64
C PHE A 788 -64.53 9.17 8.24
N ILE A 789 -64.97 8.29 9.12
CA ILE A 789 -66.20 8.46 9.88
C ILE A 789 -65.84 8.91 11.28
N ASP A 790 -66.33 10.08 11.69
CA ASP A 790 -66.08 10.52 13.05
C ASP A 790 -66.91 9.66 14.00
N GLY A 791 -66.32 8.57 14.49
CA GLY A 791 -67.06 7.65 15.33
C GLY A 791 -67.64 8.32 16.56
N ASP A 792 -66.94 9.34 17.08
CA ASP A 792 -67.44 10.04 18.26
C ASP A 792 -68.73 10.80 17.93
N LEU A 793 -68.90 11.23 16.68
CA LEU A 793 -70.18 11.79 16.28
C LEU A 793 -71.23 10.70 16.15
N ILE A 794 -70.87 9.58 15.51
CA ILE A 794 -71.81 8.46 15.37
C ILE A 794 -72.24 7.95 16.73
N GLU A 795 -71.31 7.80 17.67
CA GLU A 795 -71.67 7.28 18.99
C GLU A 795 -72.51 8.24 19.81
N SER A 796 -72.70 9.49 19.35
CA SER A 796 -73.55 10.44 20.05
C SER A 796 -75.03 10.28 19.71
N PHE A 797 -75.36 9.47 18.71
CA PHE A 797 -76.77 9.20 18.40
C PHE A 797 -77.49 8.62 19.61
N LEU A 798 -76.78 7.80 20.40
CA LEU A 798 -77.39 7.13 21.55
C LEU A 798 -77.62 8.09 22.73
N ASP A 799 -77.18 9.34 22.64
CA ASP A 799 -77.37 10.30 23.72
C ASP A 799 -78.35 11.42 23.37
N ILE A 800 -78.81 11.52 22.13
CA ILE A 800 -79.75 12.57 21.74
C ILE A 800 -81.18 12.14 22.06
N SER A 801 -82.06 13.12 22.22
CA SER A 801 -83.41 12.85 22.69
C SER A 801 -84.15 11.95 21.70
N ARG A 802 -85.10 11.16 22.23
CA ARG A 802 -85.89 10.29 21.35
C ARG A 802 -86.58 11.09 20.26
N PRO A 803 -87.15 12.27 20.54
CA PRO A 803 -87.67 13.10 19.43
C PRO A 803 -86.61 13.38 18.38
N LYS A 804 -85.41 13.73 18.83
CA LYS A 804 -84.31 14.05 17.92
C LYS A 804 -83.88 12.83 17.12
N MET A 805 -83.88 11.66 17.75
CA MET A 805 -83.49 10.44 17.04
C MET A 805 -84.35 10.21 15.81
N GLN A 806 -85.67 10.34 15.96
CA GLN A 806 -86.58 10.10 14.85
C GLN A 806 -86.35 11.10 13.73
N GLU A 807 -86.03 12.35 14.09
CA GLU A 807 -85.73 13.36 13.09
C GLU A 807 -84.53 12.95 12.25
N VAL A 808 -83.55 12.30 12.87
CA VAL A 808 -82.33 11.90 12.16
C VAL A 808 -82.63 10.81 11.15
N VAL A 809 -83.48 9.84 11.50
CA VAL A 809 -83.67 8.64 10.69
C VAL A 809 -84.70 8.82 9.57
N ALA A 810 -85.26 10.01 9.40
CA ALA A 810 -86.28 10.24 8.39
C ALA A 810 -85.75 10.11 6.95
N ASN A 811 -86.55 9.49 6.10
CA ASN A 811 -86.28 9.40 4.67
C ASN A 811 -84.96 8.69 4.35
N LEU A 812 -84.57 7.75 5.21
CA LEU A 812 -83.31 7.03 5.06
C LEU A 812 -83.50 5.71 4.34
N GLN A 813 -82.70 5.46 3.31
CA GLN A 813 -82.63 4.15 2.64
C GLN A 813 -81.19 3.64 2.60
N TYR A 814 -81.04 2.31 2.69
CA TYR A 814 -79.74 1.66 2.63
C TYR A 814 -79.32 1.36 1.19
N ASP A 815 -78.09 0.85 1.02
CA ASP A 815 -77.61 0.39 -0.28
C ASP A 815 -76.88 -0.95 -0.15
N ASP A 816 -77.30 -1.77 0.79
CA ASP A 816 -76.62 -3.04 1.07
C ASP A 816 -77.29 -4.14 0.25
N GLY A 817 -76.49 -5.07 -0.25
CA GLY A 817 -77.02 -6.05 -1.19
C GLY A 817 -78.01 -7.02 -0.58
N SER A 818 -77.92 -7.28 0.72
CA SER A 818 -78.89 -8.15 1.38
C SER A 818 -80.26 -7.47 1.46
N GLY A 819 -80.30 -6.23 1.95
CA GLY A 819 -81.51 -5.42 1.94
C GLY A 819 -81.37 -4.33 0.89
N MET A 820 -81.95 -4.53 -0.29
CA MET A 820 -81.70 -3.64 -1.43
C MET A 820 -81.81 -2.17 -1.05
N LYS A 821 -82.90 -1.79 -0.38
CA LYS A 821 -83.05 -0.41 0.09
C LYS A 821 -83.87 -0.51 1.37
N ARG A 822 -83.30 -0.12 2.52
CA ARG A 822 -83.96 -0.40 3.80
C ARG A 822 -84.17 0.89 4.58
N GLU A 823 -85.44 1.32 4.67
CA GLU A 823 -85.79 2.48 5.48
C GLU A 823 -85.52 2.19 6.95
N ALA A 824 -85.00 3.20 7.66
CA ALA A 824 -84.56 3.02 9.03
C ALA A 824 -85.54 3.56 10.08
N THR A 825 -85.56 2.88 11.23
CA THR A 825 -86.27 3.33 12.42
C THR A 825 -85.21 3.72 13.44
N ALA A 826 -85.63 4.47 14.47
CA ALA A 826 -84.68 4.87 15.50
C ALA A 826 -84.11 3.66 16.23
N ASP A 827 -84.96 2.69 16.55
CA ASP A 827 -84.50 1.50 17.26
C ASP A 827 -83.57 0.65 16.41
N ASP A 828 -83.75 0.64 15.08
CA ASP A 828 -82.82 -0.08 14.22
C ASP A 828 -81.40 0.50 14.32
N LEU A 829 -81.30 1.83 14.31
CA LEU A 829 -79.98 2.46 14.36
C LEU A 829 -79.40 2.39 15.76
N ILE A 830 -80.26 2.45 16.79
CA ILE A 830 -79.76 2.26 18.15
C ILE A 830 -78.98 0.96 18.26
N LYS A 831 -79.40 -0.07 17.52
CA LYS A 831 -78.67 -1.33 17.53
C LYS A 831 -77.37 -1.25 16.75
N VAL A 832 -77.37 -0.54 15.63
CA VAL A 832 -76.14 -0.47 14.82
C VAL A 832 -75.05 0.28 15.59
N VAL A 833 -75.40 1.41 16.24
CA VAL A 833 -74.40 2.16 16.98
C VAL A 833 -73.94 1.37 18.20
N GLU A 834 -74.88 0.74 18.93
CA GLU A 834 -74.48 -0.04 20.09
C GLU A 834 -73.49 -1.15 19.72
N GLU A 835 -73.63 -1.73 18.52
CA GLU A 835 -72.63 -2.69 18.05
C GLU A 835 -71.28 -2.01 17.85
N LEU A 836 -71.30 -0.76 17.37
CA LEU A 836 -70.05 -0.05 17.12
C LEU A 836 -69.36 0.37 18.41
N THR A 837 -70.12 0.59 19.49
CA THR A 837 -69.49 0.94 20.76
C THR A 837 -68.76 -0.23 21.40
N ARG A 838 -68.94 -1.44 20.87
CA ARG A 838 -68.32 -2.65 21.40
C ARG A 838 -66.90 -2.87 20.89
N ILE A 839 -66.43 -2.09 19.92
CA ILE A 839 -65.04 -2.23 19.47
C ILE A 839 -64.06 -1.68 20.49
N HIS A 840 -64.51 -0.86 21.41
CA HIS A 840 -63.67 -0.36 22.50
C HIS A 840 -64.33 -0.37 23.87
N THR B 7 -16.79 14.09 -27.19
CA THR B 7 -16.64 15.32 -26.42
C THR B 7 -17.84 15.53 -25.49
N GLU B 8 -17.74 16.58 -24.65
CA GLU B 8 -18.80 16.90 -23.71
C GLU B 8 -20.08 17.36 -24.38
N SER B 9 -20.01 17.73 -25.66
CA SER B 9 -21.12 18.38 -26.34
C SER B 9 -22.01 17.41 -27.12
N ASP B 10 -21.57 16.16 -27.31
CA ASP B 10 -22.31 15.19 -28.12
C ASP B 10 -23.37 14.54 -27.24
N TRP B 11 -24.47 15.25 -27.08
CA TRP B 11 -25.59 14.79 -26.26
C TRP B 11 -26.43 13.77 -27.00
N GLY B 12 -27.26 13.05 -26.26
CA GLY B 12 -28.16 12.09 -26.83
C GLY B 12 -27.57 10.72 -27.10
N LYS B 13 -26.28 10.54 -26.92
CA LYS B 13 -25.62 9.25 -27.13
C LYS B 13 -25.29 8.53 -25.84
N ARG B 14 -24.78 9.22 -24.82
CA ARG B 14 -24.38 8.53 -23.60
C ARG B 14 -25.59 7.82 -23.00
N CYS B 15 -25.38 6.63 -22.46
CA CYS B 15 -26.47 5.81 -21.95
C CYS B 15 -26.74 6.13 -20.48
N VAL B 16 -27.99 5.94 -20.07
CA VAL B 16 -28.36 6.13 -18.67
C VAL B 16 -27.74 5.09 -17.76
N ASP B 17 -27.08 4.07 -18.33
CA ASP B 17 -26.35 3.11 -17.51
C ASP B 17 -25.39 3.83 -16.56
N LYS B 18 -24.90 5.00 -16.99
CA LYS B 18 -23.86 5.71 -16.28
C LYS B 18 -24.35 6.34 -14.99
N PHE B 19 -25.61 6.16 -14.62
CA PHE B 19 -26.17 6.68 -13.38
C PHE B 19 -26.80 5.55 -12.59
N ASP B 20 -26.53 5.55 -11.29
CA ASP B 20 -27.21 4.67 -10.35
C ASP B 20 -28.47 5.40 -9.88
N ILE B 21 -29.63 4.89 -10.24
CA ILE B 21 -30.88 5.56 -9.87
C ILE B 21 -31.11 5.38 -8.38
N ILE B 22 -31.30 6.48 -7.66
CA ILE B 22 -31.48 6.39 -6.23
C ILE B 22 -32.98 6.36 -5.87
N GLY B 23 -33.83 7.01 -6.66
CA GLY B 23 -35.25 7.00 -6.39
C GLY B 23 -35.94 8.03 -7.27
N ILE B 24 -37.24 8.15 -7.04
CA ILE B 24 -38.07 9.09 -7.79
C ILE B 24 -38.30 10.31 -6.89
N ILE B 25 -37.70 11.44 -7.26
CA ILE B 25 -37.81 12.67 -6.47
C ILE B 25 -39.13 13.37 -6.77
N GLY B 26 -39.62 13.29 -8.00
CA GLY B 26 -40.86 13.95 -8.33
C GLY B 26 -41.45 13.37 -9.60
N GLU B 27 -42.70 13.77 -9.85
CA GLU B 27 -43.39 13.45 -11.08
C GLU B 27 -43.49 14.72 -11.92
N GLY B 28 -43.08 14.61 -13.18
CA GLY B 28 -43.05 15.76 -14.07
C GLY B 28 -44.17 15.74 -15.11
N THR B 29 -44.13 16.75 -15.96
CA THR B 29 -45.16 16.90 -16.98
C THR B 29 -45.08 15.80 -18.03
N TYR B 30 -43.86 15.51 -18.50
CA TYR B 30 -43.64 14.56 -19.58
C TYR B 30 -43.09 13.22 -19.10
N GLY B 31 -42.66 13.12 -17.86
CA GLY B 31 -42.23 11.85 -17.29
C GLY B 31 -42.07 12.01 -15.80
N GLN B 32 -41.53 10.98 -15.17
CA GLN B 32 -41.27 11.00 -13.74
C GLN B 32 -39.81 11.37 -13.55
N VAL B 33 -39.53 12.17 -12.51
CA VAL B 33 -38.18 12.69 -12.27
C VAL B 33 -37.50 11.83 -11.23
N TYR B 34 -36.30 11.36 -11.56
CA TYR B 34 -35.52 10.48 -10.70
C TYR B 34 -34.27 11.19 -10.19
N LYS B 35 -33.83 10.78 -9.01
CA LYS B 35 -32.55 11.22 -8.43
C LYS B 35 -31.52 10.14 -8.68
N ALA B 36 -30.34 10.54 -9.15
CA ALA B 36 -29.34 9.57 -9.56
C ALA B 36 -27.94 10.06 -9.19
N LYS B 37 -27.05 9.10 -8.95
CA LYS B 37 -25.64 9.35 -8.70
C LYS B 37 -24.87 8.97 -9.96
N ASP B 38 -23.97 9.85 -10.39
CA ASP B 38 -23.11 9.56 -11.54
C ASP B 38 -22.08 8.50 -11.14
N LYS B 39 -22.00 7.43 -11.92
CA LYS B 39 -21.11 6.34 -11.54
C LYS B 39 -19.63 6.74 -11.64
N ASP B 40 -19.30 7.68 -12.53
CA ASP B 40 -17.91 8.01 -12.77
C ASP B 40 -17.40 9.09 -11.81
N THR B 41 -18.21 10.09 -11.51
CA THR B 41 -17.80 11.21 -10.69
C THR B 41 -18.40 11.21 -9.30
N GLY B 42 -19.51 10.52 -9.08
CA GLY B 42 -20.18 10.53 -7.81
C GLY B 42 -21.15 11.68 -7.63
N GLU B 43 -21.18 12.61 -8.57
CA GLU B 43 -22.08 13.75 -8.46
C GLU B 43 -23.53 13.28 -8.51
N LEU B 44 -24.35 13.87 -7.65
CA LEU B 44 -25.78 13.60 -7.63
C LEU B 44 -26.45 14.48 -8.68
N VAL B 45 -27.35 13.89 -9.46
CA VAL B 45 -28.03 14.58 -10.53
C VAL B 45 -29.52 14.29 -10.44
N ALA B 46 -30.28 14.98 -11.28
CA ALA B 46 -31.71 14.78 -11.40
C ALA B 46 -32.01 14.45 -12.85
N LEU B 47 -32.72 13.35 -13.08
CA LEU B 47 -33.02 12.87 -14.42
C LEU B 47 -34.51 13.03 -14.66
N LYS B 48 -34.86 13.74 -15.74
CA LYS B 48 -36.23 13.90 -16.18
C LYS B 48 -36.46 13.00 -17.39
N LYS B 49 -37.41 12.07 -17.28
CA LYS B 49 -37.67 11.12 -18.34
C LYS B 49 -38.58 11.73 -19.40
N VAL B 50 -38.12 11.69 -20.64
CA VAL B 50 -38.93 12.11 -21.77
C VAL B 50 -39.44 10.88 -22.50
N ARG B 51 -40.75 10.71 -22.54
CA ARG B 51 -41.36 9.58 -23.22
C ARG B 51 -41.78 10.11 -24.59
N LEU B 52 -41.11 9.63 -25.64
CA LEU B 52 -41.52 9.92 -27.00
C LEU B 52 -42.41 8.81 -27.56
N ASP B 53 -42.72 7.80 -26.75
CA ASP B 53 -43.57 6.70 -27.20
C ASP B 53 -44.99 7.15 -27.46
N ASN B 54 -45.37 8.37 -27.05
CA ASN B 54 -46.76 8.78 -27.23
C ASN B 54 -47.18 8.76 -28.70
N GLU B 55 -46.28 9.18 -29.58
CA GLU B 55 -46.49 9.08 -31.03
C GLU B 55 -47.56 10.01 -31.57
N LYS B 56 -48.32 10.68 -30.70
CA LYS B 56 -49.30 11.63 -31.20
C LYS B 56 -48.62 12.87 -31.80
N GLU B 57 -47.62 13.41 -31.09
CA GLU B 57 -46.85 14.54 -31.58
C GLU B 57 -45.37 14.45 -31.25
N GLY B 58 -44.86 13.23 -31.04
CA GLY B 58 -43.43 13.03 -30.90
C GLY B 58 -42.87 13.63 -29.63
N PHE B 59 -41.65 14.15 -29.73
CA PHE B 59 -40.94 14.68 -28.57
C PHE B 59 -41.80 15.79 -27.96
N PRO B 60 -42.08 15.76 -26.65
CA PRO B 60 -42.93 16.81 -26.06
C PRO B 60 -42.30 18.18 -26.26
N ILE B 61 -43.14 19.16 -26.61
CA ILE B 61 -42.63 20.51 -26.81
C ILE B 61 -42.22 21.14 -25.48
N THR B 62 -42.83 20.71 -24.37
CA THR B 62 -42.44 21.25 -23.08
C THR B 62 -40.97 20.93 -22.78
N ALA B 63 -40.51 19.75 -23.19
CA ALA B 63 -39.11 19.40 -23.00
C ALA B 63 -38.23 20.14 -24.02
N ILE B 64 -38.72 20.28 -25.25
CA ILE B 64 -37.97 21.01 -26.27
C ILE B 64 -37.66 22.42 -25.78
N ARG B 65 -38.64 23.09 -25.17
CA ARG B 65 -38.41 24.43 -24.63
C ARG B 65 -37.31 24.43 -23.57
N GLU B 66 -37.27 23.40 -22.72
CA GLU B 66 -36.30 23.37 -21.64
C GLU B 66 -34.91 23.01 -22.15
N ILE B 67 -34.82 22.22 -23.22
CA ILE B 67 -33.52 21.92 -23.81
C ILE B 67 -33.00 23.12 -24.61
N LYS B 68 -33.91 23.78 -25.35
CA LYS B 68 -33.55 24.95 -26.14
C LYS B 68 -33.09 26.11 -25.27
N ILE B 69 -33.79 26.36 -24.16
CA ILE B 69 -33.56 27.57 -23.36
C ILE B 69 -32.44 27.35 -22.36
N LEU B 70 -32.39 26.19 -21.70
CA LEU B 70 -31.42 25.99 -20.64
C LEU B 70 -30.01 25.69 -21.15
N ARG B 71 -29.84 25.41 -22.43
CA ARG B 71 -28.49 25.40 -22.99
C ARG B 71 -28.01 26.81 -23.37
N GLN B 72 -28.90 27.81 -23.35
CA GLN B 72 -28.51 29.19 -23.56
C GLN B 72 -28.27 29.95 -22.27
N LEU B 73 -29.01 29.62 -21.20
CA LEU B 73 -29.02 30.41 -19.98
C LEU B 73 -27.95 29.88 -19.02
N ILE B 74 -27.04 30.76 -18.62
CA ILE B 74 -25.97 30.46 -17.68
C ILE B 74 -26.09 31.42 -16.51
N HIS B 75 -26.49 30.93 -15.34
CA HIS B 75 -26.56 31.80 -14.18
C HIS B 75 -26.61 30.97 -12.90
N ARG B 76 -26.10 31.57 -11.82
CA ARG B 76 -26.05 30.85 -10.54
C ARG B 76 -27.43 30.45 -10.08
N SER B 77 -28.44 31.28 -10.37
CA SER B 77 -29.80 31.09 -9.90
C SER B 77 -30.70 30.47 -10.95
N VAL B 78 -30.16 30.04 -12.09
CA VAL B 78 -30.91 29.29 -13.08
C VAL B 78 -30.38 27.87 -13.09
N VAL B 79 -31.30 26.91 -13.06
CA VAL B 79 -30.90 25.51 -13.01
C VAL B 79 -30.09 25.20 -14.26
N ASN B 80 -29.17 24.25 -14.14
CA ASN B 80 -28.29 23.87 -15.23
C ASN B 80 -28.61 22.45 -15.69
N MET B 81 -28.75 22.29 -17.00
CA MET B 81 -28.89 20.98 -17.63
C MET B 81 -27.50 20.47 -18.01
N LYS B 82 -27.04 19.41 -17.33
CA LYS B 82 -25.68 18.94 -17.60
C LYS B 82 -25.59 18.18 -18.92
N GLU B 83 -26.53 17.30 -19.22
CA GLU B 83 -26.48 16.54 -20.47
C GLU B 83 -27.82 15.84 -20.71
N ILE B 84 -27.90 15.13 -21.84
CA ILE B 84 -29.07 14.32 -22.20
C ILE B 84 -28.58 12.93 -22.55
N VAL B 85 -29.17 11.92 -21.90
CA VAL B 85 -28.76 10.53 -22.05
C VAL B 85 -29.98 9.69 -22.43
N THR B 86 -29.70 8.47 -22.89
CA THR B 86 -30.72 7.60 -23.47
C THR B 86 -30.70 6.20 -22.89
N ASP B 87 -31.85 5.52 -23.03
CA ASP B 87 -31.99 4.11 -22.74
C ASP B 87 -31.17 3.29 -23.74
N LYS B 88 -30.84 2.05 -23.36
CA LYS B 88 -30.11 1.20 -24.29
C LYS B 88 -30.94 1.07 -25.57
N GLN B 89 -30.39 1.57 -26.67
CA GLN B 89 -31.10 1.59 -27.94
C GLN B 89 -30.99 0.24 -28.66
N ASP B 90 -31.87 0.04 -29.64
CA ASP B 90 -31.88 -1.16 -30.47
C ASP B 90 -30.87 -0.99 -31.59
N ALA B 91 -29.83 -1.83 -31.60
CA ALA B 91 -28.79 -1.70 -32.62
C ALA B 91 -29.30 -2.06 -34.00
N LEU B 92 -30.08 -3.14 -34.12
CA LEU B 92 -30.42 -3.65 -35.44
C LEU B 92 -31.30 -2.65 -36.21
N ASP B 93 -32.32 -2.11 -35.55
CA ASP B 93 -33.29 -1.23 -36.21
C ASP B 93 -33.43 0.07 -35.45
N PHE B 94 -33.40 1.19 -36.19
CA PHE B 94 -33.65 2.47 -35.53
C PHE B 94 -35.15 2.73 -35.33
N LYS B 95 -35.99 2.21 -36.24
CA LYS B 95 -37.43 2.45 -36.16
C LYS B 95 -38.06 1.82 -34.94
N LYS B 96 -37.70 0.57 -34.61
CA LYS B 96 -38.37 -0.13 -33.52
C LYS B 96 -38.11 0.60 -32.20
N ASP B 97 -36.97 1.26 -32.07
CA ASP B 97 -36.57 1.83 -30.80
C ASP B 97 -37.66 2.77 -30.28
N LYS B 98 -38.09 2.52 -29.04
CA LYS B 98 -39.02 3.38 -28.32
C LYS B 98 -38.37 3.89 -27.04
N GLY B 99 -37.10 3.59 -26.83
CA GLY B 99 -36.46 4.00 -25.60
C GLY B 99 -36.57 5.50 -25.39
N ALA B 100 -36.51 5.89 -24.13
CA ALA B 100 -36.77 7.26 -23.77
C ALA B 100 -35.45 8.00 -23.57
N PHE B 101 -35.56 9.29 -23.28
CA PHE B 101 -34.39 10.15 -23.10
C PHE B 101 -34.50 10.79 -21.73
N TYR B 102 -33.35 11.05 -21.10
CA TYR B 102 -33.31 11.65 -19.77
C TYR B 102 -32.53 12.95 -19.81
N LEU B 103 -33.14 14.00 -19.26
CA LEU B 103 -32.49 15.30 -19.16
C LEU B 103 -31.80 15.38 -17.80
N VAL B 104 -30.47 15.51 -17.81
CA VAL B 104 -29.68 15.54 -16.58
C VAL B 104 -29.60 16.97 -16.08
N PHE B 105 -29.98 17.17 -14.82
CA PHE B 105 -29.89 18.46 -14.15
C PHE B 105 -29.09 18.30 -12.87
N GLU B 106 -28.56 19.41 -12.37
CA GLU B 106 -27.92 19.38 -11.06
C GLU B 106 -28.98 19.09 -9.99
N TYR B 107 -28.64 18.22 -9.04
CA TYR B 107 -29.57 17.89 -7.96
C TYR B 107 -29.61 19.01 -6.93
N MET B 108 -30.82 19.33 -6.47
CA MET B 108 -31.06 20.34 -5.44
C MET B 108 -31.73 19.68 -4.24
N ASP B 109 -31.31 20.04 -3.03
CA ASP B 109 -31.73 19.27 -1.87
C ASP B 109 -33.24 19.36 -1.65
N HIS B 110 -33.84 20.52 -1.87
CA HIS B 110 -35.25 20.68 -1.57
C HIS B 110 -35.89 21.64 -2.57
N ASP B 111 -37.21 21.76 -2.46
CA ASP B 111 -38.00 22.78 -3.16
C ASP B 111 -38.71 23.62 -2.12
N LEU B 112 -38.96 24.89 -2.45
CA LEU B 112 -39.48 25.81 -1.44
C LEU B 112 -40.83 25.37 -0.91
N MET B 113 -41.71 24.89 -1.79
CA MET B 113 -43.02 24.44 -1.32
C MET B 113 -42.84 23.36 -0.26
N GLY B 114 -41.89 22.45 -0.48
CA GLY B 114 -41.67 21.38 0.48
C GLY B 114 -41.15 21.88 1.82
N LEU B 115 -40.22 22.85 1.78
CA LEU B 115 -39.71 23.41 3.03
C LEU B 115 -40.82 24.13 3.77
N LEU B 116 -41.75 24.72 3.02
CA LEU B 116 -42.85 25.45 3.63
C LEU B 116 -44.02 24.51 3.98
N GLU B 117 -44.43 23.65 3.05
CA GLU B 117 -45.58 22.77 3.32
C GLU B 117 -45.31 21.89 4.54
N SER B 118 -44.09 21.36 4.66
CA SER B 118 -43.76 20.58 5.84
C SER B 118 -43.64 21.43 7.09
N GLY B 119 -43.75 22.76 6.95
CA GLY B 119 -43.79 23.66 8.09
C GLY B 119 -42.50 23.79 8.88
N LEU B 120 -41.38 23.37 8.32
CA LEU B 120 -40.15 23.25 9.10
C LEU B 120 -39.29 24.50 9.08
N VAL B 121 -39.30 25.27 7.98
CA VAL B 121 -38.32 26.33 7.79
C VAL B 121 -38.88 27.61 8.41
N HIS B 122 -37.98 28.43 8.95
CA HIS B 122 -38.27 29.78 9.45
C HIS B 122 -37.32 30.76 8.76
N PHE B 123 -37.89 31.71 8.01
CA PHE B 123 -37.12 32.70 7.28
C PHE B 123 -37.04 34.02 8.04
N SER B 124 -35.82 34.51 8.25
CA SER B 124 -35.59 35.85 8.80
C SER B 124 -35.52 36.85 7.65
N GLU B 125 -35.45 38.14 8.00
CA GLU B 125 -35.38 39.17 6.96
C GLU B 125 -34.16 38.94 6.05
N ASP B 126 -33.00 38.72 6.64
CA ASP B 126 -31.77 38.54 5.87
C ASP B 126 -31.86 37.32 4.97
N HIS B 127 -32.49 36.24 5.46
CA HIS B 127 -32.69 35.06 4.63
C HIS B 127 -33.60 35.38 3.45
N ILE B 128 -34.62 36.20 3.68
CA ILE B 128 -35.51 36.60 2.59
C ILE B 128 -34.75 37.48 1.61
N LYS B 129 -33.84 38.31 2.12
CA LYS B 129 -33.00 39.12 1.24
C LYS B 129 -32.12 38.25 0.36
N SER B 130 -31.40 37.30 0.97
CA SER B 130 -30.54 36.44 0.16
C SER B 130 -31.34 35.61 -0.82
N PHE B 131 -32.56 35.22 -0.44
CA PHE B 131 -33.42 34.43 -1.32
C PHE B 131 -33.92 35.27 -2.49
N MET B 132 -34.52 36.42 -2.19
CA MET B 132 -35.08 37.26 -3.24
C MET B 132 -33.98 37.81 -4.14
N LYS B 133 -32.84 38.18 -3.57
CA LYS B 133 -31.76 38.69 -4.42
C LYS B 133 -31.34 37.68 -5.46
N GLN B 134 -31.20 36.41 -5.08
CA GLN B 134 -30.84 35.40 -6.06
C GLN B 134 -31.97 35.21 -7.08
N LEU B 135 -33.21 35.10 -6.59
CA LEU B 135 -34.32 34.86 -7.50
C LEU B 135 -34.46 36.01 -8.50
N MET B 136 -34.44 37.25 -8.02
CA MET B 136 -34.64 38.37 -8.92
C MET B 136 -33.46 38.51 -9.89
N GLU B 137 -32.25 38.24 -9.40
CA GLU B 137 -31.09 38.29 -10.27
C GLU B 137 -31.20 37.27 -11.40
N GLY B 138 -31.63 36.06 -11.06
CA GLY B 138 -31.88 35.07 -12.10
C GLY B 138 -32.96 35.52 -13.07
N LEU B 139 -34.04 36.11 -12.54
CA LEU B 139 -35.13 36.53 -13.42
C LEU B 139 -34.64 37.62 -14.37
N GLU B 140 -33.81 38.54 -13.86
CA GLU B 140 -33.24 39.57 -14.71
C GLU B 140 -32.42 38.97 -15.85
N TYR B 141 -31.55 38.00 -15.53
CA TYR B 141 -30.76 37.38 -16.58
C TYR B 141 -31.68 36.85 -17.68
N CYS B 142 -32.75 36.17 -17.28
CA CYS B 142 -33.71 35.62 -18.22
C CYS B 142 -34.49 36.71 -18.94
N HIS B 143 -34.99 37.69 -18.19
CA HIS B 143 -35.78 38.75 -18.82
C HIS B 143 -34.93 39.64 -19.73
N LYS B 144 -33.64 39.79 -19.44
CA LYS B 144 -32.77 40.53 -20.35
C LYS B 144 -32.48 39.73 -21.62
N LYS B 145 -32.48 38.40 -21.53
CA LYS B 145 -32.33 37.52 -22.68
C LYS B 145 -33.65 37.30 -23.41
N ASN B 146 -34.69 38.07 -23.05
CA ASN B 146 -35.99 38.02 -23.73
C ASN B 146 -36.62 36.63 -23.64
N PHE B 147 -36.60 36.06 -22.44
CA PHE B 147 -37.25 34.80 -22.11
C PHE B 147 -38.23 35.05 -20.98
N LEU B 148 -39.39 34.40 -21.02
CA LEU B 148 -40.40 34.51 -19.97
C LEU B 148 -40.52 33.14 -19.32
N HIS B 149 -40.52 33.08 -17.98
CA HIS B 149 -40.61 31.79 -17.31
C HIS B 149 -42.01 31.21 -17.44
N ARG B 150 -43.03 31.99 -17.08
CA ARG B 150 -44.46 31.77 -17.28
C ARG B 150 -45.08 30.74 -16.33
N ASP B 151 -44.33 30.18 -15.39
CA ASP B 151 -44.97 29.42 -14.30
C ASP B 151 -44.16 29.50 -13.01
N ILE B 152 -44.00 30.70 -12.45
CA ILE B 152 -43.25 30.87 -11.21
C ILE B 152 -44.16 30.44 -10.06
N LYS B 153 -43.73 29.41 -9.34
CA LYS B 153 -44.45 28.88 -8.19
C LYS B 153 -43.44 28.46 -7.14
N CYS B 154 -43.89 28.32 -5.89
CA CYS B 154 -42.98 27.86 -4.84
C CYS B 154 -42.43 26.48 -5.17
N SER B 155 -43.20 25.66 -5.87
CA SER B 155 -42.73 24.33 -6.24
C SER B 155 -41.49 24.42 -7.12
N ASN B 156 -41.43 25.42 -7.99
CA ASN B 156 -40.37 25.54 -8.98
C ASN B 156 -39.15 26.33 -8.50
N ILE B 157 -39.05 26.65 -7.21
CA ILE B 157 -37.88 27.32 -6.68
C ILE B 157 -37.09 26.26 -5.92
N LEU B 158 -35.98 25.79 -6.48
CA LEU B 158 -35.17 24.76 -5.85
C LEU B 158 -34.10 25.41 -4.98
N LEU B 159 -33.99 24.90 -3.75
CA LEU B 159 -33.10 25.44 -2.74
C LEU B 159 -32.10 24.39 -2.31
N ASN B 160 -30.83 24.78 -2.23
CA ASN B 160 -29.83 23.93 -1.61
C ASN B 160 -29.83 24.24 -0.12
N ASN B 161 -29.22 23.33 0.66
CA ASN B 161 -29.13 23.58 2.09
C ASN B 161 -28.22 24.78 2.37
N SER B 162 -27.24 25.00 1.49
CA SER B 162 -26.32 26.12 1.63
C SER B 162 -27.00 27.48 1.50
N GLY B 163 -28.17 27.54 0.88
CA GLY B 163 -28.84 28.79 0.62
C GLY B 163 -28.84 29.21 -0.83
N GLN B 164 -28.25 28.42 -1.72
CA GLN B 164 -28.34 28.72 -3.14
C GLN B 164 -29.75 28.42 -3.63
N ILE B 165 -30.24 29.29 -4.51
CA ILE B 165 -31.55 29.18 -5.11
C ILE B 165 -31.35 29.03 -6.61
N LYS B 166 -32.13 28.16 -7.23
CA LYS B 166 -32.12 28.00 -8.68
C LYS B 166 -33.56 27.91 -9.16
N LEU B 167 -33.87 28.68 -10.20
CA LEU B 167 -35.16 28.60 -10.88
C LEU B 167 -35.11 27.38 -11.80
N ALA B 168 -36.24 26.69 -11.94
CA ALA B 168 -36.14 25.36 -12.53
C ALA B 168 -37.07 25.01 -13.69
N ASP B 169 -38.39 25.02 -13.50
CA ASP B 169 -39.27 24.50 -14.55
C ASP B 169 -39.47 25.52 -15.65
N PHE B 170 -38.71 25.39 -16.73
CA PHE B 170 -38.86 26.20 -17.94
C PHE B 170 -39.72 25.51 -19.01
N GLY B 171 -40.76 24.79 -18.60
CA GLY B 171 -41.59 24.09 -19.56
C GLY B 171 -42.57 24.95 -20.32
N LEU B 172 -42.91 26.13 -19.80
CA LEU B 172 -43.81 27.07 -20.45
C LEU B 172 -43.10 28.35 -20.88
N ALA B 173 -41.77 28.31 -21.00
CA ALA B 173 -41.00 29.51 -21.32
C ALA B 173 -40.97 29.80 -22.81
N ARG B 174 -41.09 31.08 -23.15
CA ARG B 174 -41.13 31.56 -24.53
C ARG B 174 -40.52 32.96 -24.60
N LEU B 175 -40.08 33.36 -25.78
CA LEU B 175 -39.50 34.67 -26.02
C LEU B 175 -40.55 35.77 -26.12
N TYR B 176 -40.17 36.98 -25.70
CA TYR B 176 -41.03 38.17 -25.72
C TYR B 176 -40.45 39.21 -26.67
N ASN B 177 -41.29 39.76 -27.54
CA ASN B 177 -40.86 40.80 -28.48
C ASN B 177 -41.60 42.11 -28.21
N SER B 178 -40.84 43.16 -27.92
CA SER B 178 -41.43 44.49 -27.75
C SER B 178 -42.05 44.99 -29.05
N GLU B 179 -41.35 44.81 -30.17
CA GLU B 179 -41.85 45.31 -31.45
C GLU B 179 -43.08 44.54 -31.93
N GLU B 180 -43.13 43.23 -31.73
CA GLU B 180 -44.28 42.45 -32.18
C GLU B 180 -45.03 41.88 -30.98
N SER B 181 -46.28 42.30 -30.80
CA SER B 181 -47.17 41.67 -29.83
C SER B 181 -47.66 40.36 -30.47
N ARG B 182 -47.51 39.25 -29.75
CA ARG B 182 -47.80 37.95 -30.32
C ARG B 182 -48.94 37.27 -29.59
N PRO B 183 -49.71 36.41 -30.27
CA PRO B 183 -50.71 35.62 -29.54
C PRO B 183 -50.02 34.62 -28.61
N TYR B 184 -50.26 34.76 -27.31
CA TYR B 184 -49.71 33.84 -26.31
C TYR B 184 -50.87 33.07 -25.64
N TPO B 185 -50.53 32.07 -24.82
CA TPO B 185 -51.52 31.29 -24.07
CB TPO B 185 -50.94 29.92 -23.74
CG2 TPO B 185 -51.99 29.04 -23.05
OG1 TPO B 185 -50.60 29.31 -25.01
P TPO B 185 -49.02 29.06 -25.22
O1P TPO B 185 -48.23 30.46 -25.23
O2P TPO B 185 -48.41 28.11 -24.07
O3P TPO B 185 -48.82 28.39 -26.53
C TPO B 185 -51.91 32.06 -22.80
O TPO B 185 -51.04 32.42 -22.01
H TPO B 185 -49.72 31.83 -24.67
HA TPO B 185 -52.33 31.13 -24.60
HB TPO B 185 -50.09 30.01 -23.07
HG21 TPO B 185 -51.64 28.01 -23.00
HG22 TPO B 185 -52.92 29.08 -23.61
HG23 TPO B 185 -52.16 29.40 -22.04
N ASN B 186 -53.21 32.35 -22.63
CA ASN B 186 -53.64 33.23 -21.53
C ASN B 186 -53.82 32.51 -20.20
N LYS B 187 -53.33 31.27 -20.12
CA LYS B 187 -53.48 30.42 -18.93
C LYS B 187 -52.11 29.83 -18.62
N VAL B 188 -51.18 30.64 -18.12
CA VAL B 188 -49.85 30.09 -17.88
C VAL B 188 -49.51 29.83 -16.41
N ILE B 189 -49.45 30.87 -15.59
CA ILE B 189 -48.99 30.68 -14.21
C ILE B 189 -50.14 30.08 -13.39
N THR B 190 -49.81 29.24 -12.41
CA THR B 190 -50.85 28.61 -11.60
C THR B 190 -51.64 29.70 -10.86
N LEU B 191 -52.93 29.41 -10.62
CA LEU B 191 -53.83 30.49 -10.21
C LEU B 191 -53.31 31.24 -9.00
N TRP B 192 -52.72 30.54 -8.03
CA TRP B 192 -52.29 31.22 -6.82
C TRP B 192 -51.24 32.27 -7.12
N TYR B 193 -50.41 32.05 -8.14
CA TYR B 193 -49.35 32.98 -8.52
C TYR B 193 -49.61 33.65 -9.87
N ARG B 194 -50.87 33.63 -10.37
CA ARG B 194 -51.14 34.17 -11.69
C ARG B 194 -51.31 35.68 -11.63
N PRO B 195 -50.80 36.41 -12.63
CA PRO B 195 -50.96 37.86 -12.60
C PRO B 195 -52.42 38.27 -12.86
N PRO B 196 -52.81 39.47 -12.39
CA PRO B 196 -54.19 39.91 -12.66
C PRO B 196 -54.45 40.10 -14.14
N GLU B 197 -53.44 40.58 -14.87
CA GLU B 197 -53.60 40.86 -16.28
C GLU B 197 -54.03 39.61 -17.05
N LEU B 198 -53.41 38.47 -16.75
CA LEU B 198 -53.78 37.23 -17.43
C LEU B 198 -55.11 36.67 -16.95
N LEU B 199 -55.54 36.97 -15.72
CA LEU B 199 -56.86 36.52 -15.32
C LEU B 199 -57.92 37.10 -16.23
N LEU B 200 -57.78 38.39 -16.58
CA LEU B 200 -58.69 39.00 -17.53
C LEU B 200 -58.30 38.61 -18.96
N GLY B 201 -57.25 37.81 -19.14
CA GLY B 201 -57.01 37.18 -20.42
C GLY B 201 -56.21 38.03 -21.39
N GLU B 202 -55.26 38.84 -20.92
CA GLU B 202 -54.54 39.73 -21.82
C GLU B 202 -54.11 39.00 -23.09
N GLU B 203 -53.34 37.92 -22.93
CA GLU B 203 -52.91 37.07 -24.05
C GLU B 203 -51.72 37.69 -24.77
N ARG B 204 -51.51 39.00 -24.60
CA ARG B 204 -50.33 39.68 -25.14
C ARG B 204 -49.70 40.33 -23.92
N TYR B 205 -48.83 39.62 -23.20
CA TYR B 205 -48.39 40.08 -21.90
C TYR B 205 -46.91 40.37 -21.86
N THR B 206 -46.53 41.10 -20.81
CA THR B 206 -45.17 41.56 -20.59
C THR B 206 -44.41 40.56 -19.76
N PRO B 207 -43.09 40.75 -19.59
CA PRO B 207 -42.38 40.00 -18.55
C PRO B 207 -42.90 40.25 -17.15
N ALA B 208 -43.76 41.25 -16.97
CA ALA B 208 -44.30 41.55 -15.65
C ALA B 208 -45.11 40.41 -15.06
N ILE B 209 -45.57 39.47 -15.89
CA ILE B 209 -46.30 38.33 -15.36
C ILE B 209 -45.44 37.61 -14.31
N ASP B 210 -44.15 37.44 -14.59
CA ASP B 210 -43.26 36.75 -13.69
C ASP B 210 -42.98 37.56 -12.44
N VAL B 211 -42.92 38.89 -12.56
CA VAL B 211 -42.69 39.73 -11.39
C VAL B 211 -43.84 39.58 -10.40
N TRP B 212 -45.07 39.57 -10.88
CA TRP B 212 -46.21 39.42 -9.97
C TRP B 212 -46.05 38.19 -9.12
N SER B 213 -45.70 37.06 -9.74
CA SER B 213 -45.50 35.82 -9.02
C SER B 213 -44.42 35.97 -7.95
N CYS B 214 -43.28 36.52 -8.32
CA CYS B 214 -42.19 36.65 -7.37
C CYS B 214 -42.57 37.56 -6.20
N GLY B 215 -43.43 38.55 -6.47
CA GLY B 215 -43.95 39.35 -5.36
C GLY B 215 -44.88 38.56 -4.47
N CYS B 216 -45.72 37.71 -5.07
CA CYS B 216 -46.55 36.80 -4.28
C CYS B 216 -45.69 35.92 -3.39
N ILE B 217 -44.55 35.47 -3.90
CA ILE B 217 -43.64 34.67 -3.09
C ILE B 217 -43.05 35.53 -1.98
N LEU B 218 -42.71 36.78 -2.28
CA LEU B 218 -42.16 37.65 -1.25
C LEU B 218 -43.11 37.76 -0.07
N GLY B 219 -44.39 38.00 -0.34
CA GLY B 219 -45.36 38.04 0.75
C GLY B 219 -45.46 36.71 1.47
N GLU B 220 -45.52 35.63 0.71
CA GLU B 220 -45.63 34.30 1.29
C GLU B 220 -44.45 33.95 2.18
N LEU B 221 -43.27 34.51 1.89
CA LEU B 221 -42.12 34.24 2.75
C LEU B 221 -42.26 34.92 4.11
N PHE B 222 -42.98 36.02 4.17
CA PHE B 222 -43.22 36.72 5.44
C PHE B 222 -44.40 36.17 6.22
N THR B 223 -45.42 35.65 5.55
CA THR B 223 -46.59 35.12 6.23
C THR B 223 -46.50 33.62 6.46
N LYS B 224 -45.64 32.91 5.72
CA LYS B 224 -45.54 31.46 5.72
C LYS B 224 -46.79 30.77 5.15
N LYS B 225 -47.71 31.55 4.59
CA LYS B 225 -48.94 31.11 3.95
C LYS B 225 -49.07 31.81 2.61
N PRO B 226 -49.48 31.10 1.55
CA PRO B 226 -49.65 31.77 0.24
C PRO B 226 -50.67 32.90 0.34
N ILE B 227 -50.40 33.99 -0.38
CA ILE B 227 -51.19 35.20 -0.18
C ILE B 227 -52.55 35.08 -0.84
N PHE B 228 -52.60 34.65 -2.10
CA PHE B 228 -53.86 34.62 -2.85
C PHE B 228 -54.19 33.18 -3.22
N GLN B 229 -54.97 32.52 -2.39
CA GLN B 229 -55.35 31.12 -2.60
C GLN B 229 -56.83 31.07 -2.96
N ALA B 230 -57.12 30.59 -4.17
CA ALA B 230 -58.50 30.42 -4.60
C ALA B 230 -58.50 29.29 -5.63
N ASN B 231 -59.69 28.79 -5.93
CA ASN B 231 -59.83 27.69 -6.87
C ASN B 231 -60.41 28.15 -8.21
N LEU B 232 -60.99 29.35 -8.27
CA LEU B 232 -61.65 29.85 -9.47
C LEU B 232 -61.08 31.21 -9.85
N GLU B 233 -61.03 31.46 -11.16
CA GLU B 233 -60.35 32.65 -11.65
C GLU B 233 -61.00 33.92 -11.11
N LEU B 234 -62.33 33.95 -11.06
CA LEU B 234 -63.02 35.12 -10.52
C LEU B 234 -62.73 35.29 -9.03
N ALA B 235 -62.73 34.18 -8.29
CA ALA B 235 -62.44 34.25 -6.85
C ALA B 235 -61.07 34.82 -6.58
N GLN B 236 -60.08 34.49 -7.42
CA GLN B 236 -58.75 35.05 -7.26
C GLN B 236 -58.78 36.56 -7.50
N LEU B 237 -59.48 36.98 -8.55
CA LEU B 237 -59.54 38.41 -8.87
C LEU B 237 -60.08 39.21 -7.70
N GLU B 238 -61.06 38.64 -6.99
CA GLU B 238 -61.64 39.29 -5.82
C GLU B 238 -60.63 39.38 -4.69
N LEU B 239 -59.93 38.27 -4.39
CA LEU B 239 -58.95 38.28 -3.32
C LEU B 239 -57.84 39.27 -3.61
N ILE B 240 -57.30 39.23 -4.83
CA ILE B 240 -56.33 40.22 -5.27
C ILE B 240 -56.92 41.61 -5.17
N SER B 241 -58.19 41.74 -5.53
CA SER B 241 -58.82 43.06 -5.53
C SER B 241 -58.96 43.60 -4.11
N ARG B 242 -59.25 42.73 -3.14
CA ARG B 242 -59.36 43.21 -1.77
C ARG B 242 -58.06 43.82 -1.28
N LEU B 243 -56.93 43.21 -1.62
CA LEU B 243 -55.66 43.66 -1.09
C LEU B 243 -55.05 44.73 -1.99
N CYS B 244 -54.93 44.46 -3.29
CA CYS B 244 -54.29 45.38 -4.22
C CYS B 244 -55.24 46.44 -4.76
N GLY B 245 -56.53 46.34 -4.45
CA GLY B 245 -57.52 47.22 -5.02
C GLY B 245 -58.20 46.62 -6.23
N SER B 246 -59.41 47.11 -6.49
CA SER B 246 -60.20 46.56 -7.59
C SER B 246 -59.67 47.11 -8.92
N PRO B 247 -59.62 46.28 -9.95
CA PRO B 247 -59.22 46.81 -11.27
C PRO B 247 -60.18 47.93 -11.66
N CYS B 248 -59.61 49.08 -11.98
CA CYS B 248 -60.40 50.24 -12.35
C CYS B 248 -59.60 51.05 -13.35
N PRO B 249 -60.24 51.89 -14.15
CA PRO B 249 -59.48 52.63 -15.16
C PRO B 249 -58.41 53.56 -14.58
N ALA B 250 -58.64 54.14 -13.40
CA ALA B 250 -57.69 55.10 -12.86
C ALA B 250 -56.34 54.49 -12.52
N VAL B 251 -56.31 53.30 -11.92
CA VAL B 251 -55.04 52.72 -11.52
C VAL B 251 -54.47 51.87 -12.65
N TRP B 252 -55.28 51.49 -13.62
CA TRP B 252 -54.89 50.62 -14.74
C TRP B 252 -55.64 51.10 -15.96
N PRO B 253 -55.09 52.09 -16.69
CA PRO B 253 -55.91 52.77 -17.70
C PRO B 253 -56.47 51.85 -18.76
N ASP B 254 -55.66 50.90 -19.23
CA ASP B 254 -56.00 50.05 -20.37
C ASP B 254 -56.71 48.78 -19.95
N VAL B 255 -57.23 48.73 -18.72
CA VAL B 255 -57.95 47.55 -18.28
C VAL B 255 -59.13 47.28 -19.20
N ILE B 256 -59.68 48.34 -19.82
CA ILE B 256 -60.82 48.18 -20.71
C ILE B 256 -60.47 47.41 -21.97
N ARG B 257 -59.23 47.49 -22.43
CA ARG B 257 -58.86 46.74 -23.63
C ARG B 257 -58.71 45.25 -23.34
N LEU B 258 -58.78 44.86 -22.06
CA LEU B 258 -58.65 43.45 -21.73
C LEU B 258 -59.97 42.73 -22.00
N PRO B 259 -59.92 41.51 -22.50
CA PRO B 259 -61.16 40.85 -22.96
C PRO B 259 -62.29 40.82 -21.95
N TYR B 260 -62.02 40.40 -20.72
CA TYR B 260 -63.07 40.06 -19.77
C TYR B 260 -63.33 41.16 -18.74
N PHE B 261 -62.91 42.40 -19.03
CA PHE B 261 -63.04 43.45 -18.03
C PHE B 261 -64.51 43.64 -17.62
N ASN B 262 -65.42 43.68 -18.60
CA ASN B 262 -66.84 43.73 -18.24
C ASN B 262 -67.33 42.40 -17.69
N THR B 263 -66.82 41.29 -18.24
CA THR B 263 -67.30 39.97 -17.83
C THR B 263 -66.94 39.68 -16.37
N MET B 264 -65.68 39.87 -16.00
CA MET B 264 -65.19 39.58 -14.65
C MET B 264 -65.21 40.85 -13.80
N LYS B 265 -65.86 40.78 -12.64
CA LYS B 265 -65.94 41.92 -11.74
C LYS B 265 -65.82 41.54 -10.28
N PRO B 266 -65.09 42.32 -9.48
CA PRO B 266 -65.13 42.10 -8.03
C PRO B 266 -66.45 42.57 -7.45
N LYS B 267 -66.75 42.06 -6.25
CA LYS B 267 -67.99 42.43 -5.58
C LYS B 267 -68.13 43.95 -5.46
N LYS B 268 -67.07 44.63 -5.07
CA LYS B 268 -67.07 46.06 -4.81
C LYS B 268 -65.88 46.64 -5.56
N GLN B 269 -65.75 47.96 -5.57
CA GLN B 269 -64.50 48.57 -6.02
C GLN B 269 -63.69 48.76 -4.74
N TYR B 270 -62.87 47.77 -4.42
CA TYR B 270 -62.17 47.75 -3.14
C TYR B 270 -60.99 48.73 -3.25
N ARG B 271 -60.68 49.42 -2.16
CA ARG B 271 -59.49 50.25 -2.09
C ARG B 271 -58.26 49.39 -1.82
N ARG B 272 -57.10 49.94 -2.12
CA ARG B 272 -55.86 49.21 -1.91
C ARG B 272 -55.51 49.27 -0.42
N ARG B 273 -55.28 48.09 0.16
CA ARG B 273 -54.94 47.96 1.56
C ARG B 273 -53.61 47.24 1.80
N LEU B 274 -52.77 47.15 0.76
CA LEU B 274 -51.57 46.34 0.86
C LEU B 274 -50.71 46.75 2.05
N ARG B 275 -50.46 48.05 2.19
CA ARG B 275 -49.62 48.54 3.28
C ARG B 275 -50.24 48.24 4.64
N GLU B 276 -51.55 48.36 4.75
CA GLU B 276 -52.21 48.11 6.02
C GLU B 276 -52.12 46.65 6.40
N GLU B 277 -52.53 45.75 5.50
CA GLU B 277 -52.57 44.34 5.85
C GLU B 277 -51.18 43.75 6.03
N PHE B 278 -50.17 44.31 5.36
CA PHE B 278 -48.79 43.88 5.53
C PHE B 278 -48.01 44.86 6.41
N SER B 279 -48.65 45.44 7.41
CA SER B 279 -47.96 46.40 8.29
C SER B 279 -46.77 45.75 9.01
N PHE B 280 -46.83 44.45 9.26
CA PHE B 280 -45.76 43.76 9.96
C PHE B 280 -44.51 43.59 9.12
N ILE B 281 -44.62 43.74 7.80
CA ILE B 281 -43.45 43.57 6.92
C ILE B 281 -42.55 44.80 7.05
N PRO B 282 -41.23 44.63 7.11
CA PRO B 282 -40.34 45.80 7.13
C PRO B 282 -40.62 46.77 5.99
N SER B 283 -40.38 48.05 6.25
CA SER B 283 -40.72 49.09 5.27
C SER B 283 -39.99 48.87 3.96
N ALA B 284 -38.67 48.59 4.05
CA ALA B 284 -37.89 48.40 2.84
C ALA B 284 -38.49 47.31 1.96
N ALA B 285 -39.01 46.26 2.57
CA ALA B 285 -39.65 45.18 1.82
C ALA B 285 -41.06 45.56 1.38
N LEU B 286 -41.83 46.21 2.26
CA LEU B 286 -43.20 46.55 1.93
C LEU B 286 -43.27 47.39 0.66
N ASP B 287 -42.36 48.35 0.49
CA ASP B 287 -42.31 49.10 -0.75
C ASP B 287 -42.09 48.18 -1.95
N LEU B 288 -41.24 47.18 -1.79
CA LEU B 288 -41.02 46.23 -2.87
C LEU B 288 -42.31 45.50 -3.21
N LEU B 289 -43.03 45.04 -2.19
CA LEU B 289 -44.27 44.31 -2.43
C LEU B 289 -45.31 45.18 -3.12
N ASP B 290 -45.49 46.42 -2.66
CA ASP B 290 -46.47 47.28 -3.29
C ASP B 290 -46.14 47.51 -4.76
N HIS B 291 -44.85 47.60 -5.08
CA HIS B 291 -44.48 47.83 -6.47
C HIS B 291 -44.56 46.54 -7.29
N MET B 292 -44.25 45.40 -6.68
CA MET B 292 -44.32 44.13 -7.41
C MET B 292 -45.74 43.68 -7.63
N LEU B 293 -46.63 43.94 -6.67
CA LEU B 293 -48.04 43.59 -6.78
C LEU B 293 -48.87 44.78 -7.23
N THR B 294 -48.41 45.43 -8.30
CA THR B 294 -49.14 46.52 -8.93
C THR B 294 -50.03 45.97 -10.05
N LEU B 295 -51.29 46.42 -10.08
CA LEU B 295 -52.25 45.83 -10.99
C LEU B 295 -51.84 46.07 -12.45
N ASP B 296 -51.43 47.28 -12.76
CA ASP B 296 -51.12 47.66 -14.14
C ASP B 296 -49.78 47.09 -14.58
N PRO B 297 -49.74 46.25 -15.61
CA PRO B 297 -48.44 45.68 -16.02
C PRO B 297 -47.42 46.72 -16.41
N SER B 298 -47.85 47.88 -16.91
CA SER B 298 -46.93 48.92 -17.31
C SER B 298 -46.39 49.73 -16.13
N LYS B 299 -47.06 49.70 -15.00
CA LYS B 299 -46.59 50.36 -13.79
C LYS B 299 -45.93 49.40 -12.82
N ARG B 300 -46.07 48.09 -13.04
CA ARG B 300 -45.42 47.12 -12.19
C ARG B 300 -43.92 47.18 -12.39
N CYS B 301 -43.19 47.14 -11.29
CA CYS B 301 -41.74 47.28 -11.34
C CYS B 301 -41.13 46.17 -12.20
N THR B 302 -39.92 46.44 -12.69
CA THR B 302 -39.18 45.47 -13.47
C THR B 302 -38.33 44.62 -12.53
N ALA B 303 -37.67 43.60 -13.07
CA ALA B 303 -36.75 42.82 -12.27
C ALA B 303 -35.57 43.66 -11.80
N GLU B 304 -34.93 44.37 -12.73
CA GLU B 304 -33.77 45.17 -12.39
C GLU B 304 -34.11 46.19 -11.31
N GLN B 305 -35.30 46.79 -11.40
CA GLN B 305 -35.67 47.81 -10.43
C GLN B 305 -35.74 47.20 -9.03
N THR B 306 -36.16 45.93 -8.93
CA THR B 306 -36.18 45.26 -7.64
C THR B 306 -34.77 45.05 -7.10
N LEU B 307 -33.80 44.78 -7.99
CA LEU B 307 -32.42 44.63 -7.54
C LEU B 307 -31.80 45.95 -7.13
N GLN B 308 -32.30 47.06 -7.65
CA GLN B 308 -31.88 48.40 -7.24
C GLN B 308 -32.91 49.01 -6.27
N SER B 309 -33.32 48.21 -5.29
CA SER B 309 -34.23 48.61 -4.23
C SER B 309 -33.48 48.66 -2.91
N ASP B 310 -33.97 49.48 -1.99
CA ASP B 310 -33.30 49.56 -0.69
C ASP B 310 -33.21 48.20 -0.01
N PHE B 311 -34.18 47.33 -0.27
CA PHE B 311 -34.24 46.03 0.38
C PHE B 311 -33.22 45.06 -0.18
N LEU B 312 -33.06 45.00 -1.50
CA LEU B 312 -32.20 44.00 -2.13
C LEU B 312 -30.90 44.53 -2.68
N LYS B 313 -30.72 45.85 -2.80
CA LYS B 313 -29.53 46.37 -3.48
C LYS B 313 -28.26 46.15 -2.66
N ASP B 314 -28.30 46.40 -1.35
CA ASP B 314 -27.09 46.35 -0.54
C ASP B 314 -26.87 44.98 0.10
N VAL B 315 -27.60 43.96 -0.35
CA VAL B 315 -27.40 42.58 0.09
C VAL B 315 -26.12 42.04 -0.55
N GLU B 316 -25.37 41.25 0.21
CA GLU B 316 -24.14 40.63 -0.27
C GLU B 316 -24.40 39.14 -0.47
N LEU B 317 -24.20 38.65 -1.69
CA LEU B 317 -24.38 37.23 -1.93
C LEU B 317 -23.27 36.40 -1.29
N SER B 318 -22.13 37.02 -0.95
CA SER B 318 -21.09 36.27 -0.26
C SER B 318 -21.60 35.81 1.10
N LYS B 319 -22.28 36.71 1.82
CA LYS B 319 -22.95 36.38 3.07
C LYS B 319 -24.28 35.68 2.76
N MET B 320 -24.18 34.47 2.22
CA MET B 320 -25.37 33.65 1.94
C MET B 320 -25.74 32.94 3.24
N ALA B 321 -26.43 33.68 4.10
CA ALA B 321 -26.78 33.16 5.41
C ALA B 321 -27.79 32.05 5.16
N PRO B 322 -27.53 30.82 5.62
CA PRO B 322 -28.43 29.72 5.27
C PRO B 322 -29.82 29.93 5.91
N PRO B 323 -30.86 29.48 5.23
CA PRO B 323 -32.18 29.55 5.89
C PRO B 323 -32.17 28.61 7.09
N ASP B 324 -32.95 28.95 8.11
CA ASP B 324 -32.93 28.18 9.35
C ASP B 324 -33.60 26.83 9.12
N LEU B 325 -32.80 25.77 9.19
CA LEU B 325 -33.26 24.43 8.81
C LEU B 325 -33.14 23.44 9.96
N THR C 24 -18.82 21.87 -24.01
CA THR C 24 -19.97 22.75 -23.86
C THR C 24 -20.90 22.67 -25.08
N LYS C 25 -20.55 23.38 -26.16
CA LYS C 25 -21.34 23.42 -27.39
C LYS C 25 -20.63 22.82 -28.59
N PRO C 26 -21.37 22.20 -29.51
CA PRO C 26 -20.73 21.53 -30.64
C PRO C 26 -20.31 22.49 -31.76
N CYS C 27 -19.35 22.01 -32.57
CA CYS C 27 -18.86 22.77 -33.72
C CYS C 27 -19.63 22.37 -34.97
N TRP C 28 -20.28 23.35 -35.61
CA TRP C 28 -21.16 23.07 -36.75
C TRP C 28 -20.63 23.57 -38.09
N TYR C 29 -19.33 23.81 -38.21
CA TYR C 29 -18.80 24.35 -39.45
C TYR C 29 -17.62 23.54 -39.96
N TRP C 30 -17.65 23.24 -41.25
CA TRP C 30 -16.63 22.46 -41.94
C TRP C 30 -15.93 23.37 -42.96
N ASP C 31 -14.94 22.81 -43.65
CA ASP C 31 -14.25 23.47 -44.74
C ASP C 31 -14.81 22.92 -46.05
N LYS C 32 -14.83 23.78 -47.08
CA LYS C 32 -15.34 23.34 -48.37
C LYS C 32 -14.70 22.03 -48.77
N LYS C 33 -13.38 21.92 -48.55
CA LYS C 33 -12.65 20.71 -48.89
C LYS C 33 -13.22 19.49 -48.19
N ASP C 34 -13.83 19.68 -47.03
CA ASP C 34 -14.33 18.54 -46.27
C ASP C 34 -15.58 17.94 -46.90
N LEU C 35 -16.33 18.72 -47.69
CA LEU C 35 -17.55 18.19 -48.29
C LEU C 35 -17.27 17.13 -49.34
N ALA C 36 -16.01 16.95 -49.73
CA ALA C 36 -15.64 15.83 -50.60
C ALA C 36 -15.74 14.50 -49.89
N HIS C 37 -16.01 14.51 -48.58
CA HIS C 37 -15.96 13.32 -47.75
C HIS C 37 -17.21 13.16 -46.90
N THR C 38 -18.36 13.64 -47.39
CA THR C 38 -19.62 13.33 -46.72
C THR C 38 -19.92 11.85 -46.92
N PRO C 39 -20.73 11.26 -46.02
CA PRO C 39 -21.15 9.87 -46.26
C PRO C 39 -21.68 9.65 -47.68
N SER C 40 -22.45 10.62 -48.18
CA SER C 40 -23.03 10.51 -49.50
C SER C 40 -21.94 10.37 -50.55
N GLN C 41 -20.91 11.21 -50.47
CA GLN C 41 -19.80 11.12 -51.42
C GLN C 41 -19.12 9.77 -51.38
N LEU C 42 -18.89 9.24 -50.18
CA LEU C 42 -18.13 8.01 -50.02
C LEU C 42 -18.92 6.76 -50.38
N GLU C 43 -20.23 6.87 -50.52
CA GLU C 43 -21.06 5.78 -51.04
C GLU C 43 -21.23 5.85 -52.55
N GLY C 44 -20.43 6.66 -53.23
CA GLY C 44 -20.43 6.71 -54.68
C GLY C 44 -21.25 7.81 -55.29
N LEU C 45 -21.89 8.64 -54.48
CA LEU C 45 -22.61 9.81 -54.98
C LEU C 45 -21.60 10.88 -55.38
N ASP C 46 -21.77 11.47 -56.56
CA ASP C 46 -20.81 12.47 -57.03
C ASP C 46 -21.17 13.83 -56.48
N PRO C 47 -20.23 14.78 -56.54
CA PRO C 47 -20.50 16.10 -55.92
C PRO C 47 -21.73 16.78 -56.51
N ALA C 48 -21.92 16.70 -57.83
CA ALA C 48 -23.06 17.37 -58.43
C ALA C 48 -24.37 16.79 -57.91
N THR C 49 -24.44 15.47 -57.77
CA THR C 49 -25.69 14.85 -57.31
C THR C 49 -26.01 15.23 -55.87
N GLU C 50 -25.01 15.21 -54.98
CA GLU C 50 -25.31 15.60 -53.59
C GLU C 50 -25.76 17.04 -53.53
N ALA C 51 -25.12 17.92 -54.31
CA ALA C 51 -25.55 19.32 -54.37
C ALA C 51 -27.00 19.42 -54.83
N ARG C 52 -27.37 18.66 -55.87
CA ARG C 52 -28.75 18.65 -56.34
C ARG C 52 -29.68 18.18 -55.25
N TYR C 53 -29.34 17.08 -54.58
CA TYR C 53 -30.17 16.57 -53.50
C TYR C 53 -30.33 17.62 -52.41
N ARG C 54 -29.27 18.36 -52.09
CA ARG C 54 -29.37 19.40 -51.08
C ARG C 54 -30.32 20.50 -51.51
N ARG C 55 -30.23 20.93 -52.78
CA ARG C 55 -31.13 21.98 -53.24
C ARG C 55 -32.57 21.50 -53.22
N GLU C 56 -32.81 20.28 -53.71
CA GLU C 56 -34.17 19.75 -53.76
C GLU C 56 -34.77 19.57 -52.37
N GLY C 57 -34.00 19.01 -51.45
CA GLY C 57 -34.50 18.84 -50.09
C GLY C 57 -34.79 20.17 -49.42
N ALA C 58 -33.88 21.13 -49.58
CA ALA C 58 -34.09 22.44 -48.98
C ALA C 58 -35.32 23.13 -49.56
N ARG C 59 -35.42 23.15 -50.90
CA ARG C 59 -36.56 23.79 -51.54
C ARG C 59 -37.87 23.08 -51.20
N PHE C 60 -37.83 21.77 -51.00
CA PHE C 60 -38.99 21.03 -50.52
C PHE C 60 -39.40 21.54 -49.14
N ILE C 61 -38.45 21.66 -48.22
CA ILE C 61 -38.75 22.23 -46.91
C ILE C 61 -39.34 23.63 -47.07
N PHE C 62 -38.76 24.42 -47.97
CA PHE C 62 -39.20 25.80 -48.16
C PHE C 62 -40.64 25.86 -48.68
N ASP C 63 -40.91 25.14 -49.77
CA ASP C 63 -42.22 25.22 -50.41
C ASP C 63 -43.30 24.64 -49.50
N VAL C 64 -43.02 23.51 -48.86
CA VAL C 64 -44.01 22.89 -47.99
C VAL C 64 -44.39 23.83 -46.85
N GLY C 65 -43.39 24.39 -46.17
CA GLY C 65 -43.70 25.30 -45.07
C GLY C 65 -44.40 26.56 -45.52
N THR C 66 -44.06 27.06 -46.69
CA THR C 66 -44.74 28.24 -47.21
C THR C 66 -46.22 27.96 -47.41
N ARG C 67 -46.56 26.75 -47.90
CA ARG C 67 -47.97 26.38 -48.04
C ARG C 67 -48.67 26.38 -46.68
N LEU C 68 -47.95 25.98 -45.63
CA LEU C 68 -48.49 25.95 -44.28
C LEU C 68 -48.47 27.30 -43.57
N GLY C 69 -47.90 28.33 -44.20
CA GLY C 69 -47.90 29.64 -43.59
C GLY C 69 -46.85 29.86 -42.55
N LEU C 70 -45.71 29.18 -42.65
CA LEU C 70 -44.72 29.22 -41.59
C LEU C 70 -43.80 30.43 -41.70
N HIS C 71 -43.39 30.92 -40.53
CA HIS C 71 -42.43 32.01 -40.41
C HIS C 71 -41.14 31.66 -41.14
N TYR C 72 -40.42 32.70 -41.59
CA TYR C 72 -39.19 32.44 -42.36
C TYR C 72 -38.14 31.76 -41.49
N ASP C 73 -38.07 32.09 -40.20
CA ASP C 73 -37.11 31.44 -39.33
C ASP C 73 -37.40 29.94 -39.24
N THR C 74 -38.68 29.56 -39.20
CA THR C 74 -39.01 28.13 -39.10
C THR C 74 -38.54 27.38 -40.34
N LEU C 75 -38.72 27.97 -41.52
CA LEU C 75 -38.23 27.33 -42.74
C LEU C 75 -36.73 27.14 -42.69
N ALA C 76 -36.00 28.20 -42.31
CA ALA C 76 -34.54 28.12 -42.29
C ALA C 76 -34.06 27.08 -41.29
N THR C 77 -34.64 27.07 -40.08
CA THR C 77 -34.21 26.11 -39.08
C THR C 77 -34.35 24.68 -39.60
N GLY C 78 -35.49 24.35 -40.20
CA GLY C 78 -35.64 23.05 -40.81
C GLY C 78 -34.56 22.79 -41.84
N ILE C 79 -34.21 23.81 -42.63
CA ILE C 79 -33.20 23.64 -43.66
C ILE C 79 -31.83 23.41 -43.04
N ILE C 80 -31.52 24.13 -41.95
CA ILE C 80 -30.22 23.95 -41.30
C ILE C 80 -30.12 22.55 -40.69
N TYR C 81 -31.17 22.11 -39.99
CA TYR C 81 -31.21 20.73 -39.51
C TYR C 81 -30.94 19.75 -40.65
N PHE C 82 -31.61 19.97 -41.79
CA PHE C 82 -31.45 19.10 -42.96
C PHE C 82 -30.00 19.08 -43.43
N HIS C 83 -29.42 20.25 -43.66
CA HIS C 83 -28.04 20.29 -44.16
C HIS C 83 -27.09 19.62 -43.20
N ARG C 84 -27.27 19.87 -41.89
CA ARG C 84 -26.39 19.24 -40.90
C ARG C 84 -26.59 17.73 -40.87
N PHE C 85 -27.83 17.27 -41.01
CA PHE C 85 -28.12 15.84 -40.99
C PHE C 85 -27.26 15.09 -42.00
N TYR C 86 -27.18 15.59 -43.23
CA TYR C 86 -26.47 14.87 -44.28
C TYR C 86 -24.96 15.11 -44.28
N MET C 87 -24.46 15.75 -43.23
CA MET C 87 -23.04 15.65 -42.89
C MET C 87 -22.74 14.40 -42.06
N PHE C 88 -23.78 13.73 -41.54
CA PHE C 88 -23.58 12.53 -40.74
C PHE C 88 -24.20 11.28 -41.33
N HIS C 89 -24.98 11.39 -42.40
CA HIS C 89 -25.64 10.24 -43.00
C HIS C 89 -25.57 10.37 -44.52
N SER C 90 -25.88 9.27 -45.20
CA SER C 90 -25.86 9.24 -46.66
C SER C 90 -27.25 9.42 -47.23
N PHE C 91 -27.34 10.14 -48.35
CA PHE C 91 -28.61 10.30 -49.05
C PHE C 91 -29.14 8.97 -49.57
N LYS C 92 -28.28 7.97 -49.76
CA LYS C 92 -28.75 6.68 -50.28
C LYS C 92 -29.47 5.83 -49.24
N GLN C 93 -29.30 6.14 -47.95
CA GLN C 93 -29.95 5.40 -46.88
C GLN C 93 -31.06 6.18 -46.18
N PHE C 94 -31.06 7.50 -46.29
CA PHE C 94 -32.14 8.32 -45.73
C PHE C 94 -32.81 9.13 -46.83
N PRO C 95 -33.99 8.72 -47.29
CA PRO C 95 -34.65 9.47 -48.36
C PRO C 95 -34.86 10.93 -47.97
N ARG C 96 -34.56 11.83 -48.90
CA ARG C 96 -34.36 13.22 -48.52
C ARG C 96 -35.67 13.91 -48.17
N TYR C 97 -36.76 13.57 -48.88
CA TYR C 97 -38.01 14.28 -48.61
C TYR C 97 -38.63 13.83 -47.29
N VAL C 98 -38.35 12.60 -46.85
CA VAL C 98 -38.75 12.21 -45.51
C VAL C 98 -37.95 13.01 -44.49
N THR C 99 -36.64 13.06 -44.66
CA THR C 99 -35.78 13.86 -43.78
C THR C 99 -36.24 15.31 -43.75
N GLY C 100 -36.42 15.91 -44.93
CA GLY C 100 -36.89 17.28 -44.98
C GLY C 100 -38.16 17.50 -44.18
N ALA C 101 -39.16 16.64 -44.41
CA ALA C 101 -40.42 16.78 -43.70
C ALA C 101 -40.21 16.67 -42.19
N CYS C 102 -39.36 15.74 -41.75
CA CYS C 102 -39.07 15.61 -40.32
C CYS C 102 -38.38 16.87 -39.79
N CYS C 103 -37.42 17.40 -40.54
CA CYS C 103 -36.73 18.62 -40.11
C CYS C 103 -37.74 19.75 -39.90
N LEU C 104 -38.62 19.96 -40.87
CA LEU C 104 -39.63 21.01 -40.75
C LEU C 104 -40.55 20.74 -39.56
N PHE C 105 -40.91 19.48 -39.36
CA PHE C 105 -41.76 19.13 -38.23
C PHE C 105 -41.11 19.51 -36.91
N LEU C 106 -39.83 19.13 -36.72
CA LEU C 106 -39.15 19.50 -35.49
C LEU C 106 -38.92 21.00 -35.40
N ALA C 107 -38.51 21.62 -36.51
CA ALA C 107 -38.27 23.06 -36.51
C ALA C 107 -39.48 23.82 -36.03
N GLY C 108 -40.68 23.37 -36.41
CA GLY C 108 -41.89 24.03 -35.96
C GLY C 108 -41.99 24.05 -34.45
N LYS C 109 -41.71 22.91 -33.81
CA LYS C 109 -41.76 22.87 -32.36
C LYS C 109 -40.64 23.69 -31.74
N VAL C 110 -39.45 23.67 -32.35
CA VAL C 110 -38.34 24.44 -31.79
C VAL C 110 -38.65 25.93 -31.85
N GLU C 111 -39.17 26.40 -32.99
CA GLU C 111 -39.38 27.82 -33.23
C GLU C 111 -40.78 28.30 -32.80
N GLU C 112 -41.56 27.45 -32.14
CA GLU C 112 -42.89 27.81 -31.64
C GLU C 112 -43.85 28.20 -32.77
N THR C 113 -43.73 27.54 -33.91
CA THR C 113 -44.69 27.62 -35.01
C THR C 113 -45.12 26.20 -35.36
N PRO C 114 -45.68 25.48 -34.38
CA PRO C 114 -45.85 24.03 -34.55
C PRO C 114 -46.90 23.68 -35.59
N LYS C 115 -46.69 22.51 -36.20
CA LYS C 115 -47.66 21.95 -37.14
C LYS C 115 -47.84 20.47 -36.83
N LYS C 116 -49.04 19.95 -37.11
CA LYS C 116 -49.27 18.53 -36.92
C LYS C 116 -48.59 17.76 -38.04
N CYS C 117 -48.02 16.61 -37.70
CA CYS C 117 -47.31 15.84 -38.71
C CYS C 117 -48.21 15.49 -39.90
N LYS C 118 -49.48 15.18 -39.63
CA LYS C 118 -50.39 14.83 -40.72
C LYS C 118 -50.54 15.98 -41.71
N ASP C 119 -50.48 17.23 -41.25
CA ASP C 119 -50.63 18.36 -42.15
C ASP C 119 -49.40 18.53 -43.04
N ILE C 120 -48.21 18.25 -42.48
CA ILE C 120 -47.00 18.31 -43.30
C ILE C 120 -47.06 17.25 -44.38
N ILE C 121 -47.53 16.06 -44.02
CA ILE C 121 -47.66 14.98 -45.02
C ILE C 121 -48.66 15.37 -46.08
N LYS C 122 -49.80 15.94 -45.67
CA LYS C 122 -50.83 16.33 -46.62
C LYS C 122 -50.26 17.25 -47.68
N THR C 123 -49.54 18.28 -47.24
CA THR C 123 -48.95 19.24 -48.15
C THR C 123 -47.87 18.59 -48.99
N ALA C 124 -47.05 17.74 -48.38
CA ALA C 124 -46.00 17.05 -49.13
C ALA C 124 -46.60 16.22 -50.26
N ARG C 125 -47.76 15.62 -50.03
CA ARG C 125 -48.40 14.84 -51.07
C ARG C 125 -48.77 15.72 -52.26
N SER C 126 -49.29 16.91 -51.98
CA SER C 126 -49.66 17.84 -53.04
C SER C 126 -48.44 18.24 -53.87
N LEU C 127 -47.29 18.45 -53.22
CA LEU C 127 -46.14 18.98 -53.93
C LEU C 127 -45.30 17.89 -54.60
N LEU C 128 -45.26 16.69 -54.04
CA LEU C 128 -44.42 15.62 -54.61
C LEU C 128 -45.26 14.75 -55.55
N ASN C 129 -44.65 14.32 -56.66
CA ASN C 129 -45.32 13.39 -57.53
C ASN C 129 -45.32 12.01 -56.87
N ASP C 130 -45.93 11.03 -57.54
CA ASP C 130 -46.10 9.72 -56.92
C ASP C 130 -44.77 9.00 -56.74
N VAL C 131 -43.84 9.16 -57.68
CA VAL C 131 -42.51 8.58 -57.49
C VAL C 131 -41.85 9.17 -56.25
N GLN C 132 -41.84 10.50 -56.17
CA GLN C 132 -41.21 11.18 -55.04
C GLN C 132 -41.87 10.80 -53.72
N PHE C 133 -43.21 10.87 -53.68
CA PHE C 133 -43.91 10.49 -52.46
C PHE C 133 -43.72 9.03 -52.12
N GLY C 134 -43.13 8.24 -53.03
CA GLY C 134 -42.78 6.87 -52.69
C GLY C 134 -41.80 6.78 -51.55
N GLN C 135 -40.94 7.79 -51.39
CA GLN C 135 -39.95 7.76 -50.31
C GLN C 135 -40.62 7.59 -48.94
N PHE C 136 -41.82 8.14 -48.77
CA PHE C 136 -42.52 8.05 -47.50
C PHE C 136 -43.05 6.65 -47.23
N GLY C 137 -43.02 5.78 -48.22
CA GLY C 137 -43.38 4.41 -47.97
C GLY C 137 -44.88 4.25 -47.77
N ASP C 138 -45.24 3.14 -47.15
CA ASP C 138 -46.66 2.80 -46.99
C ASP C 138 -47.33 3.69 -45.96
N ASP C 139 -46.59 4.10 -44.92
CA ASP C 139 -47.11 4.93 -43.84
C ASP C 139 -46.28 6.20 -43.74
N PRO C 140 -46.66 7.27 -44.45
CA PRO C 140 -45.82 8.48 -44.41
C PRO C 140 -45.61 9.06 -43.02
N LYS C 141 -46.68 9.26 -42.24
CA LYS C 141 -46.52 9.83 -40.90
C LYS C 141 -45.53 9.02 -40.09
N GLU C 142 -45.65 7.70 -40.12
CA GLU C 142 -44.76 6.86 -39.33
C GLU C 142 -43.30 7.04 -39.72
N GLU C 143 -43.02 7.03 -41.03
CA GLU C 143 -41.64 7.18 -41.45
C GLU C 143 -41.03 8.49 -40.96
N VAL C 144 -41.85 9.55 -40.93
CA VAL C 144 -41.37 10.85 -40.46
C VAL C 144 -41.22 10.86 -38.94
N MET C 145 -42.26 10.44 -38.21
CA MET C 145 -42.19 10.52 -36.75
C MET C 145 -41.05 9.66 -36.20
N VAL C 146 -40.80 8.53 -36.84
CA VAL C 146 -39.74 7.62 -36.40
C VAL C 146 -38.38 8.28 -36.50
N LEU C 147 -38.18 9.10 -37.53
CA LEU C 147 -36.88 9.72 -37.77
C LEU C 147 -36.51 10.74 -36.72
N GLU C 148 -37.49 11.25 -35.96
CA GLU C 148 -37.19 12.32 -35.02
C GLU C 148 -36.11 11.91 -34.02
N ARG C 149 -36.12 10.66 -33.58
CA ARG C 149 -35.09 10.23 -32.64
C ARG C 149 -33.70 10.43 -33.24
N ILE C 150 -33.52 9.99 -34.48
CA ILE C 150 -32.21 10.10 -35.12
C ILE C 150 -31.87 11.57 -35.35
N LEU C 151 -32.86 12.36 -35.77
CA LEU C 151 -32.60 13.77 -36.00
C LEU C 151 -32.09 14.45 -34.73
N LEU C 152 -32.78 14.25 -33.62
CA LEU C 152 -32.35 14.87 -32.37
C LEU C 152 -30.95 14.42 -31.96
N GLN C 153 -30.70 13.11 -32.01
CA GLN C 153 -29.37 12.62 -31.68
C GLN C 153 -28.33 13.13 -32.67
N THR C 154 -28.70 13.24 -33.94
CA THR C 154 -27.74 13.69 -34.95
C THR C 154 -27.33 15.14 -34.72
N ILE C 155 -28.30 16.02 -34.49
CA ILE C 155 -27.99 17.44 -34.29
C ILE C 155 -27.58 17.67 -32.84
N LYS C 156 -27.29 16.59 -32.13
CA LYS C 156 -26.69 16.66 -30.79
C LYS C 156 -27.52 17.52 -29.84
N PHE C 157 -28.84 17.52 -30.04
CA PHE C 157 -29.77 18.29 -29.20
C PHE C 157 -29.41 19.76 -29.10
N ASP C 158 -28.64 20.27 -30.06
CA ASP C 158 -28.34 21.71 -30.15
C ASP C 158 -29.38 22.33 -31.06
N LEU C 159 -30.50 22.75 -30.46
CA LEU C 159 -31.67 23.16 -31.22
C LEU C 159 -31.69 24.65 -31.60
N GLN C 160 -31.08 25.51 -30.79
CA GLN C 160 -31.12 26.94 -31.05
C GLN C 160 -30.24 27.25 -32.25
N VAL C 161 -30.78 28.00 -33.20
CA VAL C 161 -30.07 28.34 -34.43
C VAL C 161 -30.29 29.82 -34.72
N GLU C 162 -29.23 30.49 -35.16
CA GLU C 162 -29.29 31.88 -35.60
C GLU C 162 -29.17 31.91 -37.12
N HIS C 163 -29.83 32.89 -37.74
CA HIS C 163 -29.91 32.93 -39.20
C HIS C 163 -29.49 34.29 -39.73
N PRO C 164 -29.03 34.35 -40.99
CA PRO C 164 -28.54 35.65 -41.53
C PRO C 164 -29.56 36.77 -41.45
N TYR C 165 -30.85 36.45 -41.38
CA TYR C 165 -31.87 37.48 -41.47
C TYR C 165 -31.73 38.49 -40.32
N GLN C 166 -31.61 37.99 -39.08
CA GLN C 166 -31.60 38.93 -37.95
C GLN C 166 -30.43 39.90 -38.06
N PHE C 167 -29.29 39.43 -38.57
CA PHE C 167 -28.12 40.29 -38.70
C PHE C 167 -28.25 41.25 -39.86
N LEU C 168 -28.87 40.79 -40.96
CA LEU C 168 -29.17 41.70 -42.06
C LEU C 168 -29.98 42.90 -41.57
N LEU C 169 -30.95 42.65 -40.69
CA LEU C 169 -31.77 43.74 -40.17
C LEU C 169 -31.04 44.51 -39.07
N LYS C 170 -30.34 43.82 -38.16
CA LYS C 170 -29.64 44.54 -37.10
C LYS C 170 -28.57 45.43 -37.70
N TYR C 171 -27.82 44.91 -38.68
CA TYR C 171 -26.74 45.69 -39.28
C TYR C 171 -27.29 46.85 -40.11
N ALA C 172 -28.34 46.59 -40.91
CA ALA C 172 -28.91 47.64 -41.75
C ALA C 172 -29.54 48.77 -40.94
N LYS C 173 -30.12 48.45 -39.77
CA LYS C 173 -30.70 49.48 -38.93
C LYS C 173 -29.68 50.57 -38.59
N GLN C 174 -28.39 50.23 -38.62
CA GLN C 174 -27.33 51.19 -38.33
C GLN C 174 -26.85 51.92 -39.59
N LEU C 175 -27.50 51.69 -40.73
CA LEU C 175 -27.22 52.46 -41.94
C LEU C 175 -28.20 53.63 -42.02
N LYS C 176 -27.69 54.82 -42.30
CA LYS C 176 -28.51 56.01 -42.43
C LYS C 176 -28.15 56.71 -43.74
N GLY C 177 -29.19 57.07 -44.49
CA GLY C 177 -29.03 57.66 -45.81
C GLY C 177 -30.34 57.56 -46.57
N ASP C 178 -30.23 57.51 -47.89
CA ASP C 178 -31.39 57.37 -48.76
C ASP C 178 -32.23 56.16 -48.36
N LYS C 179 -33.46 56.42 -47.92
CA LYS C 179 -34.34 55.35 -47.46
C LYS C 179 -34.53 54.29 -48.54
N ASN C 180 -34.70 54.74 -49.79
CA ASN C 180 -35.02 53.84 -50.89
C ASN C 180 -33.83 53.03 -51.37
N LYS C 181 -32.62 53.60 -51.32
CA LYS C 181 -31.44 52.83 -51.70
C LYS C 181 -31.14 51.75 -50.66
N ILE C 182 -31.28 52.07 -49.38
CA ILE C 182 -31.04 51.07 -48.34
C ILE C 182 -32.10 49.96 -48.39
N GLN C 183 -33.36 50.32 -48.59
CA GLN C 183 -34.38 49.27 -48.67
C GLN C 183 -34.13 48.38 -49.87
N LYS C 184 -33.69 48.95 -51.00
CA LYS C 184 -33.32 48.11 -52.14
C LYS C 184 -32.17 47.18 -51.77
N LEU C 185 -31.19 47.68 -51.01
CA LEU C 185 -30.09 46.83 -50.56
C LEU C 185 -30.62 45.70 -49.70
N VAL C 186 -31.50 46.01 -48.75
CA VAL C 186 -32.00 44.97 -47.84
C VAL C 186 -32.75 43.88 -48.60
N GLN C 187 -33.67 44.27 -49.48
CA GLN C 187 -34.47 43.23 -50.13
C GLN C 187 -33.62 42.36 -51.05
N MET C 188 -32.71 42.96 -51.83
CA MET C 188 -31.86 42.15 -52.68
C MET C 188 -31.03 41.19 -51.84
N ALA C 189 -30.49 41.66 -50.72
CA ALA C 189 -29.71 40.79 -49.84
C ALA C 189 -30.60 39.70 -49.23
N TRP C 190 -31.80 40.08 -48.79
CA TRP C 190 -32.74 39.09 -48.26
C TRP C 190 -32.99 37.98 -49.26
N THR C 191 -33.18 38.32 -50.54
CA THR C 191 -33.31 37.30 -51.57
C THR C 191 -32.08 36.41 -51.60
N PHE C 192 -30.89 36.99 -51.49
CA PHE C 192 -29.67 36.19 -51.48
C PHE C 192 -29.62 35.26 -50.27
N VAL C 193 -30.12 35.71 -49.12
CA VAL C 193 -30.17 34.80 -47.97
C VAL C 193 -31.05 33.60 -48.29
N ASN C 194 -32.27 33.85 -48.82
CA ASN C 194 -33.17 32.76 -49.15
C ASN C 194 -32.50 31.76 -50.10
N ASP C 195 -31.73 32.27 -51.07
CA ASP C 195 -31.11 31.40 -52.05
C ASP C 195 -29.94 30.62 -51.48
N SER C 196 -29.26 31.17 -50.47
CA SER C 196 -28.12 30.49 -49.87
C SER C 196 -28.53 29.26 -49.06
N LEU C 197 -29.80 29.17 -48.66
CA LEU C 197 -30.28 28.01 -47.92
C LEU C 197 -30.21 26.74 -48.76
N CYS C 198 -30.17 26.87 -50.09
CA CYS C 198 -30.03 25.73 -50.97
C CYS C 198 -28.60 25.23 -51.08
N THR C 199 -27.67 25.90 -50.42
CA THR C 199 -26.26 25.60 -50.50
C THR C 199 -25.72 25.20 -49.14
N THR C 200 -24.46 24.77 -49.15
CA THR C 200 -23.75 24.36 -47.95
C THR C 200 -23.10 25.52 -47.23
N LEU C 201 -23.37 26.76 -47.67
CA LEU C 201 -22.81 27.92 -46.96
C LEU C 201 -23.24 27.93 -45.50
N SER C 202 -24.45 27.46 -45.22
CA SER C 202 -24.91 27.32 -43.85
C SER C 202 -23.95 26.48 -43.03
N LEU C 203 -23.20 25.60 -43.69
CA LEU C 203 -22.27 24.71 -43.04
C LEU C 203 -20.83 25.22 -43.06
N GLN C 204 -20.56 26.32 -43.77
CA GLN C 204 -19.20 26.83 -43.87
C GLN C 204 -18.97 28.09 -43.03
N TRP C 205 -19.95 28.98 -42.96
CA TRP C 205 -19.75 30.29 -42.36
C TRP C 205 -20.87 30.59 -41.38
N GLU C 206 -20.52 31.30 -40.31
CA GLU C 206 -21.53 31.70 -39.35
C GLU C 206 -22.52 32.65 -40.04
N PRO C 207 -23.76 32.73 -39.54
CA PRO C 207 -24.75 33.62 -40.18
C PRO C 207 -24.29 35.06 -40.29
N GLU C 208 -23.54 35.56 -39.31
CA GLU C 208 -23.11 36.95 -39.35
C GLU C 208 -22.30 37.26 -40.60
N ILE C 209 -21.42 36.34 -41.01
CA ILE C 209 -20.60 36.54 -42.20
C ILE C 209 -21.50 36.48 -43.44
N ILE C 210 -22.50 35.61 -43.43
CA ILE C 210 -23.39 35.52 -44.56
C ILE C 210 -24.17 36.81 -44.72
N ALA C 211 -24.63 37.38 -43.61
CA ALA C 211 -25.38 38.63 -43.66
C ALA C 211 -24.53 39.77 -44.23
N VAL C 212 -23.30 39.92 -43.76
CA VAL C 212 -22.46 40.98 -44.33
C VAL C 212 -22.16 40.67 -45.79
N ALA C 213 -21.93 39.39 -46.10
CA ALA C 213 -21.63 39.02 -47.48
C ALA C 213 -22.78 39.38 -48.41
N VAL C 214 -24.02 39.14 -47.99
CA VAL C 214 -25.15 39.47 -48.86
C VAL C 214 -25.29 40.97 -49.00
N MET C 215 -25.00 41.72 -47.92
CA MET C 215 -24.94 43.17 -48.02
C MET C 215 -23.83 43.59 -48.99
N TYR C 216 -22.65 42.96 -48.85
CA TYR C 216 -21.52 43.22 -49.74
C TYR C 216 -21.87 42.97 -51.19
N LEU C 217 -22.51 41.84 -51.48
CA LEU C 217 -22.84 41.53 -52.87
C LEU C 217 -23.86 42.52 -53.43
N ALA C 218 -24.99 42.71 -52.74
CA ALA C 218 -25.99 43.64 -53.22
C ALA C 218 -25.40 45.03 -53.46
N GLY C 219 -24.52 45.48 -52.56
CA GLY C 219 -23.88 46.77 -52.77
C GLY C 219 -23.09 46.82 -54.06
N ARG C 220 -22.35 45.77 -54.36
CA ARG C 220 -21.65 45.69 -55.63
C ARG C 220 -22.64 45.74 -56.79
N LEU C 221 -23.73 44.98 -56.70
CA LEU C 221 -24.66 44.91 -57.82
C LEU C 221 -25.42 46.24 -58.01
N CYS C 222 -25.80 46.91 -56.94
CA CYS C 222 -26.51 48.17 -57.06
C CYS C 222 -25.57 49.36 -57.20
N LYS C 223 -24.26 49.14 -57.19
CA LYS C 223 -23.28 50.22 -57.28
C LYS C 223 -23.44 51.23 -56.14
N PHE C 224 -23.69 50.71 -54.94
CA PHE C 224 -23.77 51.50 -53.72
C PHE C 224 -22.46 51.37 -52.95
N GLU C 225 -22.07 52.45 -52.27
CA GLU C 225 -20.89 52.44 -51.40
C GLU C 225 -21.35 52.54 -49.94
N ILE C 226 -21.53 51.37 -49.34
CA ILE C 226 -22.17 51.25 -48.03
C ILE C 226 -21.46 52.07 -46.97
N GLN C 227 -20.13 52.22 -47.06
CA GLN C 227 -19.42 52.92 -46.01
C GLN C 227 -20.00 54.30 -45.75
N GLU C 228 -20.52 54.95 -46.80
CA GLU C 228 -21.08 56.29 -46.64
C GLU C 228 -22.24 56.30 -45.66
N TRP C 229 -22.97 55.19 -45.57
CA TRP C 229 -24.10 55.08 -44.66
C TRP C 229 -23.71 54.68 -43.25
N THR C 230 -22.45 54.30 -43.02
CA THR C 230 -22.02 53.88 -41.69
C THR C 230 -21.62 55.09 -40.85
N SER C 231 -21.51 54.88 -39.54
CA SER C 231 -20.99 55.92 -38.65
C SER C 231 -19.53 56.26 -38.95
N LYS C 232 -18.82 55.39 -39.68
CA LYS C 232 -17.43 55.59 -40.05
C LYS C 232 -17.35 55.68 -41.57
N PRO C 233 -17.74 56.82 -42.15
CA PRO C 233 -17.90 56.88 -43.62
C PRO C 233 -16.60 56.84 -44.40
N MET C 234 -15.45 56.95 -43.74
CA MET C 234 -14.16 56.87 -44.41
C MET C 234 -13.44 55.57 -44.07
N TYR C 235 -14.16 54.64 -43.45
CA TYR C 235 -13.71 53.28 -43.15
C TYR C 235 -14.20 52.40 -44.30
N ARG C 236 -13.32 52.12 -45.25
CA ARG C 236 -13.71 51.40 -46.46
C ARG C 236 -14.19 50.00 -46.11
N ARG C 237 -13.58 49.37 -45.10
CA ARG C 237 -14.04 48.05 -44.65
C ARG C 237 -15.18 48.26 -43.65
N TRP C 238 -16.37 48.54 -44.21
CA TRP C 238 -17.54 48.80 -43.38
C TRP C 238 -17.94 47.59 -42.56
N TRP C 239 -17.72 46.39 -43.09
CA TRP C 239 -18.18 45.20 -42.36
C TRP C 239 -17.50 45.07 -41.00
N GLU C 240 -16.28 45.60 -40.86
CA GLU C 240 -15.48 45.32 -39.68
C GLU C 240 -16.12 45.84 -38.39
N GLN C 241 -16.94 46.88 -38.48
CA GLN C 241 -17.68 47.29 -37.28
C GLN C 241 -18.80 46.30 -36.95
N PHE C 242 -19.31 45.60 -37.96
CA PHE C 242 -20.42 44.67 -37.75
C PHE C 242 -19.86 43.31 -37.35
N VAL C 243 -19.04 42.72 -38.22
CA VAL C 243 -18.38 41.45 -37.92
C VAL C 243 -16.88 41.69 -37.97
N GLN C 244 -16.20 41.46 -36.86
CA GLN C 244 -14.77 41.69 -36.83
C GLN C 244 -14.04 40.51 -37.44
N ASP C 245 -12.89 40.80 -38.04
CA ASP C 245 -11.97 39.76 -38.51
C ASP C 245 -12.55 38.96 -39.68
N VAL C 246 -13.21 39.62 -40.62
CA VAL C 246 -13.72 38.91 -41.79
C VAL C 246 -12.88 39.32 -43.00
N PRO C 247 -12.08 38.42 -43.55
CA PRO C 247 -11.30 38.79 -44.75
C PRO C 247 -12.21 38.99 -45.95
N VAL C 248 -11.72 39.81 -46.89
CA VAL C 248 -12.50 40.03 -48.11
C VAL C 248 -12.64 38.72 -48.87
N ASP C 249 -11.61 37.86 -48.80
CA ASP C 249 -11.66 36.58 -49.48
C ASP C 249 -12.89 35.80 -49.04
N VAL C 250 -13.12 35.74 -47.73
CA VAL C 250 -14.28 35.05 -47.21
C VAL C 250 -15.56 35.67 -47.77
N LEU C 251 -15.63 37.00 -47.74
CA LEU C 251 -16.83 37.64 -48.28
C LEU C 251 -17.00 37.40 -49.78
N GLU C 252 -15.90 37.33 -50.53
CA GLU C 252 -16.01 37.07 -51.96
C GLU C 252 -16.30 35.61 -52.27
N ASP C 253 -15.66 34.68 -51.56
CA ASP C 253 -15.95 33.26 -51.76
C ASP C 253 -17.44 33.00 -51.63
N ILE C 254 -18.07 33.63 -50.64
CA ILE C 254 -19.51 33.47 -50.46
C ILE C 254 -20.26 34.03 -51.64
N CYS C 255 -19.88 35.24 -52.08
CA CYS C 255 -20.53 35.84 -53.24
C CYS C 255 -20.41 34.94 -54.47
N HIS C 256 -19.21 34.40 -54.70
CA HIS C 256 -19.02 33.51 -55.85
C HIS C 256 -20.00 32.34 -55.78
N GLN C 257 -20.13 31.74 -54.59
CA GLN C 257 -21.02 30.60 -54.44
C GLN C 257 -22.49 30.97 -54.64
N ILE C 258 -22.90 32.15 -54.18
CA ILE C 258 -24.30 32.53 -54.36
C ILE C 258 -24.62 32.76 -55.84
N LEU C 259 -23.77 33.52 -56.53
CA LEU C 259 -24.04 33.80 -57.94
C LEU C 259 -23.93 32.56 -58.81
N ASP C 260 -23.19 31.53 -58.37
CA ASP C 260 -23.11 30.30 -59.15
C ASP C 260 -24.50 29.68 -59.33
N LEU C 261 -25.33 29.75 -58.28
CA LEU C 261 -26.71 29.27 -58.41
C LEU C 261 -27.45 30.06 -59.49
N TYR C 262 -27.14 31.35 -59.62
CA TYR C 262 -27.76 32.20 -60.63
C TYR C 262 -27.18 31.99 -62.03
N SER C 263 -25.98 31.42 -62.17
CA SER C 263 -25.45 31.13 -63.49
C SER C 263 -25.74 29.70 -63.95
N GLN C 264 -25.90 28.75 -63.03
CA GLN C 264 -26.27 27.39 -63.38
C GLN C 264 -27.74 27.31 -63.78
N GLY C 265 -28.64 27.94 -63.02
CA GLY C 265 -30.02 28.07 -63.42
C GLY C 265 -30.16 29.22 -64.37
N LYS C 266 -31.35 29.38 -64.95
CA LYS C 266 -31.50 30.40 -65.97
C LYS C 266 -32.14 31.70 -65.45
N GLN C 267 -31.93 32.01 -64.18
CA GLN C 267 -32.36 33.27 -63.58
C GLN C 267 -31.09 34.10 -63.46
N GLN C 268 -31.25 35.41 -63.40
CA GLN C 268 -30.14 36.36 -63.46
C GLN C 268 -30.05 37.12 -62.15
N MET C 269 -28.87 37.68 -61.86
CA MET C 269 -28.68 38.40 -60.61
C MET C 269 -29.84 39.39 -60.43
N PRO C 270 -30.46 39.45 -59.25
CA PRO C 270 -31.72 40.21 -59.11
C PRO C 270 -31.57 41.68 -59.48
N MET D 5 19.31 -37.54 -47.62
CA MET D 5 18.66 -36.59 -48.58
C MET D 5 17.18 -36.93 -48.75
N SER D 6 16.43 -35.98 -49.28
CA SER D 6 14.99 -36.13 -49.49
C SER D 6 14.69 -35.96 -50.97
N TYR D 7 13.63 -36.65 -51.42
CA TYR D 7 13.30 -36.73 -52.84
C TYR D 7 11.83 -36.39 -53.02
N ASN D 8 11.55 -35.39 -53.84
CA ASN D 8 10.21 -34.88 -54.01
C ASN D 8 9.94 -34.54 -55.48
N TYR D 9 8.65 -34.37 -55.77
CA TYR D 9 8.08 -34.19 -57.10
C TYR D 9 7.10 -33.03 -57.01
N VAL D 10 7.18 -32.09 -57.94
CA VAL D 10 6.34 -30.89 -57.92
C VAL D 10 5.67 -30.73 -59.27
N VAL D 11 4.33 -30.62 -59.25
CA VAL D 11 3.53 -30.49 -60.46
C VAL D 11 2.55 -29.33 -60.33
N THR D 12 2.13 -28.83 -61.48
CA THR D 12 1.09 -27.81 -61.55
C THR D 12 -0.28 -28.47 -61.71
N ALA D 13 -1.18 -28.21 -60.76
CA ALA D 13 -2.56 -28.65 -60.86
C ALA D 13 -3.43 -27.65 -61.60
N GLN D 14 -3.23 -26.35 -61.34
CA GLN D 14 -3.88 -25.28 -62.08
C GLN D 14 -2.81 -24.26 -62.45
N LYS D 15 -2.77 -23.89 -63.73
CA LYS D 15 -1.76 -22.94 -64.21
C LYS D 15 -2.05 -21.53 -63.70
N PRO D 16 -1.06 -20.65 -63.74
CA PRO D 16 -1.28 -19.26 -63.32
C PRO D 16 -2.44 -18.64 -64.08
N THR D 17 -3.33 -17.97 -63.34
CA THR D 17 -4.51 -17.36 -63.94
C THR D 17 -4.45 -15.83 -63.96
N ALA D 18 -3.57 -15.23 -63.17
CA ALA D 18 -3.49 -13.78 -63.07
C ALA D 18 -2.81 -13.19 -64.29
N VAL D 19 -3.31 -12.03 -64.73
CA VAL D 19 -2.76 -11.34 -65.89
C VAL D 19 -1.69 -10.36 -65.42
N ASN D 20 -0.45 -10.64 -65.77
CA ASN D 20 0.68 -9.78 -65.45
C ASN D 20 0.90 -8.68 -66.48
N GLY D 21 0.60 -8.94 -67.75
CA GLY D 21 0.71 -7.93 -68.79
C GLY D 21 0.05 -8.42 -70.06
N CYS D 22 -0.28 -7.47 -70.94
CA CYS D 22 -0.90 -7.82 -72.22
C CYS D 22 -0.60 -6.76 -73.27
N VAL D 23 -0.36 -7.23 -74.51
CA VAL D 23 -0.05 -6.36 -75.64
C VAL D 23 -0.89 -6.76 -76.85
N THR D 24 -1.01 -5.85 -77.81
CA THR D 24 -1.69 -6.11 -79.06
C THR D 24 -0.76 -5.76 -80.22
N GLY D 25 -0.85 -6.52 -81.30
CA GLY D 25 -0.03 -6.23 -82.46
C GLY D 25 -0.36 -7.16 -83.60
N HIS D 26 0.58 -7.31 -84.51
CA HIS D 26 0.46 -8.17 -85.69
C HIS D 26 1.59 -9.19 -85.67
N PHE D 27 1.45 -10.19 -84.79
CA PHE D 27 2.50 -11.14 -84.47
C PHE D 27 2.41 -12.41 -85.31
N THR D 28 1.21 -12.97 -85.46
CA THR D 28 1.06 -14.21 -86.22
C THR D 28 1.02 -13.99 -87.72
N SER D 29 0.42 -12.87 -88.16
CA SER D 29 0.37 -12.50 -89.56
C SER D 29 0.27 -10.98 -89.63
N ALA D 30 0.78 -10.41 -90.72
CA ALA D 30 0.64 -8.96 -90.88
C ALA D 30 -0.82 -8.55 -91.01
N GLU D 31 -1.72 -9.51 -91.20
CA GLU D 31 -3.15 -9.26 -91.38
C GLU D 31 -3.92 -9.43 -90.07
N ASP D 32 -3.55 -10.42 -89.27
CA ASP D 32 -4.28 -10.71 -88.06
C ASP D 32 -4.00 -9.64 -87.00
N LEU D 33 -5.02 -9.37 -86.18
CA LEU D 33 -4.86 -8.56 -84.98
C LEU D 33 -4.73 -9.51 -83.80
N ASN D 34 -3.63 -9.40 -83.08
CA ASN D 34 -3.31 -10.32 -81.98
C ASN D 34 -3.41 -9.62 -80.64
N LEU D 35 -3.81 -10.41 -79.63
CA LEU D 35 -3.73 -10.04 -78.23
C LEU D 35 -2.85 -11.09 -77.55
N LEU D 36 -1.69 -10.68 -77.08
CA LEU D 36 -0.81 -11.55 -76.31
C LEU D 36 -1.00 -11.24 -74.83
N ILE D 37 -1.41 -12.23 -74.06
CA ILE D 37 -1.65 -12.09 -72.62
C ILE D 37 -0.57 -12.88 -71.90
N ALA D 38 0.08 -12.26 -70.92
CA ALA D 38 1.17 -12.89 -70.19
C ALA D 38 0.74 -13.22 -68.77
N LYS D 39 0.78 -14.51 -68.43
CA LYS D 39 0.75 -15.04 -67.08
C LYS D 39 2.16 -15.37 -66.64
N ASN D 40 2.32 -15.62 -65.34
CA ASN D 40 3.67 -15.63 -64.77
C ASN D 40 4.66 -16.38 -65.63
N THR D 41 4.37 -17.64 -65.96
CA THR D 41 5.22 -18.45 -66.82
C THR D 41 4.58 -18.81 -68.15
N ARG D 42 3.37 -18.35 -68.41
CA ARG D 42 2.62 -18.76 -69.60
C ARG D 42 2.36 -17.54 -70.50
N LEU D 43 2.58 -17.74 -71.80
CA LEU D 43 2.29 -16.75 -72.83
C LEU D 43 1.15 -17.27 -73.69
N GLU D 44 0.07 -16.49 -73.77
CA GLU D 44 -1.13 -16.86 -74.53
C GLU D 44 -1.29 -15.95 -75.74
N ILE D 45 -1.53 -16.54 -76.90
CA ILE D 45 -1.68 -15.81 -78.16
C ILE D 45 -3.11 -15.97 -78.65
N TYR D 46 -3.79 -14.86 -78.91
CA TYR D 46 -5.18 -14.84 -79.39
C TYR D 46 -5.29 -14.01 -80.68
N VAL D 47 -6.36 -14.26 -81.44
CA VAL D 47 -6.69 -13.44 -82.61
C VAL D 47 -8.05 -12.77 -82.39
N VAL D 48 -8.10 -11.47 -82.68
CA VAL D 48 -9.30 -10.67 -82.42
C VAL D 48 -10.35 -10.89 -83.50
N THR D 49 -11.57 -11.19 -83.08
CA THR D 49 -12.76 -11.29 -83.92
C THR D 49 -13.80 -10.28 -83.42
N ALA D 50 -14.92 -10.19 -84.15
CA ALA D 50 -16.02 -9.34 -83.67
C ALA D 50 -16.73 -9.98 -82.48
N GLU D 51 -16.53 -11.29 -82.29
CA GLU D 51 -17.20 -12.08 -81.27
C GLU D 51 -16.48 -12.10 -79.93
N GLY D 52 -15.16 -12.12 -79.99
CA GLY D 52 -14.34 -12.42 -78.84
C GLY D 52 -12.96 -12.81 -79.33
N LEU D 53 -12.18 -13.39 -78.43
CA LEU D 53 -10.85 -13.87 -78.77
C LEU D 53 -10.85 -15.29 -79.33
N ARG D 54 -10.02 -15.52 -80.36
CA ARG D 54 -9.80 -16.85 -80.90
C ARG D 54 -8.40 -17.35 -80.53
N PRO D 55 -8.29 -18.41 -79.73
CA PRO D 55 -6.96 -18.91 -79.36
C PRO D 55 -6.25 -19.57 -80.53
N VAL D 56 -4.93 -19.42 -80.57
CA VAL D 56 -4.15 -19.99 -81.67
C VAL D 56 -3.01 -20.85 -81.12
N LYS D 57 -2.36 -20.41 -80.05
CA LYS D 57 -1.19 -21.11 -79.55
C LYS D 57 -0.88 -20.64 -78.13
N GLU D 58 -0.46 -21.57 -77.28
CA GLU D 58 0.02 -21.26 -75.95
C GLU D 58 1.35 -21.98 -75.70
N VAL D 59 2.32 -21.25 -75.14
CA VAL D 59 3.62 -21.80 -74.78
C VAL D 59 3.94 -21.46 -73.34
N GLY D 60 4.71 -22.33 -72.71
CA GLY D 60 5.33 -22.02 -71.43
C GLY D 60 6.79 -21.63 -71.65
N MET D 61 7.32 -20.83 -70.75
CA MET D 61 8.71 -20.43 -70.77
C MET D 61 9.38 -20.81 -69.46
N TYR D 62 10.67 -21.10 -69.55
CA TYR D 62 11.48 -21.41 -68.37
C TYR D 62 11.95 -20.10 -67.72
N GLY D 63 10.95 -19.33 -67.26
CA GLY D 63 11.19 -18.01 -66.72
C GLY D 63 9.94 -17.20 -66.43
N LYS D 64 10.04 -16.25 -65.49
CA LYS D 64 8.97 -15.30 -65.21
C LYS D 64 9.03 -14.16 -66.21
N ILE D 65 7.91 -13.87 -66.87
CA ILE D 65 7.89 -12.85 -67.91
C ILE D 65 7.87 -11.47 -67.26
N ALA D 66 8.95 -10.72 -67.43
CA ALA D 66 9.07 -9.37 -66.89
C ALA D 66 8.74 -8.30 -67.91
N VAL D 67 9.23 -8.43 -69.14
CA VAL D 67 8.97 -7.47 -70.21
C VAL D 67 8.41 -8.23 -71.40
N MET D 68 7.31 -7.74 -71.97
CA MET D 68 6.73 -8.32 -73.18
C MET D 68 6.27 -7.18 -74.08
N GLU D 69 6.87 -7.06 -75.26
CA GLU D 69 6.55 -5.97 -76.18
C GLU D 69 6.64 -6.46 -77.62
N LEU D 70 5.76 -5.93 -78.48
CA LEU D 70 5.75 -6.26 -79.88
C LEU D 70 6.38 -5.11 -80.66
N PHE D 71 7.27 -5.44 -81.59
CA PHE D 71 7.91 -4.42 -82.42
C PHE D 71 8.11 -5.00 -83.82
N ARG D 72 8.29 -4.11 -84.79
CA ARG D 72 8.44 -4.53 -86.19
C ARG D 72 9.57 -3.77 -86.84
N PRO D 73 10.77 -4.36 -86.89
CA PRO D 73 11.92 -3.63 -87.43
C PRO D 73 11.86 -3.47 -88.94
N LYS D 74 12.53 -2.42 -89.42
CA LYS D 74 12.58 -2.12 -90.84
C LYS D 74 12.99 -3.37 -91.61
N GLY D 75 12.15 -3.75 -92.58
CA GLY D 75 12.41 -4.91 -93.39
C GLY D 75 11.58 -6.14 -93.07
N GLU D 76 10.89 -6.18 -91.94
CA GLU D 76 10.12 -7.35 -91.54
C GLU D 76 8.70 -7.35 -92.09
N SER D 77 8.19 -8.57 -92.31
CA SER D 77 6.84 -8.75 -92.82
C SER D 77 5.78 -8.51 -91.75
N LYS D 78 6.08 -8.83 -90.50
CA LYS D 78 5.10 -8.78 -89.41
C LYS D 78 5.85 -8.54 -88.12
N ASP D 79 5.10 -8.33 -87.05
CA ASP D 79 5.70 -7.97 -85.77
C ASP D 79 6.49 -9.13 -85.19
N LEU D 80 7.57 -8.79 -84.47
CA LEU D 80 8.32 -9.71 -83.63
C LEU D 80 8.04 -9.39 -82.16
N LEU D 81 8.33 -10.37 -81.30
CA LEU D 81 8.02 -10.28 -79.88
C LEU D 81 9.30 -10.29 -79.06
N PHE D 82 9.44 -9.30 -78.18
CA PHE D 82 10.55 -9.27 -77.22
C PHE D 82 10.08 -9.67 -75.83
N ILE D 83 10.84 -10.54 -75.17
CA ILE D 83 10.54 -10.95 -73.79
C ILE D 83 11.82 -10.98 -72.97
N LEU D 84 11.74 -10.47 -71.74
CA LEU D 84 12.81 -10.50 -70.76
C LEU D 84 12.27 -11.10 -69.46
N THR D 85 12.96 -12.08 -68.91
CA THR D 85 12.50 -12.73 -67.69
C THR D 85 13.10 -12.09 -66.45
N ALA D 86 12.53 -12.45 -65.28
CA ALA D 86 13.01 -11.94 -64.01
C ALA D 86 14.40 -12.42 -63.66
N LYS D 87 14.85 -13.53 -64.25
CA LYS D 87 16.24 -13.95 -64.15
C LYS D 87 17.09 -13.35 -65.25
N TYR D 88 16.53 -12.37 -65.98
CA TYR D 88 17.26 -11.60 -66.98
C TYR D 88 17.54 -12.42 -68.24
N ASN D 89 16.66 -13.37 -68.57
CA ASN D 89 16.74 -14.07 -69.85
C ASN D 89 16.01 -13.23 -70.90
N ALA D 90 16.75 -12.76 -71.89
CA ALA D 90 16.21 -11.96 -72.98
C ALA D 90 16.12 -12.82 -74.23
N CYS D 91 15.12 -12.53 -75.06
CA CYS D 91 14.96 -13.24 -76.32
C CYS D 91 14.02 -12.47 -77.23
N ILE D 92 14.17 -12.69 -78.52
CA ILE D 92 13.25 -12.19 -79.54
C ILE D 92 12.64 -13.39 -80.23
N LEU D 93 11.31 -13.39 -80.34
CA LEU D 93 10.56 -14.56 -80.81
C LEU D 93 9.80 -14.24 -82.09
N GLU D 94 9.63 -15.28 -82.91
CA GLU D 94 8.89 -15.19 -84.16
C GLU D 94 7.84 -16.29 -84.21
N TYR D 95 6.63 -15.93 -84.63
CA TYR D 95 5.57 -16.90 -84.91
C TYR D 95 5.75 -17.42 -86.33
N LYS D 96 5.82 -18.74 -86.48
CA LYS D 96 5.97 -19.35 -87.80
C LYS D 96 5.04 -20.55 -87.88
N GLN D 97 4.20 -20.58 -88.91
CA GLN D 97 3.23 -21.65 -89.07
C GLN D 97 3.23 -22.14 -90.50
N SER D 98 3.33 -23.47 -90.66
CA SER D 98 3.28 -24.14 -91.96
C SER D 98 2.17 -25.18 -91.88
N GLY D 99 0.99 -24.81 -92.38
CA GLY D 99 -0.17 -25.68 -92.21
C GLY D 99 -0.56 -25.74 -90.75
N GLU D 100 -0.65 -26.94 -90.19
CA GLU D 100 -1.04 -27.12 -88.80
C GLU D 100 0.14 -27.11 -87.83
N SER D 101 1.37 -27.10 -88.33
CA SER D 101 2.54 -27.15 -87.45
C SER D 101 2.86 -25.74 -86.99
N ILE D 102 2.68 -25.48 -85.70
CA ILE D 102 2.96 -24.16 -85.12
C ILE D 102 4.19 -24.27 -84.26
N ASP D 103 5.14 -23.36 -84.48
CA ASP D 103 6.37 -23.28 -83.72
C ASP D 103 6.62 -21.82 -83.39
N ILE D 104 7.34 -21.59 -82.29
CA ILE D 104 7.78 -20.26 -81.91
C ILE D 104 9.31 -20.27 -82.02
N ILE D 105 9.84 -19.43 -82.90
CA ILE D 105 11.25 -19.47 -83.24
C ILE D 105 12.02 -18.46 -82.41
N THR D 106 13.17 -18.90 -81.89
CA THR D 106 14.07 -18.04 -81.13
C THR D 106 15.00 -17.35 -82.12
N ARG D 107 14.75 -16.07 -82.38
CA ARG D 107 15.59 -15.34 -83.33
C ARG D 107 16.84 -14.80 -82.67
N ALA D 108 16.75 -14.44 -81.39
CA ALA D 108 17.88 -13.93 -80.63
C ALA D 108 17.69 -14.29 -79.17
N HIS D 109 18.79 -14.52 -78.45
CA HIS D 109 18.67 -14.83 -77.03
C HIS D 109 19.99 -14.64 -76.30
N GLY D 110 19.87 -14.38 -75.01
CA GLY D 110 21.01 -14.20 -74.14
C GLY D 110 20.55 -13.70 -72.79
N ASN D 111 21.49 -13.68 -71.85
CA ASN D 111 21.24 -13.21 -70.49
C ASN D 111 21.90 -11.86 -70.28
N VAL D 112 21.13 -10.88 -69.79
CA VAL D 112 21.58 -9.50 -69.74
C VAL D 112 21.93 -9.06 -68.31
N GLN D 113 22.08 -10.00 -67.38
CA GLN D 113 22.45 -9.64 -66.02
C GLN D 113 23.85 -9.05 -65.96
N ASP D 114 24.01 -8.00 -65.17
CA ASP D 114 25.31 -7.37 -64.92
C ASP D 114 25.83 -7.87 -63.57
N ARG D 115 27.14 -8.09 -63.50
CA ARG D 115 27.72 -8.59 -62.25
C ARG D 115 27.56 -7.57 -61.12
N ILE D 116 27.69 -6.29 -61.42
CA ILE D 116 27.67 -5.24 -60.41
C ILE D 116 26.51 -4.32 -60.77
N GLY D 117 25.49 -4.29 -59.92
CA GLY D 117 24.36 -3.39 -60.10
C GLY D 117 23.41 -3.47 -58.94
N ARG D 118 22.61 -2.42 -58.78
CA ARG D 118 21.56 -2.40 -57.77
C ARG D 118 20.19 -2.53 -58.42
N PRO D 119 19.47 -3.63 -58.20
CA PRO D 119 18.12 -3.73 -58.78
C PRO D 119 17.26 -2.55 -58.36
N SER D 120 16.52 -2.00 -59.31
CA SER D 120 15.78 -0.76 -59.08
C SER D 120 14.54 -1.04 -58.24
N GLU D 121 14.07 0.01 -57.55
CA GLU D 121 12.94 -0.13 -56.66
C GLU D 121 11.66 -0.43 -57.42
N THR D 122 11.41 0.27 -58.53
CA THR D 122 10.18 0.10 -59.29
C THR D 122 10.25 -1.04 -60.30
N GLY D 123 11.27 -1.91 -60.22
CA GLY D 123 11.30 -3.13 -61.00
C GLY D 123 11.81 -2.95 -62.42
N ILE D 124 11.90 -4.08 -63.13
CA ILE D 124 12.39 -4.04 -64.50
C ILE D 124 11.43 -3.25 -65.37
N ILE D 125 11.98 -2.35 -66.17
CA ILE D 125 11.23 -1.63 -67.19
C ILE D 125 11.88 -1.94 -68.55
N GLY D 126 11.04 -2.23 -69.55
CA GLY D 126 11.52 -2.46 -70.90
C GLY D 126 10.78 -1.64 -71.93
N ILE D 127 11.52 -0.95 -72.81
CA ILE D 127 10.97 -0.08 -73.84
C ILE D 127 11.74 -0.26 -75.14
N ILE D 128 11.09 0.06 -76.25
CA ILE D 128 11.69 -0.07 -77.58
C ILE D 128 11.49 1.22 -78.38
N ASP D 129 12.50 1.57 -79.17
CA ASP D 129 12.49 2.80 -79.96
C ASP D 129 11.33 2.77 -80.96
N PRO D 130 10.70 3.91 -81.25
CA PRO D 130 9.60 3.89 -82.23
C PRO D 130 10.05 3.43 -83.61
N GLU D 131 11.29 3.72 -83.97
CA GLU D 131 11.91 3.27 -85.21
C GLU D 131 12.59 1.93 -85.07
N CYS D 132 12.33 1.24 -83.95
CA CYS D 132 12.86 -0.10 -83.69
C CYS D 132 14.37 -0.16 -83.92
N ARG D 133 15.06 0.86 -83.40
CA ARG D 133 16.51 0.88 -83.47
C ARG D 133 17.18 0.19 -82.29
N MET D 134 16.54 0.18 -81.13
CA MET D 134 17.19 -0.37 -79.95
C MET D 134 16.12 -0.77 -78.95
N ILE D 135 16.53 -1.61 -78.01
CA ILE D 135 15.73 -1.98 -76.84
C ILE D 135 16.35 -1.30 -75.63
N GLY D 136 15.54 -0.54 -74.90
CA GLY D 136 16.00 0.06 -73.65
C GLY D 136 15.58 -0.80 -72.47
N LEU D 137 16.53 -1.01 -71.55
CA LEU D 137 16.27 -1.77 -70.35
C LEU D 137 16.72 -0.95 -69.15
N ARG D 138 15.85 -0.83 -68.15
CA ARG D 138 16.19 -0.22 -66.86
C ARG D 138 16.22 -1.39 -65.87
N LEU D 139 17.40 -1.96 -65.66
CA LEU D 139 17.56 -3.09 -64.76
C LEU D 139 18.10 -2.68 -63.41
N TYR D 140 19.00 -1.70 -63.35
CA TYR D 140 19.66 -1.31 -62.11
C TYR D 140 19.58 0.19 -61.91
N ASP D 141 19.60 0.59 -60.64
CA ASP D 141 19.65 2.02 -60.34
C ASP D 141 20.93 2.59 -60.93
N GLY D 142 20.81 3.68 -61.66
CA GLY D 142 21.97 4.37 -62.17
C GLY D 142 22.58 3.81 -63.43
N LEU D 143 22.03 2.75 -64.00
CA LEU D 143 22.53 2.20 -65.25
C LEU D 143 21.35 1.98 -66.19
N PHE D 144 21.53 2.40 -67.44
CA PHE D 144 20.58 2.20 -68.53
C PHE D 144 21.24 1.29 -69.54
N LYS D 145 20.59 0.18 -69.86
CA LYS D 145 21.15 -0.84 -70.75
C LYS D 145 20.50 -0.74 -72.12
N VAL D 146 21.33 -0.77 -73.18
CA VAL D 146 20.85 -0.65 -74.54
C VAL D 146 21.21 -1.92 -75.31
N ILE D 147 20.19 -2.57 -75.85
CA ILE D 147 20.37 -3.63 -76.85
C ILE D 147 20.08 -3.04 -78.21
N PRO D 148 21.06 -2.84 -79.09
CA PRO D 148 20.77 -2.32 -80.41
C PRO D 148 20.07 -3.36 -81.28
N LEU D 149 19.05 -2.91 -82.02
CA LEU D 149 18.25 -3.81 -82.86
C LEU D 149 18.94 -3.94 -84.23
N ASP D 150 20.10 -4.58 -84.18
CA ASP D 150 20.86 -4.94 -85.37
C ASP D 150 20.42 -6.28 -85.92
N ARG D 151 20.60 -6.45 -87.23
CA ARG D 151 20.22 -7.72 -87.86
C ARG D 151 21.08 -8.85 -87.32
N ASP D 152 22.36 -8.58 -87.03
CA ASP D 152 23.32 -9.58 -86.62
C ASP D 152 23.41 -9.77 -85.11
N ASN D 153 22.74 -8.94 -84.31
CA ASN D 153 22.89 -8.99 -82.85
C ASN D 153 22.07 -10.18 -82.32
N LYS D 154 22.50 -11.38 -82.71
CA LYS D 154 21.79 -12.60 -82.37
C LYS D 154 22.00 -13.03 -80.92
N GLU D 155 23.02 -12.50 -80.25
CA GLU D 155 23.26 -12.79 -78.83
C GLU D 155 22.69 -11.71 -77.91
N LEU D 156 22.01 -10.70 -78.47
CA LEU D 156 21.44 -9.60 -77.69
C LEU D 156 22.52 -8.95 -76.82
N LYS D 157 23.65 -8.64 -77.43
CA LYS D 157 24.71 -7.91 -76.77
C LYS D 157 24.25 -6.49 -76.46
N ALA D 158 24.73 -5.94 -75.34
CA ALA D 158 24.24 -4.66 -74.89
C ALA D 158 25.34 -3.88 -74.17
N PHE D 159 25.11 -2.58 -74.03
CA PHE D 159 26.01 -1.68 -73.31
C PHE D 159 25.18 -0.83 -72.35
N ASN D 160 25.84 -0.33 -71.30
CA ASN D 160 25.21 0.48 -70.28
C ASN D 160 25.63 1.94 -70.43
N ILE D 161 24.69 2.86 -70.30
CA ILE D 161 24.95 4.30 -70.30
C ILE D 161 24.79 4.79 -68.87
N ARG D 162 25.82 5.43 -68.33
CA ARG D 162 25.73 5.88 -66.94
C ARG D 162 24.60 6.91 -66.81
N LEU D 163 23.79 6.75 -65.76
CA LEU D 163 22.64 7.62 -65.48
C LEU D 163 22.82 8.32 -64.14
N GLU D 164 22.75 9.65 -64.15
CA GLU D 164 22.87 10.39 -62.90
C GLU D 164 21.67 10.17 -61.99
N GLU D 165 20.46 10.15 -62.55
CA GLU D 165 19.24 10.03 -61.76
C GLU D 165 19.13 8.59 -61.29
N LEU D 166 19.48 8.34 -60.04
CA LEU D 166 19.60 6.96 -59.56
C LEU D 166 18.22 6.32 -59.38
N HIS D 167 17.25 7.10 -58.90
CA HIS D 167 15.92 6.60 -58.58
C HIS D 167 14.96 7.05 -59.68
N VAL D 168 14.66 6.14 -60.62
CA VAL D 168 13.76 6.43 -61.73
C VAL D 168 12.42 5.76 -61.48
N ILE D 169 11.35 6.53 -61.65
CA ILE D 169 9.99 6.02 -61.45
C ILE D 169 9.51 5.30 -62.71
N ASP D 170 9.60 5.96 -63.85
CA ASP D 170 9.13 5.38 -65.11
C ASP D 170 9.83 6.05 -66.28
N VAL D 171 9.98 5.31 -67.38
CA VAL D 171 10.65 5.80 -68.58
C VAL D 171 9.95 5.24 -69.81
N LYS D 172 9.94 6.05 -70.88
CA LYS D 172 9.40 5.67 -72.18
C LYS D 172 10.26 6.33 -73.26
N PHE D 173 10.36 5.65 -74.41
CA PHE D 173 10.91 6.28 -75.61
C PHE D 173 9.88 7.24 -76.21
N LEU D 174 10.35 8.39 -76.67
CA LEU D 174 9.44 9.40 -77.18
C LEU D 174 9.24 9.31 -78.69
N TYR D 175 8.05 9.77 -79.12
CA TYR D 175 7.63 9.82 -80.50
C TYR D 175 7.95 11.20 -81.08
N GLY D 176 8.25 11.23 -82.37
CA GLY D 176 8.43 12.48 -83.07
C GLY D 176 9.72 13.19 -82.78
N CYS D 177 10.76 12.47 -82.41
CA CYS D 177 12.08 13.03 -82.18
C CYS D 177 12.98 12.52 -83.29
N GLN D 178 13.89 13.37 -83.76
CA GLN D 178 14.78 12.90 -84.82
C GLN D 178 15.78 11.87 -84.31
N ALA D 179 16.23 12.02 -83.07
CA ALA D 179 17.12 11.09 -82.44
C ALA D 179 16.33 10.30 -81.41
N PRO D 180 16.79 9.11 -81.05
CA PRO D 180 16.12 8.36 -79.97
C PRO D 180 16.09 9.19 -78.70
N THR D 181 14.90 9.39 -78.15
CA THR D 181 14.73 10.21 -76.97
C THR D 181 13.98 9.42 -75.91
N ILE D 182 14.49 9.45 -74.69
CA ILE D 182 13.83 8.85 -73.54
C ILE D 182 13.30 10.00 -72.71
N CYS D 183 12.08 9.85 -72.19
CA CYS D 183 11.48 10.79 -71.26
C CYS D 183 11.11 10.02 -70.00
N PHE D 184 11.50 10.54 -68.85
CA PHE D 184 11.27 9.78 -67.62
C PHE D 184 11.04 10.69 -66.43
N VAL D 185 10.30 10.14 -65.47
CA VAL D 185 10.09 10.74 -64.16
C VAL D 185 11.06 10.09 -63.18
N TYR D 186 11.78 10.90 -62.44
CA TYR D 186 12.74 10.43 -61.46
C TYR D 186 12.52 11.18 -60.15
N GLN D 187 13.04 10.61 -59.07
CA GLN D 187 12.89 11.17 -57.74
C GLN D 187 14.26 11.47 -57.18
N ASP D 188 14.42 12.67 -56.62
CA ASP D 188 15.62 13.07 -55.91
C ASP D 188 15.13 13.75 -54.64
N PRO D 189 16.02 14.22 -53.77
CA PRO D 189 15.54 14.88 -52.53
C PRO D 189 14.70 16.12 -52.78
N GLN D 190 14.69 16.66 -53.99
CA GLN D 190 13.96 17.89 -54.28
C GLN D 190 12.55 17.64 -54.79
N GLY D 191 12.09 16.40 -54.79
CA GLY D 191 10.80 16.04 -55.33
C GLY D 191 10.92 15.15 -56.54
N ARG D 192 9.83 15.07 -57.30
CA ARG D 192 9.82 14.31 -58.55
C ARG D 192 9.88 15.27 -59.73
N HIS D 193 10.60 14.84 -60.77
CA HIS D 193 10.85 15.66 -61.94
C HIS D 193 10.74 14.79 -63.19
N VAL D 194 10.50 15.47 -64.31
CA VAL D 194 10.48 14.85 -65.62
C VAL D 194 11.62 15.42 -66.44
N LYS D 195 12.34 14.55 -67.15
CA LYS D 195 13.56 14.92 -67.84
C LYS D 195 13.64 14.11 -69.12
N THR D 196 14.40 14.62 -70.08
CA THR D 196 14.60 13.94 -71.36
C THR D 196 16.08 13.78 -71.61
N TYR D 197 16.45 12.67 -72.23
CA TYR D 197 17.80 12.43 -72.71
C TYR D 197 17.68 11.91 -74.14
N GLU D 198 18.73 12.11 -74.92
CA GLU D 198 18.84 11.50 -76.24
C GLU D 198 19.89 10.39 -76.19
N VAL D 199 19.60 9.28 -76.86
CA VAL D 199 20.44 8.09 -76.84
C VAL D 199 21.16 8.01 -78.17
N SER D 200 22.48 8.01 -78.14
CA SER D 200 23.30 7.88 -79.33
C SER D 200 23.89 6.48 -79.33
N LEU D 201 23.42 5.62 -80.23
CA LEU D 201 24.00 4.28 -80.35
C LEU D 201 25.44 4.35 -80.84
N ARG D 202 25.78 5.36 -81.64
CA ARG D 202 27.13 5.44 -82.20
C ARG D 202 28.14 5.77 -81.12
N GLU D 203 27.85 6.76 -80.29
CA GLU D 203 28.76 7.14 -79.22
C GLU D 203 28.60 6.28 -77.99
N LYS D 204 27.49 5.54 -77.89
CA LYS D 204 27.18 4.75 -76.71
C LYS D 204 27.09 5.64 -75.46
N GLU D 205 26.32 6.73 -75.57
CA GLU D 205 26.11 7.59 -74.41
C GLU D 205 24.88 8.49 -74.64
N PHE D 206 24.55 9.24 -73.60
CA PHE D 206 23.44 10.19 -73.63
C PHE D 206 23.91 11.54 -74.14
N ASN D 207 23.04 12.21 -74.90
CA ASN D 207 23.22 13.61 -75.27
C ASN D 207 22.06 14.43 -74.76
N LYS D 208 22.28 15.75 -74.70
CA LYS D 208 21.29 16.68 -74.19
C LYS D 208 19.93 16.41 -74.78
N GLY D 209 18.90 16.46 -73.94
CA GLY D 209 17.57 16.11 -74.36
C GLY D 209 16.82 17.25 -75.03
N PRO D 210 15.75 16.91 -75.75
CA PRO D 210 15.02 17.96 -76.50
C PRO D 210 14.36 19.02 -75.62
N TRP D 211 13.90 18.68 -74.42
CA TRP D 211 13.30 19.69 -73.57
C TRP D 211 13.75 19.56 -72.12
N LYS D 212 13.54 20.64 -71.37
CA LYS D 212 14.08 20.89 -70.05
C LYS D 212 13.38 20.07 -68.99
N GLN D 213 14.05 19.94 -67.84
CA GLN D 213 13.44 19.27 -66.70
C GLN D 213 12.28 20.11 -66.21
N GLU D 214 11.23 19.46 -65.75
CA GLU D 214 10.11 20.17 -65.14
C GLU D 214 9.81 19.50 -63.80
N ASN D 215 9.64 20.30 -62.75
CA ASN D 215 9.18 19.73 -61.49
C ASN D 215 7.73 19.29 -61.65
N VAL D 216 7.41 18.07 -61.20
CA VAL D 216 6.10 17.47 -61.44
C VAL D 216 5.53 16.95 -60.13
N GLU D 217 4.30 16.46 -60.22
CA GLU D 217 3.57 15.99 -59.05
C GLU D 217 4.41 15.02 -58.23
N ALA D 218 4.28 15.14 -56.91
CA ALA D 218 5.04 14.29 -56.00
C ALA D 218 4.71 12.83 -56.22
N GLU D 219 3.49 12.53 -56.66
CA GLU D 219 3.04 11.17 -56.91
C GLU D 219 2.97 10.85 -58.40
N ALA D 220 3.80 11.50 -59.21
CA ALA D 220 3.89 11.14 -60.62
C ALA D 220 4.22 9.66 -60.75
N SER D 221 3.32 8.90 -61.36
CA SER D 221 3.43 7.46 -61.41
C SER D 221 3.84 6.93 -62.77
N MET D 222 3.26 7.44 -63.85
CA MET D 222 3.40 6.81 -65.15
C MET D 222 3.69 7.85 -66.23
N VAL D 223 4.45 7.42 -67.24
CA VAL D 223 4.82 8.22 -68.39
C VAL D 223 4.16 7.61 -69.61
N ILE D 224 3.51 8.47 -70.41
CA ILE D 224 2.85 8.04 -71.65
C ILE D 224 3.53 8.73 -72.83
N ALA D 225 3.96 7.93 -73.80
CA ALA D 225 4.50 8.45 -75.06
C ALA D 225 3.37 8.74 -76.04
N VAL D 226 3.22 10.01 -76.41
CA VAL D 226 2.12 10.44 -77.27
C VAL D 226 2.52 10.39 -78.75
N PRO D 227 1.63 9.90 -79.62
CA PRO D 227 2.01 9.70 -81.03
C PRO D 227 2.23 10.98 -81.83
N GLU D 228 2.63 10.81 -83.09
CA GLU D 228 3.20 11.92 -83.85
C GLU D 228 2.28 13.11 -84.02
N PRO D 229 0.96 12.97 -84.20
CA PRO D 229 0.14 14.19 -84.40
C PRO D 229 0.37 15.23 -83.32
N PHE D 230 0.49 14.82 -82.06
CA PHE D 230 0.79 15.72 -80.96
C PHE D 230 2.25 15.67 -80.52
N GLY D 231 2.77 14.47 -80.23
CA GLY D 231 4.11 14.34 -79.71
C GLY D 231 4.17 14.64 -78.22
N GLY D 232 5.34 14.38 -77.64
CA GLY D 232 5.57 14.70 -76.25
C GLY D 232 5.15 13.60 -75.31
N ALA D 233 4.81 13.94 -74.07
CA ALA D 233 4.48 12.94 -73.06
C ALA D 233 3.39 13.43 -72.13
N ILE D 234 2.64 12.49 -71.56
CA ILE D 234 1.65 12.75 -70.52
C ILE D 234 2.14 12.08 -69.25
N ILE D 235 1.95 12.74 -68.12
CA ILE D 235 2.41 12.24 -66.83
C ILE D 235 1.17 12.04 -65.96
N ILE D 236 0.95 10.80 -65.51
CA ILE D 236 -0.19 10.45 -64.68
C ILE D 236 0.25 10.51 -63.22
N GLY D 237 -0.52 11.22 -62.40
CA GLY D 237 -0.23 11.29 -60.99
C GLY D 237 -1.35 10.80 -60.11
N GLN D 238 -1.34 11.23 -58.85
CA GLN D 238 -2.41 10.91 -57.92
C GLN D 238 -3.55 11.90 -58.03
N GLU D 239 -3.22 13.19 -58.18
CA GLU D 239 -4.20 14.26 -58.25
C GLU D 239 -4.31 14.93 -59.60
N SER D 240 -3.24 14.88 -60.42
CA SER D 240 -3.21 15.65 -61.65
C SER D 240 -2.60 14.84 -62.79
N ILE D 241 -3.00 15.20 -64.01
CA ILE D 241 -2.43 14.69 -65.25
C ILE D 241 -1.82 15.86 -65.99
N THR D 242 -0.59 15.70 -66.47
CA THR D 242 0.11 16.79 -67.13
C THR D 242 0.63 16.34 -68.49
N TYR D 243 0.72 17.31 -69.41
CA TYR D 243 1.29 17.10 -70.73
C TYR D 243 2.52 18.00 -70.87
N HIS D 244 3.61 17.43 -71.36
CA HIS D 244 4.85 18.15 -71.57
C HIS D 244 5.33 17.90 -72.99
N ASN D 245 5.77 18.98 -73.64
CA ASN D 245 6.42 18.87 -74.93
C ASN D 245 7.12 20.18 -75.25
N GLY D 246 8.39 20.28 -74.88
CA GLY D 246 9.14 21.49 -75.12
C GLY D 246 8.53 22.69 -74.44
N ASP D 247 7.99 23.61 -75.24
CA ASP D 247 7.41 24.84 -74.71
C ASP D 247 5.99 24.66 -74.24
N LYS D 248 5.32 23.60 -74.67
CA LYS D 248 3.92 23.40 -74.31
C LYS D 248 3.81 22.73 -72.95
N TYR D 249 2.88 23.24 -72.13
CA TYR D 249 2.61 22.67 -70.82
C TYR D 249 1.12 22.79 -70.54
N LEU D 250 0.50 21.65 -70.24
CA LEU D 250 -0.88 21.60 -69.80
C LEU D 250 -0.96 20.83 -68.50
N ALA D 251 -1.97 21.13 -67.70
CA ALA D 251 -2.21 20.39 -66.47
C ALA D 251 -3.70 20.41 -66.16
N ILE D 252 -4.29 19.22 -66.02
CA ILE D 252 -5.67 19.07 -65.58
C ILE D 252 -5.63 18.28 -64.28
N ALA D 253 -6.42 18.73 -63.29
CA ALA D 253 -6.45 18.13 -61.97
C ALA D 253 -7.90 17.94 -61.55
N PRO D 254 -8.63 17.04 -62.21
CA PRO D 254 -10.05 16.85 -61.89
C PRO D 254 -10.22 16.16 -60.55
N PRO D 255 -11.19 16.60 -59.73
CA PRO D 255 -11.33 16.03 -58.39
C PRO D 255 -11.65 14.54 -58.39
N ILE D 256 -12.02 13.98 -59.54
CA ILE D 256 -12.52 12.61 -59.58
C ILE D 256 -11.38 11.61 -59.38
N ILE D 257 -10.22 11.85 -59.99
CA ILE D 257 -9.16 10.86 -59.94
C ILE D 257 -8.45 10.82 -58.60
N LYS D 258 -8.54 11.89 -57.80
CA LYS D 258 -7.88 11.89 -56.50
C LYS D 258 -8.47 10.80 -55.61
N GLN D 259 -9.73 10.43 -55.85
CA GLN D 259 -10.39 9.45 -54.98
C GLN D 259 -9.67 8.11 -54.98
N SER D 260 -9.09 7.71 -56.10
CA SER D 260 -8.42 6.42 -56.17
C SER D 260 -7.26 6.49 -57.16
N THR D 261 -6.13 5.90 -56.77
CA THR D 261 -4.93 5.95 -57.60
C THR D 261 -5.15 5.31 -58.96
N ILE D 262 -4.65 5.97 -60.01
CA ILE D 262 -4.68 5.45 -61.37
C ILE D 262 -3.42 4.65 -61.60
N VAL D 263 -3.57 3.39 -62.02
CA VAL D 263 -2.47 2.46 -62.05
C VAL D 263 -2.08 2.03 -63.46
N CYS D 264 -3.00 2.07 -64.43
CA CYS D 264 -2.70 1.60 -65.78
C CYS D 264 -3.31 2.55 -66.80
N HIS D 265 -2.74 2.49 -68.01
CA HIS D 265 -3.20 3.29 -69.15
C HIS D 265 -3.07 2.50 -70.43
N ASN D 266 -3.80 2.95 -71.46
CA ASN D 266 -3.66 2.38 -72.79
C ASN D 266 -4.08 3.39 -73.86
N ARG D 267 -3.39 3.32 -74.99
CA ARG D 267 -3.69 4.19 -76.14
C ARG D 267 -4.84 3.55 -76.92
N VAL D 268 -5.87 4.35 -77.20
CA VAL D 268 -7.02 3.87 -77.95
C VAL D 268 -6.82 4.22 -79.42
N ASP D 269 -6.72 5.52 -79.71
CA ASP D 269 -6.62 6.01 -81.07
C ASP D 269 -5.16 6.15 -81.47
N PRO D 270 -4.71 5.49 -82.55
CA PRO D 270 -3.30 5.64 -82.94
C PRO D 270 -2.85 7.07 -83.12
N ASN D 271 -3.74 8.01 -83.48
CA ASN D 271 -3.29 9.39 -83.62
C ASN D 271 -2.89 9.99 -82.28
N GLY D 272 -3.43 9.47 -81.17
CA GLY D 272 -3.14 10.00 -79.86
C GLY D 272 -4.26 10.78 -79.21
N SER D 273 -5.47 10.73 -79.77
CA SER D 273 -6.56 11.58 -79.29
C SER D 273 -7.19 11.06 -78.00
N ARG D 274 -7.29 9.75 -77.83
CA ARG D 274 -7.99 9.17 -76.68
C ARG D 274 -7.17 8.07 -76.04
N TYR D 275 -7.15 8.08 -74.70
CA TYR D 275 -6.49 7.04 -73.90
C TYR D 275 -7.46 6.49 -72.85
N LEU D 276 -7.23 5.26 -72.44
CA LEU D 276 -7.98 4.64 -71.35
C LEU D 276 -7.14 4.67 -70.07
N LEU D 277 -7.78 4.97 -68.95
CA LEU D 277 -7.13 4.93 -67.64
C LEU D 277 -7.93 4.07 -66.68
N GLY D 278 -7.22 3.34 -65.83
CA GLY D 278 -7.84 2.54 -64.80
C GLY D 278 -7.21 2.80 -63.45
N ASP D 279 -8.02 2.66 -62.40
CA ASP D 279 -7.59 2.96 -61.04
C ASP D 279 -7.95 1.81 -60.13
N MET D 280 -7.48 1.91 -58.88
CA MET D 280 -7.57 0.78 -57.96
C MET D 280 -8.99 0.42 -57.55
N GLU D 281 -9.94 1.34 -57.65
CA GLU D 281 -11.33 1.00 -57.33
C GLU D 281 -12.03 0.39 -58.53
N GLY D 282 -11.29 0.11 -59.60
CA GLY D 282 -11.84 -0.52 -60.78
C GLY D 282 -12.48 0.43 -61.75
N ARG D 283 -12.36 1.73 -61.52
CA ARG D 283 -13.02 2.69 -62.39
C ARG D 283 -12.24 2.82 -63.69
N LEU D 284 -12.98 2.99 -64.77
CA LEU D 284 -12.43 3.10 -66.12
C LEU D 284 -12.69 4.50 -66.64
N PHE D 285 -11.63 5.19 -67.03
CA PHE D 285 -11.73 6.55 -67.52
C PHE D 285 -11.27 6.65 -68.97
N MET D 286 -11.79 7.66 -69.66
CA MET D 286 -11.31 8.05 -70.97
C MET D 286 -10.57 9.37 -70.83
N LEU D 287 -9.31 9.39 -71.26
CA LEU D 287 -8.51 10.61 -71.31
C LEU D 287 -8.53 11.14 -72.74
N LEU D 288 -8.98 12.38 -72.90
CA LEU D 288 -9.21 12.98 -74.21
C LEU D 288 -8.19 14.08 -74.46
N LEU D 289 -7.54 14.04 -75.63
CA LEU D 289 -6.59 15.08 -76.04
C LEU D 289 -7.26 15.93 -77.12
N GLU D 290 -7.68 17.13 -76.75
CA GLU D 290 -8.38 18.01 -77.67
C GLU D 290 -7.39 18.78 -78.54
N LYS D 291 -7.54 18.67 -79.85
CA LYS D 291 -6.58 19.21 -80.80
C LYS D 291 -6.97 20.61 -81.24
N GLU D 292 -5.95 21.40 -81.59
CA GLU D 292 -6.11 22.75 -82.12
C GLU D 292 -5.17 22.91 -83.30
N GLU D 293 -5.69 23.40 -84.42
CA GLU D 293 -4.90 23.55 -85.65
C GLU D 293 -4.49 25.01 -85.81
N GLN D 294 -3.19 25.23 -85.91
CA GLN D 294 -2.63 26.57 -86.07
C GLN D 294 -2.85 27.09 -87.49
N MET D 295 -2.52 28.37 -87.67
CA MET D 295 -2.65 28.96 -88.99
C MET D 295 -1.76 28.26 -90.00
N ASP D 296 -0.54 27.91 -89.60
CA ASP D 296 0.31 27.05 -90.42
C ASP D 296 -0.25 25.64 -90.52
N GLY D 297 -1.18 25.26 -89.64
CA GLY D 297 -1.74 23.93 -89.65
C GLY D 297 -1.15 22.96 -88.63
N THR D 298 -0.18 23.38 -87.85
CA THR D 298 0.47 22.46 -86.92
C THR D 298 -0.53 21.98 -85.88
N VAL D 299 -0.47 20.68 -85.58
CA VAL D 299 -1.44 20.08 -84.68
C VAL D 299 -0.91 20.31 -83.27
N THR D 300 -1.65 21.08 -82.49
CA THR D 300 -1.27 21.40 -81.11
C THR D 300 -2.32 20.89 -80.15
N LEU D 301 -1.88 20.65 -78.92
CA LEU D 301 -2.77 20.17 -77.86
C LEU D 301 -3.34 21.38 -77.12
N LYS D 302 -4.65 21.59 -77.29
CA LYS D 302 -5.33 22.71 -76.66
C LYS D 302 -5.64 22.41 -75.20
N ASP D 303 -6.16 21.21 -74.92
CA ASP D 303 -6.63 20.91 -73.57
C ASP D 303 -6.74 19.40 -73.37
N LEU D 304 -6.94 19.04 -72.09
CA LEU D 304 -7.12 17.66 -71.68
C LEU D 304 -8.48 17.50 -70.98
N ARG D 305 -9.12 16.35 -71.17
CA ARG D 305 -10.41 16.06 -70.54
C ARG D 305 -10.40 14.62 -70.05
N VAL D 306 -11.09 14.37 -68.95
CA VAL D 306 -11.28 13.03 -68.40
C VAL D 306 -12.76 12.76 -68.27
N GLU D 307 -13.21 11.59 -68.72
CA GLU D 307 -14.60 11.20 -68.67
C GLU D 307 -14.68 9.83 -68.02
N LEU D 308 -15.55 9.69 -67.01
CA LEU D 308 -15.79 8.40 -66.38
C LEU D 308 -16.63 7.52 -67.29
N LEU D 309 -16.13 6.33 -67.58
CA LEU D 309 -16.87 5.41 -68.45
C LEU D 309 -17.71 4.42 -67.66
N GLY D 310 -17.19 3.91 -66.56
CA GLY D 310 -17.91 2.89 -65.80
C GLY D 310 -16.97 2.18 -64.85
N GLU D 311 -17.28 0.90 -64.62
CA GLU D 311 -16.52 0.06 -63.71
C GLU D 311 -16.08 -1.20 -64.44
N THR D 312 -14.85 -1.61 -64.17
CA THR D 312 -14.28 -2.86 -64.65
C THR D 312 -13.71 -3.61 -63.45
N SER D 313 -13.11 -4.77 -63.71
CA SER D 313 -12.32 -5.42 -62.68
C SER D 313 -11.08 -4.58 -62.40
N ILE D 314 -10.52 -4.73 -61.20
CA ILE D 314 -9.28 -4.02 -60.90
C ILE D 314 -8.21 -4.44 -61.89
N ALA D 315 -7.72 -3.48 -62.68
CA ALA D 315 -6.95 -3.79 -63.88
C ALA D 315 -5.46 -3.63 -63.60
N GLU D 316 -4.71 -4.70 -63.85
CA GLU D 316 -3.26 -4.57 -63.90
C GLU D 316 -2.86 -3.83 -65.17
N CYS D 317 -3.50 -4.16 -66.28
CA CYS D 317 -3.23 -3.57 -67.59
C CYS D 317 -4.52 -3.55 -68.39
N LEU D 318 -4.62 -2.57 -69.28
CA LEU D 318 -5.75 -2.43 -70.18
C LEU D 318 -5.24 -2.48 -71.60
N THR D 319 -6.00 -3.07 -72.51
CA THR D 319 -5.69 -2.98 -73.92
C THR D 319 -6.98 -2.82 -74.71
N TYR D 320 -7.03 -1.77 -75.53
CA TYR D 320 -8.16 -1.59 -76.44
C TYR D 320 -7.92 -2.49 -77.63
N LEU D 321 -8.95 -3.24 -78.04
CA LEU D 321 -8.80 -4.14 -79.17
C LEU D 321 -9.40 -3.46 -80.39
N ASP D 322 -10.72 -3.46 -80.54
CA ASP D 322 -11.32 -2.75 -81.67
C ASP D 322 -12.83 -2.77 -81.51
N ASN D 323 -13.48 -1.81 -82.17
CA ASN D 323 -14.93 -1.75 -82.23
C ASN D 323 -15.55 -1.64 -80.83
N GLY D 324 -14.85 -0.95 -79.93
CA GLY D 324 -15.36 -0.66 -78.60
C GLY D 324 -15.08 -1.73 -77.57
N VAL D 325 -14.31 -2.76 -77.91
CA VAL D 325 -14.00 -3.86 -77.00
C VAL D 325 -12.67 -3.57 -76.31
N VAL D 326 -12.62 -3.78 -74.99
CA VAL D 326 -11.39 -3.61 -74.22
C VAL D 326 -11.17 -4.86 -73.37
N PHE D 327 -9.92 -5.34 -73.33
CA PHE D 327 -9.55 -6.46 -72.48
C PHE D 327 -9.00 -5.92 -71.16
N VAL D 328 -9.67 -6.24 -70.07
CA VAL D 328 -9.24 -5.85 -68.73
C VAL D 328 -8.43 -7.02 -68.16
N GLY D 329 -7.12 -6.86 -68.09
CA GLY D 329 -6.29 -7.91 -67.54
C GLY D 329 -6.08 -7.66 -66.06
N SER D 330 -6.56 -8.57 -65.22
CA SER D 330 -6.62 -8.35 -63.78
C SER D 330 -5.76 -9.38 -63.06
N ARG D 331 -5.06 -8.92 -62.04
CA ARG D 331 -4.26 -9.78 -61.18
C ARG D 331 -4.94 -10.05 -59.85
N LEU D 332 -5.84 -9.17 -59.42
CA LEU D 332 -6.59 -9.30 -58.18
C LEU D 332 -7.98 -9.90 -58.36
N GLY D 333 -8.57 -9.78 -59.54
CA GLY D 333 -9.90 -10.25 -59.78
C GLY D 333 -9.99 -11.01 -61.08
N ASP D 334 -11.17 -11.08 -61.66
CA ASP D 334 -11.36 -11.80 -62.92
C ASP D 334 -10.97 -10.90 -64.08
N SER D 335 -10.17 -11.43 -65.00
CA SER D 335 -9.89 -10.67 -66.22
C SER D 335 -11.17 -10.58 -67.03
N GLN D 336 -11.26 -9.55 -67.87
CA GLN D 336 -12.53 -9.24 -68.50
C GLN D 336 -12.38 -8.78 -69.93
N LEU D 337 -13.49 -8.95 -70.67
CA LEU D 337 -13.73 -8.33 -71.96
C LEU D 337 -14.92 -7.40 -71.82
N VAL D 338 -14.73 -6.12 -72.13
CA VAL D 338 -15.80 -5.15 -71.94
C VAL D 338 -16.08 -4.37 -73.21
N LYS D 339 -17.34 -4.02 -73.37
CA LYS D 339 -17.84 -3.24 -74.48
C LYS D 339 -18.03 -1.79 -74.07
N LEU D 340 -17.46 -0.88 -74.86
CA LEU D 340 -17.64 0.55 -74.67
C LEU D 340 -18.70 1.05 -75.64
N ASN D 341 -19.76 1.66 -75.11
CA ASN D 341 -20.87 2.17 -75.90
C ASN D 341 -20.81 3.68 -75.99
N VAL D 342 -21.33 4.22 -77.09
CA VAL D 342 -21.36 5.68 -77.26
C VAL D 342 -22.42 6.30 -76.35
N ASP D 343 -23.58 5.65 -76.22
CA ASP D 343 -24.62 6.09 -75.31
C ASP D 343 -24.50 5.33 -73.99
N SER D 344 -24.71 6.03 -72.89
CA SER D 344 -24.73 5.41 -71.57
C SER D 344 -26.01 4.61 -71.39
N ASN D 345 -25.97 3.65 -70.47
CA ASN D 345 -27.16 2.88 -70.16
C ASN D 345 -27.97 3.62 -69.10
N GLU D 346 -29.01 2.97 -68.56
CA GLU D 346 -29.90 3.64 -67.64
C GLU D 346 -29.21 3.99 -66.33
N GLN D 347 -28.07 3.39 -66.04
CA GLN D 347 -27.33 3.65 -64.81
C GLN D 347 -26.29 4.75 -64.97
N GLY D 348 -26.10 5.26 -66.17
CA GLY D 348 -25.07 6.24 -66.44
C GLY D 348 -23.76 5.64 -66.90
N SER D 349 -23.72 4.33 -67.09
CA SER D 349 -22.49 3.63 -67.45
C SER D 349 -22.41 3.46 -68.96
N TYR D 350 -21.20 3.60 -69.49
CA TYR D 350 -20.92 3.33 -70.90
C TYR D 350 -20.27 1.97 -71.10
N VAL D 351 -20.13 1.17 -70.05
CA VAL D 351 -19.39 -0.08 -70.08
C VAL D 351 -20.36 -1.23 -69.86
N VAL D 352 -20.31 -2.22 -70.75
CA VAL D 352 -21.18 -3.38 -70.70
C VAL D 352 -20.27 -4.59 -70.79
N ALA D 353 -20.27 -5.40 -69.73
CA ALA D 353 -19.42 -6.58 -69.73
C ALA D 353 -19.85 -7.53 -70.84
N MET D 354 -18.87 -8.10 -71.52
CA MET D 354 -19.09 -9.11 -72.53
C MET D 354 -18.77 -10.50 -72.01
N GLU D 355 -17.55 -10.70 -71.50
CA GLU D 355 -17.10 -12.00 -71.02
C GLU D 355 -16.30 -11.82 -69.74
N THR D 356 -16.25 -12.89 -68.94
CA THR D 356 -15.46 -12.92 -67.71
C THR D 356 -14.55 -14.15 -67.74
N PHE D 357 -13.24 -13.92 -67.63
CA PHE D 357 -12.23 -14.98 -67.63
C PHE D 357 -11.84 -15.28 -66.19
N THR D 358 -11.99 -16.54 -65.77
CA THR D 358 -11.76 -16.88 -64.37
C THR D 358 -10.30 -16.70 -63.99
N ASN D 359 -10.07 -15.96 -62.91
CA ASN D 359 -8.76 -15.73 -62.33
C ASN D 359 -8.84 -16.08 -60.85
N LEU D 360 -8.13 -17.11 -60.43
CA LEU D 360 -8.11 -17.44 -59.02
C LEU D 360 -7.43 -16.37 -58.18
N GLY D 361 -6.81 -15.37 -58.81
CA GLY D 361 -6.31 -14.22 -58.11
C GLY D 361 -5.37 -14.62 -57.01
N PRO D 362 -5.06 -13.68 -56.12
CA PRO D 362 -4.31 -14.03 -54.92
C PRO D 362 -5.07 -15.06 -54.09
N ILE D 363 -4.42 -16.18 -53.79
CA ILE D 363 -4.99 -17.21 -52.93
C ILE D 363 -4.42 -16.98 -51.53
N VAL D 364 -5.16 -16.23 -50.69
CA VAL D 364 -4.65 -15.91 -49.36
C VAL D 364 -4.63 -17.16 -48.48
N ASP D 365 -5.69 -17.97 -48.54
CA ASP D 365 -5.81 -19.18 -47.75
C ASP D 365 -6.71 -20.15 -48.50
N MET D 366 -6.66 -21.41 -48.09
CA MET D 366 -7.52 -22.41 -48.72
C MET D 366 -7.64 -23.63 -47.82
N CYS D 367 -8.74 -24.37 -47.98
CA CYS D 367 -8.95 -25.61 -47.26
C CYS D 367 -9.52 -26.66 -48.21
N VAL D 368 -9.22 -27.92 -47.91
CA VAL D 368 -9.70 -29.07 -48.65
C VAL D 368 -10.80 -29.74 -47.85
N VAL D 369 -11.96 -29.93 -48.46
CA VAL D 369 -13.11 -30.51 -47.79
C VAL D 369 -13.85 -31.40 -48.78
N ASP D 370 -14.28 -32.56 -48.31
CA ASP D 370 -15.05 -33.49 -49.13
C ASP D 370 -16.51 -33.13 -48.86
N LEU D 371 -17.03 -32.19 -49.65
CA LEU D 371 -18.40 -31.73 -49.43
C LEU D 371 -19.39 -32.85 -49.67
N GLU D 372 -19.13 -33.69 -50.68
CA GLU D 372 -20.01 -34.81 -50.97
C GLU D 372 -19.72 -36.03 -50.10
N ARG D 373 -18.80 -35.93 -49.16
CA ARG D 373 -18.35 -37.02 -48.29
C ARG D 373 -17.86 -38.24 -49.07
N GLN D 374 -17.63 -38.09 -50.37
CA GLN D 374 -17.04 -39.12 -51.19
C GLN D 374 -15.53 -38.94 -51.06
N GLY D 375 -14.75 -39.79 -51.72
CA GLY D 375 -13.31 -39.58 -51.67
C GLY D 375 -12.91 -38.27 -52.32
N GLN D 376 -13.76 -37.77 -53.23
CA GLN D 376 -13.46 -36.57 -54.00
C GLN D 376 -13.21 -35.40 -53.08
N GLY D 377 -12.04 -34.78 -53.20
CA GLY D 377 -11.70 -33.62 -52.40
C GLY D 377 -11.99 -32.34 -53.16
N GLN D 378 -12.54 -31.35 -52.46
CA GLN D 378 -12.83 -30.07 -53.07
C GLN D 378 -12.03 -29.00 -52.34
N LEU D 379 -11.56 -28.02 -53.10
CA LEU D 379 -10.70 -26.95 -52.59
C LEU D 379 -11.51 -25.65 -52.58
N VAL D 380 -11.74 -25.10 -51.39
CA VAL D 380 -12.38 -23.80 -51.22
C VAL D 380 -11.31 -22.80 -50.83
N THR D 381 -11.11 -21.78 -51.65
CA THR D 381 -10.01 -20.84 -51.49
C THR D 381 -10.53 -19.43 -51.21
N CYS D 382 -9.80 -18.71 -50.34
CA CYS D 382 -9.98 -17.27 -50.20
C CYS D 382 -9.22 -16.58 -51.31
N SER D 383 -9.94 -16.04 -52.30
CA SER D 383 -9.33 -15.52 -53.51
C SER D 383 -9.70 -14.06 -53.76
N GLY D 384 -8.76 -13.33 -54.34
CA GLY D 384 -9.01 -11.95 -54.73
C GLY D 384 -8.80 -10.96 -53.59
N ALA D 385 -9.00 -9.69 -53.93
CA ALA D 385 -8.88 -8.60 -52.98
C ALA D 385 -9.89 -7.51 -53.30
N PHE D 386 -10.24 -6.76 -52.26
CA PHE D 386 -11.12 -5.58 -52.36
C PHE D 386 -12.44 -6.05 -52.98
N LYS D 387 -12.98 -5.35 -53.98
CA LYS D 387 -14.30 -5.70 -54.51
C LYS D 387 -14.27 -6.99 -55.29
N GLU D 388 -13.09 -7.53 -55.59
CA GLU D 388 -12.97 -8.79 -56.30
C GLU D 388 -12.88 -9.98 -55.35
N GLY D 389 -13.03 -9.74 -54.05
CA GLY D 389 -12.91 -10.82 -53.10
C GLY D 389 -13.98 -11.88 -53.33
N SER D 390 -13.56 -13.14 -53.23
CA SER D 390 -14.44 -14.25 -53.54
C SER D 390 -13.96 -15.49 -52.81
N LEU D 391 -14.84 -16.46 -52.74
CA LEU D 391 -14.52 -17.82 -52.30
C LEU D 391 -14.69 -18.71 -53.52
N ARG D 392 -13.66 -19.50 -53.84
CA ARG D 392 -13.68 -20.32 -55.04
C ARG D 392 -13.65 -21.78 -54.63
N ILE D 393 -14.64 -22.53 -55.08
CA ILE D 393 -14.74 -23.95 -54.81
C ILE D 393 -14.26 -24.65 -56.08
N ILE D 394 -13.20 -25.41 -55.96
CA ILE D 394 -12.54 -26.04 -57.09
C ILE D 394 -12.62 -27.53 -56.85
N ARG D 395 -13.09 -28.26 -57.86
CA ARG D 395 -13.23 -29.70 -57.77
C ARG D 395 -12.66 -30.27 -59.05
N ASN D 396 -12.12 -31.47 -58.95
CA ASN D 396 -11.59 -32.13 -60.13
C ASN D 396 -12.77 -32.78 -60.81
N GLY D 397 -12.97 -32.47 -62.08
CA GLY D 397 -14.14 -32.91 -62.79
C GLY D 397 -14.06 -34.35 -63.21
N ILE D 398 -15.15 -34.81 -63.80
CA ILE D 398 -15.19 -36.13 -64.41
C ILE D 398 -16.04 -36.02 -65.68
N GLN D 408 -10.61 -32.65 -69.95
CA GLN D 408 -10.17 -32.66 -68.56
C GLN D 408 -9.92 -31.21 -68.10
N LYS D 409 -10.64 -30.80 -67.07
CA LYS D 409 -10.60 -29.44 -66.54
C LYS D 409 -11.00 -29.51 -65.07
N LEU D 410 -10.76 -28.41 -64.35
CA LEU D 410 -11.22 -28.25 -62.98
C LEU D 410 -12.49 -27.41 -63.01
N HIS D 411 -13.53 -27.87 -62.31
CA HIS D 411 -14.79 -27.14 -62.25
C HIS D 411 -14.73 -26.18 -61.07
N ILE D 412 -14.89 -24.89 -61.37
CA ILE D 412 -14.73 -23.82 -60.40
C ILE D 412 -16.07 -23.12 -60.22
N ARG D 413 -16.50 -22.99 -58.98
CA ARG D 413 -17.68 -22.24 -58.61
C ARG D 413 -17.21 -21.00 -57.86
N THR D 414 -17.71 -19.83 -58.27
CA THR D 414 -17.27 -18.57 -57.68
C THR D 414 -18.34 -18.05 -56.74
N VAL D 415 -17.94 -17.74 -55.51
CA VAL D 415 -18.79 -17.11 -54.51
C VAL D 415 -18.25 -15.70 -54.27
N PRO D 416 -18.94 -14.66 -54.73
CA PRO D 416 -18.42 -13.29 -54.55
C PRO D 416 -18.63 -12.80 -53.13
N LEU D 417 -17.62 -12.09 -52.62
CA LEU D 417 -17.73 -11.44 -51.32
C LEU D 417 -17.65 -9.92 -51.37
N TYR D 418 -17.08 -9.34 -52.42
CA TYR D 418 -16.94 -7.90 -52.60
C TYR D 418 -16.14 -7.24 -51.48
N GLU D 419 -15.38 -8.04 -50.74
CA GLU D 419 -14.46 -7.53 -49.72
C GLU D 419 -13.32 -8.53 -49.65
N SER D 420 -12.23 -8.12 -49.04
CA SER D 420 -11.03 -8.95 -49.10
C SER D 420 -11.20 -10.16 -48.19
N PRO D 421 -11.07 -11.39 -48.71
CA PRO D 421 -11.11 -12.57 -47.84
C PRO D 421 -9.70 -12.93 -47.41
N ARG D 422 -9.45 -13.20 -46.13
CA ARG D 422 -8.07 -13.40 -45.68
C ARG D 422 -7.77 -14.81 -45.20
N LYS D 423 -8.61 -15.42 -44.37
CA LYS D 423 -8.39 -16.81 -43.95
C LYS D 423 -9.71 -17.56 -43.92
N ILE D 424 -9.63 -18.87 -44.16
CA ILE D 424 -10.82 -19.72 -44.22
C ILE D 424 -10.59 -20.95 -43.34
N CYS D 425 -11.67 -21.40 -42.70
CA CYS D 425 -11.65 -22.58 -41.86
C CYS D 425 -12.97 -23.31 -42.00
N TYR D 426 -12.90 -24.63 -42.04
CA TYR D 426 -14.08 -25.46 -42.21
C TYR D 426 -14.45 -26.07 -40.87
N GLN D 427 -15.73 -25.98 -40.52
CA GLN D 427 -16.28 -26.51 -39.28
C GLN D 427 -17.36 -27.49 -39.71
N GLU D 428 -17.03 -28.79 -39.68
CA GLU D 428 -18.00 -29.78 -40.14
C GLU D 428 -19.25 -29.81 -39.27
N VAL D 429 -19.07 -29.70 -37.95
CA VAL D 429 -20.20 -29.83 -37.04
C VAL D 429 -21.33 -28.90 -37.44
N SER D 430 -21.00 -27.69 -37.92
CA SER D 430 -22.00 -26.69 -38.28
C SER D 430 -22.26 -26.63 -39.78
N GLN D 431 -21.71 -27.56 -40.55
CA GLN D 431 -21.86 -27.58 -42.01
C GLN D 431 -21.62 -26.21 -42.61
N CYS D 432 -20.57 -25.53 -42.15
CA CYS D 432 -20.29 -24.17 -42.57
C CYS D 432 -18.80 -23.90 -42.49
N PHE D 433 -18.38 -22.88 -43.23
CA PHE D 433 -17.02 -22.37 -43.17
C PHE D 433 -16.96 -21.11 -42.32
N GLY D 434 -15.83 -20.94 -41.62
CA GLY D 434 -15.49 -19.67 -41.04
C GLY D 434 -14.51 -18.96 -41.97
N VAL D 435 -14.80 -17.70 -42.27
CA VAL D 435 -13.98 -16.91 -43.18
C VAL D 435 -13.71 -15.57 -42.52
N LEU D 436 -12.44 -15.19 -42.44
CA LEU D 436 -12.05 -13.87 -41.95
C LEU D 436 -11.92 -12.94 -43.17
N SER D 437 -12.52 -11.75 -43.05
CA SER D 437 -12.57 -10.82 -44.17
C SER D 437 -12.35 -9.40 -43.66
N SER D 438 -11.89 -8.53 -44.56
CA SER D 438 -11.76 -7.11 -44.25
C SER D 438 -12.24 -6.27 -45.42
N ARG D 439 -12.88 -5.15 -45.09
CA ARG D 439 -13.40 -4.19 -46.06
C ARG D 439 -12.83 -2.81 -45.76
N ILE D 440 -12.73 -1.98 -46.79
CA ILE D 440 -12.19 -0.64 -46.65
C ILE D 440 -13.34 0.33 -46.41
N GLU D 441 -13.27 1.10 -45.32
CA GLU D 441 -14.13 2.25 -45.10
C GLU D 441 -13.25 3.49 -45.07
N VAL D 442 -13.87 4.65 -45.24
CA VAL D 442 -13.15 5.91 -45.35
C VAL D 442 -13.67 6.91 -44.34
N GLN D 443 -12.74 7.68 -43.76
CA GLN D 443 -13.10 8.70 -42.77
C GLN D 443 -13.98 9.77 -43.40
N ASP D 444 -15.11 10.02 -42.78
CA ASP D 444 -16.12 10.93 -43.30
C ASP D 444 -16.37 12.08 -42.32
N THR D 445 -17.23 13.00 -42.75
CA THR D 445 -17.53 14.21 -42.02
C THR D 445 -18.26 13.97 -40.71
N SER D 446 -18.80 12.76 -40.50
CA SER D 446 -19.48 12.45 -39.25
C SER D 446 -18.50 12.13 -38.13
N GLY D 447 -17.21 11.97 -38.44
CA GLY D 447 -16.24 11.46 -37.53
C GLY D 447 -16.01 9.96 -37.61
N GLY D 448 -17.02 9.22 -38.07
CA GLY D 448 -16.90 7.80 -38.30
C GLY D 448 -16.32 7.48 -39.65
N THR D 449 -16.70 6.32 -40.19
CA THR D 449 -16.25 5.91 -41.51
C THR D 449 -17.44 5.35 -42.29
N THR D 450 -17.27 5.32 -43.61
CA THR D 450 -18.31 4.89 -44.53
C THR D 450 -17.75 3.88 -45.50
N ALA D 451 -18.51 2.82 -45.75
CA ALA D 451 -18.09 1.78 -46.68
C ALA D 451 -18.28 2.27 -48.11
N LEU D 452 -17.29 1.97 -48.96
CA LEU D 452 -17.35 2.44 -50.33
C LEU D 452 -18.42 1.71 -51.14
N ARG D 453 -18.82 0.53 -50.70
CA ARG D 453 -19.80 -0.29 -51.39
C ARG D 453 -20.31 -1.34 -50.42
N PRO D 454 -21.52 -1.86 -50.64
CA PRO D 454 -21.99 -2.98 -49.81
C PRO D 454 -21.22 -4.25 -50.12
N SER D 455 -21.06 -5.10 -49.10
CA SER D 455 -20.29 -6.32 -49.26
C SER D 455 -20.73 -7.33 -48.22
N ALA D 456 -20.10 -8.51 -48.26
CA ALA D 456 -20.57 -9.66 -47.50
C ALA D 456 -20.82 -9.33 -46.04
N SER D 457 -19.89 -8.62 -45.40
CA SER D 457 -20.01 -8.36 -43.97
C SER D 457 -21.11 -7.35 -43.66
N THR D 458 -21.49 -6.50 -44.61
CA THR D 458 -22.52 -5.50 -44.39
C THR D 458 -23.91 -5.96 -44.84
N GLN D 459 -23.99 -6.95 -45.72
CA GLN D 459 -25.22 -7.48 -46.29
C GLN D 459 -25.42 -8.87 -45.71
N ALA D 460 -25.29 -9.02 -44.40
CA ALA D 460 -25.50 -10.29 -43.71
C ALA D 460 -26.81 -10.35 -42.93
N LEU D 461 -27.34 -11.57 -42.83
CA LEU D 461 -28.60 -11.81 -42.14
C LEU D 461 -28.52 -11.44 -40.66
N SER D 462 -27.54 -11.99 -39.97
CA SER D 462 -27.29 -11.69 -38.57
C SER D 462 -25.93 -11.01 -38.47
N SER D 463 -25.82 -10.09 -37.52
CA SER D 463 -24.60 -9.31 -37.38
C SER D 463 -24.36 -9.09 -35.89
N SER D 464 -23.09 -8.87 -35.55
CA SER D 464 -22.70 -8.59 -34.18
C SER D 464 -21.43 -7.75 -34.24
N VAL D 465 -21.23 -6.94 -33.21
CA VAL D 465 -20.06 -6.10 -33.09
C VAL D 465 -19.45 -6.38 -31.73
N SER D 466 -18.13 -6.49 -31.67
CA SER D 466 -17.47 -6.79 -30.41
C SER D 466 -17.73 -5.69 -29.40
N SER D 467 -18.07 -6.10 -28.17
CA SER D 467 -18.26 -5.18 -27.06
C SER D 467 -17.12 -5.28 -26.06
N SER D 468 -16.01 -5.92 -26.46
CA SER D 468 -14.89 -6.15 -25.57
C SER D 468 -14.33 -4.82 -25.08
N LYS D 469 -14.00 -4.76 -23.80
CA LYS D 469 -13.42 -3.56 -23.20
C LYS D 469 -11.96 -3.77 -22.79
N LEU D 470 -11.34 -4.88 -23.20
CA LEU D 470 -10.00 -5.22 -22.74
C LEU D 470 -9.03 -4.06 -22.98
N PHE D 471 -9.05 -3.49 -24.18
CA PHE D 471 -8.21 -2.34 -24.47
C PHE D 471 -8.86 -1.04 -24.04
N SER D 472 -10.13 -1.09 -23.63
CA SER D 472 -10.82 0.05 -23.02
C SER D 472 -10.44 1.32 -23.77
N SER D 473 -10.21 2.39 -23.02
CA SER D 473 -9.67 3.63 -23.59
C SER D 473 -8.24 3.83 -23.14
N SER D 474 -7.66 2.81 -22.50
CA SER D 474 -6.25 2.84 -22.09
C SER D 474 -5.38 3.38 -23.22
N THR D 475 -5.56 2.85 -24.42
CA THR D 475 -4.81 3.34 -25.57
C THR D 475 -5.31 4.74 -25.95
N ALA D 476 -4.39 5.68 -26.08
CA ALA D 476 -4.76 7.03 -26.49
C ALA D 476 -5.28 7.03 -27.92
N PRO D 477 -6.32 7.79 -28.23
CA PRO D 477 -6.87 7.82 -29.59
C PRO D 477 -5.94 8.60 -30.51
N HIS D 478 -5.84 8.12 -31.74
CA HIS D 478 -4.96 8.70 -32.74
C HIS D 478 -5.75 9.59 -33.68
N GLU D 479 -5.06 10.57 -34.25
CA GLU D 479 -5.75 11.58 -35.03
C GLU D 479 -6.26 10.97 -36.31
N THR D 480 -7.48 11.33 -36.70
CA THR D 480 -8.11 10.84 -37.92
C THR D 480 -8.43 12.03 -38.80
N SER D 481 -8.04 11.95 -40.07
CA SER D 481 -8.28 12.99 -41.06
C SER D 481 -9.29 12.49 -42.09
N PHE D 482 -10.18 13.37 -42.51
CA PHE D 482 -11.18 12.99 -43.50
C PHE D 482 -10.52 12.47 -44.77
N GLY D 483 -11.06 11.38 -45.30
CA GLY D 483 -10.58 10.77 -46.51
C GLY D 483 -9.62 9.61 -46.34
N GLU D 484 -9.09 9.41 -45.13
CA GLU D 484 -8.18 8.30 -44.91
C GLU D 484 -8.91 6.97 -44.92
N GLU D 485 -8.23 5.93 -45.41
CA GLU D 485 -8.77 4.59 -45.44
C GLU D 485 -8.43 3.85 -44.15
N VAL D 486 -9.34 2.96 -43.74
CA VAL D 486 -9.11 2.07 -42.61
C VAL D 486 -9.69 0.71 -42.97
N GLU D 487 -9.15 -0.34 -42.36
CA GLU D 487 -9.66 -1.69 -42.54
C GLU D 487 -10.58 -2.07 -41.39
N VAL D 488 -11.70 -2.69 -41.72
CA VAL D 488 -12.66 -3.22 -40.76
C VAL D 488 -12.74 -4.72 -40.97
N HIS D 489 -12.42 -5.48 -39.93
CA HIS D 489 -12.29 -6.93 -40.03
C HIS D 489 -13.52 -7.61 -39.43
N ASN D 490 -13.92 -8.72 -40.05
CA ASN D 490 -15.13 -9.42 -39.66
C ASN D 490 -14.89 -10.93 -39.70
N LEU D 491 -15.71 -11.66 -38.95
CA LEU D 491 -15.78 -13.12 -39.03
C LEU D 491 -17.10 -13.47 -39.72
N LEU D 492 -17.02 -14.18 -40.83
CA LEU D 492 -18.18 -14.59 -41.61
C LEU D 492 -18.44 -16.07 -41.39
N ILE D 493 -19.69 -16.41 -41.10
CA ILE D 493 -20.15 -17.79 -41.05
C ILE D 493 -20.92 -18.07 -42.34
N ILE D 494 -20.42 -19.00 -43.15
CA ILE D 494 -20.95 -19.24 -44.51
C ILE D 494 -21.37 -20.70 -44.62
N ASP D 495 -22.56 -20.92 -45.19
CA ASP D 495 -23.11 -22.27 -45.29
C ASP D 495 -22.36 -23.07 -46.36
N GLN D 496 -22.14 -24.36 -46.09
CA GLN D 496 -21.24 -25.15 -46.92
C GLN D 496 -21.86 -25.54 -48.25
N HIS D 497 -23.19 -25.51 -48.37
CA HIS D 497 -23.84 -25.85 -49.64
C HIS D 497 -24.34 -24.63 -50.41
N THR D 498 -25.06 -23.73 -49.73
CA THR D 498 -25.54 -22.51 -50.37
C THR D 498 -24.48 -21.43 -50.44
N PHE D 499 -23.50 -21.45 -49.53
CA PHE D 499 -22.49 -20.40 -49.45
C PHE D 499 -23.15 -19.05 -49.23
N GLU D 500 -24.09 -19.05 -48.29
CA GLU D 500 -24.82 -17.86 -47.89
C GLU D 500 -24.26 -17.38 -46.55
N VAL D 501 -24.04 -16.07 -46.44
CA VAL D 501 -23.47 -15.53 -45.22
C VAL D 501 -24.55 -15.56 -44.15
N LEU D 502 -24.41 -16.46 -43.19
CA LEU D 502 -25.41 -16.68 -42.16
C LEU D 502 -25.26 -15.65 -41.04
N HIS D 503 -24.03 -15.32 -40.70
CA HIS D 503 -23.74 -14.39 -39.61
C HIS D 503 -22.44 -13.68 -39.94
N ALA D 504 -22.33 -12.41 -39.54
CA ALA D 504 -21.11 -11.64 -39.70
C ALA D 504 -20.83 -10.90 -38.40
N HIS D 505 -19.62 -11.07 -37.87
CA HIS D 505 -19.18 -10.45 -36.63
C HIS D 505 -18.09 -9.43 -36.93
N GLN D 506 -18.29 -8.19 -36.49
CA GLN D 506 -17.33 -7.12 -36.69
C GLN D 506 -16.45 -6.97 -35.46
N PHE D 507 -15.14 -6.98 -35.68
CA PHE D 507 -14.19 -6.87 -34.57
C PHE D 507 -13.98 -5.40 -34.18
N LEU D 508 -13.18 -5.20 -33.14
CA LEU D 508 -13.00 -3.86 -32.60
C LEU D 508 -12.40 -2.92 -33.65
N GLN D 509 -12.59 -1.62 -33.40
CA GLN D 509 -11.97 -0.61 -34.24
C GLN D 509 -10.46 -0.74 -34.19
N ASN D 510 -9.84 -0.80 -35.36
CA ASN D 510 -8.40 -0.98 -35.53
C ASN D 510 -7.91 -2.37 -35.13
N GLU D 511 -8.82 -3.33 -35.01
CA GLU D 511 -8.45 -4.71 -34.72
C GLU D 511 -8.38 -5.48 -36.04
N TYR D 512 -7.27 -6.17 -36.25
CA TYR D 512 -7.06 -6.99 -37.45
C TYR D 512 -7.19 -8.46 -37.06
N ALA D 513 -7.98 -9.21 -37.81
CA ALA D 513 -8.08 -10.65 -37.62
C ALA D 513 -6.98 -11.32 -38.45
N LEU D 514 -6.07 -12.03 -37.78
CA LEU D 514 -4.92 -12.61 -38.44
C LEU D 514 -4.94 -14.13 -38.49
N SER D 515 -5.59 -14.80 -37.52
CA SER D 515 -5.55 -16.26 -37.45
C SER D 515 -6.94 -16.81 -37.12
N LEU D 516 -7.24 -18.00 -37.65
CA LEU D 516 -8.52 -18.66 -37.42
C LEU D 516 -8.35 -20.17 -37.33
N VAL D 517 -9.06 -20.78 -36.39
CA VAL D 517 -9.12 -22.25 -36.28
C VAL D 517 -10.53 -22.70 -35.90
N SER D 518 -10.85 -23.94 -36.27
CA SER D 518 -12.07 -24.62 -35.86
C SER D 518 -11.65 -25.92 -35.17
N CYS D 519 -12.05 -26.09 -33.91
CA CYS D 519 -11.59 -27.27 -33.17
C CYS D 519 -12.37 -27.43 -31.86
N LYS D 520 -12.21 -28.61 -31.28
CA LYS D 520 -12.60 -28.92 -29.91
C LYS D 520 -11.38 -28.82 -29.01
N LEU D 521 -11.56 -28.33 -27.79
CA LEU D 521 -10.44 -28.18 -26.86
C LEU D 521 -10.71 -28.86 -25.53
N GLY D 522 -9.65 -29.41 -24.96
CA GLY D 522 -9.73 -29.93 -23.61
C GLY D 522 -10.81 -30.98 -23.50
N LYS D 523 -11.61 -30.87 -22.43
CA LYS D 523 -12.73 -31.76 -22.20
C LYS D 523 -14.07 -31.13 -22.61
N ASP D 524 -14.03 -30.05 -23.39
CA ASP D 524 -15.23 -29.40 -23.87
C ASP D 524 -15.65 -30.04 -25.19
N PRO D 525 -16.84 -30.64 -25.28
CA PRO D 525 -17.27 -31.24 -26.56
C PRO D 525 -17.73 -30.22 -27.58
N ASN D 526 -17.93 -28.96 -27.19
CA ASN D 526 -18.41 -27.96 -28.12
C ASN D 526 -17.32 -27.59 -29.11
N THR D 527 -17.69 -27.45 -30.38
CA THR D 527 -16.76 -27.07 -31.44
C THR D 527 -16.83 -25.57 -31.67
N TYR D 528 -15.67 -24.91 -31.57
CA TYR D 528 -15.61 -23.47 -31.62
C TYR D 528 -14.85 -22.96 -32.84
N PHE D 529 -15.16 -21.72 -33.21
CA PHE D 529 -14.33 -20.92 -34.09
C PHE D 529 -13.47 -20.02 -33.22
N ILE D 530 -12.16 -20.07 -33.39
CA ILE D 530 -11.24 -19.25 -32.60
C ILE D 530 -10.46 -18.36 -33.55
N VAL D 531 -10.43 -17.07 -33.23
CA VAL D 531 -9.81 -16.06 -34.06
C VAL D 531 -8.71 -15.39 -33.24
N GLY D 532 -7.57 -15.16 -33.87
CA GLY D 532 -6.47 -14.43 -33.25
C GLY D 532 -6.32 -13.09 -33.92
N THR D 533 -6.21 -12.04 -33.10
CA THR D 533 -6.26 -10.68 -33.58
C THR D 533 -5.06 -9.88 -33.09
N ALA D 534 -4.89 -8.70 -33.69
CA ALA D 534 -3.82 -7.79 -33.33
C ALA D 534 -4.36 -6.36 -33.46
N MET D 535 -4.10 -5.52 -32.47
CA MET D 535 -4.49 -4.12 -32.55
C MET D 535 -3.45 -3.36 -33.36
N VAL D 536 -3.87 -2.81 -34.48
CA VAL D 536 -2.98 -2.18 -35.45
C VAL D 536 -3.19 -0.67 -35.30
N TYR D 537 -2.16 0.02 -34.84
CA TYR D 537 -2.14 1.47 -34.83
C TYR D 537 -0.99 1.94 -35.70
N PRO D 538 -1.24 2.94 -36.55
CA PRO D 538 -0.21 3.33 -37.54
C PRO D 538 1.14 3.69 -36.95
N GLU D 539 1.17 4.22 -35.73
CA GLU D 539 2.43 4.66 -35.14
C GLU D 539 3.34 3.51 -34.77
N GLU D 540 2.76 2.38 -34.40
CA GLU D 540 3.53 1.30 -33.79
C GLU D 540 4.17 0.49 -34.90
N ALA D 541 5.48 0.28 -34.78
CA ALA D 541 6.17 -0.57 -35.74
C ALA D 541 5.64 -2.00 -35.67
N GLU D 542 5.31 -2.47 -34.48
CA GLU D 542 4.84 -3.82 -34.27
C GLU D 542 3.68 -3.79 -33.29
N PRO D 543 2.60 -4.53 -33.55
CA PRO D 543 1.47 -4.50 -32.62
C PRO D 543 1.92 -4.94 -31.24
N LYS D 544 1.43 -4.21 -30.23
CA LYS D 544 1.76 -4.51 -28.84
C LYS D 544 0.53 -4.98 -28.09
N GLN D 545 -0.61 -5.10 -28.76
CA GLN D 545 -1.85 -5.58 -28.15
C GLN D 545 -2.55 -6.56 -29.08
N GLY D 546 -3.34 -7.45 -28.50
CA GLY D 546 -4.05 -8.45 -29.28
C GLY D 546 -5.02 -9.24 -28.42
N ARG D 547 -5.86 -10.01 -29.12
CA ARG D 547 -6.86 -10.87 -28.49
C ARG D 547 -6.87 -12.24 -29.15
N ILE D 548 -7.22 -13.25 -28.36
CA ILE D 548 -7.64 -14.56 -28.86
C ILE D 548 -9.09 -14.73 -28.47
N VAL D 549 -9.97 -14.92 -29.46
CA VAL D 549 -11.41 -14.90 -29.22
C VAL D 549 -12.02 -16.25 -29.59
N VAL D 550 -12.87 -16.76 -28.69
CA VAL D 550 -13.58 -18.03 -28.89
C VAL D 550 -15.04 -17.75 -29.19
N PHE D 551 -15.53 -18.33 -30.28
CA PHE D 551 -16.90 -18.22 -30.74
C PHE D 551 -17.51 -19.61 -30.80
N GLN D 552 -18.81 -19.71 -30.56
CA GLN D 552 -19.55 -20.93 -30.83
C GLN D 552 -20.71 -20.59 -31.76
N TYR D 553 -20.75 -21.24 -32.93
CA TYR D 553 -21.89 -21.09 -33.83
C TYR D 553 -22.81 -22.29 -33.65
N SER D 554 -23.97 -22.07 -33.00
CA SER D 554 -24.94 -23.14 -32.80
C SER D 554 -26.33 -22.51 -32.83
N ASP D 555 -27.27 -23.21 -33.46
CA ASP D 555 -28.66 -22.74 -33.57
C ASP D 555 -28.71 -21.37 -34.27
N GLY D 556 -27.92 -21.24 -35.32
CA GLY D 556 -27.98 -20.04 -36.13
C GLY D 556 -27.43 -18.79 -35.50
N LYS D 557 -26.84 -18.88 -34.31
CA LYS D 557 -26.33 -17.71 -33.62
C LYS D 557 -24.89 -17.96 -33.19
N LEU D 558 -24.10 -16.90 -33.26
CA LEU D 558 -22.71 -16.92 -32.84
C LEU D 558 -22.64 -16.31 -31.45
N GLN D 559 -22.09 -17.07 -30.52
CA GLN D 559 -21.95 -16.62 -29.14
C GLN D 559 -20.46 -16.46 -28.86
N THR D 560 -20.10 -15.35 -28.22
CA THR D 560 -18.72 -15.16 -27.82
C THR D 560 -18.51 -15.89 -26.52
N VAL D 561 -17.66 -16.91 -26.54
CA VAL D 561 -17.50 -17.75 -25.37
C VAL D 561 -16.43 -17.23 -24.43
N ALA D 562 -15.34 -16.71 -24.99
CA ALA D 562 -14.22 -16.29 -24.14
C ALA D 562 -13.27 -15.42 -24.94
N GLU D 563 -12.58 -14.54 -24.22
CA GLU D 563 -11.53 -13.71 -24.77
C GLU D 563 -10.31 -13.76 -23.86
N LYS D 564 -9.15 -13.83 -24.48
CA LYS D 564 -7.86 -13.85 -23.81
C LYS D 564 -7.02 -12.71 -24.36
N GLU D 565 -6.54 -11.84 -23.49
CA GLU D 565 -5.70 -10.73 -23.92
C GLU D 565 -4.26 -11.20 -24.09
N VAL D 566 -3.62 -10.75 -25.15
CA VAL D 566 -2.20 -11.01 -25.39
C VAL D 566 -1.52 -9.68 -25.72
N LYS D 567 -0.20 -9.70 -25.63
CA LYS D 567 0.61 -8.49 -25.82
C LYS D 567 1.27 -8.48 -27.20
N GLY D 568 0.50 -8.77 -28.24
CA GLY D 568 1.05 -8.81 -29.59
C GLY D 568 0.05 -9.34 -30.58
N ALA D 569 0.53 -9.57 -31.80
CA ALA D 569 -0.32 -10.04 -32.89
C ALA D 569 -0.32 -11.56 -32.91
N VAL D 570 -1.51 -12.14 -32.94
CA VAL D 570 -1.64 -13.62 -32.94
C VAL D 570 -1.58 -14.04 -34.41
N TYR D 571 -0.35 -14.16 -34.91
CA TYR D 571 -0.16 -14.43 -36.34
C TYR D 571 -0.66 -15.81 -36.74
N SER D 572 -0.44 -16.82 -35.90
CA SER D 572 -0.86 -18.17 -36.26
C SER D 572 -1.37 -18.93 -35.03
N MET D 573 -2.35 -19.79 -35.28
CA MET D 573 -2.87 -20.71 -34.27
C MET D 573 -3.09 -22.06 -34.93
N VAL D 574 -2.99 -23.12 -34.13
CA VAL D 574 -3.28 -24.46 -34.61
C VAL D 574 -3.67 -25.33 -33.41
N GLU D 575 -4.64 -26.21 -33.63
CA GLU D 575 -5.03 -27.13 -32.57
C GLU D 575 -3.92 -28.15 -32.36
N PHE D 576 -3.56 -28.37 -31.09
CA PHE D 576 -2.41 -29.20 -30.71
C PHE D 576 -2.83 -30.13 -29.59
N ASN D 577 -3.29 -31.33 -29.95
CA ASN D 577 -3.61 -32.35 -28.98
C ASN D 577 -4.51 -31.80 -27.89
N GLY D 578 -5.64 -31.23 -28.32
CA GLY D 578 -6.62 -30.68 -27.42
C GLY D 578 -6.24 -29.36 -26.78
N LYS D 579 -5.08 -28.81 -27.11
CA LYS D 579 -4.63 -27.53 -26.59
C LYS D 579 -4.50 -26.56 -27.76
N LEU D 580 -4.51 -25.27 -27.44
CA LEU D 580 -4.44 -24.22 -28.44
C LEU D 580 -3.00 -23.73 -28.54
N LEU D 581 -2.37 -23.98 -29.69
CA LEU D 581 -1.02 -23.50 -29.96
C LEU D 581 -1.14 -22.20 -30.74
N ALA D 582 -0.61 -21.13 -30.17
CA ALA D 582 -0.71 -19.80 -30.76
C ALA D 582 0.63 -19.09 -30.71
N SER D 583 0.89 -18.28 -31.73
CA SER D 583 2.11 -17.50 -31.85
C SER D 583 1.77 -16.02 -31.69
N ILE D 584 2.32 -15.40 -30.66
CA ILE D 584 2.17 -13.97 -30.40
C ILE D 584 3.54 -13.32 -30.60
N ASN D 585 3.74 -12.66 -31.75
CA ASN D 585 4.99 -11.98 -32.11
C ASN D 585 6.12 -13.01 -32.03
N SER D 586 7.11 -12.85 -31.14
CA SER D 586 8.20 -13.80 -31.00
C SER D 586 7.77 -15.06 -30.28
N THR D 587 6.82 -14.93 -29.34
CA THR D 587 6.48 -16.02 -28.44
C THR D 587 5.60 -17.07 -29.12
N VAL D 588 5.87 -18.34 -28.83
CA VAL D 588 5.00 -19.45 -29.19
C VAL D 588 4.44 -20.03 -27.90
N ARG D 589 3.11 -20.00 -27.76
CA ARG D 589 2.48 -20.37 -26.50
C ARG D 589 1.56 -21.57 -26.71
N LEU D 590 1.43 -22.39 -25.68
CA LEU D 590 0.48 -23.48 -25.64
C LEU D 590 -0.53 -23.15 -24.55
N TYR D 591 -1.80 -23.05 -24.93
CA TYR D 591 -2.87 -22.74 -24.01
C TYR D 591 -3.67 -23.99 -23.69
N GLU D 592 -4.12 -24.12 -22.45
CA GLU D 592 -5.06 -25.15 -22.07
C GLU D 592 -6.45 -24.53 -21.90
N TRP D 593 -7.47 -25.34 -22.14
CA TRP D 593 -8.86 -24.93 -22.07
C TRP D 593 -9.43 -25.46 -20.76
N THR D 594 -9.71 -24.54 -19.83
CA THR D 594 -10.10 -24.94 -18.48
C THR D 594 -11.55 -25.42 -18.48
N THR D 595 -11.96 -26.02 -17.37
CA THR D 595 -13.37 -26.35 -17.19
C THR D 595 -14.25 -25.13 -16.98
N GLU D 596 -13.66 -23.97 -16.71
CA GLU D 596 -14.40 -22.71 -16.65
C GLU D 596 -14.45 -22.01 -18.02
N LYS D 597 -14.08 -22.72 -19.09
CA LYS D 597 -14.16 -22.22 -20.46
C LYS D 597 -13.33 -20.93 -20.66
N GLU D 598 -12.07 -20.98 -20.25
CA GLU D 598 -11.13 -19.90 -20.52
C GLU D 598 -9.76 -20.48 -20.81
N LEU D 599 -8.95 -19.72 -21.54
CA LEU D 599 -7.61 -20.14 -21.92
C LEU D 599 -6.60 -19.85 -20.81
N ARG D 600 -5.75 -20.82 -20.52
CA ARG D 600 -4.71 -20.71 -19.51
C ARG D 600 -3.38 -21.11 -20.12
N THR D 601 -2.35 -20.27 -19.93
CA THR D 601 -1.05 -20.55 -20.52
C THR D 601 -0.37 -21.71 -19.80
N GLU D 602 0.10 -22.68 -20.58
CA GLU D 602 0.88 -23.77 -20.01
C GLU D 602 2.37 -23.50 -20.12
N CYS D 603 2.85 -23.16 -21.31
CA CYS D 603 4.27 -22.96 -21.54
C CYS D 603 4.45 -22.01 -22.71
N ASN D 604 5.66 -21.45 -22.80
CA ASN D 604 6.00 -20.47 -23.81
C ASN D 604 7.37 -20.82 -24.39
N HIS D 605 7.56 -20.41 -25.64
CA HIS D 605 8.85 -20.46 -26.31
C HIS D 605 9.13 -19.07 -26.86
N TYR D 606 10.34 -18.55 -26.61
CA TYR D 606 10.62 -17.16 -26.91
C TYR D 606 11.69 -16.91 -27.96
N ASN D 607 12.40 -17.93 -28.45
CA ASN D 607 13.53 -17.71 -29.35
C ASN D 607 13.08 -17.59 -30.81
N ASN D 608 12.37 -16.48 -31.07
CA ASN D 608 11.94 -16.17 -32.43
C ASN D 608 11.92 -14.66 -32.66
N ILE D 609 12.11 -14.28 -33.92
CA ILE D 609 11.91 -12.88 -34.31
C ILE D 609 10.43 -12.60 -34.56
N MET D 610 9.83 -13.36 -35.47
CA MET D 610 8.40 -13.24 -35.73
C MET D 610 7.87 -14.63 -36.09
N ALA D 611 7.09 -15.21 -35.19
CA ALA D 611 6.55 -16.57 -35.38
C ALA D 611 5.33 -16.47 -36.29
N LEU D 612 5.60 -16.40 -37.59
CA LEU D 612 4.53 -16.15 -38.55
C LEU D 612 3.70 -17.40 -38.82
N TYR D 613 4.31 -18.58 -38.83
CA TYR D 613 3.63 -19.79 -39.29
C TYR D 613 3.84 -20.96 -38.34
N LEU D 614 2.77 -21.75 -38.16
CA LEU D 614 2.78 -22.91 -37.31
C LEU D 614 2.16 -24.10 -38.03
N LYS D 615 2.77 -25.26 -37.87
CA LYS D 615 2.19 -26.54 -38.28
C LYS D 615 2.56 -27.55 -37.21
N THR D 616 1.74 -28.60 -37.06
CA THR D 616 2.01 -29.59 -36.04
C THR D 616 1.89 -31.00 -36.60
N LYS D 617 2.60 -31.93 -35.95
CA LYS D 617 2.43 -33.36 -36.18
C LYS D 617 2.80 -34.03 -34.86
N GLY D 618 1.81 -34.65 -34.22
CA GLY D 618 2.05 -35.24 -32.91
C GLY D 618 2.37 -34.17 -31.88
N ASP D 619 3.44 -34.38 -31.12
CA ASP D 619 3.94 -33.39 -30.16
C ASP D 619 5.03 -32.53 -30.76
N PHE D 620 5.20 -32.55 -32.08
CA PHE D 620 6.19 -31.75 -32.78
C PHE D 620 5.52 -30.50 -33.36
N ILE D 621 6.22 -29.38 -33.25
CA ILE D 621 5.74 -28.09 -33.74
C ILE D 621 6.80 -27.52 -34.67
N LEU D 622 6.38 -27.12 -35.86
CA LEU D 622 7.27 -26.47 -36.83
C LEU D 622 6.92 -24.98 -36.86
N VAL D 623 7.90 -24.14 -36.61
CA VAL D 623 7.72 -22.69 -36.51
C VAL D 623 8.39 -22.05 -37.70
N GLY D 624 7.67 -21.16 -38.38
CA GLY D 624 8.21 -20.37 -39.48
C GLY D 624 8.41 -18.93 -39.03
N ASP D 625 9.60 -18.41 -39.31
CA ASP D 625 10.02 -17.11 -38.80
C ASP D 625 10.19 -16.13 -39.95
N LEU D 626 10.10 -14.85 -39.61
CA LEU D 626 10.21 -13.82 -40.65
C LEU D 626 11.54 -13.90 -41.38
N MET D 627 12.61 -14.22 -40.66
CA MET D 627 13.95 -14.16 -41.24
C MET D 627 14.89 -15.27 -40.77
N ARG D 628 14.43 -16.21 -39.95
CA ARG D 628 15.31 -17.23 -39.40
C ARG D 628 14.90 -18.63 -39.85
N SER D 629 14.11 -18.73 -40.93
CA SER D 629 13.73 -20.00 -41.53
C SER D 629 12.80 -20.79 -40.62
N VAL D 630 13.11 -22.06 -40.38
CA VAL D 630 12.19 -22.97 -39.68
C VAL D 630 12.88 -23.53 -38.46
N LEU D 631 12.10 -23.70 -37.39
CA LEU D 631 12.54 -24.28 -36.14
C LEU D 631 11.59 -25.43 -35.83
N LEU D 632 12.13 -26.57 -35.47
CA LEU D 632 11.34 -27.72 -35.05
C LEU D 632 11.31 -27.69 -33.51
N LEU D 633 10.17 -27.30 -32.96
CA LEU D 633 9.94 -27.40 -31.52
C LEU D 633 9.24 -28.70 -31.23
N ALA D 634 9.38 -29.16 -30.00
CA ALA D 634 8.66 -30.33 -29.54
C ALA D 634 8.13 -30.05 -28.14
N TYR D 635 6.98 -30.63 -27.85
CA TYR D 635 6.35 -30.54 -26.55
C TYR D 635 6.80 -31.76 -25.72
N LYS D 636 7.46 -31.49 -24.60
CA LYS D 636 7.85 -32.58 -23.72
C LYS D 636 6.78 -32.72 -22.65
N PRO D 637 5.79 -33.61 -22.84
CA PRO D 637 4.66 -33.64 -21.90
C PRO D 637 5.06 -33.97 -20.48
N MET D 638 6.12 -34.76 -20.26
CA MET D 638 6.51 -35.08 -18.90
C MET D 638 6.89 -33.81 -18.12
N GLU D 639 7.40 -32.79 -18.80
CA GLU D 639 7.82 -31.57 -18.12
C GLU D 639 6.85 -30.40 -18.32
N GLY D 640 6.00 -30.44 -19.34
CA GLY D 640 5.07 -29.35 -19.55
C GLY D 640 5.72 -28.08 -20.08
N ASN D 641 6.67 -28.21 -20.99
CA ASN D 641 7.41 -27.08 -21.53
C ASN D 641 7.73 -27.41 -22.99
N PHE D 642 8.53 -26.55 -23.62
CA PHE D 642 8.97 -26.75 -24.99
C PHE D 642 10.46 -27.09 -25.00
N GLU D 643 10.88 -27.84 -26.02
CA GLU D 643 12.28 -28.16 -26.22
C GLU D 643 12.60 -27.92 -27.69
N GLU D 644 13.70 -27.22 -27.95
CA GLU D 644 14.15 -26.95 -29.31
C GLU D 644 14.84 -28.21 -29.85
N ILE D 645 14.19 -28.89 -30.79
CA ILE D 645 14.79 -30.08 -31.37
C ILE D 645 15.85 -29.71 -32.40
N ALA D 646 15.52 -28.82 -33.34
CA ALA D 646 16.46 -28.49 -34.39
C ALA D 646 16.04 -27.20 -35.08
N ARG D 647 17.03 -26.43 -35.51
CA ARG D 647 16.79 -25.19 -36.24
C ARG D 647 17.55 -25.22 -37.55
N ASP D 648 17.00 -24.56 -38.56
CA ASP D 648 17.68 -24.34 -39.84
C ASP D 648 18.41 -22.99 -39.73
N PHE D 649 19.73 -23.02 -39.65
CA PHE D 649 20.47 -21.78 -39.41
C PHE D 649 20.66 -20.94 -40.67
N ASN D 650 20.38 -21.48 -41.86
CA ASN D 650 20.39 -20.68 -43.08
C ASN D 650 19.25 -19.66 -43.04
N PRO D 651 19.52 -18.37 -43.30
CA PRO D 651 18.45 -17.36 -43.18
C PRO D 651 17.58 -17.31 -44.44
N ASN D 652 16.27 -17.42 -44.23
CA ASN D 652 15.29 -17.33 -45.31
C ASN D 652 14.11 -16.51 -44.85
N TRP D 653 13.46 -15.83 -45.79
CA TRP D 653 12.21 -15.11 -45.51
C TRP D 653 11.06 -16.01 -45.94
N MET D 654 10.27 -16.46 -44.97
CA MET D 654 9.28 -17.51 -45.20
C MET D 654 7.95 -16.91 -45.64
N SER D 655 7.26 -17.62 -46.54
CA SER D 655 5.88 -17.32 -46.90
C SER D 655 4.90 -18.38 -46.40
N ALA D 656 5.38 -19.59 -46.18
CA ALA D 656 4.56 -20.66 -45.61
C ALA D 656 5.48 -21.83 -45.28
N VAL D 657 5.03 -22.68 -44.36
CA VAL D 657 5.75 -23.88 -43.96
C VAL D 657 4.76 -25.03 -43.97
N GLU D 658 5.28 -26.24 -44.07
CA GLU D 658 4.46 -27.44 -43.96
C GLU D 658 5.35 -28.60 -43.51
N ILE D 659 4.73 -29.53 -42.79
CA ILE D 659 5.39 -30.76 -42.36
C ILE D 659 5.03 -31.84 -43.36
N LEU D 660 6.04 -32.47 -43.95
CA LEU D 660 5.81 -33.57 -44.88
C LEU D 660 5.70 -34.91 -44.15
N ASP D 661 6.62 -35.17 -43.23
CA ASP D 661 6.62 -36.37 -42.41
C ASP D 661 7.47 -36.07 -41.18
N ASP D 662 7.70 -37.10 -40.35
CA ASP D 662 8.36 -36.87 -39.08
C ASP D 662 9.78 -36.32 -39.24
N ASP D 663 10.37 -36.45 -40.42
CA ASP D 663 11.75 -36.04 -40.63
C ASP D 663 11.92 -34.94 -41.66
N ASN D 664 10.97 -34.76 -42.58
CA ASN D 664 11.07 -33.75 -43.63
C ASN D 664 10.14 -32.58 -43.35
N PHE D 665 10.60 -31.37 -43.66
CA PHE D 665 9.86 -30.14 -43.45
C PHE D 665 9.96 -29.29 -44.70
N LEU D 666 8.84 -28.75 -45.15
CA LEU D 666 8.76 -28.03 -46.42
C LEU D 666 8.57 -26.54 -46.17
N GLY D 667 9.26 -25.71 -46.95
CA GLY D 667 9.18 -24.27 -46.79
C GLY D 667 9.12 -23.56 -48.13
N ALA D 668 8.61 -22.33 -48.09
CA ALA D 668 8.47 -21.47 -49.26
C ALA D 668 9.00 -20.08 -48.93
N GLU D 669 9.84 -19.54 -49.82
CA GLU D 669 10.55 -18.30 -49.61
C GLU D 669 10.00 -17.17 -50.46
N ASN D 670 10.29 -15.93 -50.02
CA ASN D 670 9.84 -14.75 -50.76
C ASN D 670 10.59 -14.60 -52.07
N ALA D 671 11.61 -15.42 -52.30
CA ALA D 671 12.35 -15.43 -53.55
C ALA D 671 11.72 -16.35 -54.58
N PHE D 672 10.51 -16.83 -54.30
CA PHE D 672 9.82 -17.78 -55.16
C PHE D 672 10.51 -19.14 -55.17
N ASN D 673 11.13 -19.52 -54.05
CA ASN D 673 11.83 -20.79 -53.98
C ASN D 673 11.14 -21.69 -52.95
N LEU D 674 11.29 -23.00 -53.16
CA LEU D 674 10.83 -24.02 -52.24
C LEU D 674 12.07 -24.73 -51.71
N PHE D 675 12.08 -25.10 -50.43
CA PHE D 675 13.19 -25.88 -49.92
C PHE D 675 12.67 -26.87 -48.89
N VAL D 676 13.40 -27.99 -48.75
CA VAL D 676 13.08 -29.04 -47.79
C VAL D 676 14.29 -29.25 -46.91
N CYS D 677 14.10 -29.18 -45.60
CA CYS D 677 15.14 -29.47 -44.62
C CYS D 677 14.72 -30.67 -43.78
N GLN D 678 15.71 -31.46 -43.37
CA GLN D 678 15.49 -32.68 -42.61
C GLN D 678 16.47 -32.76 -41.44
N LYS D 679 16.02 -33.43 -40.37
CA LYS D 679 16.90 -33.74 -39.26
C LYS D 679 18.11 -34.54 -39.76
N ASP D 680 19.31 -34.14 -39.33
CA ASP D 680 20.52 -34.71 -39.90
C ASP D 680 20.61 -36.22 -39.64
N SER D 681 20.24 -36.64 -38.43
CA SER D 681 20.23 -38.07 -38.09
C SER D 681 21.60 -38.70 -38.34
N ALA D 682 22.65 -37.89 -38.24
CA ALA D 682 24.02 -38.35 -38.46
C ALA D 682 24.98 -37.62 -37.53
N ALA D 683 26.16 -38.22 -37.38
CA ALA D 683 27.29 -37.75 -36.58
C ALA D 683 27.11 -37.90 -35.08
N THR D 684 25.98 -38.44 -34.60
CA THR D 684 25.74 -38.68 -33.18
C THR D 684 26.24 -37.57 -32.26
N THR D 685 26.24 -36.33 -32.73
CA THR D 685 26.58 -35.15 -31.96
C THR D 685 25.32 -34.40 -31.54
N ASP D 686 25.29 -33.91 -30.31
CA ASP D 686 24.16 -33.05 -29.93
C ASP D 686 24.10 -31.81 -30.79
N GLU D 687 25.26 -31.28 -31.18
CA GLU D 687 25.28 -30.09 -32.03
C GLU D 687 24.74 -30.41 -33.41
N GLU D 688 25.01 -31.60 -33.91
CA GLU D 688 24.50 -32.03 -35.22
C GLU D 688 23.00 -32.28 -35.16
N ARG D 689 22.50 -32.86 -34.08
CA ARG D 689 21.07 -33.15 -33.96
C ARG D 689 20.26 -31.87 -34.04
N GLN D 690 20.83 -30.74 -33.62
CA GLN D 690 20.15 -29.46 -33.65
C GLN D 690 20.26 -28.71 -34.99
N HIS D 691 21.03 -29.21 -35.94
CA HIS D 691 21.22 -28.54 -37.22
C HIS D 691 20.30 -29.21 -38.25
N LEU D 692 19.25 -28.48 -38.65
CA LEU D 692 18.41 -28.92 -39.75
C LEU D 692 19.11 -28.55 -41.04
N GLN D 693 19.31 -29.52 -41.91
CA GLN D 693 20.07 -29.34 -43.14
C GLN D 693 19.14 -29.18 -44.33
N GLU D 694 19.29 -28.06 -45.05
CA GLU D 694 18.55 -27.85 -46.30
C GLU D 694 19.02 -28.87 -47.34
N VAL D 695 18.19 -29.87 -47.59
CA VAL D 695 18.56 -30.95 -48.51
C VAL D 695 17.91 -30.80 -49.89
N GLY D 696 16.80 -30.09 -49.99
CA GLY D 696 16.14 -29.85 -51.27
C GLY D 696 16.02 -28.37 -51.57
N LEU D 697 16.29 -28.00 -52.82
CA LEU D 697 16.20 -26.62 -53.28
C LEU D 697 15.56 -26.61 -54.67
N PHE D 698 14.61 -25.70 -54.89
CA PHE D 698 13.87 -25.67 -56.16
C PHE D 698 13.27 -24.28 -56.35
N HIS D 699 13.53 -23.68 -57.50
CA HIS D 699 12.93 -22.39 -57.86
C HIS D 699 11.53 -22.66 -58.42
N LEU D 700 10.50 -22.28 -57.66
CA LEU D 700 9.13 -22.54 -58.09
C LEU D 700 8.67 -21.53 -59.13
N GLY D 701 9.02 -20.27 -58.94
CA GLY D 701 8.57 -19.21 -59.81
C GLY D 701 7.26 -18.58 -59.39
N GLU D 702 6.69 -19.03 -58.29
CA GLU D 702 5.42 -18.53 -57.78
C GLU D 702 5.58 -18.23 -56.30
N PHE D 703 4.65 -17.47 -55.76
CA PHE D 703 4.65 -17.10 -54.34
C PHE D 703 3.63 -17.98 -53.63
N VAL D 704 4.08 -18.87 -52.77
CA VAL D 704 3.19 -19.79 -52.08
C VAL D 704 2.70 -19.12 -50.81
N ASN D 705 1.39 -18.89 -50.71
CA ASN D 705 0.85 -18.33 -49.47
C ASN D 705 0.41 -19.41 -48.49
N VAL D 706 -0.04 -20.56 -48.98
CA VAL D 706 -0.68 -21.55 -48.11
C VAL D 706 -0.28 -22.96 -48.56
N PHE D 707 0.25 -23.76 -47.63
CA PHE D 707 0.39 -25.20 -47.83
C PHE D 707 -0.80 -25.91 -47.18
N CYS D 708 -1.27 -26.99 -47.81
CA CYS D 708 -2.48 -27.69 -47.37
C CYS D 708 -2.39 -29.15 -47.79
N HIS D 709 -2.44 -30.05 -46.80
CA HIS D 709 -2.46 -31.48 -47.07
C HIS D 709 -3.79 -31.86 -47.71
N GLY D 710 -3.74 -32.67 -48.76
CA GLY D 710 -4.95 -33.15 -49.40
C GLY D 710 -4.71 -33.38 -50.89
N SER D 711 -5.71 -33.97 -51.52
CA SER D 711 -5.68 -34.17 -52.96
C SER D 711 -7.08 -33.98 -53.53
N LEU D 712 -7.12 -33.47 -54.76
CA LEU D 712 -8.39 -33.23 -55.43
C LEU D 712 -8.87 -34.44 -56.22
N VAL D 713 -7.98 -35.36 -56.53
CA VAL D 713 -8.35 -36.57 -57.24
C VAL D 713 -9.00 -37.54 -56.27
N MET D 714 -9.78 -38.46 -56.82
CA MET D 714 -10.59 -39.37 -56.02
C MET D 714 -9.71 -40.43 -55.35
N GLN D 715 -9.84 -40.53 -54.04
CA GLN D 715 -9.11 -41.50 -53.23
C GLN D 715 -10.01 -42.70 -52.97
N ASN D 716 -9.54 -43.91 -53.32
CA ASN D 716 -10.29 -45.10 -52.98
C ASN D 716 -9.96 -45.51 -51.55
N LEU D 717 -10.97 -45.95 -50.79
CA LEU D 717 -10.66 -46.51 -49.48
C LEU D 717 -9.82 -47.76 -49.62
N GLY D 718 -9.66 -48.29 -50.83
CA GLY D 718 -8.79 -49.43 -51.04
C GLY D 718 -7.32 -49.06 -50.93
N GLU D 719 -6.55 -49.96 -50.31
CA GLU D 719 -5.10 -49.80 -50.24
C GLU D 719 -4.48 -50.21 -51.56
N THR D 720 -4.52 -49.30 -52.53
CA THR D 720 -3.94 -49.53 -53.85
C THR D 720 -2.61 -48.77 -53.91
N SER D 721 -1.58 -49.43 -54.44
CA SER D 721 -0.23 -48.88 -54.38
C SER D 721 -0.03 -47.76 -55.41
N THR D 722 0.65 -46.70 -54.98
CA THR D 722 1.01 -45.57 -55.82
C THR D 722 2.51 -45.30 -55.79
N PRO D 723 3.06 -44.85 -56.91
CA PRO D 723 4.50 -44.51 -56.92
C PRO D 723 4.83 -43.38 -55.95
N THR D 724 4.05 -42.32 -56.04
CA THR D 724 4.15 -41.16 -55.18
C THR D 724 3.68 -41.49 -53.77
N GLN D 725 4.25 -40.79 -52.80
CA GLN D 725 3.85 -40.86 -51.41
C GLN D 725 3.59 -39.46 -50.87
N GLY D 726 2.40 -39.25 -50.31
CA GLY D 726 2.05 -37.96 -49.76
C GLY D 726 1.44 -37.01 -50.78
N SER D 727 0.70 -36.03 -50.27
CA SER D 727 0.08 -35.03 -51.13
C SER D 727 -0.10 -33.71 -50.39
N VAL D 728 0.60 -32.67 -50.85
CA VAL D 728 0.43 -31.31 -50.35
C VAL D 728 0.04 -30.40 -51.50
N LEU D 729 -1.05 -29.64 -51.33
CA LEU D 729 -1.48 -28.64 -52.27
C LEU D 729 -1.01 -27.27 -51.81
N PHE D 730 -0.73 -26.37 -52.76
CA PHE D 730 -0.35 -25.01 -52.38
C PHE D 730 -0.97 -23.99 -53.32
N GLY D 731 -1.35 -22.85 -52.74
CA GLY D 731 -1.95 -21.76 -53.48
C GLY D 731 -1.00 -20.58 -53.55
N THR D 732 -1.06 -19.84 -54.65
CA THR D 732 -0.07 -18.81 -54.93
C THR D 732 -0.73 -17.49 -55.33
N VAL D 733 0.12 -16.46 -55.42
CA VAL D 733 -0.35 -15.10 -55.68
C VAL D 733 -0.95 -14.98 -57.07
N ASN D 734 -0.43 -15.73 -58.04
CA ASN D 734 -0.95 -15.65 -59.41
C ASN D 734 -2.07 -16.66 -59.68
N GLY D 735 -2.66 -17.25 -58.64
CA GLY D 735 -3.73 -18.19 -58.82
C GLY D 735 -3.28 -19.61 -59.11
N MET D 736 -2.00 -19.81 -59.40
CA MET D 736 -1.47 -21.14 -59.63
C MET D 736 -1.68 -22.02 -58.40
N ILE D 737 -2.19 -23.23 -58.64
CA ILE D 737 -2.32 -24.25 -57.61
C ILE D 737 -1.39 -25.40 -57.99
N GLY D 738 -0.56 -25.82 -57.05
CA GLY D 738 0.43 -26.86 -57.29
C GLY D 738 0.32 -27.97 -56.27
N LEU D 739 1.13 -29.01 -56.49
CA LEU D 739 1.12 -30.19 -55.65
C LEU D 739 2.54 -30.68 -55.40
N VAL D 740 2.83 -30.99 -54.15
CA VAL D 740 4.12 -31.53 -53.73
C VAL D 740 3.91 -32.95 -53.24
N THR D 741 4.77 -33.87 -53.68
CA THR D 741 4.72 -35.24 -53.21
C THR D 741 6.15 -35.77 -53.16
N SER D 742 6.35 -36.80 -52.36
CA SER D 742 7.66 -37.41 -52.15
C SER D 742 7.79 -38.67 -53.01
N LEU D 743 9.03 -39.02 -53.33
CA LEU D 743 9.33 -40.17 -54.17
C LEU D 743 10.31 -41.08 -53.43
N SER D 744 10.39 -42.33 -53.89
CA SER D 744 11.38 -43.24 -53.35
C SER D 744 12.72 -42.97 -54.05
N GLU D 745 13.80 -43.40 -53.40
CA GLU D 745 15.10 -43.10 -53.99
C GLU D 745 15.20 -43.65 -55.40
N SER D 746 14.66 -44.84 -55.65
CA SER D 746 14.69 -45.39 -57.00
C SER D 746 13.91 -44.49 -57.96
N TRP D 747 12.75 -44.01 -57.54
CA TRP D 747 11.92 -43.20 -58.43
C TRP D 747 12.55 -41.85 -58.73
N TYR D 748 13.20 -41.23 -57.73
CA TYR D 748 13.85 -39.95 -57.98
C TYR D 748 14.92 -40.09 -59.05
N ASN D 749 15.83 -41.05 -58.89
CA ASN D 749 16.93 -41.21 -59.82
C ASN D 749 16.44 -41.44 -61.26
N LEU D 750 15.41 -42.26 -61.43
CA LEU D 750 14.87 -42.49 -62.78
C LEU D 750 14.30 -41.20 -63.36
N LEU D 751 13.44 -40.52 -62.60
CA LEU D 751 12.77 -39.32 -63.11
C LEU D 751 13.76 -38.19 -63.30
N LEU D 752 14.81 -38.13 -62.49
CA LEU D 752 15.88 -37.16 -62.70
C LEU D 752 16.63 -37.44 -64.00
N ASP D 753 17.03 -38.71 -64.21
CA ASP D 753 17.71 -39.10 -65.44
C ASP D 753 16.90 -38.70 -66.66
N MET D 754 15.58 -38.80 -66.60
CA MET D 754 14.74 -38.42 -67.73
C MET D 754 14.79 -36.91 -67.96
N GLN D 755 14.79 -36.12 -66.88
CA GLN D 755 14.88 -34.67 -67.05
C GLN D 755 16.11 -34.29 -67.86
N ASN D 756 17.27 -34.82 -67.50
CA ASN D 756 18.48 -34.56 -68.27
C ASN D 756 18.37 -35.03 -69.71
N ARG D 757 17.64 -36.11 -69.95
CA ARG D 757 17.38 -36.57 -71.31
C ARG D 757 16.38 -35.69 -72.03
N LEU D 758 15.30 -35.34 -71.36
CA LEU D 758 14.26 -34.51 -71.97
C LEU D 758 14.81 -33.15 -72.33
N ASN D 759 15.71 -32.62 -71.49
CA ASN D 759 16.24 -31.27 -71.73
C ASN D 759 17.10 -31.21 -72.99
N LYS D 760 17.73 -32.32 -73.37
CA LYS D 760 18.46 -32.35 -74.64
C LYS D 760 17.52 -32.38 -75.82
N VAL D 761 16.32 -32.92 -75.63
CA VAL D 761 15.39 -33.17 -76.72
C VAL D 761 14.47 -31.97 -76.97
N ILE D 762 13.96 -31.38 -75.90
CA ILE D 762 12.91 -30.37 -76.01
C ILE D 762 13.53 -29.01 -76.30
N LYS D 763 12.92 -28.28 -77.24
CA LYS D 763 13.34 -26.93 -77.57
C LYS D 763 12.52 -25.97 -76.72
N SER D 764 13.17 -25.13 -75.93
CA SER D 764 12.49 -24.17 -75.08
C SER D 764 12.34 -22.83 -75.79
N VAL D 765 11.26 -22.12 -75.44
CA VAL D 765 11.05 -20.78 -76.00
C VAL D 765 12.15 -19.87 -75.48
N GLY D 766 12.81 -19.15 -76.40
CA GLY D 766 13.93 -18.32 -76.04
C GLY D 766 15.20 -19.08 -75.76
N LYS D 767 15.18 -20.42 -75.89
CA LYS D 767 16.35 -21.25 -75.66
C LYS D 767 16.94 -21.01 -74.27
N ILE D 768 16.07 -21.04 -73.26
CA ILE D 768 16.49 -20.90 -71.86
C ILE D 768 16.77 -22.31 -71.31
N GLU D 769 17.98 -22.49 -70.79
CA GLU D 769 18.37 -23.77 -70.20
C GLU D 769 17.48 -24.10 -69.01
N HIS D 770 16.89 -25.30 -69.03
CA HIS D 770 15.99 -25.70 -67.94
C HIS D 770 16.70 -25.71 -66.60
N SER D 771 17.92 -26.24 -66.56
CA SER D 771 18.64 -26.33 -65.30
C SER D 771 18.82 -24.95 -64.67
N PHE D 772 19.06 -23.93 -65.49
CA PHE D 772 19.17 -22.56 -64.98
C PHE D 772 17.85 -22.08 -64.38
N TRP D 773 16.75 -22.25 -65.12
CA TRP D 773 15.45 -21.75 -64.68
C TRP D 773 15.06 -22.27 -63.31
N ARG D 774 15.15 -23.58 -63.09
CA ARG D 774 14.73 -24.16 -61.82
C ARG D 774 15.80 -24.06 -60.73
N SER D 775 16.96 -23.47 -61.02
CA SER D 775 17.99 -23.27 -60.00
C SER D 775 17.53 -22.30 -58.92
N PHE D 776 17.81 -22.66 -57.66
CA PHE D 776 17.54 -21.77 -56.53
C PHE D 776 18.13 -20.39 -56.77
N HIS D 777 17.33 -19.34 -56.53
CA HIS D 777 17.79 -17.99 -56.82
C HIS D 777 17.19 -16.98 -55.85
N THR D 778 18.07 -16.32 -55.10
CA THR D 778 17.83 -15.08 -54.39
C THR D 778 18.76 -14.04 -55.01
N GLU D 779 18.56 -12.77 -54.70
CA GLU D 779 19.49 -11.77 -55.22
C GLU D 779 20.92 -12.08 -54.78
N ARG D 780 21.07 -12.69 -53.59
CA ARG D 780 22.37 -12.90 -52.98
C ARG D 780 23.01 -14.22 -53.43
N LYS D 781 22.21 -15.27 -53.64
CA LYS D 781 22.76 -16.57 -54.00
C LYS D 781 22.01 -17.16 -55.19
N THR D 782 22.71 -18.07 -55.88
CA THR D 782 22.14 -18.90 -56.93
C THR D 782 22.78 -20.28 -56.80
N GLU D 783 21.95 -21.29 -56.54
CA GLU D 783 22.40 -22.67 -56.35
C GLU D 783 21.65 -23.58 -57.29
N PRO D 784 22.27 -24.69 -57.70
CA PRO D 784 21.53 -25.67 -58.53
C PRO D 784 20.45 -26.34 -57.70
N ALA D 785 19.33 -26.63 -58.36
CA ALA D 785 18.23 -27.31 -57.68
C ALA D 785 18.67 -28.70 -57.24
N THR D 786 18.06 -29.20 -56.18
CA THR D 786 18.39 -30.53 -55.67
C THR D 786 17.19 -31.08 -54.92
N GLY D 787 16.96 -32.38 -55.09
CA GLY D 787 15.90 -33.09 -54.37
C GLY D 787 14.51 -32.94 -54.93
N PHE D 788 14.35 -32.30 -56.09
CA PHE D 788 13.04 -32.02 -56.63
C PHE D 788 12.95 -32.46 -58.08
N ILE D 789 11.84 -33.10 -58.44
CA ILE D 789 11.56 -33.46 -59.82
C ILE D 789 10.54 -32.47 -60.36
N ASP D 790 10.91 -31.77 -61.43
CA ASP D 790 9.99 -30.84 -62.08
C ASP D 790 8.91 -31.69 -62.74
N GLY D 791 7.82 -31.95 -62.02
CA GLY D 791 6.79 -32.83 -62.54
C GLY D 791 6.22 -32.35 -63.86
N ASP D 792 6.20 -31.04 -64.07
CA ASP D 792 5.66 -30.52 -65.32
C ASP D 792 6.55 -30.89 -66.51
N LEU D 793 7.86 -31.03 -66.30
CA LEU D 793 8.75 -31.52 -67.34
C LEU D 793 8.53 -33.00 -67.61
N ILE D 794 8.42 -33.81 -66.54
CA ILE D 794 8.17 -35.23 -66.72
C ILE D 794 6.89 -35.45 -67.53
N GLU D 795 5.83 -34.70 -67.20
CA GLU D 795 4.56 -34.88 -67.88
C GLU D 795 4.56 -34.36 -69.31
N SER D 796 5.62 -33.69 -69.76
CA SER D 796 5.70 -33.29 -71.16
C SER D 796 6.27 -34.39 -72.05
N PHE D 797 6.81 -35.46 -71.46
CA PHE D 797 7.26 -36.62 -72.23
C PHE D 797 6.12 -37.20 -73.05
N LEU D 798 4.90 -37.13 -72.53
CA LEU D 798 3.74 -37.68 -73.22
C LEU D 798 3.29 -36.84 -74.41
N ASP D 799 3.85 -35.65 -74.59
CA ASP D 799 3.44 -34.76 -75.66
C ASP D 799 4.47 -34.60 -76.76
N ILE D 800 5.68 -35.13 -76.60
CA ILE D 800 6.66 -35.07 -77.68
C ILE D 800 6.42 -36.21 -78.67
N SER D 801 6.79 -35.97 -79.92
CA SER D 801 6.52 -36.92 -80.99
C SER D 801 7.23 -38.24 -80.72
N ARG D 802 6.69 -39.31 -81.30
CA ARG D 802 7.25 -40.64 -81.07
C ARG D 802 8.73 -40.71 -81.41
N PRO D 803 9.24 -40.07 -82.47
CA PRO D 803 10.70 -40.09 -82.70
C PRO D 803 11.50 -39.57 -81.52
N LYS D 804 11.08 -38.47 -80.91
CA LYS D 804 11.83 -37.90 -79.80
C LYS D 804 11.76 -38.80 -78.57
N MET D 805 10.60 -39.41 -78.33
CA MET D 805 10.48 -40.35 -77.21
C MET D 805 11.52 -41.46 -77.31
N GLN D 806 11.66 -42.03 -78.51
CA GLN D 806 12.64 -43.08 -78.73
C GLN D 806 14.05 -42.55 -78.48
N GLU D 807 14.29 -41.28 -78.84
CA GLU D 807 15.56 -40.64 -78.54
C GLU D 807 15.78 -40.52 -77.04
N VAL D 808 14.72 -40.25 -76.27
CA VAL D 808 14.89 -40.02 -74.84
C VAL D 808 15.34 -41.30 -74.15
N VAL D 809 14.77 -42.44 -74.55
CA VAL D 809 15.04 -43.70 -73.86
C VAL D 809 16.29 -44.40 -74.34
N ALA D 810 17.07 -43.78 -75.23
CA ALA D 810 18.25 -44.45 -75.74
C ALA D 810 19.24 -44.69 -74.60
N ASN D 811 19.81 -45.89 -74.60
CA ASN D 811 20.77 -46.37 -73.59
C ASN D 811 20.18 -46.35 -72.18
N LEU D 812 18.87 -46.44 -72.05
CA LEU D 812 18.21 -46.49 -70.76
C LEU D 812 17.87 -47.94 -70.43
N GLN D 813 18.21 -48.35 -69.23
CA GLN D 813 17.86 -49.65 -68.67
C GLN D 813 16.80 -49.40 -67.62
N TYR D 814 15.97 -50.42 -67.37
CA TYR D 814 14.93 -50.26 -66.35
C TYR D 814 15.58 -50.23 -64.97
N ASP D 815 16.18 -49.08 -64.66
CA ASP D 815 16.90 -48.94 -63.40
C ASP D 815 15.96 -48.92 -62.20
N ASP D 816 14.72 -48.47 -62.41
CA ASP D 816 13.73 -48.48 -61.34
C ASP D 816 13.52 -49.89 -60.82
N GLY D 817 13.29 -50.00 -59.51
CA GLY D 817 13.15 -51.28 -58.87
C GLY D 817 11.84 -51.98 -59.19
N SER D 818 11.62 -52.25 -60.46
CA SER D 818 10.45 -53.01 -60.92
C SER D 818 10.96 -54.11 -61.82
N GLY D 819 10.68 -55.35 -61.47
CA GLY D 819 11.13 -56.46 -62.30
C GLY D 819 12.65 -56.39 -62.33
N MET D 820 13.23 -56.48 -63.52
CA MET D 820 14.67 -56.43 -63.70
C MET D 820 15.08 -55.07 -64.26
N LYS D 821 16.40 -54.91 -64.44
CA LYS D 821 16.98 -53.69 -64.98
C LYS D 821 17.42 -54.03 -66.40
N ARG D 822 16.54 -53.75 -67.36
CA ARG D 822 16.70 -54.09 -68.76
C ARG D 822 16.45 -52.86 -69.61
N GLU D 823 16.93 -52.88 -70.85
CA GLU D 823 16.69 -51.73 -71.73
C GLU D 823 15.19 -51.47 -71.82
N ALA D 824 14.81 -50.22 -71.61
CA ALA D 824 13.41 -49.80 -71.54
C ALA D 824 12.99 -49.13 -72.84
N THR D 825 11.69 -49.24 -73.15
CA THR D 825 11.11 -48.68 -74.36
C THR D 825 10.26 -47.44 -74.06
N ALA D 826 9.86 -46.77 -75.14
CA ALA D 826 9.01 -45.60 -75.01
C ALA D 826 7.71 -45.95 -74.31
N ASP D 827 7.12 -47.10 -74.64
CA ASP D 827 5.93 -47.53 -73.93
C ASP D 827 6.20 -47.83 -72.46
N ASP D 828 7.42 -48.26 -72.12
CA ASP D 828 7.73 -48.52 -70.72
C ASP D 828 7.58 -47.24 -69.89
N LEU D 829 8.08 -46.12 -70.40
CA LEU D 829 8.01 -44.86 -69.66
C LEU D 829 6.63 -44.21 -69.76
N ILE D 830 5.97 -44.32 -70.91
CA ILE D 830 4.64 -43.73 -71.08
C ILE D 830 3.70 -44.22 -69.99
N LYS D 831 3.83 -45.49 -69.58
CA LYS D 831 3.01 -45.98 -68.49
C LYS D 831 3.48 -45.41 -67.15
N VAL D 832 4.79 -45.23 -66.98
CA VAL D 832 5.31 -44.64 -65.75
C VAL D 832 4.83 -43.20 -65.62
N VAL D 833 4.91 -42.43 -66.71
CA VAL D 833 4.51 -41.03 -66.66
C VAL D 833 2.99 -40.91 -66.50
N GLU D 834 2.23 -41.69 -67.28
CA GLU D 834 0.77 -41.61 -67.19
C GLU D 834 0.31 -41.86 -65.76
N GLU D 835 1.02 -42.71 -65.03
CA GLU D 835 0.74 -42.91 -63.62
C GLU D 835 0.92 -41.62 -62.82
N LEU D 836 1.93 -40.83 -63.17
CA LEU D 836 2.18 -39.59 -62.43
C LEU D 836 1.14 -38.52 -62.73
N THR D 837 0.49 -38.57 -63.90
CA THR D 837 -0.55 -37.57 -64.17
C THR D 837 -1.82 -37.80 -63.37
N ARG D 838 -1.96 -38.96 -62.73
CA ARG D 838 -3.18 -39.30 -61.99
C ARG D 838 -3.18 -38.78 -60.57
N ILE D 839 -2.05 -38.26 -60.08
CA ILE D 839 -2.00 -37.78 -58.71
C ILE D 839 -2.75 -36.46 -58.55
N HIS D 840 -2.89 -35.69 -59.62
CA HIS D 840 -3.60 -34.42 -59.62
C HIS D 840 -4.74 -34.30 -60.62
N THR E 7 32.84 -10.00 -6.27
CA THR E 7 32.91 -8.73 -7.00
C THR E 7 32.70 -8.99 -8.50
N GLU E 8 32.61 -7.90 -9.26
CA GLU E 8 32.36 -7.96 -10.69
C GLU E 8 33.50 -8.61 -11.47
N SER E 9 34.68 -8.75 -10.86
CA SER E 9 35.87 -9.17 -11.59
C SER E 9 36.15 -10.67 -11.49
N ASP E 10 35.52 -11.37 -10.55
CA ASP E 10 35.86 -12.76 -10.25
C ASP E 10 35.11 -13.66 -11.23
N TRP E 11 35.68 -13.78 -12.43
CA TRP E 11 35.08 -14.59 -13.49
C TRP E 11 35.38 -16.06 -13.26
N GLY E 12 34.60 -16.91 -13.91
CA GLY E 12 34.80 -18.35 -13.83
C GLY E 12 34.18 -19.00 -12.63
N LYS E 13 33.60 -18.23 -11.71
CA LYS E 13 33.04 -18.77 -10.47
C LYS E 13 31.52 -18.89 -10.53
N ARG E 14 30.85 -17.84 -11.00
CA ARG E 14 29.40 -17.84 -11.05
C ARG E 14 28.87 -18.94 -11.96
N CYS E 15 27.75 -19.53 -11.56
CA CYS E 15 27.17 -20.67 -12.26
C CYS E 15 26.24 -20.21 -13.37
N VAL E 16 26.17 -21.02 -14.45
CA VAL E 16 25.27 -20.70 -15.55
C VAL E 16 23.81 -20.87 -15.16
N ASP E 17 23.54 -21.42 -13.96
CA ASP E 17 22.17 -21.44 -13.45
C ASP E 17 21.57 -20.03 -13.41
N LYS E 18 22.40 -19.01 -13.25
CA LYS E 18 21.96 -17.63 -13.13
C LYS E 18 21.43 -17.07 -14.44
N PHE E 19 21.42 -17.88 -15.50
CA PHE E 19 20.84 -17.50 -16.78
C PHE E 19 19.75 -18.50 -17.14
N ASP E 20 18.62 -17.97 -17.59
CA ASP E 20 17.52 -18.75 -18.16
C ASP E 20 17.75 -18.89 -19.66
N ILE E 21 18.01 -20.10 -20.12
CA ILE E 21 18.33 -20.33 -21.52
C ILE E 21 17.08 -20.19 -22.38
N ILE E 22 17.15 -19.34 -23.41
CA ILE E 22 16.02 -19.11 -24.29
C ILE E 22 16.13 -19.92 -25.58
N GLY E 23 17.34 -20.15 -26.07
CA GLY E 23 17.50 -20.94 -27.28
C GLY E 23 18.90 -20.86 -27.82
N ILE E 24 19.09 -21.53 -28.96
CA ILE E 24 20.38 -21.59 -29.65
C ILE E 24 20.37 -20.64 -30.83
N ILE E 25 21.15 -19.57 -30.74
CA ILE E 25 21.24 -18.58 -31.82
C ILE E 25 22.24 -18.97 -32.91
N GLY E 26 23.32 -19.67 -32.55
CA GLY E 26 24.32 -20.00 -33.54
C GLY E 26 25.17 -21.18 -33.11
N GLU E 27 25.99 -21.66 -34.04
CA GLU E 27 26.98 -22.69 -33.82
C GLU E 27 28.37 -22.05 -33.91
N GLY E 28 29.21 -22.27 -32.91
CA GLY E 28 30.54 -21.69 -32.88
C GLY E 28 31.62 -22.70 -33.20
N THR E 29 32.86 -22.21 -33.17
CA THR E 29 34.00 -23.07 -33.49
C THR E 29 34.21 -24.12 -32.42
N TYR E 30 34.15 -23.70 -31.15
CA TYR E 30 34.44 -24.54 -30.01
C TYR E 30 33.18 -24.98 -29.27
N GLY E 31 32.04 -24.43 -29.63
CA GLY E 31 30.81 -24.76 -28.95
C GLY E 31 29.62 -24.23 -29.71
N GLN E 32 28.48 -24.22 -29.03
CA GLN E 32 27.23 -23.66 -29.52
C GLN E 32 26.93 -22.34 -28.82
N VAL E 33 26.33 -21.41 -29.54
CA VAL E 33 26.02 -20.09 -29.00
C VAL E 33 24.53 -20.09 -28.63
N TYR E 34 24.24 -19.74 -27.38
CA TYR E 34 22.88 -19.73 -26.85
C TYR E 34 22.48 -18.31 -26.49
N LYS E 35 21.19 -18.02 -26.56
CA LYS E 35 20.61 -16.76 -26.08
C LYS E 35 19.98 -17.02 -24.72
N ALA E 36 20.26 -16.16 -23.75
CA ALA E 36 19.81 -16.37 -22.38
C ALA E 36 19.41 -15.05 -21.74
N LYS E 37 18.47 -15.13 -20.80
CA LYS E 37 18.08 -13.98 -19.98
C LYS E 37 18.68 -14.14 -18.59
N ASP E 38 19.28 -13.06 -18.10
CA ASP E 38 19.83 -13.06 -16.74
C ASP E 38 18.70 -13.07 -15.73
N LYS E 39 18.76 -14.01 -14.79
CA LYS E 39 17.66 -14.15 -13.85
C LYS E 39 17.59 -12.98 -12.88
N ASP E 40 18.72 -12.34 -12.57
CA ASP E 40 18.70 -11.28 -11.57
C ASP E 40 18.38 -9.90 -12.15
N THR E 41 18.90 -9.59 -13.35
CA THR E 41 18.72 -8.26 -13.93
C THR E 41 17.73 -8.24 -15.08
N GLY E 42 17.47 -9.37 -15.74
CA GLY E 42 16.59 -9.42 -16.87
C GLY E 42 17.23 -9.12 -18.21
N GLU E 43 18.51 -8.73 -18.22
CA GLU E 43 19.20 -8.41 -19.45
C GLU E 43 19.31 -9.65 -20.34
N LEU E 44 19.11 -9.46 -21.64
CA LEU E 44 19.33 -10.52 -22.60
C LEU E 44 20.83 -10.61 -22.92
N VAL E 45 21.36 -11.83 -22.93
CA VAL E 45 22.78 -12.08 -23.14
C VAL E 45 22.96 -13.16 -24.19
N ALA E 46 24.19 -13.37 -24.60
CA ALA E 46 24.57 -14.43 -25.53
C ALA E 46 25.66 -15.29 -24.92
N LEU E 47 25.45 -16.61 -24.92
CA LEU E 47 26.37 -17.54 -24.28
C LEU E 47 27.06 -18.42 -25.32
N LYS E 48 28.40 -18.42 -25.29
CA LYS E 48 29.21 -19.32 -26.11
C LYS E 48 29.75 -20.44 -25.23
N LYS E 49 29.42 -21.68 -25.57
CA LYS E 49 29.84 -22.82 -24.75
C LYS E 49 31.26 -23.21 -25.14
N VAL E 50 32.18 -23.25 -24.18
CA VAL E 50 33.53 -23.73 -24.39
C VAL E 50 33.68 -25.07 -23.67
N ARG E 51 34.01 -26.12 -24.42
CA ARG E 51 34.09 -27.47 -23.90
C ARG E 51 35.54 -27.84 -23.62
N LEU E 52 35.84 -28.16 -22.37
CA LEU E 52 37.17 -28.68 -21.99
C LEU E 52 37.25 -30.20 -22.04
N ASP E 53 36.25 -30.87 -22.60
CA ASP E 53 36.23 -32.33 -22.56
C ASP E 53 37.37 -32.93 -23.37
N ASN E 54 37.77 -32.28 -24.46
CA ASN E 54 38.85 -32.82 -25.28
C ASN E 54 40.16 -32.80 -24.51
N GLU E 55 40.82 -33.96 -24.46
CA GLU E 55 42.19 -34.01 -23.95
C GLU E 55 43.18 -33.52 -25.00
N LYS E 56 42.66 -33.06 -26.14
CA LYS E 56 43.42 -32.42 -27.21
C LYS E 56 43.85 -31.03 -26.75
N GLU E 57 44.72 -30.97 -25.74
CA GLU E 57 45.33 -29.75 -25.26
C GLU E 57 44.35 -28.86 -24.51
N GLY E 58 43.24 -29.42 -24.01
CA GLY E 58 42.43 -28.67 -23.07
C GLY E 58 41.69 -27.49 -23.64
N PHE E 59 41.67 -26.41 -22.87
CA PHE E 59 40.89 -25.23 -23.19
C PHE E 59 41.22 -24.75 -24.60
N PRO E 60 40.21 -24.54 -25.45
CA PRO E 60 40.50 -24.12 -26.83
C PRO E 60 41.27 -22.80 -26.86
N ILE E 61 42.31 -22.76 -27.69
CA ILE E 61 43.07 -21.54 -27.85
C ILE E 61 42.26 -20.51 -28.62
N THR E 62 41.29 -20.96 -29.43
CA THR E 62 40.41 -20.03 -30.13
C THR E 62 39.65 -19.17 -29.13
N ALA E 63 39.24 -19.77 -28.01
CA ALA E 63 38.55 -19.05 -26.95
C ALA E 63 39.50 -18.22 -26.11
N ILE E 64 40.67 -18.76 -25.80
CA ILE E 64 41.65 -18.02 -25.02
C ILE E 64 41.96 -16.70 -25.70
N ARG E 65 42.09 -16.72 -27.03
CA ARG E 65 42.36 -15.48 -27.74
C ARG E 65 41.23 -14.48 -27.54
N GLU E 66 39.99 -14.96 -27.55
CA GLU E 66 38.83 -14.08 -27.44
C GLU E 66 38.64 -13.55 -26.03
N ILE E 67 39.03 -14.34 -25.02
CA ILE E 67 38.95 -13.85 -23.65
C ILE E 67 40.07 -12.87 -23.38
N LYS E 68 41.26 -13.18 -23.88
CA LYS E 68 42.42 -12.31 -23.70
C LYS E 68 42.21 -10.97 -24.39
N ILE E 69 41.65 -10.98 -25.60
CA ILE E 69 41.57 -9.75 -26.38
C ILE E 69 40.36 -8.93 -25.97
N LEU E 70 39.22 -9.57 -25.75
CA LEU E 70 38.02 -8.80 -25.45
C LEU E 70 37.96 -8.30 -24.02
N ARG E 71 38.83 -8.79 -23.12
CA ARG E 71 38.97 -8.11 -21.84
C ARG E 71 39.92 -6.92 -21.94
N GLN E 72 40.61 -6.76 -23.07
CA GLN E 72 41.41 -5.56 -23.32
C GLN E 72 40.66 -4.49 -24.10
N LEU E 73 39.79 -4.88 -25.02
CA LEU E 73 39.15 -3.95 -25.94
C LEU E 73 37.84 -3.45 -25.34
N ILE E 74 37.76 -2.13 -25.16
CA ILE E 74 36.57 -1.46 -24.70
C ILE E 74 36.22 -0.45 -25.79
N HIS E 75 35.14 -0.70 -26.51
CA HIS E 75 34.73 0.24 -27.55
C HIS E 75 33.26 0.00 -27.88
N ARG E 76 32.55 1.08 -28.20
CA ARG E 76 31.14 0.95 -28.50
C ARG E 76 30.90 0.00 -29.67
N SER E 77 31.85 -0.05 -30.62
CA SER E 77 31.69 -0.83 -31.83
C SER E 77 32.38 -2.19 -31.74
N VAL E 78 32.89 -2.55 -30.57
CA VAL E 78 33.46 -3.88 -30.33
C VAL E 78 32.53 -4.61 -29.36
N VAL E 79 32.23 -5.86 -29.69
CA VAL E 79 31.35 -6.65 -28.84
C VAL E 79 31.98 -6.73 -27.45
N ASN E 80 31.14 -6.84 -26.44
CA ASN E 80 31.58 -6.84 -25.06
C ASN E 80 31.37 -8.21 -24.43
N MET E 81 32.42 -8.73 -23.80
CA MET E 81 32.34 -9.94 -23.00
C MET E 81 32.02 -9.54 -21.56
N LYS E 82 30.81 -9.82 -21.11
CA LYS E 82 30.38 -9.38 -19.79
C LYS E 82 31.05 -10.22 -18.70
N GLU E 83 31.07 -11.54 -18.87
CA GLU E 83 31.65 -12.43 -17.86
C GLU E 83 31.79 -13.84 -18.44
N ILE E 84 32.30 -14.74 -17.60
CA ILE E 84 32.46 -16.15 -17.93
C ILE E 84 31.87 -16.96 -16.78
N VAL E 85 30.99 -17.91 -17.11
CA VAL E 85 30.30 -18.73 -16.11
C VAL E 85 30.49 -20.20 -16.46
N THR E 86 30.17 -21.06 -15.49
CA THR E 86 30.45 -22.48 -15.59
C THR E 86 29.22 -23.31 -15.25
N ASP E 87 29.20 -24.55 -15.75
CA ASP E 87 28.21 -25.53 -15.34
C ASP E 87 28.37 -25.83 -13.85
N LYS E 88 27.30 -26.28 -13.22
CA LYS E 88 27.39 -26.57 -11.78
C LYS E 88 28.46 -27.62 -11.56
N GLN E 89 29.54 -27.24 -10.87
CA GLN E 89 30.62 -28.18 -10.54
C GLN E 89 30.16 -28.91 -9.28
N ASP E 90 29.25 -29.88 -9.47
CA ASP E 90 28.66 -30.58 -8.33
C ASP E 90 29.58 -31.63 -7.74
N ALA E 91 30.42 -32.28 -8.55
CA ALA E 91 31.35 -33.27 -8.02
C ALA E 91 32.39 -32.55 -7.16
N LEU E 92 32.66 -33.11 -5.98
CA LEU E 92 33.50 -32.40 -5.02
C LEU E 92 34.93 -32.22 -5.50
N ASP E 93 35.53 -33.26 -6.08
CA ASP E 93 36.93 -33.20 -6.43
C ASP E 93 37.11 -32.33 -7.67
N PHE E 94 38.19 -31.54 -7.69
CA PHE E 94 38.48 -30.72 -8.86
C PHE E 94 38.87 -31.58 -10.05
N LYS E 95 39.43 -32.75 -9.78
CA LYS E 95 39.75 -33.69 -10.86
C LYS E 95 38.47 -34.17 -11.55
N LYS E 96 37.41 -34.38 -10.77
CA LYS E 96 36.19 -34.98 -11.31
C LYS E 96 35.51 -34.12 -12.36
N ASP E 97 35.55 -32.80 -12.19
CA ASP E 97 34.73 -31.93 -13.05
C ASP E 97 35.05 -32.14 -14.53
N LYS E 98 34.02 -32.33 -15.34
CA LYS E 98 34.11 -32.33 -16.79
C LYS E 98 33.20 -31.24 -17.36
N GLY E 99 32.56 -30.45 -16.49
CA GLY E 99 31.70 -29.37 -16.93
C GLY E 99 32.42 -28.34 -17.77
N ALA E 100 31.61 -27.63 -18.55
CA ALA E 100 32.11 -26.67 -19.52
C ALA E 100 31.97 -25.24 -18.99
N PHE E 101 32.41 -24.29 -19.80
CA PHE E 101 32.39 -22.87 -19.50
C PHE E 101 31.62 -22.11 -20.58
N TYR E 102 30.97 -21.02 -20.19
CA TYR E 102 30.18 -20.20 -21.10
C TYR E 102 30.69 -18.77 -21.07
N LEU E 103 30.94 -18.21 -22.25
CA LEU E 103 31.35 -16.82 -22.38
C LEU E 103 30.12 -15.95 -22.57
N VAL E 104 29.88 -15.04 -21.62
CA VAL E 104 28.71 -14.18 -21.67
C VAL E 104 29.05 -12.95 -22.51
N PHE E 105 28.23 -12.69 -23.53
CA PHE E 105 28.38 -11.56 -24.43
C PHE E 105 27.10 -10.73 -24.40
N GLU E 106 27.21 -9.46 -24.78
CA GLU E 106 26.03 -8.62 -24.97
C GLU E 106 25.23 -9.12 -26.17
N TYR E 107 23.90 -9.25 -25.99
CA TYR E 107 23.05 -9.76 -27.04
C TYR E 107 22.78 -8.69 -28.08
N MET E 108 22.82 -9.09 -29.36
CA MET E 108 22.54 -8.22 -30.48
C MET E 108 21.35 -8.78 -31.24
N ASP E 109 20.44 -7.91 -31.66
CA ASP E 109 19.18 -8.39 -32.22
C ASP E 109 19.39 -9.14 -33.53
N HIS E 110 20.30 -8.68 -34.38
CA HIS E 110 20.46 -9.27 -35.69
C HIS E 110 21.94 -9.27 -36.10
N ASP E 111 22.21 -9.94 -37.21
CA ASP E 111 23.50 -9.92 -37.90
C ASP E 111 23.29 -9.39 -39.31
N LEU E 112 24.32 -8.80 -39.88
CA LEU E 112 24.14 -8.19 -41.20
C LEU E 112 23.74 -9.23 -42.23
N MET E 113 24.34 -10.43 -42.18
CA MET E 113 24.00 -11.46 -43.14
C MET E 113 22.52 -11.80 -43.06
N GLY E 114 21.97 -11.86 -41.84
CA GLY E 114 20.57 -12.21 -41.71
C GLY E 114 19.64 -11.16 -42.29
N LEU E 115 19.95 -9.87 -42.08
CA LEU E 115 19.08 -8.82 -42.62
C LEU E 115 19.19 -8.70 -44.13
N LEU E 116 20.39 -8.90 -44.68
CA LEU E 116 20.53 -8.75 -46.13
C LEU E 116 20.09 -9.99 -46.89
N GLU E 117 20.48 -11.19 -46.41
CA GLU E 117 20.13 -12.43 -47.12
C GLU E 117 18.61 -12.58 -47.28
N SER E 118 17.86 -12.32 -46.22
CA SER E 118 16.40 -12.37 -46.32
C SER E 118 15.84 -11.26 -47.19
N GLY E 119 16.70 -10.39 -47.74
CA GLY E 119 16.21 -9.39 -48.66
C GLY E 119 15.33 -8.37 -47.97
N LEU E 120 15.40 -8.31 -46.64
CA LEU E 120 14.44 -7.56 -45.86
C LEU E 120 14.84 -6.10 -45.67
N VAL E 121 16.12 -5.75 -45.78
CA VAL E 121 16.58 -4.39 -45.49
C VAL E 121 16.93 -3.63 -46.78
N HIS E 122 16.69 -2.32 -46.73
CA HIS E 122 17.16 -1.38 -47.75
C HIS E 122 17.97 -0.32 -47.02
N PHE E 123 19.24 -0.19 -47.39
CA PHE E 123 20.14 0.78 -46.78
C PHE E 123 20.23 2.04 -47.64
N SER E 124 19.98 3.19 -47.04
CA SER E 124 20.16 4.47 -47.70
C SER E 124 21.61 4.93 -47.59
N GLU E 125 21.96 6.01 -48.29
CA GLU E 125 23.32 6.51 -48.19
C GLU E 125 23.68 6.81 -46.74
N ASP E 126 22.79 7.52 -46.05
CA ASP E 126 23.08 7.92 -44.67
C ASP E 126 23.20 6.70 -43.75
N HIS E 127 22.36 5.68 -43.97
CA HIS E 127 22.48 4.48 -43.16
C HIS E 127 23.84 3.81 -43.36
N ILE E 128 24.32 3.78 -44.60
CA ILE E 128 25.62 3.20 -44.87
C ILE E 128 26.73 4.05 -44.26
N LYS E 129 26.55 5.38 -44.24
CA LYS E 129 27.51 6.24 -43.56
C LYS E 129 27.58 5.92 -42.08
N SER E 130 26.44 5.87 -41.40
CA SER E 130 26.44 5.60 -39.98
C SER E 130 27.00 4.22 -39.68
N PHE E 131 26.74 3.25 -40.56
CA PHE E 131 27.24 1.89 -40.38
C PHE E 131 28.75 1.85 -40.54
N MET E 132 29.24 2.39 -41.64
CA MET E 132 30.68 2.32 -41.90
C MET E 132 31.47 3.12 -40.87
N LYS E 133 30.96 4.29 -40.47
CA LYS E 133 31.71 5.06 -39.49
C LYS E 133 31.88 4.28 -38.19
N GLN E 134 30.83 3.57 -37.75
CA GLN E 134 30.95 2.74 -36.57
C GLN E 134 31.93 1.61 -36.81
N LEU E 135 31.80 0.92 -37.94
CA LEU E 135 32.65 -0.24 -38.22
C LEU E 135 34.12 0.19 -38.30
N MET E 136 34.41 1.25 -39.04
CA MET E 136 35.78 1.70 -39.20
C MET E 136 36.34 2.25 -37.89
N GLU E 137 35.52 2.96 -37.11
CA GLU E 137 35.99 3.42 -35.81
C GLU E 137 36.36 2.25 -34.91
N GLY E 138 35.52 1.22 -34.91
CA GLY E 138 35.88 0.03 -34.17
C GLY E 138 37.15 -0.62 -34.70
N LEU E 139 37.28 -0.67 -36.03
CA LEU E 139 38.46 -1.29 -36.62
C LEU E 139 39.73 -0.49 -36.32
N GLU E 140 39.68 0.84 -36.43
CA GLU E 140 40.88 1.62 -36.10
C GLU E 140 41.27 1.38 -34.65
N TYR E 141 40.29 1.38 -33.74
CA TYR E 141 40.59 1.14 -32.33
C TYR E 141 41.38 -0.14 -32.16
N CYS E 142 40.95 -1.22 -32.83
CA CYS E 142 41.68 -2.47 -32.75
C CYS E 142 43.07 -2.33 -33.39
N HIS E 143 43.15 -1.65 -34.54
CA HIS E 143 44.42 -1.48 -35.20
C HIS E 143 45.37 -0.58 -34.41
N LYS E 144 44.85 0.41 -33.69
CA LYS E 144 45.73 1.20 -32.83
C LYS E 144 46.20 0.38 -31.63
N LYS E 145 45.41 -0.59 -31.19
CA LYS E 145 45.84 -1.53 -30.15
C LYS E 145 46.67 -2.67 -30.74
N ASN E 146 47.04 -2.58 -32.02
CA ASN E 146 47.87 -3.56 -32.70
C ASN E 146 47.23 -4.95 -32.67
N PHE E 147 45.94 -5.00 -32.96
CA PHE E 147 45.20 -6.25 -33.11
C PHE E 147 44.59 -6.34 -34.51
N LEU E 148 44.63 -7.55 -35.07
CA LEU E 148 44.03 -7.84 -36.37
C LEU E 148 42.88 -8.82 -36.18
N HIS E 149 41.74 -8.51 -36.80
CA HIS E 149 40.57 -9.39 -36.65
C HIS E 149 40.75 -10.69 -37.44
N ARG E 150 41.06 -10.58 -38.73
CA ARG E 150 41.46 -11.68 -39.60
C ARG E 150 40.28 -12.54 -40.01
N ASP E 151 39.05 -12.21 -39.60
CA ASP E 151 37.87 -12.91 -40.09
C ASP E 151 36.69 -11.93 -40.19
N ILE E 152 36.87 -10.86 -40.96
CA ILE E 152 35.79 -9.88 -41.12
C ILE E 152 34.85 -10.38 -42.21
N LYS E 153 33.60 -10.63 -41.83
CA LYS E 153 32.56 -11.09 -42.73
C LYS E 153 31.23 -10.53 -42.21
N CYS E 154 30.23 -10.54 -43.08
CA CYS E 154 28.94 -9.96 -42.70
C CYS E 154 28.35 -10.64 -41.48
N SER E 155 28.58 -11.95 -41.33
CA SER E 155 28.04 -12.67 -40.18
C SER E 155 28.62 -12.14 -38.88
N ASN E 156 29.90 -11.78 -38.87
CA ASN E 156 30.56 -11.33 -37.64
C ASN E 156 30.37 -9.84 -37.38
N ILE E 157 29.52 -9.18 -38.17
CA ILE E 157 29.08 -7.82 -37.92
C ILE E 157 27.66 -7.89 -37.35
N LEU E 158 27.53 -7.64 -36.06
CA LEU E 158 26.25 -7.71 -35.38
C LEU E 158 25.58 -6.34 -35.41
N LEU E 159 24.30 -6.33 -35.78
CA LEU E 159 23.52 -5.11 -35.91
C LEU E 159 22.34 -5.19 -34.96
N ASN E 160 22.19 -4.15 -34.14
CA ASN E 160 21.04 -4.00 -33.26
C ASN E 160 19.94 -3.20 -33.96
N ASN E 161 18.73 -3.24 -33.40
CA ASN E 161 17.62 -2.53 -34.04
C ASN E 161 17.85 -1.03 -34.01
N SER E 162 18.56 -0.54 -33.00
CA SER E 162 18.80 0.90 -32.88
C SER E 162 19.66 1.44 -34.01
N GLY E 163 20.45 0.59 -34.66
CA GLY E 163 21.43 1.03 -35.63
C GLY E 163 22.84 0.93 -35.12
N GLN E 164 23.01 0.44 -33.90
CA GLN E 164 24.33 0.19 -33.35
C GLN E 164 24.95 -1.01 -34.03
N ILE E 165 26.25 -0.92 -34.26
CA ILE E 165 27.03 -1.96 -34.90
C ILE E 165 28.07 -2.44 -33.90
N LYS E 166 28.28 -3.75 -33.85
CA LYS E 166 29.36 -4.28 -33.03
C LYS E 166 30.09 -5.37 -33.82
N LEU E 167 31.42 -5.26 -33.87
CA LEU E 167 32.26 -6.30 -34.43
C LEU E 167 32.44 -7.42 -33.41
N ALA E 168 32.38 -8.66 -33.90
CA ALA E 168 32.38 -9.82 -33.01
C ALA E 168 33.24 -10.92 -33.59
N ASP E 169 33.31 -12.03 -32.85
CA ASP E 169 34.17 -13.16 -33.15
C ASP E 169 35.61 -12.72 -33.40
N PHE E 170 36.35 -12.54 -32.31
CA PHE E 170 37.78 -12.27 -32.34
C PHE E 170 38.55 -13.56 -32.10
N GLY E 171 37.99 -14.67 -32.63
CA GLY E 171 38.56 -15.98 -32.39
C GLY E 171 39.84 -16.24 -33.14
N LEU E 172 40.11 -15.47 -34.20
CA LEU E 172 41.35 -15.59 -34.95
C LEU E 172 42.22 -14.34 -34.81
N ALA E 173 41.95 -13.49 -33.82
CA ALA E 173 42.67 -12.24 -33.66
C ALA E 173 44.01 -12.44 -32.95
N ARG E 174 45.01 -11.68 -33.38
CA ARG E 174 46.37 -11.75 -32.83
C ARG E 174 47.03 -10.38 -32.91
N LEU E 175 48.04 -10.18 -32.07
CA LEU E 175 48.79 -8.93 -32.06
C LEU E 175 49.70 -8.86 -33.28
N TYR E 176 49.88 -7.65 -33.80
CA TYR E 176 50.70 -7.40 -34.98
C TYR E 176 51.89 -6.54 -34.58
N ASN E 177 53.09 -7.01 -34.89
CA ASN E 177 54.33 -6.25 -34.68
C ASN E 177 54.97 -6.06 -36.04
N SER E 178 55.12 -4.81 -36.46
CA SER E 178 55.78 -4.53 -37.73
C SER E 178 57.21 -5.02 -37.71
N GLU E 179 57.95 -4.69 -36.66
CA GLU E 179 59.30 -5.22 -36.46
C GLU E 179 59.18 -6.68 -36.03
N GLU E 180 60.32 -7.39 -36.02
CA GLU E 180 60.37 -8.79 -35.60
C GLU E 180 59.18 -9.55 -36.18
N SER E 181 59.14 -9.55 -37.52
CA SER E 181 58.05 -10.21 -38.22
C SER E 181 58.21 -11.73 -38.16
N ARG E 182 57.18 -12.41 -37.69
CA ARG E 182 57.10 -13.83 -37.46
C ARG E 182 55.98 -14.46 -38.28
N PRO E 183 56.08 -15.76 -38.58
CA PRO E 183 55.08 -16.39 -39.43
C PRO E 183 53.69 -16.40 -38.77
N TYR E 184 52.70 -15.89 -39.51
CA TYR E 184 51.30 -15.87 -39.07
C TYR E 184 50.50 -16.93 -39.86
N TPO E 185 49.40 -17.41 -39.29
CA TPO E 185 48.52 -18.39 -39.95
CB TPO E 185 47.38 -18.79 -39.07
CG2 TPO E 185 46.44 -19.81 -39.72
OG1 TPO E 185 47.85 -19.49 -37.90
P TPO E 185 47.53 -18.77 -36.49
O1P TPO E 185 47.79 -17.31 -36.58
O2P TPO E 185 48.44 -19.43 -35.34
O3P TPO E 185 45.98 -19.02 -36.10
C TPO E 185 48.01 -17.76 -41.27
O TPO E 185 47.52 -16.64 -41.26
H TPO E 185 49.12 -17.18 -38.51
HA TPO E 185 49.02 -19.23 -40.15
HB TPO E 185 46.88 -17.84 -38.86
HG21 TPO E 185 45.66 -20.10 -39.01
HG22 TPO E 185 47.01 -20.70 -39.99
HG23 TPO E 185 45.98 -19.38 -40.61
N ASN E 186 48.14 -18.48 -42.38
CA ASN E 186 47.82 -17.91 -43.68
C ASN E 186 46.41 -18.30 -44.12
N LYS E 187 45.88 -17.52 -45.06
CA LYS E 187 44.47 -17.63 -45.49
C LYS E 187 43.56 -17.79 -44.27
N VAL E 188 43.40 -16.66 -43.59
CA VAL E 188 42.58 -16.59 -42.39
C VAL E 188 41.16 -16.14 -42.73
N ILE E 189 41.04 -15.07 -43.53
CA ILE E 189 39.73 -14.49 -43.81
C ILE E 189 38.95 -15.42 -44.74
N THR E 190 37.63 -15.41 -44.60
CA THR E 190 36.78 -16.25 -45.44
C THR E 190 36.92 -15.83 -46.90
N LEU E 191 36.75 -16.80 -47.81
CA LEU E 191 37.16 -16.57 -49.19
C LEU E 191 36.51 -15.32 -49.78
N TRP E 192 35.22 -15.10 -49.52
CA TRP E 192 34.54 -13.99 -50.18
C TRP E 192 35.10 -12.64 -49.78
N TYR E 193 35.63 -12.51 -48.57
CA TYR E 193 36.15 -11.23 -48.10
C TYR E 193 37.67 -11.21 -47.98
N ARG E 194 38.37 -12.14 -48.63
CA ARG E 194 39.82 -12.24 -48.49
C ARG E 194 40.56 -11.33 -49.48
N PRO E 195 41.63 -10.68 -49.02
CA PRO E 195 42.41 -9.78 -49.90
C PRO E 195 43.27 -10.55 -50.89
N PRO E 196 43.71 -9.90 -51.97
CA PRO E 196 44.57 -10.62 -52.92
C PRO E 196 45.87 -11.11 -52.31
N GLU E 197 46.50 -10.35 -51.41
CA GLU E 197 47.79 -10.77 -50.86
C GLU E 197 47.68 -12.12 -50.17
N LEU E 198 46.58 -12.36 -49.46
CA LEU E 198 46.44 -13.63 -48.75
C LEU E 198 46.19 -14.78 -49.72
N LEU E 199 45.53 -14.52 -50.85
CA LEU E 199 45.35 -15.54 -51.87
C LEU E 199 46.69 -15.93 -52.51
N LEU E 200 47.54 -14.94 -52.77
CA LEU E 200 48.86 -15.13 -53.36
C LEU E 200 49.90 -15.61 -52.36
N GLY E 201 49.49 -15.96 -51.13
CA GLY E 201 50.35 -16.68 -50.21
C GLY E 201 51.18 -15.87 -49.23
N GLU E 202 50.71 -14.71 -48.81
CA GLU E 202 51.44 -13.89 -47.83
C GLU E 202 51.33 -14.52 -46.44
N GLU E 203 52.45 -14.98 -45.90
CA GLU E 203 52.44 -15.55 -44.56
C GLU E 203 52.54 -14.50 -43.46
N ARG E 204 53.05 -13.32 -43.78
CA ARG E 204 53.16 -12.20 -42.85
C ARG E 204 52.41 -11.01 -43.41
N TYR E 205 51.23 -10.74 -42.89
CA TYR E 205 50.33 -9.77 -43.48
C TYR E 205 50.15 -8.52 -42.62
N THR E 206 49.61 -7.48 -43.28
CA THR E 206 49.37 -6.18 -42.69
C THR E 206 47.96 -6.14 -42.09
N PRO E 207 47.67 -5.11 -41.31
CA PRO E 207 46.26 -4.86 -40.93
C PRO E 207 45.36 -4.58 -42.12
N ALA E 208 45.96 -4.33 -43.29
CA ALA E 208 45.17 -4.05 -44.48
C ALA E 208 44.26 -5.21 -44.86
N ILE E 209 44.53 -6.41 -44.35
CA ILE E 209 43.62 -7.53 -44.61
C ILE E 209 42.22 -7.18 -44.12
N ASP E 210 42.12 -6.56 -42.94
CA ASP E 210 40.82 -6.20 -42.40
C ASP E 210 40.21 -5.03 -43.17
N VAL E 211 41.03 -4.11 -43.68
CA VAL E 211 40.48 -3.02 -44.47
C VAL E 211 39.86 -3.55 -45.75
N TRP E 212 40.55 -4.46 -46.43
CA TRP E 212 40.01 -5.06 -47.65
C TRP E 212 38.64 -5.67 -47.38
N SER E 213 38.51 -6.40 -46.27
CA SER E 213 37.24 -7.01 -45.93
C SER E 213 36.15 -5.94 -45.82
N CYS E 214 36.43 -4.87 -45.10
CA CYS E 214 35.44 -3.82 -44.92
C CYS E 214 35.11 -3.13 -46.23
N GLY E 215 36.05 -3.08 -47.17
CA GLY E 215 35.74 -2.55 -48.48
C GLY E 215 34.76 -3.41 -49.24
N CYS E 216 34.93 -4.73 -49.17
CA CYS E 216 33.95 -5.64 -49.76
C CYS E 216 32.57 -5.44 -49.15
N ILE E 217 32.51 -5.23 -47.84
CA ILE E 217 31.23 -4.98 -47.17
C ILE E 217 30.63 -3.67 -47.63
N LEU E 218 31.48 -2.65 -47.82
CA LEU E 218 30.98 -1.37 -48.30
C LEU E 218 30.29 -1.54 -49.65
N GLY E 219 30.92 -2.27 -50.57
CA GLY E 219 30.28 -2.53 -51.83
C GLY E 219 28.98 -3.30 -51.68
N GLU E 220 28.98 -4.33 -50.83
CA GLU E 220 27.79 -5.18 -50.66
C GLU E 220 26.64 -4.36 -50.10
N LEU E 221 26.92 -3.30 -49.35
CA LEU E 221 25.85 -2.44 -48.83
C LEU E 221 25.22 -1.59 -49.92
N PHE E 222 25.96 -1.26 -50.97
CA PHE E 222 25.40 -0.50 -52.09
C PHE E 222 24.78 -1.38 -53.16
N THR E 223 25.31 -2.59 -53.35
CA THR E 223 24.74 -3.50 -54.34
C THR E 223 23.72 -4.46 -53.75
N LYS E 224 23.75 -4.65 -52.42
CA LYS E 224 22.96 -5.65 -51.72
C LYS E 224 23.38 -7.07 -52.09
N LYS E 225 24.47 -7.22 -52.85
CA LYS E 225 24.99 -8.50 -53.31
C LYS E 225 26.48 -8.53 -52.99
N PRO E 226 27.02 -9.67 -52.54
CA PRO E 226 28.47 -9.73 -52.30
C PRO E 226 29.23 -9.43 -53.59
N ILE E 227 30.35 -8.72 -53.47
CA ILE E 227 31.03 -8.25 -54.67
C ILE E 227 31.77 -9.39 -55.34
N PHE E 228 32.51 -10.19 -54.55
CA PHE E 228 33.37 -11.24 -55.10
C PHE E 228 32.90 -12.61 -54.57
N GLN E 229 32.09 -13.32 -55.35
CA GLN E 229 31.56 -14.62 -54.97
C GLN E 229 32.26 -15.71 -55.78
N ALA E 230 32.98 -16.59 -55.08
CA ALA E 230 33.70 -17.67 -55.73
C ALA E 230 33.83 -18.87 -54.78
N ASN E 231 34.31 -19.99 -55.35
CA ASN E 231 34.47 -21.23 -54.61
C ASN E 231 35.91 -21.67 -54.36
N LEU E 232 36.85 -21.27 -55.21
CA LEU E 232 38.25 -21.64 -55.07
C LEU E 232 39.10 -20.39 -55.20
N GLU E 233 40.28 -20.43 -54.57
CA GLU E 233 41.12 -19.23 -54.53
C GLU E 233 41.40 -18.67 -55.92
N LEU E 234 41.62 -19.54 -56.91
CA LEU E 234 41.90 -19.02 -58.24
C LEU E 234 40.69 -18.29 -58.82
N ALA E 235 39.50 -18.87 -58.67
CA ALA E 235 38.30 -18.20 -59.18
C ALA E 235 38.11 -16.86 -58.50
N GLN E 236 38.42 -16.79 -57.20
CA GLN E 236 38.30 -15.54 -56.46
C GLN E 236 39.30 -14.50 -56.95
N LEU E 237 40.56 -14.91 -57.13
CA LEU E 237 41.56 -13.98 -57.62
C LEU E 237 41.21 -13.44 -59.01
N GLU E 238 40.59 -14.28 -59.85
CA GLU E 238 40.18 -13.80 -61.16
C GLU E 238 39.10 -12.73 -61.03
N LEU E 239 38.09 -12.96 -60.18
CA LEU E 239 37.05 -11.96 -59.98
C LEU E 239 37.61 -10.67 -59.42
N ILE E 240 38.51 -10.76 -58.43
CA ILE E 240 39.15 -9.56 -57.94
C ILE E 240 39.87 -8.83 -59.07
N SER E 241 40.58 -9.57 -59.92
CA SER E 241 41.38 -8.96 -60.98
C SER E 241 40.48 -8.32 -62.03
N ARG E 242 39.33 -8.93 -62.30
CA ARG E 242 38.43 -8.40 -63.31
C ARG E 242 38.06 -6.95 -63.00
N LEU E 243 37.78 -6.68 -61.73
CA LEU E 243 37.30 -5.38 -61.29
C LEU E 243 38.41 -4.46 -60.82
N CYS E 244 39.26 -4.94 -59.91
CA CYS E 244 40.26 -4.09 -59.27
C CYS E 244 41.55 -3.95 -60.07
N GLY E 245 41.66 -4.65 -61.20
CA GLY E 245 42.90 -4.72 -61.95
C GLY E 245 43.70 -5.97 -61.60
N SER E 246 44.48 -6.43 -62.55
CA SER E 246 45.21 -7.66 -62.29
C SER E 246 46.47 -7.37 -61.47
N PRO E 247 46.78 -8.20 -60.48
CA PRO E 247 48.03 -8.00 -59.74
C PRO E 247 49.22 -8.09 -60.67
N CYS E 248 50.03 -7.03 -60.65
CA CYS E 248 51.22 -6.94 -61.46
C CYS E 248 52.15 -5.92 -60.81
N PRO E 249 53.46 -6.03 -61.05
CA PRO E 249 54.39 -5.07 -60.44
C PRO E 249 54.05 -3.63 -60.79
N ALA E 250 53.36 -3.39 -61.90
CA ALA E 250 53.09 -2.03 -62.33
C ALA E 250 52.38 -1.25 -61.23
N VAL E 251 51.40 -1.89 -60.57
CA VAL E 251 50.65 -1.27 -59.49
C VAL E 251 51.01 -1.82 -58.11
N TRP E 252 51.76 -2.92 -58.05
CA TRP E 252 52.04 -3.62 -56.79
C TRP E 252 53.48 -4.11 -56.85
N PRO E 253 54.44 -3.22 -56.53
CA PRO E 253 55.85 -3.57 -56.79
C PRO E 253 56.30 -4.86 -56.16
N ASP E 254 55.86 -5.16 -54.94
CA ASP E 254 56.33 -6.35 -54.24
C ASP E 254 55.49 -7.59 -54.50
N VAL E 255 54.60 -7.57 -55.50
CA VAL E 255 53.79 -8.74 -55.77
C VAL E 255 54.67 -9.91 -56.18
N ILE E 256 55.80 -9.62 -56.83
CA ILE E 256 56.72 -10.64 -57.31
C ILE E 256 57.31 -11.44 -56.17
N ARG E 257 57.33 -10.89 -54.96
CA ARG E 257 57.84 -11.65 -53.83
C ARG E 257 56.86 -12.70 -53.31
N LEU E 258 55.64 -12.71 -53.78
CA LEU E 258 54.65 -13.61 -53.18
C LEU E 258 54.77 -15.02 -53.75
N PRO E 259 54.59 -16.04 -52.92
CA PRO E 259 54.75 -17.43 -53.42
C PRO E 259 53.93 -17.75 -54.65
N TYR E 260 52.65 -17.40 -54.68
CA TYR E 260 51.76 -17.84 -55.75
C TYR E 260 51.55 -16.79 -56.85
N PHE E 261 52.42 -15.79 -56.93
CA PHE E 261 52.23 -14.76 -57.95
C PHE E 261 52.23 -15.37 -59.34
N ASN E 262 53.23 -16.21 -59.63
CA ASN E 262 53.29 -16.92 -60.90
C ASN E 262 52.28 -18.05 -60.95
N THR E 263 52.07 -18.74 -59.84
CA THR E 263 51.19 -19.90 -59.85
C THR E 263 49.77 -19.49 -60.19
N MET E 264 49.24 -18.49 -59.49
CA MET E 264 47.85 -18.07 -59.66
C MET E 264 47.76 -16.84 -60.57
N LYS E 265 48.19 -17.02 -61.81
CA LYS E 265 48.04 -15.91 -62.73
C LYS E 265 46.58 -15.78 -63.14
N PRO E 266 46.04 -14.57 -63.21
CA PRO E 266 44.68 -14.41 -63.75
C PRO E 266 44.65 -14.69 -65.24
N LYS E 267 43.45 -14.96 -65.75
CA LYS E 267 43.29 -15.30 -67.17
C LYS E 267 43.91 -14.23 -68.05
N LYS E 268 43.72 -12.96 -67.69
CA LYS E 268 44.30 -11.85 -68.42
C LYS E 268 44.95 -10.88 -67.43
N GLN E 269 45.68 -9.91 -67.99
CA GLN E 269 46.14 -8.73 -67.26
C GLN E 269 45.09 -7.64 -67.46
N TYR E 270 44.18 -7.53 -66.50
CA TYR E 270 43.02 -6.66 -66.59
C TYR E 270 43.31 -5.23 -66.14
N ARG E 271 42.59 -4.29 -66.75
CA ARG E 271 42.57 -2.92 -66.26
C ARG E 271 41.59 -2.82 -65.10
N ARG E 272 41.75 -1.77 -64.30
CA ARG E 272 40.85 -1.52 -63.17
C ARG E 272 39.56 -0.91 -63.71
N ARG E 273 38.42 -1.49 -63.31
CA ARG E 273 37.12 -1.01 -63.76
C ARG E 273 36.27 -0.59 -62.58
N LEU E 274 36.87 -0.47 -61.40
CA LEU E 274 36.10 -0.25 -60.19
C LEU E 274 35.25 1.00 -60.32
N ARG E 275 35.86 2.10 -60.78
CA ARG E 275 35.12 3.35 -60.89
C ARG E 275 33.99 3.25 -61.90
N GLU E 276 34.23 2.55 -63.01
CA GLU E 276 33.18 2.42 -64.02
C GLU E 276 32.03 1.57 -63.50
N GLU E 277 32.34 0.40 -62.95
CA GLU E 277 31.30 -0.56 -62.58
C GLU E 277 30.45 -0.06 -61.41
N PHE E 278 31.02 0.74 -60.51
CA PHE E 278 30.30 1.29 -59.37
C PHE E 278 29.89 2.73 -59.61
N SER E 279 29.51 3.07 -60.84
CA SER E 279 29.14 4.44 -61.16
C SER E 279 27.94 4.90 -60.34
N PHE E 280 27.06 3.97 -59.98
CA PHE E 280 25.86 4.31 -59.23
C PHE E 280 26.17 4.72 -57.80
N ILE E 281 27.37 4.43 -57.31
CA ILE E 281 27.73 4.77 -55.94
C ILE E 281 28.03 6.26 -55.88
N PRO E 282 27.58 6.96 -54.83
CA PRO E 282 27.99 8.36 -54.65
C PRO E 282 29.51 8.52 -54.71
N SER E 283 29.94 9.69 -55.21
CA SER E 283 31.37 9.90 -55.41
C SER E 283 32.13 9.86 -54.09
N ALA E 284 31.62 10.55 -53.07
CA ALA E 284 32.32 10.55 -51.78
C ALA E 284 32.53 9.12 -51.29
N ALA E 285 31.54 8.25 -51.54
CA ALA E 285 31.66 6.84 -51.17
C ALA E 285 32.52 6.08 -52.17
N LEU E 286 32.31 6.34 -53.48
CA LEU E 286 33.09 5.64 -54.49
C LEU E 286 34.59 5.84 -54.26
N ASP E 287 34.97 7.06 -53.89
CA ASP E 287 36.38 7.33 -53.58
C ASP E 287 36.85 6.45 -52.43
N LEU E 288 36.02 6.26 -51.41
CA LEU E 288 36.37 5.38 -50.30
C LEU E 288 36.55 3.95 -50.76
N LEU E 289 35.61 3.45 -51.56
CA LEU E 289 35.70 2.07 -52.02
C LEU E 289 36.97 1.83 -52.81
N ASP E 290 37.31 2.79 -53.69
CA ASP E 290 38.49 2.64 -54.53
C ASP E 290 39.75 2.49 -53.68
N HIS E 291 39.83 3.23 -52.57
CA HIS E 291 41.02 3.18 -51.73
C HIS E 291 41.06 1.94 -50.84
N MET E 292 39.90 1.46 -50.41
CA MET E 292 39.87 0.26 -49.59
C MET E 292 40.15 -0.98 -50.42
N LEU E 293 39.70 -0.99 -51.66
CA LEU E 293 39.94 -2.10 -52.58
C LEU E 293 41.11 -1.80 -53.52
N THR E 294 42.19 -1.30 -52.94
CA THR E 294 43.44 -1.08 -53.66
C THR E 294 44.27 -2.35 -53.51
N LEU E 295 44.82 -2.85 -54.62
CA LEU E 295 45.42 -4.17 -54.61
C LEU E 295 46.62 -4.25 -53.67
N ASP E 296 47.53 -3.30 -53.77
CA ASP E 296 48.77 -3.36 -52.99
C ASP E 296 48.48 -2.98 -51.54
N PRO E 297 48.67 -3.88 -50.57
CA PRO E 297 48.36 -3.52 -49.18
C PRO E 297 49.12 -2.30 -48.68
N SER E 298 50.31 -2.03 -49.21
CA SER E 298 51.07 -0.85 -48.84
C SER E 298 50.50 0.42 -49.45
N LYS E 299 49.64 0.31 -50.48
CA LYS E 299 48.94 1.46 -51.03
C LYS E 299 47.50 1.57 -50.57
N ARG E 300 46.94 0.51 -50.00
CA ARG E 300 45.56 0.53 -49.52
C ARG E 300 45.45 1.40 -48.27
N CYS E 301 44.39 2.20 -48.21
CA CYS E 301 44.18 3.09 -47.08
C CYS E 301 44.01 2.29 -45.80
N THR E 302 44.27 2.97 -44.68
CA THR E 302 44.13 2.39 -43.36
C THR E 302 42.72 2.65 -42.81
N ALA E 303 42.44 2.13 -41.62
CA ALA E 303 41.18 2.45 -40.95
C ALA E 303 41.10 3.94 -40.66
N GLU E 304 42.16 4.51 -40.10
CA GLU E 304 42.15 5.93 -39.76
C GLU E 304 41.84 6.78 -40.98
N GLN E 305 42.44 6.45 -42.12
CA GLN E 305 42.29 7.29 -43.31
C GLN E 305 40.84 7.29 -43.79
N THR E 306 40.14 6.16 -43.69
CA THR E 306 38.74 6.12 -44.11
C THR E 306 37.90 7.06 -43.27
N LEU E 307 38.23 7.21 -41.99
CA LEU E 307 37.55 8.15 -41.14
C LEU E 307 37.85 9.59 -41.55
N GLN E 308 38.94 9.81 -42.28
CA GLN E 308 39.25 11.12 -42.84
C GLN E 308 38.93 11.16 -44.33
N SER E 309 37.77 10.64 -44.71
CA SER E 309 37.30 10.65 -46.08
C SER E 309 36.11 11.57 -46.19
N ASP E 310 35.89 12.14 -47.38
CA ASP E 310 34.71 12.99 -47.56
C ASP E 310 33.45 12.24 -47.20
N PHE E 311 33.46 10.91 -47.29
CA PHE E 311 32.25 10.13 -47.02
C PHE E 311 31.95 10.04 -45.54
N LEU E 312 32.96 9.76 -44.71
CA LEU E 312 32.73 9.50 -43.29
C LEU E 312 33.20 10.62 -42.37
N LYS E 313 33.93 11.60 -42.88
CA LYS E 313 34.61 12.56 -42.02
C LYS E 313 33.63 13.34 -41.17
N ASP E 314 32.54 13.81 -41.76
CA ASP E 314 31.57 14.64 -41.05
C ASP E 314 30.34 13.87 -40.59
N VAL E 315 30.36 12.53 -40.66
CA VAL E 315 29.24 11.78 -40.12
C VAL E 315 29.25 11.90 -38.61
N GLU E 316 28.08 12.13 -38.03
CA GLU E 316 27.94 12.29 -36.58
C GLU E 316 27.24 11.07 -36.01
N LEU E 317 27.93 10.38 -35.10
CA LEU E 317 27.36 9.20 -34.47
C LEU E 317 26.23 9.54 -33.53
N SER E 318 26.12 10.81 -33.14
CA SER E 318 25.02 11.20 -32.27
C SER E 318 23.67 11.02 -32.95
N LYS E 319 23.56 11.42 -34.21
CA LYS E 319 22.34 11.20 -34.99
C LYS E 319 22.42 9.86 -35.73
N MET E 320 22.42 8.78 -34.95
CA MET E 320 22.37 7.44 -35.55
C MET E 320 21.09 7.29 -36.35
N ALA E 321 21.13 6.48 -37.40
CA ALA E 321 19.98 6.29 -38.28
C ALA E 321 19.60 4.82 -38.38
N PRO E 322 18.39 4.43 -38.00
CA PRO E 322 18.01 3.02 -38.02
C PRO E 322 17.84 2.51 -39.44
N PRO E 323 18.23 1.26 -39.72
CA PRO E 323 17.92 0.68 -41.04
C PRO E 323 16.42 0.42 -41.17
N ASP E 324 15.95 0.39 -42.42
CA ASP E 324 14.53 0.19 -42.70
C ASP E 324 14.16 -1.29 -42.56
N LEU E 325 13.32 -1.61 -41.58
CA LEU E 325 12.89 -2.98 -41.31
C LEU E 325 11.44 -3.19 -41.67
N PRO E 326 11.10 -4.26 -42.43
CA PRO E 326 9.67 -4.59 -42.71
C PRO E 326 9.00 -5.44 -41.64
N HIS E 327 8.67 -4.81 -40.52
CA HIS E 327 8.11 -5.52 -39.37
C HIS E 327 6.59 -5.47 -39.30
N TRP E 328 5.93 -4.67 -40.13
CA TRP E 328 4.47 -4.75 -40.27
C TRP E 328 4.04 -4.15 -41.61
N GLN E 329 2.83 -4.55 -42.04
CA GLN E 329 2.22 -4.13 -43.31
C GLN E 329 2.90 -4.83 -44.49
N ASP E 330 4.23 -4.81 -44.53
CA ASP E 330 4.97 -5.71 -45.41
C ASP E 330 5.41 -6.98 -44.69
N CYS E 331 4.99 -7.14 -43.43
CA CYS E 331 5.18 -8.41 -42.74
C CYS E 331 4.25 -9.49 -43.29
N HIS E 332 3.01 -9.13 -43.58
CA HIS E 332 2.09 -9.98 -44.34
C HIS E 332 1.88 -9.37 -45.73
N GLU E 333 1.57 -10.23 -46.70
CA GLU E 333 1.76 -9.90 -48.12
C GLU E 333 0.90 -8.73 -48.56
N LEU E 334 1.42 -7.98 -49.54
CA LEU E 334 0.79 -6.76 -50.04
C LEU E 334 0.06 -7.06 -51.35
N TRP E 335 -1.24 -6.81 -51.37
CA TRP E 335 -2.06 -7.04 -52.56
C TRP E 335 -2.10 -5.81 -53.46
N THR F 24 36.17 -3.47 -12.48
CA THR F 24 36.36 -4.00 -13.84
C THR F 24 37.36 -5.17 -13.80
N LYS F 25 38.65 -4.85 -13.64
CA LYS F 25 39.70 -5.84 -13.62
C LYS F 25 40.13 -6.09 -12.19
N PRO F 26 40.49 -7.33 -11.81
CA PRO F 26 40.81 -7.59 -10.41
C PRO F 26 42.19 -7.04 -10.04
N CYS F 27 42.38 -6.83 -8.74
CA CYS F 27 43.63 -6.31 -8.23
C CYS F 27 44.55 -7.47 -7.92
N TRP F 28 45.69 -7.53 -8.61
CA TRP F 28 46.61 -8.65 -8.48
C TRP F 28 47.87 -8.26 -7.71
N TYR F 29 47.79 -7.25 -6.87
CA TYR F 29 48.94 -6.79 -6.09
C TYR F 29 48.54 -6.76 -4.62
N TRP F 30 49.39 -7.36 -3.79
CA TRP F 30 49.23 -7.48 -2.34
C TRP F 30 50.34 -6.69 -1.63
N ASP F 31 50.33 -6.72 -0.29
CA ASP F 31 51.37 -6.15 0.55
C ASP F 31 52.21 -7.24 1.22
N LYS F 32 53.51 -6.96 1.41
CA LYS F 32 54.37 -7.99 2.00
C LYS F 32 53.81 -8.53 3.31
N LYS F 33 53.35 -7.65 4.20
CA LYS F 33 52.82 -8.11 5.49
C LYS F 33 51.70 -9.13 5.30
N ASP F 34 51.01 -9.11 4.16
CA ASP F 34 49.95 -10.08 3.91
C ASP F 34 50.49 -11.47 3.61
N LEU F 35 51.74 -11.58 3.14
CA LEU F 35 52.26 -12.90 2.79
C LEU F 35 52.47 -13.79 4.01
N ALA F 36 52.39 -13.23 5.23
CA ALA F 36 52.38 -14.04 6.43
C ALA F 36 51.07 -14.80 6.59
N HIS F 37 50.10 -14.57 5.71
CA HIS F 37 48.76 -15.12 5.84
C HIS F 37 48.30 -15.80 4.57
N THR F 38 49.23 -16.35 3.79
CA THR F 38 48.84 -17.14 2.65
C THR F 38 48.22 -18.44 3.14
N PRO F 39 47.39 -19.08 2.32
CA PRO F 39 46.92 -20.43 2.69
C PRO F 39 48.07 -21.33 3.15
N SER F 40 49.21 -21.23 2.46
CA SER F 40 50.36 -22.07 2.79
C SER F 40 50.84 -21.79 4.22
N GLN F 41 51.00 -20.52 4.57
CA GLN F 41 51.44 -20.17 5.92
C GLN F 41 50.45 -20.69 6.96
N LEU F 42 49.16 -20.55 6.71
CA LEU F 42 48.16 -20.89 7.70
C LEU F 42 47.94 -22.39 7.84
N GLU F 43 48.43 -23.18 6.90
CA GLU F 43 48.46 -24.63 7.10
C GLU F 43 49.76 -25.08 7.76
N GLY F 44 50.54 -24.15 8.29
CA GLY F 44 51.72 -24.49 9.06
C GLY F 44 53.02 -24.44 8.31
N LEU F 45 53.02 -24.09 7.02
CA LEU F 45 54.27 -23.91 6.30
C LEU F 45 54.93 -22.63 6.79
N ASP F 46 56.22 -22.70 7.10
CA ASP F 46 56.90 -21.55 7.65
C ASP F 46 57.35 -20.61 6.54
N PRO F 47 57.70 -19.36 6.87
CA PRO F 47 58.00 -18.40 5.81
C PRO F 47 59.13 -18.82 4.89
N ALA F 48 60.22 -19.38 5.44
CA ALA F 48 61.33 -19.78 4.60
C ALA F 48 60.92 -20.85 3.60
N THR F 49 60.12 -21.82 4.05
CA THR F 49 59.75 -22.92 3.17
C THR F 49 58.92 -22.42 1.99
N GLU F 50 57.95 -21.54 2.25
CA GLU F 50 57.14 -21.07 1.14
C GLU F 50 58.00 -20.30 0.14
N ALA F 51 58.93 -19.47 0.63
CA ALA F 51 59.83 -18.77 -0.27
C ALA F 51 60.61 -19.77 -1.12
N ARG F 52 61.12 -20.83 -0.50
CA ARG F 52 61.85 -21.86 -1.23
C ARG F 52 60.95 -22.54 -2.25
N TYR F 53 59.74 -22.97 -1.83
CA TYR F 53 58.85 -23.63 -2.77
C TYR F 53 58.54 -22.73 -3.95
N ARG F 54 58.39 -21.43 -3.71
CA ARG F 54 58.13 -20.51 -4.82
C ARG F 54 59.34 -20.39 -5.73
N ARG F 55 60.55 -20.28 -5.15
CA ARG F 55 61.74 -20.18 -5.99
C ARG F 55 61.90 -21.43 -6.84
N GLU F 56 61.70 -22.60 -6.24
CA GLU F 56 61.85 -23.84 -6.98
C GLU F 56 60.85 -23.90 -8.12
N GLY F 57 59.61 -23.52 -7.86
CA GLY F 57 58.61 -23.52 -8.92
C GLY F 57 58.94 -22.54 -10.03
N ALA F 58 59.45 -21.37 -9.67
CA ALA F 58 59.82 -20.39 -10.68
C ALA F 58 60.95 -20.93 -11.56
N ARG F 59 62.02 -21.44 -10.93
CA ARG F 59 63.17 -21.93 -11.70
C ARG F 59 62.77 -23.14 -12.54
N PHE F 60 61.85 -23.97 -12.04
CA PHE F 60 61.32 -25.09 -12.80
C PHE F 60 60.63 -24.63 -14.08
N ILE F 61 59.69 -23.69 -13.96
CA ILE F 61 59.03 -23.16 -15.14
C ILE F 61 60.05 -22.53 -16.09
N PHE F 62 61.00 -21.77 -15.55
CA PHE F 62 62.01 -21.11 -16.35
C PHE F 62 62.84 -22.13 -17.12
N ASP F 63 63.36 -23.13 -16.39
CA ASP F 63 64.22 -24.13 -17.02
C ASP F 63 63.44 -25.01 -17.99
N VAL F 64 62.24 -25.46 -17.61
CA VAL F 64 61.46 -26.28 -18.53
C VAL F 64 61.18 -25.49 -19.81
N GLY F 65 60.71 -24.26 -19.66
CA GLY F 65 60.41 -23.45 -20.83
C GLY F 65 61.65 -23.10 -21.62
N THR F 66 62.77 -22.85 -20.93
CA THR F 66 64.01 -22.58 -21.65
C THR F 66 64.45 -23.78 -22.48
N ARG F 67 64.36 -24.98 -21.90
CA ARG F 67 64.69 -26.20 -22.64
C ARG F 67 63.76 -26.39 -23.83
N LEU F 68 62.50 -25.98 -23.72
CA LEU F 68 61.54 -26.08 -24.81
C LEU F 68 61.68 -24.96 -25.82
N GLY F 69 62.56 -23.99 -25.58
CA GLY F 69 62.77 -22.92 -26.52
C GLY F 69 61.75 -21.79 -26.45
N LEU F 70 61.17 -21.56 -25.29
CA LEU F 70 60.08 -20.61 -25.17
C LEU F 70 60.57 -19.17 -24.99
N HIS F 71 59.81 -18.24 -25.56
CA HIS F 71 60.04 -16.82 -25.43
C HIS F 71 60.03 -16.37 -23.97
N TYR F 72 60.74 -15.26 -23.70
CA TYR F 72 60.89 -14.82 -22.32
C TYR F 72 59.54 -14.42 -21.73
N ASP F 73 58.67 -13.81 -22.53
CA ASP F 73 57.36 -13.44 -22.01
C ASP F 73 56.57 -14.67 -21.58
N THR F 74 56.71 -15.78 -22.32
CA THR F 74 55.97 -16.98 -21.98
C THR F 74 56.44 -17.57 -20.65
N LEU F 75 57.74 -17.56 -20.39
CA LEU F 75 58.22 -18.06 -19.11
C LEU F 75 57.66 -17.23 -17.97
N ALA F 76 57.73 -15.89 -18.10
CA ALA F 76 57.27 -15.01 -17.03
C ALA F 76 55.78 -15.17 -16.78
N THR F 77 54.98 -15.22 -17.86
CA THR F 77 53.54 -15.35 -17.68
C THR F 77 53.21 -16.59 -16.87
N GLY F 78 53.80 -17.72 -17.23
CA GLY F 78 53.61 -18.93 -16.44
C GLY F 78 54.01 -18.73 -14.99
N ILE F 79 55.11 -18.02 -14.76
CA ILE F 79 55.55 -17.82 -13.39
C ILE F 79 54.57 -16.94 -12.63
N ILE F 80 54.05 -15.90 -13.26
CA ILE F 80 53.13 -15.02 -12.55
C ILE F 80 51.83 -15.76 -12.23
N TYR F 81 51.32 -16.54 -13.19
CA TYR F 81 50.18 -17.41 -12.88
C TYR F 81 50.50 -18.26 -11.64
N PHE F 82 51.69 -18.85 -11.64
CA PHE F 82 52.12 -19.73 -10.54
C PHE F 82 52.08 -18.98 -9.22
N HIS F 83 52.73 -17.81 -9.15
CA HIS F 83 52.78 -17.08 -7.90
C HIS F 83 51.39 -16.72 -7.40
N ARG F 84 50.51 -16.30 -8.30
CA ARG F 84 49.15 -15.92 -7.90
C ARG F 84 48.36 -17.13 -7.40
N PHE F 85 48.52 -18.28 -8.06
CA PHE F 85 47.83 -19.48 -7.64
C PHE F 85 48.02 -19.76 -6.16
N TYR F 86 49.26 -19.67 -5.69
CA TYR F 86 49.57 -20.00 -4.30
C TYR F 86 49.33 -18.85 -3.34
N MET F 87 48.69 -17.79 -3.81
CA MET F 87 48.00 -16.85 -2.95
C MET F 87 46.58 -17.28 -2.62
N PHE F 88 46.06 -18.28 -3.35
CA PHE F 88 44.71 -18.79 -3.15
C PHE F 88 44.70 -20.23 -2.70
N HIS F 89 45.83 -20.92 -2.75
CA HIS F 89 45.90 -22.33 -2.42
C HIS F 89 47.17 -22.58 -1.63
N SER F 90 47.22 -23.76 -1.03
CA SER F 90 48.34 -24.16 -0.21
C SER F 90 49.29 -25.04 -1.03
N PHE F 91 50.58 -24.86 -0.80
CA PHE F 91 51.56 -25.75 -1.41
C PHE F 91 51.38 -27.18 -0.95
N LYS F 92 50.71 -27.39 0.19
CA LYS F 92 50.48 -28.74 0.70
C LYS F 92 49.37 -29.47 -0.02
N GLN F 93 48.51 -28.75 -0.74
CA GLN F 93 47.38 -29.36 -1.44
C GLN F 93 47.60 -29.46 -2.93
N PHE F 94 48.43 -28.60 -3.49
CA PHE F 94 48.76 -28.61 -4.91
C PHE F 94 50.26 -28.75 -5.01
N PRO F 95 50.78 -29.95 -5.27
CA PRO F 95 52.23 -30.10 -5.40
C PRO F 95 52.72 -29.16 -6.48
N ARG F 96 53.84 -28.48 -6.19
CA ARG F 96 54.14 -27.25 -6.91
C ARG F 96 54.57 -27.49 -8.36
N TYR F 97 55.30 -28.57 -8.62
CA TYR F 97 55.80 -28.76 -9.98
C TYR F 97 54.68 -29.15 -10.94
N VAL F 98 53.62 -29.78 -10.43
CA VAL F 98 52.44 -30.00 -11.27
C VAL F 98 51.81 -28.67 -11.63
N THR F 99 51.59 -27.82 -10.63
CA THR F 99 51.08 -26.48 -10.87
C THR F 99 51.96 -25.74 -11.87
N GLY F 100 53.27 -25.78 -11.64
CA GLY F 100 54.19 -25.11 -12.56
C GLY F 100 53.98 -25.53 -14.00
N ALA F 101 53.95 -26.85 -14.26
CA ALA F 101 53.76 -27.33 -15.62
C ALA F 101 52.46 -26.81 -16.23
N CYS F 102 51.38 -26.81 -15.45
CA CYS F 102 50.11 -26.31 -15.94
C CYS F 102 50.19 -24.82 -16.28
N CYS F 103 50.86 -24.03 -15.44
CA CYS F 103 51.02 -22.61 -15.71
C CYS F 103 51.73 -22.40 -17.04
N LEU F 104 52.85 -23.08 -17.24
CA LEU F 104 53.57 -22.95 -18.50
C LEU F 104 52.72 -23.41 -19.66
N PHE F 105 52.00 -24.51 -19.48
CA PHE F 105 51.13 -25.01 -20.54
C PHE F 105 50.09 -23.97 -20.94
N LEU F 106 49.42 -23.38 -19.95
CA LEU F 106 48.43 -22.35 -20.27
C LEU F 106 49.11 -21.11 -20.83
N ALA F 107 50.23 -20.72 -20.23
CA ALA F 107 50.95 -19.53 -20.70
C ALA F 107 51.25 -19.64 -22.19
N GLY F 108 51.58 -20.85 -22.66
CA GLY F 108 51.87 -21.02 -24.08
C GLY F 108 50.72 -20.60 -24.98
N LYS F 109 49.50 -21.00 -24.62
CA LYS F 109 48.33 -20.63 -25.41
C LYS F 109 48.01 -19.15 -25.28
N VAL F 110 48.21 -18.58 -24.09
CA VAL F 110 47.95 -17.18 -23.88
C VAL F 110 48.89 -16.32 -24.73
N GLU F 111 50.18 -16.66 -24.71
CA GLU F 111 51.19 -15.86 -25.38
C GLU F 111 51.44 -16.31 -26.81
N GLU F 112 50.65 -17.26 -27.33
CA GLU F 112 50.79 -17.74 -28.70
C GLU F 112 52.16 -18.36 -28.95
N THR F 113 52.69 -19.05 -27.95
CA THR F 113 53.87 -19.90 -28.10
C THR F 113 53.51 -21.29 -27.59
N PRO F 114 52.48 -21.92 -28.18
CA PRO F 114 51.93 -23.14 -27.57
C PRO F 114 52.85 -24.33 -27.73
N LYS F 115 52.80 -25.21 -26.73
CA LYS F 115 53.50 -26.48 -26.75
C LYS F 115 52.52 -27.56 -26.28
N LYS F 116 52.74 -28.78 -26.73
CA LYS F 116 51.87 -29.89 -26.36
C LYS F 116 52.16 -30.33 -24.92
N CYS F 117 51.10 -30.70 -24.21
CA CYS F 117 51.27 -31.07 -22.81
C CYS F 117 52.27 -32.22 -22.64
N LYS F 118 52.28 -33.16 -23.59
CA LYS F 118 53.21 -34.29 -23.47
C LYS F 118 54.66 -33.82 -23.49
N ASP F 119 54.96 -32.77 -24.26
CA ASP F 119 56.35 -32.31 -24.33
C ASP F 119 56.77 -31.68 -23.01
N ILE F 120 55.86 -30.94 -22.38
CA ILE F 120 56.18 -30.32 -21.10
C ILE F 120 56.40 -31.39 -20.04
N ILE F 121 55.57 -32.42 -20.03
CA ILE F 121 55.73 -33.52 -19.07
C ILE F 121 57.08 -34.20 -19.29
N LYS F 122 57.45 -34.44 -20.54
CA LYS F 122 58.75 -35.03 -20.85
C LYS F 122 59.90 -34.17 -20.35
N THR F 123 59.87 -32.87 -20.65
CA THR F 123 60.95 -32.00 -20.19
C THR F 123 61.02 -31.96 -18.68
N ALA F 124 59.86 -31.96 -18.02
CA ALA F 124 59.85 -31.98 -16.56
C ALA F 124 60.50 -33.25 -16.02
N ARG F 125 60.29 -34.37 -16.69
CA ARG F 125 60.96 -35.60 -16.27
C ARG F 125 62.46 -35.46 -16.39
N SER F 126 62.92 -34.79 -17.45
CA SER F 126 64.35 -34.57 -17.64
C SER F 126 64.94 -33.80 -16.46
N LEU F 127 64.21 -32.81 -15.94
CA LEU F 127 64.73 -31.90 -14.93
C LEU F 127 64.53 -32.38 -13.50
N LEU F 128 63.48 -33.14 -13.22
CA LEU F 128 63.13 -33.54 -11.86
C LEU F 128 63.69 -34.92 -11.52
N ASN F 129 64.10 -35.11 -10.26
CA ASN F 129 64.49 -36.43 -9.80
C ASN F 129 63.25 -37.28 -9.56
N ASP F 130 63.43 -38.52 -9.08
CA ASP F 130 62.28 -39.41 -8.98
C ASP F 130 61.33 -38.98 -7.87
N VAL F 131 61.86 -38.47 -6.76
CA VAL F 131 60.99 -37.99 -5.69
C VAL F 131 60.10 -36.89 -6.21
N GLN F 132 60.69 -35.93 -6.91
CA GLN F 132 59.95 -34.77 -7.42
C GLN F 132 58.89 -35.18 -8.42
N PHE F 133 59.27 -35.95 -9.44
CA PHE F 133 58.30 -36.35 -10.47
C PHE F 133 57.20 -37.26 -9.92
N GLY F 134 57.33 -37.76 -8.69
CA GLY F 134 56.24 -38.50 -8.09
C GLY F 134 54.99 -37.66 -7.95
N GLN F 135 55.15 -36.34 -7.81
CA GLN F 135 54.00 -35.46 -7.67
C GLN F 135 53.03 -35.61 -8.84
N PHE F 136 53.55 -35.91 -10.04
CA PHE F 136 52.73 -36.00 -11.24
C PHE F 136 51.90 -37.28 -11.29
N GLY F 137 52.23 -38.27 -10.46
CA GLY F 137 51.43 -39.49 -10.37
C GLY F 137 51.54 -40.40 -11.57
N ASP F 138 50.56 -41.32 -11.66
CA ASP F 138 50.62 -42.38 -12.66
C ASP F 138 50.31 -41.87 -14.05
N ASP F 139 49.44 -40.86 -14.18
CA ASP F 139 49.08 -40.27 -15.47
C ASP F 139 49.44 -38.79 -15.35
N PRO F 140 50.68 -38.41 -15.66
CA PRO F 140 51.09 -37.00 -15.47
C PRO F 140 50.23 -36.03 -16.26
N LYS F 141 50.00 -36.31 -17.54
CA LYS F 141 49.23 -35.37 -18.34
C LYS F 141 47.90 -35.05 -17.68
N GLU F 142 47.22 -36.06 -17.17
CA GLU F 142 45.89 -35.83 -16.61
C GLU F 142 45.98 -34.89 -15.41
N GLU F 143 46.92 -35.13 -14.50
CA GLU F 143 47.06 -34.29 -13.32
C GLU F 143 47.31 -32.83 -13.71
N VAL F 144 48.07 -32.60 -14.78
CA VAL F 144 48.26 -31.23 -15.26
C VAL F 144 46.96 -30.72 -15.88
N MET F 145 46.38 -31.52 -16.77
CA MET F 145 45.20 -31.07 -17.49
C MET F 145 44.03 -30.80 -16.56
N VAL F 146 43.87 -31.62 -15.51
CA VAL F 146 42.76 -31.39 -14.59
C VAL F 146 42.94 -30.06 -13.88
N LEU F 147 44.18 -29.68 -13.57
CA LEU F 147 44.41 -28.45 -12.84
C LEU F 147 44.12 -27.21 -13.67
N GLU F 148 44.10 -27.33 -15.01
CA GLU F 148 43.87 -26.15 -15.84
C GLU F 148 42.55 -25.47 -15.50
N ARG F 149 41.51 -26.25 -15.24
CA ARG F 149 40.23 -25.64 -14.88
C ARG F 149 40.39 -24.77 -13.64
N ILE F 150 41.07 -25.29 -12.63
CA ILE F 150 41.26 -24.55 -11.39
C ILE F 150 42.20 -23.37 -11.61
N LEU F 151 43.23 -23.57 -12.43
CA LEU F 151 44.13 -22.46 -12.75
C LEU F 151 43.36 -21.29 -13.33
N LEU F 152 42.53 -21.57 -14.35
CA LEU F 152 41.74 -20.52 -14.97
C LEU F 152 40.81 -19.85 -13.98
N GLN F 153 40.10 -20.63 -13.17
CA GLN F 153 39.21 -20.01 -12.19
C GLN F 153 40.00 -19.17 -11.19
N THR F 154 41.17 -19.64 -10.78
CA THR F 154 41.95 -18.92 -9.77
C THR F 154 42.47 -17.60 -10.31
N ILE F 155 43.00 -17.57 -11.54
CA ILE F 155 43.51 -16.33 -12.08
C ILE F 155 42.36 -15.50 -12.66
N LYS F 156 41.13 -15.90 -12.36
CA LYS F 156 39.93 -15.12 -12.69
C LYS F 156 39.85 -14.80 -14.17
N PHE F 157 40.37 -15.71 -15.00
CA PHE F 157 40.37 -15.56 -16.44
C PHE F 157 40.95 -14.23 -16.91
N ASP F 158 41.74 -13.60 -16.06
CA ASP F 158 42.47 -12.39 -16.42
C ASP F 158 43.80 -12.87 -16.98
N LEU F 159 43.80 -13.16 -18.27
CA LEU F 159 44.92 -13.84 -18.91
C LEU F 159 46.01 -12.89 -19.35
N GLN F 160 45.66 -11.64 -19.64
CA GLN F 160 46.66 -10.70 -20.09
C GLN F 160 47.58 -10.34 -18.93
N VAL F 161 48.88 -10.47 -19.15
CA VAL F 161 49.88 -10.12 -18.13
C VAL F 161 50.99 -9.38 -18.85
N GLU F 162 51.44 -8.28 -18.26
CA GLU F 162 52.59 -7.53 -18.75
C GLU F 162 53.77 -7.68 -17.79
N HIS F 163 54.97 -7.61 -18.35
CA HIS F 163 56.19 -7.95 -17.63
C HIS F 163 57.20 -6.83 -17.68
N PRO F 164 58.10 -6.79 -16.69
CA PRO F 164 59.06 -5.68 -16.62
C PRO F 164 59.90 -5.49 -17.88
N TYR F 165 60.04 -6.54 -18.69
CA TYR F 165 60.95 -6.47 -19.83
C TYR F 165 60.55 -5.33 -20.77
N GLN F 166 59.26 -5.24 -21.10
CA GLN F 166 58.84 -4.25 -22.08
C GLN F 166 59.20 -2.85 -21.62
N PHE F 167 59.04 -2.59 -20.33
CA PHE F 167 59.27 -1.26 -19.79
C PHE F 167 60.76 -0.98 -19.61
N LEU F 168 61.53 -2.00 -19.22
CA LEU F 168 62.98 -1.84 -19.23
C LEU F 168 63.49 -1.40 -20.59
N LEU F 169 62.95 -1.98 -21.65
CA LEU F 169 63.42 -1.64 -23.00
C LEU F 169 62.85 -0.32 -23.49
N LYS F 170 61.56 -0.08 -23.24
CA LYS F 170 60.94 1.18 -23.64
C LYS F 170 61.61 2.37 -22.99
N TYR F 171 61.87 2.27 -21.69
CA TYR F 171 62.48 3.38 -20.95
C TYR F 171 63.90 3.63 -21.43
N ALA F 172 64.65 2.55 -21.71
CA ALA F 172 66.04 2.71 -22.09
C ALA F 172 66.18 3.45 -23.42
N LYS F 173 65.24 3.23 -24.34
CA LYS F 173 65.35 3.91 -25.63
C LYS F 173 65.35 5.42 -25.47
N GLN F 174 64.76 5.93 -24.40
CA GLN F 174 64.70 7.35 -24.13
C GLN F 174 65.94 7.85 -23.40
N LEU F 175 66.92 6.98 -23.17
CA LEU F 175 68.23 7.36 -22.68
C LEU F 175 69.16 7.50 -23.88
N LYS F 176 69.92 8.59 -23.91
CA LYS F 176 70.84 8.87 -25.01
C LYS F 176 72.19 9.22 -24.41
N GLY F 177 73.23 8.60 -24.91
CA GLY F 177 74.56 8.78 -24.35
C GLY F 177 75.47 7.65 -24.80
N ASP F 178 76.46 7.35 -23.95
CA ASP F 178 77.39 6.26 -24.23
C ASP F 178 76.61 4.97 -24.49
N LYS F 179 76.62 4.50 -25.74
CA LYS F 179 75.87 3.31 -26.10
C LYS F 179 76.32 2.10 -25.29
N ASN F 180 77.64 1.96 -25.07
CA ASN F 180 78.11 0.77 -24.36
C ASN F 180 77.76 0.82 -22.87
N LYS F 181 77.76 2.00 -22.27
CA LYS F 181 77.33 2.09 -20.87
C LYS F 181 75.84 1.83 -20.75
N ILE F 182 75.04 2.33 -21.69
CA ILE F 182 73.60 2.11 -21.64
C ILE F 182 73.30 0.62 -21.82
N GLN F 183 74.02 -0.05 -22.71
CA GLN F 183 73.79 -1.47 -22.93
C GLN F 183 74.10 -2.28 -21.68
N LYS F 184 75.18 -1.95 -20.98
CA LYS F 184 75.50 -2.68 -19.77
C LYS F 184 74.40 -2.53 -18.74
N LEU F 185 73.81 -1.34 -18.66
CA LEU F 185 72.68 -1.14 -17.75
C LEU F 185 71.52 -2.06 -18.11
N VAL F 186 71.20 -2.12 -19.40
CA VAL F 186 70.06 -2.92 -19.85
C VAL F 186 70.28 -4.39 -19.50
N GLN F 187 71.47 -4.91 -19.80
CA GLN F 187 71.71 -6.34 -19.60
C GLN F 187 71.70 -6.70 -18.13
N MET F 188 72.36 -5.90 -17.29
CA MET F 188 72.30 -6.13 -15.86
C MET F 188 70.87 -6.03 -15.35
N ALA F 189 70.12 -5.07 -15.87
CA ALA F 189 68.73 -4.94 -15.46
C ALA F 189 67.91 -6.15 -15.89
N TRP F 190 68.09 -6.58 -17.14
CA TRP F 190 67.40 -7.77 -17.62
C TRP F 190 67.70 -8.96 -16.72
N THR F 191 68.95 -9.12 -16.34
CA THR F 191 69.31 -10.17 -15.40
C THR F 191 68.55 -10.00 -14.09
N PHE F 192 68.44 -8.76 -13.60
CA PHE F 192 67.70 -8.53 -12.36
C PHE F 192 66.21 -8.82 -12.54
N VAL F 193 65.64 -8.50 -13.70
CA VAL F 193 64.24 -8.82 -13.92
C VAL F 193 64.03 -10.33 -13.85
N ASN F 194 64.88 -11.09 -14.57
CA ASN F 194 64.76 -12.55 -14.52
C ASN F 194 64.81 -13.05 -13.09
N ASP F 195 65.69 -12.48 -12.28
CA ASP F 195 65.87 -12.95 -10.92
C ASP F 195 64.69 -12.58 -10.05
N SER F 196 63.98 -11.49 -10.39
CA SER F 196 62.84 -11.09 -9.60
C SER F 196 61.67 -12.06 -9.76
N LEU F 197 61.64 -12.86 -10.82
CA LEU F 197 60.55 -13.80 -11.03
C LEU F 197 60.52 -14.85 -9.93
N CYS F 198 61.65 -15.09 -9.28
CA CYS F 198 61.73 -16.02 -8.16
C CYS F 198 61.21 -15.41 -6.85
N THR F 199 60.85 -14.14 -6.85
CA THR F 199 60.39 -13.46 -5.66
C THR F 199 58.93 -13.08 -5.83
N THR F 200 58.35 -12.59 -4.74
CA THR F 200 56.98 -12.14 -4.70
C THR F 200 56.83 -10.69 -5.15
N LEU F 201 57.92 -10.10 -5.65
CA LEU F 201 57.83 -8.74 -6.18
C LEU F 201 56.83 -8.65 -7.32
N SER F 202 56.69 -9.70 -8.12
CA SER F 202 55.66 -9.72 -9.17
C SER F 202 54.27 -9.53 -8.57
N LEU F 203 54.07 -9.93 -7.32
CA LEU F 203 52.78 -9.84 -6.65
C LEU F 203 52.64 -8.61 -5.77
N GLN F 204 53.72 -7.86 -5.57
CA GLN F 204 53.74 -6.70 -4.67
C GLN F 204 53.70 -5.38 -5.42
N TRP F 205 54.41 -5.30 -6.54
CA TRP F 205 54.61 -4.05 -7.27
C TRP F 205 54.31 -4.26 -8.74
N GLU F 206 53.76 -3.22 -9.33
CA GLU F 206 53.41 -3.21 -10.74
C GLU F 206 54.64 -3.41 -11.61
N PRO F 207 54.47 -3.96 -12.81
CA PRO F 207 55.65 -4.27 -13.65
C PRO F 207 56.50 -3.06 -13.99
N GLU F 208 55.86 -1.91 -14.24
CA GLU F 208 56.59 -0.72 -14.63
C GLU F 208 57.57 -0.28 -13.55
N ILE F 209 57.17 -0.41 -12.29
CA ILE F 209 58.04 -0.03 -11.18
C ILE F 209 59.23 -0.96 -11.09
N ILE F 210 59.02 -2.25 -11.32
CA ILE F 210 60.12 -3.20 -11.25
C ILE F 210 61.15 -2.88 -12.32
N ALA F 211 60.69 -2.46 -13.49
CA ALA F 211 61.63 -2.06 -14.54
C ALA F 211 62.48 -0.90 -14.06
N VAL F 212 61.86 0.12 -13.46
CA VAL F 212 62.61 1.26 -12.98
C VAL F 212 63.54 0.84 -11.85
N ALA F 213 63.09 -0.05 -10.97
CA ALA F 213 63.95 -0.48 -9.87
C ALA F 213 65.20 -1.19 -10.38
N VAL F 214 65.05 -2.07 -11.37
CA VAL F 214 66.22 -2.82 -11.85
C VAL F 214 67.17 -1.88 -12.57
N MET F 215 66.65 -0.89 -13.29
CA MET F 215 67.51 0.15 -13.85
C MET F 215 68.20 0.92 -12.74
N TYR F 216 67.44 1.29 -11.71
CA TYR F 216 67.99 2.02 -10.56
C TYR F 216 69.11 1.22 -9.91
N LEU F 217 68.90 -0.08 -9.71
CA LEU F 217 69.92 -0.93 -9.12
C LEU F 217 71.13 -1.03 -10.04
N ALA F 218 70.90 -1.40 -11.29
CA ALA F 218 71.99 -1.51 -12.25
C ALA F 218 72.79 -0.21 -12.28
N GLY F 219 72.10 0.92 -12.22
CA GLY F 219 72.79 2.19 -12.19
C GLY F 219 73.69 2.36 -10.99
N ARG F 220 73.22 1.97 -9.81
CA ARG F 220 74.04 2.13 -8.62
C ARG F 220 75.31 1.29 -8.69
N LEU F 221 75.17 0.03 -9.08
CA LEU F 221 76.31 -0.89 -9.07
C LEU F 221 77.34 -0.50 -10.12
N CYS F 222 76.86 -0.04 -11.27
CA CYS F 222 77.74 0.38 -12.35
C CYS F 222 78.23 1.82 -12.20
N LYS F 223 77.90 2.49 -11.10
CA LYS F 223 78.33 3.86 -10.85
C LYS F 223 77.88 4.78 -11.99
N PHE F 224 76.66 4.57 -12.49
CA PHE F 224 76.12 5.42 -13.53
C PHE F 224 75.18 6.47 -12.95
N GLU F 225 75.14 7.63 -13.62
CA GLU F 225 74.22 8.71 -13.29
C GLU F 225 73.15 8.71 -14.38
N ILE F 226 72.10 7.90 -14.20
CA ILE F 226 71.18 7.68 -15.32
C ILE F 226 70.56 8.98 -15.79
N GLN F 227 70.36 9.93 -14.87
CA GLN F 227 69.70 11.18 -15.23
C GLN F 227 70.38 11.87 -16.39
N GLU F 228 71.71 11.77 -16.49
CA GLU F 228 72.43 12.48 -17.51
C GLU F 228 71.97 12.10 -18.91
N TRP F 229 71.51 10.86 -19.07
CA TRP F 229 71.05 10.36 -20.35
C TRP F 229 69.60 10.72 -20.63
N THR F 230 68.90 11.28 -19.65
CA THR F 230 67.50 11.63 -19.81
C THR F 230 67.37 13.00 -20.48
N SER F 231 66.15 13.29 -20.94
CA SER F 231 65.87 14.60 -21.51
C SER F 231 65.96 15.72 -20.48
N LYS F 232 65.93 15.40 -19.18
CA LYS F 232 66.02 16.37 -18.09
C LYS F 232 67.27 15.99 -17.30
N PRO F 233 68.45 16.38 -17.79
CA PRO F 233 69.70 15.80 -17.26
C PRO F 233 70.02 16.22 -15.84
N MET F 234 69.33 17.25 -15.32
CA MET F 234 69.59 17.75 -13.98
C MET F 234 68.45 17.46 -13.02
N TYR F 235 67.51 16.61 -13.43
CA TYR F 235 66.42 16.17 -12.57
C TYR F 235 66.89 14.88 -11.89
N ARG F 236 67.27 14.97 -10.61
CA ARG F 236 67.81 13.78 -9.97
C ARG F 236 66.82 12.61 -10.00
N ARG F 237 65.53 12.90 -9.90
CA ARG F 237 64.49 11.87 -9.93
C ARG F 237 64.16 11.55 -11.39
N TRP F 238 65.06 10.77 -12.00
CA TRP F 238 64.84 10.41 -13.40
C TRP F 238 63.63 9.52 -13.56
N TRP F 239 63.32 8.68 -12.56
CA TRP F 239 62.21 7.74 -12.71
C TRP F 239 60.88 8.46 -12.89
N GLU F 240 60.75 9.67 -12.33
CA GLU F 240 59.46 10.35 -12.37
C GLU F 240 59.02 10.61 -13.81
N GLN F 241 59.97 10.67 -14.73
CA GLN F 241 59.66 10.87 -16.13
C GLN F 241 58.97 9.66 -16.74
N PHE F 242 59.26 8.46 -16.23
CA PHE F 242 58.68 7.24 -16.74
C PHE F 242 57.48 6.77 -15.91
N VAL F 243 57.69 6.55 -14.63
CA VAL F 243 56.65 6.14 -13.69
C VAL F 243 56.50 7.21 -12.63
N GLN F 244 55.31 7.78 -12.54
CA GLN F 244 55.06 8.88 -11.63
C GLN F 244 54.74 8.36 -10.23
N ASP F 245 55.07 9.17 -9.24
CA ASP F 245 54.67 8.95 -7.85
C ASP F 245 55.33 7.71 -7.25
N VAL F 246 56.60 7.47 -7.57
CA VAL F 246 57.33 6.37 -6.98
C VAL F 246 58.41 6.94 -6.05
N PRO F 247 58.27 6.79 -4.74
CA PRO F 247 59.32 7.25 -3.82
C PRO F 247 60.56 6.38 -3.92
N VAL F 248 61.68 6.93 -3.45
CA VAL F 248 62.91 6.16 -3.39
C VAL F 248 62.73 4.95 -2.48
N ASP F 249 61.88 5.07 -1.46
CA ASP F 249 61.69 3.97 -0.52
C ASP F 249 61.34 2.69 -1.25
N VAL F 250 60.37 2.77 -2.16
CA VAL F 250 59.95 1.59 -2.92
C VAL F 250 61.11 1.02 -3.72
N LEU F 251 61.83 1.89 -4.42
CA LEU F 251 62.95 1.42 -5.23
C LEU F 251 64.00 0.74 -4.38
N GLU F 252 64.20 1.22 -3.15
CA GLU F 252 65.20 0.60 -2.28
C GLU F 252 64.67 -0.72 -1.71
N ASP F 253 63.40 -0.77 -1.35
CA ASP F 253 62.81 -2.02 -0.91
C ASP F 253 62.93 -3.09 -2.00
N ILE F 254 62.65 -2.71 -3.25
CA ILE F 254 62.77 -3.67 -4.35
C ILE F 254 64.23 -4.05 -4.56
N CYS F 255 65.13 -3.07 -4.61
CA CYS F 255 66.53 -3.39 -4.76
C CYS F 255 66.98 -4.32 -3.66
N HIS F 256 66.56 -4.05 -2.42
CA HIS F 256 66.95 -4.89 -1.30
C HIS F 256 66.52 -6.34 -1.53
N GLN F 257 65.27 -6.53 -1.95
CA GLN F 257 64.76 -7.89 -2.15
C GLN F 257 65.51 -8.62 -3.26
N ILE F 258 65.89 -7.90 -4.32
CA ILE F 258 66.62 -8.57 -5.39
C ILE F 258 68.03 -8.96 -4.93
N LEU F 259 68.71 -8.06 -4.23
CA LEU F 259 70.07 -8.36 -3.79
C LEU F 259 70.12 -9.50 -2.78
N ASP F 260 69.03 -9.73 -2.05
CA ASP F 260 69.00 -10.80 -1.06
C ASP F 260 69.25 -12.16 -1.71
N LEU F 261 68.74 -12.36 -2.91
CA LEU F 261 68.93 -13.63 -3.61
C LEU F 261 70.40 -13.92 -3.88
N TYR F 262 71.17 -12.89 -4.18
CA TYR F 262 72.59 -13.05 -4.48
C TYR F 262 73.41 -13.30 -3.24
N SER F 263 72.91 -12.88 -2.09
CA SER F 263 73.60 -13.05 -0.81
C SER F 263 73.19 -14.32 -0.09
N GLN F 264 72.05 -14.92 -0.43
CA GLN F 264 71.68 -16.17 0.23
C GLN F 264 72.68 -17.27 -0.12
N GLY F 265 73.03 -17.38 -1.39
CA GLY F 265 74.14 -18.22 -1.80
C GLY F 265 75.44 -17.42 -1.72
N LYS F 266 76.55 -18.12 -1.94
CA LYS F 266 77.88 -17.48 -1.96
C LYS F 266 78.05 -16.74 -3.28
N GLN F 267 77.27 -15.66 -3.44
CA GLN F 267 77.33 -14.86 -4.66
C GLN F 267 77.26 -13.37 -4.39
N GLN F 268 77.72 -12.60 -5.38
CA GLN F 268 77.87 -11.15 -5.35
C GLN F 268 77.06 -10.50 -6.47
N MET F 269 76.59 -9.28 -6.22
CA MET F 269 75.86 -8.54 -7.26
C MET F 269 76.67 -8.51 -8.54
N PRO F 270 76.03 -8.63 -9.72
CA PRO F 270 76.80 -8.88 -10.95
C PRO F 270 77.94 -7.90 -11.27
N HIS F 271 77.92 -6.71 -10.71
CA HIS F 271 79.05 -5.80 -10.85
C HIS F 271 79.24 -5.01 -9.55
N MET G 5 15.64 -26.94 55.61
CA MET G 5 14.36 -27.25 54.90
C MET G 5 14.57 -28.24 53.75
N SER G 6 15.75 -28.24 53.14
CA SER G 6 16.10 -29.18 52.09
C SER G 6 17.41 -29.87 52.47
N TYR G 7 17.58 -31.12 52.03
CA TYR G 7 18.72 -31.94 52.44
C TYR G 7 19.33 -32.66 51.25
N ASN G 8 20.63 -32.42 51.01
CA ASN G 8 21.29 -33.01 49.84
C ASN G 8 22.73 -33.40 50.17
N TYR G 9 23.29 -34.23 49.28
CA TYR G 9 24.58 -34.90 49.45
C TYR G 9 25.39 -34.72 48.18
N VAL G 10 26.66 -34.34 48.30
CA VAL G 10 27.55 -34.12 47.17
C VAL G 10 28.81 -34.95 47.40
N VAL G 11 29.13 -35.81 46.44
CA VAL G 11 30.31 -36.67 46.52
C VAL G 11 31.07 -36.54 45.21
N THR G 12 32.38 -36.72 45.27
CA THR G 12 33.24 -36.65 44.10
C THR G 12 33.38 -38.06 43.53
N ALA G 13 32.93 -38.23 42.29
CA ALA G 13 33.10 -39.51 41.61
C ALA G 13 34.43 -39.59 40.86
N GLN G 14 34.84 -38.51 40.22
CA GLN G 14 36.13 -38.41 39.56
C GLN G 14 36.79 -37.12 40.02
N LYS G 15 38.03 -37.21 40.45
CA LYS G 15 38.75 -36.06 40.96
C LYS G 15 39.12 -35.12 39.81
N PRO G 16 39.45 -33.87 40.13
CA PRO G 16 39.92 -32.94 39.10
C PRO G 16 41.11 -33.52 38.33
N THR G 17 41.05 -33.39 37.00
CA THR G 17 42.09 -33.91 36.13
C THR G 17 42.97 -32.85 35.49
N ALA G 18 42.50 -31.60 35.44
CA ALA G 18 43.26 -30.54 34.81
C ALA G 18 44.39 -30.08 35.72
N VAL G 19 45.54 -29.79 35.11
CA VAL G 19 46.72 -29.35 35.85
C VAL G 19 46.72 -27.82 35.91
N ASN G 20 46.58 -27.29 37.12
CA ASN G 20 46.65 -25.85 37.35
C ASN G 20 48.07 -25.34 37.50
N GLY G 21 48.97 -26.15 38.05
CA GLY G 21 50.36 -25.74 38.22
C GLY G 21 51.22 -26.91 38.61
N CYS G 22 52.54 -26.73 38.43
CA CYS G 22 53.49 -27.77 38.78
C CYS G 22 54.81 -27.15 39.22
N VAL G 23 55.45 -27.79 40.21
CA VAL G 23 56.77 -27.36 40.68
C VAL G 23 57.68 -28.57 40.80
N THR G 24 58.99 -28.30 40.74
CA THR G 24 60.04 -29.31 40.94
C THR G 24 61.01 -28.83 42.00
N GLY G 25 61.48 -29.76 42.82
CA GLY G 25 62.43 -29.42 43.84
C GLY G 25 62.85 -30.64 44.62
N HIS G 26 63.32 -30.41 45.83
CA HIS G 26 63.79 -31.45 46.72
C HIS G 26 62.95 -31.37 48.00
N PHE G 27 61.70 -31.81 47.88
CA PHE G 27 60.69 -31.64 48.92
C PHE G 27 60.62 -32.86 49.85
N THR G 28 60.65 -34.07 49.29
CA THR G 28 60.56 -35.26 50.13
C THR G 28 61.90 -35.61 50.78
N SER G 29 63.02 -35.36 50.09
CA SER G 29 64.34 -35.57 50.65
C SER G 29 65.31 -34.65 49.93
N ALA G 30 66.40 -34.27 50.61
CA ALA G 30 67.38 -33.41 49.99
C ALA G 30 68.06 -34.04 48.77
N GLU G 31 67.90 -35.35 48.58
CA GLU G 31 68.53 -36.08 47.48
C GLU G 31 67.59 -36.33 46.32
N ASP G 32 66.32 -36.65 46.59
CA ASP G 32 65.40 -36.97 45.51
C ASP G 32 65.02 -35.71 44.74
N LEU G 33 64.74 -35.89 43.46
CA LEU G 33 64.14 -34.86 42.62
C LEU G 33 62.65 -35.14 42.51
N ASN G 34 61.83 -34.19 42.96
CA ASN G 34 60.40 -34.38 43.05
C ASN G 34 59.67 -33.51 42.04
N LEU G 35 58.51 -33.99 41.62
CA LEU G 35 57.56 -33.21 40.84
C LEU G 35 56.25 -33.12 41.62
N LEU G 36 55.90 -31.91 42.05
CA LEU G 36 54.62 -31.66 42.71
C LEU G 36 53.67 -31.10 41.66
N ILE G 37 52.56 -31.80 41.43
CA ILE G 37 51.56 -31.40 40.44
C ILE G 37 50.31 -30.99 41.20
N ALA G 38 49.80 -29.81 40.89
CA ALA G 38 48.63 -29.27 41.56
C ALA G 38 47.46 -29.33 40.58
N LYS G 39 46.47 -30.14 40.89
CA LYS G 39 45.17 -30.06 40.26
C LYS G 39 44.25 -29.40 41.28
N ASN G 40 43.13 -28.86 40.81
CA ASN G 40 42.31 -28.03 41.69
C ASN G 40 42.02 -28.78 43.00
N THR G 41 42.62 -28.30 44.10
CA THR G 41 42.47 -28.78 45.46
C THR G 41 43.28 -30.04 45.75
N ARG G 42 43.96 -30.63 44.77
CA ARG G 42 44.68 -31.88 44.98
C ARG G 42 46.17 -31.60 44.80
N LEU G 43 46.99 -32.08 45.72
CA LEU G 43 48.42 -31.95 45.59
C LEU G 43 48.98 -33.35 45.37
N GLU G 44 49.66 -33.54 44.25
CA GLU G 44 50.25 -34.81 43.88
C GLU G 44 51.77 -34.67 43.97
N ILE G 45 52.40 -35.59 44.71
CA ILE G 45 53.84 -35.59 44.91
C ILE G 45 54.42 -36.80 44.20
N TYR G 46 55.40 -36.56 43.34
CA TYR G 46 56.08 -37.60 42.59
C TYR G 46 57.57 -37.51 42.87
N VAL G 47 58.27 -38.62 42.63
CA VAL G 47 59.73 -38.64 42.64
C VAL G 47 60.20 -38.93 41.23
N VAL G 48 61.10 -38.11 40.74
CA VAL G 48 61.60 -38.23 39.37
C VAL G 48 62.60 -39.37 39.33
N THR G 49 62.37 -40.31 38.43
CA THR G 49 63.26 -41.44 38.20
C THR G 49 63.75 -41.39 36.75
N ALA G 50 64.63 -42.33 36.40
CA ALA G 50 65.11 -42.42 35.03
C ALA G 50 64.03 -42.94 34.08
N GLU G 51 63.02 -43.61 34.60
CA GLU G 51 61.95 -44.19 33.80
C GLU G 51 60.76 -43.26 33.58
N GLY G 52 60.44 -42.46 34.59
CA GLY G 52 59.19 -41.73 34.64
C GLY G 52 58.95 -41.26 36.06
N LEU G 53 57.72 -40.86 36.32
CA LEU G 53 57.32 -40.43 37.66
C LEU G 53 56.91 -41.58 38.57
N ARG G 54 57.37 -41.52 39.82
CA ARG G 54 56.97 -42.46 40.87
C ARG G 54 56.10 -41.75 41.90
N PRO G 55 54.84 -42.14 42.08
CA PRO G 55 53.99 -41.47 43.08
C PRO G 55 54.44 -41.75 44.51
N VAL G 56 54.24 -40.76 45.37
CA VAL G 56 54.70 -40.81 46.75
C VAL G 56 53.54 -40.61 47.73
N LYS G 57 52.70 -39.62 47.48
CA LYS G 57 51.62 -39.24 48.39
C LYS G 57 50.70 -38.29 47.65
N GLU G 58 49.41 -38.41 47.94
CA GLU G 58 48.45 -37.42 47.46
C GLU G 58 47.62 -36.97 48.65
N VAL G 59 47.45 -35.67 48.79
CA VAL G 59 46.65 -35.08 49.84
C VAL G 59 45.63 -34.17 49.17
N GLY G 60 44.49 -34.02 49.82
CA GLY G 60 43.53 -33.01 49.46
C GLY G 60 43.68 -31.83 50.40
N MET G 61 43.29 -30.66 49.92
CA MET G 61 43.28 -29.46 50.71
C MET G 61 41.89 -28.85 50.67
N TYR G 62 41.51 -28.21 51.77
CA TYR G 62 40.22 -27.55 51.88
C TYR G 62 40.30 -26.13 51.30
N GLY G 63 40.56 -26.07 50.00
CA GLY G 63 40.77 -24.81 49.30
C GLY G 63 41.28 -25.02 47.88
N LYS G 64 41.01 -24.06 46.99
CA LYS G 64 41.58 -24.13 45.63
C LYS G 64 43.03 -23.66 45.70
N ILE G 65 43.95 -24.45 45.15
CA ILE G 65 45.37 -24.12 45.22
C ILE G 65 45.66 -23.01 44.21
N ALA G 66 45.99 -21.81 44.71
CA ALA G 66 46.27 -20.67 43.85
C ALA G 66 47.77 -20.45 43.62
N VAL G 67 48.57 -20.52 44.67
CA VAL G 67 50.02 -20.39 44.57
C VAL G 67 50.64 -21.63 45.21
N MET G 68 51.56 -22.25 44.49
CA MET G 68 52.29 -23.41 44.99
C MET G 68 53.75 -23.20 44.62
N GLU G 69 54.60 -23.07 45.64
CA GLU G 69 56.01 -22.77 45.39
C GLU G 69 56.87 -23.46 46.43
N LEU G 70 58.02 -23.94 45.99
CA LEU G 70 58.99 -24.62 46.85
C LEU G 70 60.15 -23.70 47.18
N PHE G 71 60.58 -23.73 48.43
CA PHE G 71 61.69 -22.91 48.89
C PHE G 71 62.47 -23.65 49.97
N ARG G 72 63.72 -23.21 50.17
CA ARG G 72 64.63 -23.81 51.13
C ARG G 72 65.33 -22.74 51.96
N PRO G 73 64.80 -22.40 53.13
CA PRO G 73 65.47 -21.38 53.96
C PRO G 73 66.73 -21.93 54.60
N LYS G 74 67.67 -21.03 54.86
CA LYS G 74 68.95 -21.41 55.46
C LYS G 74 68.72 -22.21 56.74
N GLY G 75 69.35 -23.38 56.81
CA GLY G 75 69.22 -24.25 57.96
C GLY G 75 68.36 -25.47 57.74
N GLU G 76 67.57 -25.51 56.67
CA GLU G 76 66.72 -26.66 56.40
C GLU G 76 67.50 -27.68 55.60
N SER G 77 67.24 -28.96 55.89
CA SER G 77 67.90 -30.04 55.16
C SER G 77 67.31 -30.20 53.76
N LYS G 78 66.05 -29.82 53.60
CA LYS G 78 65.34 -30.06 52.35
C LYS G 78 64.30 -28.96 52.16
N ASP G 79 63.68 -28.97 50.97
CA ASP G 79 62.74 -27.92 50.60
C ASP G 79 61.45 -27.98 51.40
N LEU G 80 60.88 -26.80 51.61
CA LEU G 80 59.55 -26.63 52.16
C LEU G 80 58.59 -26.17 51.06
N LEU G 81 57.30 -26.33 51.31
CA LEU G 81 56.26 -26.01 50.35
C LEU G 81 55.39 -24.88 50.87
N PHE G 82 55.23 -23.85 50.05
CA PHE G 82 54.29 -22.76 50.35
C PHE G 82 53.06 -22.92 49.47
N ILE G 83 51.88 -22.78 50.08
CA ILE G 83 50.62 -22.81 49.35
C ILE G 83 49.70 -21.73 49.86
N LEU G 84 49.02 -21.06 48.93
CA LEU G 84 47.98 -20.07 49.23
C LEU G 84 46.73 -20.46 48.46
N THR G 85 45.59 -20.54 49.14
CA THR G 85 44.37 -20.95 48.47
C THR G 85 43.64 -19.74 47.90
N ALA G 86 42.62 -20.02 47.07
CA ALA G 86 41.84 -18.96 46.45
C ALA G 86 41.04 -18.15 47.48
N LYS G 87 40.81 -18.70 48.66
CA LYS G 87 40.21 -17.97 49.77
C LYS G 87 41.26 -17.33 50.68
N TYR G 88 42.52 -17.32 50.26
CA TYR G 88 43.61 -16.64 50.97
C TYR G 88 44.05 -17.40 52.22
N ASN G 89 43.95 -18.72 52.21
CA ASN G 89 44.52 -19.57 53.25
C ASN G 89 45.98 -19.83 52.92
N ALA G 90 46.89 -19.37 53.77
CA ALA G 90 48.30 -19.58 53.56
C ALA G 90 48.82 -20.64 54.51
N CYS G 91 49.86 -21.36 54.06
CA CYS G 91 50.48 -22.36 54.90
C CYS G 91 51.84 -22.70 54.31
N ILE G 92 52.75 -23.14 55.18
CA ILE G 92 54.03 -23.69 54.80
C ILE G 92 54.05 -25.14 55.25
N LEU G 93 54.35 -26.04 54.33
CA LEU G 93 54.21 -27.46 54.55
C LEU G 93 55.57 -28.12 54.51
N GLU G 94 55.69 -29.19 55.30
CA GLU G 94 56.90 -30.00 55.34
C GLU G 94 56.48 -31.44 55.10
N TYR G 95 57.20 -32.12 54.22
CA TYR G 95 57.01 -33.54 54.03
C TYR G 95 57.77 -34.27 55.12
N LYS G 96 57.08 -35.14 55.86
CA LYS G 96 57.74 -35.90 56.92
C LYS G 96 57.24 -37.33 56.85
N GLN G 97 58.18 -38.27 56.75
CA GLN G 97 57.87 -39.68 56.62
C GLN G 97 58.77 -40.47 57.56
N SER G 98 58.15 -41.34 58.36
CA SER G 98 58.85 -42.23 59.28
C SER G 98 58.36 -43.65 58.98
N GLY G 99 59.16 -44.41 58.24
CA GLY G 99 58.75 -45.73 57.78
C GLY G 99 57.67 -45.62 56.71
N GLU G 100 56.54 -46.30 56.91
CA GLU G 100 55.47 -46.29 55.94
C GLU G 100 54.49 -45.14 56.14
N SER G 101 54.57 -44.46 57.29
CA SER G 101 53.63 -43.42 57.66
C SER G 101 54.07 -42.10 57.05
N ILE G 102 53.28 -41.57 56.13
CA ILE G 102 53.58 -40.31 55.47
C ILE G 102 52.67 -39.23 56.03
N ASP G 103 53.27 -38.12 56.40
CA ASP G 103 52.53 -36.97 56.90
C ASP G 103 53.02 -35.74 56.16
N ILE G 104 52.16 -34.75 56.06
CA ILE G 104 52.54 -33.42 55.59
C ILE G 104 52.29 -32.50 56.76
N ILE G 105 53.36 -31.93 57.28
CA ILE G 105 53.30 -31.17 58.52
C ILE G 105 53.09 -29.72 58.17
N THR G 106 52.15 -29.07 58.85
CA THR G 106 51.89 -27.65 58.67
C THR G 106 52.75 -26.89 59.67
N ARG G 107 53.82 -26.28 59.18
CA ARG G 107 54.73 -25.55 60.05
C ARG G 107 54.26 -24.13 60.34
N ALA G 108 53.53 -23.53 59.41
CA ALA G 108 52.99 -22.19 59.60
C ALA G 108 51.69 -22.12 58.83
N HIS G 109 50.75 -21.32 59.33
CA HIS G 109 49.47 -21.20 58.63
C HIS G 109 48.80 -19.90 59.05
N GLY G 110 47.94 -19.40 58.17
CA GLY G 110 47.19 -18.19 58.44
C GLY G 110 46.45 -17.75 57.20
N ASN G 111 45.58 -16.77 57.39
CA ASN G 111 44.78 -16.20 56.32
C ASN G 111 45.26 -14.78 56.06
N VAL G 112 45.56 -14.45 54.81
CA VAL G 112 46.18 -13.18 54.47
C VAL G 112 45.20 -12.19 53.86
N GLN G 113 43.90 -12.45 53.96
CA GLN G 113 42.92 -11.57 53.36
C GLN G 113 42.96 -10.20 54.04
N ASP G 114 42.84 -9.15 53.24
CA ASP G 114 42.77 -7.79 53.75
C ASP G 114 41.32 -7.34 53.81
N ARG G 115 40.98 -6.58 54.85
CA ARG G 115 39.60 -6.12 54.97
C ARG G 115 39.20 -5.25 53.78
N ILE G 116 40.11 -4.40 53.31
CA ILE G 116 39.83 -3.49 52.21
C ILE G 116 40.87 -3.68 51.11
N GLY G 117 40.40 -4.07 49.93
CA GLY G 117 41.27 -4.18 48.78
C GLY G 117 40.45 -4.46 47.53
N ARG G 118 41.04 -4.15 46.38
CA ARG G 118 40.42 -4.47 45.10
C ARG G 118 41.16 -5.66 44.50
N PRO G 119 40.53 -6.81 44.34
CA PRO G 119 41.22 -7.94 43.71
C PRO G 119 41.77 -7.55 42.35
N SER G 120 43.00 -8.00 42.07
CA SER G 120 43.72 -7.58 40.87
C SER G 120 43.18 -8.29 39.64
N GLU G 121 43.40 -7.67 38.49
CA GLU G 121 42.89 -8.20 37.23
C GLU G 121 43.61 -9.50 36.84
N THR G 122 44.94 -9.53 36.95
CA THR G 122 45.70 -10.70 36.53
C THR G 122 45.85 -11.76 37.63
N GLY G 123 45.10 -11.62 38.74
CA GLY G 123 45.01 -12.67 39.73
C GLY G 123 46.11 -12.71 40.78
N ILE G 124 45.95 -13.67 41.70
CA ILE G 124 46.90 -13.83 42.79
C ILE G 124 48.26 -14.21 42.22
N ILE G 125 49.29 -13.49 42.65
CA ILE G 125 50.67 -13.82 42.30
C ILE G 125 51.44 -14.06 43.58
N GLY G 126 52.22 -15.15 43.61
CA GLY G 126 53.07 -15.44 44.74
C GLY G 126 54.50 -15.69 44.29
N ILE G 127 55.44 -15.03 44.93
CA ILE G 127 56.86 -15.15 44.60
C ILE G 127 57.62 -15.22 45.92
N ILE G 128 58.81 -15.81 45.88
CA ILE G 128 59.63 -15.96 47.07
C ILE G 128 61.05 -15.49 46.75
N ASP G 129 61.66 -14.81 47.71
CA ASP G 129 62.99 -14.24 47.53
C ASP G 129 64.03 -15.33 47.29
N PRO G 130 65.05 -15.07 46.47
CA PRO G 130 66.11 -16.07 46.27
C PRO G 130 66.83 -16.46 47.55
N GLU G 131 66.92 -15.54 48.51
CA GLU G 131 67.53 -15.81 49.79
C GLU G 131 66.54 -16.36 50.80
N CYS G 132 65.32 -16.67 50.36
CA CYS G 132 64.26 -17.14 51.26
C CYS G 132 64.14 -16.21 52.47
N ARG G 133 64.15 -14.90 52.19
CA ARG G 133 63.96 -13.87 53.21
C ARG G 133 62.49 -13.50 53.39
N MET G 134 61.68 -13.62 52.34
CA MET G 134 60.30 -13.19 52.42
C MET G 134 59.48 -13.86 51.32
N ILE G 135 58.17 -13.86 51.50
CA ILE G 135 57.21 -14.25 50.48
C ILE G 135 56.50 -13.00 50.02
N GLY G 136 56.52 -12.75 48.70
CA GLY G 136 55.78 -11.64 48.12
C GLY G 136 54.44 -12.11 47.56
N LEU G 137 53.39 -11.35 47.86
CA LEU G 137 52.06 -11.64 47.35
C LEU G 137 51.48 -10.39 46.70
N ARG G 138 50.95 -10.55 45.49
CA ARG G 138 50.20 -9.49 44.82
C ARG G 138 48.73 -9.93 44.85
N LEU G 139 48.01 -9.48 45.87
CA LEU G 139 46.61 -9.86 46.02
C LEU G 139 45.66 -8.78 45.54
N TYR G 140 45.98 -7.52 45.79
CA TYR G 140 45.09 -6.42 45.47
C TYR G 140 45.85 -5.37 44.67
N ASP G 141 45.12 -4.65 43.83
CA ASP G 141 45.70 -3.55 43.08
C ASP G 141 46.19 -2.48 44.04
N GLY G 142 47.41 -2.00 43.81
CA GLY G 142 47.96 -0.90 44.57
C GLY G 142 48.55 -1.25 45.91
N LEU G 143 48.54 -2.52 46.30
CA LEU G 143 49.12 -2.97 47.55
C LEU G 143 49.96 -4.22 47.30
N PHE G 144 51.13 -4.26 47.94
CA PHE G 144 52.04 -5.38 47.92
C PHE G 144 52.16 -5.92 49.33
N LYS G 145 51.93 -7.22 49.50
CA LYS G 145 51.94 -7.85 50.81
C LYS G 145 53.24 -8.63 50.98
N VAL G 146 53.89 -8.48 52.14
CA VAL G 146 55.13 -9.17 52.45
C VAL G 146 54.91 -10.02 53.70
N ILE G 147 55.14 -11.32 53.58
CA ILE G 147 55.25 -12.22 54.74
C ILE G 147 56.72 -12.44 54.99
N PRO G 148 57.32 -11.89 56.05
CA PRO G 148 58.73 -12.15 56.32
C PRO G 148 58.95 -13.57 56.80
N LEU G 149 60.00 -14.21 56.28
CA LEU G 149 60.30 -15.60 56.59
C LEU G 149 61.21 -15.70 57.82
N ASP G 150 60.63 -15.34 58.97
CA ASP G 150 61.25 -15.56 60.27
C ASP G 150 60.89 -16.95 60.75
N ARG G 151 61.80 -17.57 61.51
CA ARG G 151 61.54 -18.91 62.02
C ARG G 151 60.33 -18.91 62.95
N ASP G 152 60.08 -17.80 63.64
CA ASP G 152 59.01 -17.71 64.61
C ASP G 152 57.66 -17.29 64.01
N ASN G 153 57.63 -16.91 62.73
CA ASN G 153 56.40 -16.42 62.12
C ASN G 153 55.49 -17.57 61.71
N LYS G 154 55.05 -18.34 62.71
CA LYS G 154 54.20 -19.51 62.47
C LYS G 154 52.76 -19.13 62.16
N GLU G 155 52.33 -17.88 62.43
CA GLU G 155 51.02 -17.40 62.03
C GLU G 155 51.03 -16.66 60.70
N LEU G 156 52.19 -16.56 60.05
CA LEU G 156 52.32 -15.88 58.76
C LEU G 156 51.76 -14.46 58.81
N LYS G 157 52.15 -13.72 59.86
CA LYS G 157 51.76 -12.32 59.94
C LYS G 157 52.46 -11.54 58.82
N ALA G 158 51.77 -10.54 58.29
CA ALA G 158 52.28 -9.85 57.11
C ALA G 158 51.88 -8.39 57.15
N PHE G 159 52.60 -7.59 56.36
CA PHE G 159 52.36 -6.16 56.22
C PHE G 159 52.28 -5.85 54.75
N ASN G 160 51.59 -4.75 54.41
CA ASN G 160 51.45 -4.33 53.03
C ASN G 160 52.30 -3.10 52.79
N ILE G 161 52.95 -3.07 51.63
CA ILE G 161 53.72 -1.93 51.16
C ILE G 161 52.93 -1.30 50.03
N ARG G 162 52.64 -0.01 50.14
CA ARG G 162 51.86 0.64 49.09
C ARG G 162 52.60 0.56 47.76
N LEU G 163 51.85 0.24 46.71
CA LEU G 163 52.41 0.14 45.37
C LEU G 163 51.76 1.24 44.55
N GLU G 164 52.60 2.15 44.04
CA GLU G 164 52.07 3.28 43.27
C GLU G 164 51.43 2.81 41.98
N GLU G 165 52.06 1.84 41.31
CA GLU G 165 51.59 1.32 40.03
C GLU G 165 50.42 0.37 40.28
N LEU G 166 49.21 0.83 39.98
CA LEU G 166 48.02 0.11 40.40
C LEU G 166 47.78 -1.16 39.58
N HIS G 167 48.03 -1.11 38.27
CA HIS G 167 47.72 -2.24 37.39
C HIS G 167 49.04 -2.96 37.09
N VAL G 168 49.29 -4.05 37.82
CA VAL G 168 50.52 -4.82 37.69
C VAL G 168 50.18 -6.10 36.92
N ILE G 169 50.97 -6.40 35.90
CA ILE G 169 50.73 -7.57 35.06
C ILE G 169 51.40 -8.81 35.63
N ASP G 170 52.69 -8.73 35.93
CA ASP G 170 53.42 -9.88 36.47
C ASP G 170 54.64 -9.37 37.23
N VAL G 171 55.08 -10.16 38.22
CA VAL G 171 56.20 -9.77 39.08
C VAL G 171 57.01 -11.00 39.46
N LYS G 172 58.31 -10.76 39.65
CA LYS G 172 59.25 -11.77 40.11
C LYS G 172 60.29 -11.09 41.01
N PHE G 173 60.84 -11.84 41.96
CA PHE G 173 62.03 -11.40 42.66
C PHE G 173 63.22 -11.60 41.73
N LEU G 174 64.15 -10.63 41.72
CA LEU G 174 65.28 -10.72 40.81
C LEU G 174 66.46 -11.41 41.49
N TYR G 175 67.31 -12.02 40.68
CA TYR G 175 68.47 -12.74 41.17
C TYR G 175 69.72 -11.86 41.20
N GLY G 176 70.57 -12.12 42.19
CA GLY G 176 71.88 -11.49 42.26
C GLY G 176 71.89 -10.05 42.70
N CYS G 177 70.95 -9.65 43.53
CA CYS G 177 70.87 -8.27 43.96
C CYS G 177 71.45 -8.09 45.35
N GLN G 178 71.99 -6.89 45.57
CA GLN G 178 72.59 -6.55 46.85
C GLN G 178 71.54 -6.62 47.96
N ALA G 179 70.30 -6.28 47.63
CA ALA G 179 69.14 -6.37 48.50
C ALA G 179 68.02 -7.14 47.81
N PRO G 180 67.04 -7.64 48.57
CA PRO G 180 65.85 -8.24 47.94
C PRO G 180 65.15 -7.26 47.01
N THR G 181 64.99 -7.65 45.75
CA THR G 181 64.46 -6.78 44.70
C THR G 181 63.39 -7.45 43.86
N ILE G 182 62.33 -6.69 43.54
CA ILE G 182 61.27 -7.13 42.64
C ILE G 182 61.35 -6.39 41.31
N CYS G 183 60.98 -7.09 40.24
CA CYS G 183 60.85 -6.54 38.90
C CYS G 183 59.42 -6.77 38.44
N PHE G 184 58.77 -5.75 37.90
CA PHE G 184 57.37 -5.92 37.51
C PHE G 184 57.07 -5.15 36.23
N VAL G 185 56.15 -5.70 35.44
CA VAL G 185 55.57 -5.03 34.29
C VAL G 185 54.21 -4.52 34.73
N TYR G 186 53.95 -3.25 34.50
CA TYR G 186 52.70 -2.64 34.90
C TYR G 186 52.16 -1.84 33.73
N GLN G 187 50.85 -1.60 33.77
CA GLN G 187 50.18 -0.88 32.70
C GLN G 187 49.52 0.37 33.26
N ASP G 188 49.71 1.47 32.57
CA ASP G 188 49.09 2.75 32.86
C ASP G 188 48.65 3.35 31.53
N PRO G 189 48.07 4.55 31.52
CA PRO G 189 47.59 5.10 30.24
C PRO G 189 48.68 5.35 29.21
N GLN G 190 49.95 5.35 29.60
CA GLN G 190 51.05 5.65 28.69
C GLN G 190 51.65 4.40 28.05
N GLY G 191 51.03 3.24 28.22
CA GLY G 191 51.54 1.99 27.72
C GLY G 191 51.90 1.06 28.85
N ARG G 192 52.71 0.03 28.58
CA ARG G 192 53.19 -0.86 29.62
C ARG G 192 54.67 -0.57 29.85
N HIS G 193 55.12 -0.74 31.08
CA HIS G 193 56.48 -0.40 31.46
C HIS G 193 57.02 -1.47 32.38
N VAL G 194 58.34 -1.53 32.50
CA VAL G 194 59.02 -2.40 33.45
C VAL G 194 59.76 -1.52 34.46
N LYS G 195 59.65 -1.87 35.73
CA LYS G 195 60.17 -1.05 36.82
C LYS G 195 60.68 -1.98 37.91
N THR G 196 61.59 -1.47 38.74
CA THR G 196 62.14 -2.23 39.85
C THR G 196 62.01 -1.44 41.15
N TYR G 197 61.81 -2.17 42.23
CA TYR G 197 61.83 -1.62 43.59
C TYR G 197 62.67 -2.54 44.46
N GLU G 198 63.20 -1.99 45.54
CA GLU G 198 63.87 -2.76 46.59
C GLU G 198 62.98 -2.82 47.81
N VAL G 199 62.95 -3.99 48.45
CA VAL G 199 62.03 -4.26 49.56
C VAL G 199 62.83 -4.24 50.86
N SER G 200 62.41 -3.38 51.79
CA SER G 200 63.04 -3.26 53.10
C SER G 200 62.11 -3.87 54.14
N LEU G 201 62.51 -5.03 54.68
CA LEU G 201 61.76 -5.61 55.78
C LEU G 201 61.83 -4.74 57.03
N ARG G 202 62.95 -4.04 57.21
CA ARG G 202 63.13 -3.21 58.40
C ARG G 202 62.25 -1.97 58.35
N GLU G 203 62.29 -1.24 57.24
CA GLU G 203 61.51 -0.03 57.10
C GLU G 203 60.08 -0.29 56.66
N LYS G 204 59.78 -1.49 56.16
CA LYS G 204 58.44 -1.82 55.68
C LYS G 204 58.02 -0.82 54.60
N GLU G 205 58.88 -0.64 53.61
CA GLU G 205 58.60 0.27 52.50
C GLU G 205 59.46 -0.14 51.31
N PHE G 206 59.16 0.46 50.16
CA PHE G 206 59.96 0.28 48.96
C PHE G 206 61.04 1.36 48.89
N ASN G 207 62.22 0.99 48.39
CA ASN G 207 63.27 1.96 48.10
C ASN G 207 63.56 1.92 46.60
N LYS G 208 64.13 3.02 46.09
CA LYS G 208 64.41 3.11 44.66
C LYS G 208 65.13 1.84 44.20
N GLY G 209 64.71 1.32 43.06
CA GLY G 209 65.18 0.05 42.57
C GLY G 209 66.51 0.16 41.85
N PRO G 210 67.12 -1.00 41.60
CA PRO G 210 68.47 -0.99 41.00
C PRO G 210 68.55 -0.39 39.60
N TRP G 211 67.52 -0.51 38.75
CA TRP G 211 67.64 0.10 37.43
C TRP G 211 66.36 0.82 37.01
N LYS G 212 66.50 1.66 36.00
CA LYS G 212 65.45 2.60 35.60
C LYS G 212 64.33 1.88 34.84
N GLN G 213 63.21 2.57 34.71
CA GLN G 213 62.08 2.08 33.93
C GLN G 213 62.43 2.04 32.44
N GLU G 214 61.86 1.04 31.75
CA GLU G 214 61.93 0.92 30.31
C GLU G 214 60.53 0.71 29.75
N ASN G 215 60.19 1.43 28.68
CA ASN G 215 58.95 1.15 27.97
C ASN G 215 59.03 -0.19 27.26
N VAL G 216 57.97 -0.98 27.37
CA VAL G 216 57.95 -2.35 26.86
C VAL G 216 56.75 -2.54 25.96
N GLU G 217 56.70 -3.70 25.31
CA GLU G 217 55.64 -4.03 24.37
C GLU G 217 54.26 -3.84 25.02
N ALA G 218 53.30 -3.41 24.21
CA ALA G 218 51.96 -3.15 24.72
C ALA G 218 51.33 -4.38 25.35
N GLU G 219 51.65 -5.57 24.85
CA GLU G 219 51.11 -6.82 25.38
C GLU G 219 52.17 -7.61 26.14
N ALA G 220 53.13 -6.93 26.75
CA ALA G 220 54.09 -7.61 27.62
C ALA G 220 53.36 -8.41 28.67
N SER G 221 53.59 -9.73 28.66
CA SER G 221 52.79 -10.66 29.45
C SER G 221 53.50 -11.24 30.66
N MET G 222 54.76 -11.66 30.54
CA MET G 222 55.39 -12.44 31.59
C MET G 222 56.79 -11.93 31.91
N VAL G 223 57.19 -12.11 33.17
CA VAL G 223 58.51 -11.74 33.65
C VAL G 223 59.26 -13.01 34.03
N ILE G 224 60.49 -13.14 33.54
CA ILE G 224 61.37 -14.26 33.88
C ILE G 224 62.56 -13.70 34.64
N ALA G 225 62.81 -14.25 35.81
CA ALA G 225 63.98 -13.88 36.60
C ALA G 225 65.18 -14.68 36.10
N VAL G 226 66.17 -14.01 35.53
CA VAL G 226 67.28 -14.73 34.88
C VAL G 226 68.30 -14.99 35.99
N PRO G 227 68.87 -16.19 36.07
CA PRO G 227 69.71 -16.53 37.23
C PRO G 227 71.02 -15.76 37.23
N GLU G 228 71.78 -15.96 38.29
CA GLU G 228 72.87 -15.04 38.60
C GLU G 228 73.94 -14.92 37.52
N PRO G 229 74.30 -15.98 36.78
CA PRO G 229 75.36 -15.79 35.77
C PRO G 229 75.09 -14.62 34.84
N PHE G 230 73.84 -14.43 34.43
CA PHE G 230 73.41 -13.30 33.61
C PHE G 230 72.77 -12.22 34.46
N GLY G 231 71.80 -12.61 35.28
CA GLY G 231 71.06 -11.68 36.10
C GLY G 231 70.02 -10.94 35.29
N GLY G 232 69.18 -10.21 36.01
CA GLY G 232 68.21 -9.38 35.32
C GLY G 232 66.95 -10.17 34.98
N ALA G 233 66.23 -9.74 33.94
CA ALA G 233 64.96 -10.35 33.62
C ALA G 233 64.72 -10.39 32.12
N ILE G 234 63.89 -11.35 31.70
CA ILE G 234 63.39 -11.44 30.34
C ILE G 234 61.89 -11.18 30.38
N ILE G 235 61.40 -10.41 29.42
CA ILE G 235 59.98 -10.04 29.36
C ILE G 235 59.41 -10.54 28.04
N ILE G 236 58.41 -11.41 28.14
CA ILE G 236 57.78 -12.08 27.02
C ILE G 236 56.51 -11.33 26.64
N GLY G 237 56.34 -11.04 25.36
CA GLY G 237 55.14 -10.41 24.86
C GLY G 237 54.44 -11.23 23.80
N GLN G 238 53.66 -10.58 22.94
CA GLN G 238 53.05 -11.24 21.79
C GLN G 238 53.99 -11.26 20.59
N GLU G 239 54.73 -10.16 20.37
CA GLU G 239 55.60 -10.04 19.21
C GLU G 239 57.09 -10.06 19.53
N SER G 240 57.48 -9.68 20.74
CA SER G 240 58.89 -9.50 21.04
C SER G 240 59.25 -10.10 22.39
N ILE G 241 60.50 -10.51 22.51
CA ILE G 241 61.11 -10.94 23.76
C ILE G 241 62.28 -10.01 24.04
N THR G 242 62.34 -9.48 25.25
CA THR G 242 63.35 -8.50 25.62
C THR G 242 64.01 -8.90 26.93
N TYR G 243 65.27 -8.49 27.07
CA TYR G 243 66.06 -8.68 28.28
C TYR G 243 66.39 -7.31 28.84
N HIS G 244 66.21 -7.14 30.15
CA HIS G 244 66.52 -5.89 30.82
C HIS G 244 67.43 -6.18 32.00
N ASN G 245 68.49 -5.40 32.14
CA ASN G 245 69.35 -5.46 33.31
C ASN G 245 70.25 -4.23 33.36
N GLY G 246 69.85 -3.22 34.11
CA GLY G 246 70.65 -2.00 34.21
C GLY G 246 70.83 -1.34 32.85
N ASP G 247 72.08 -1.30 32.39
CA ASP G 247 72.38 -0.65 31.12
C ASP G 247 72.17 -1.58 29.93
N LYS G 248 72.09 -2.88 30.17
CA LYS G 248 71.96 -3.86 29.10
C LYS G 248 70.51 -4.02 28.68
N TYR G 249 70.28 -4.05 27.37
CA TYR G 249 68.96 -4.24 26.79
C TYR G 249 69.09 -5.04 25.51
N LEU G 250 68.35 -6.13 25.41
CA LEU G 250 68.27 -6.92 24.19
C LEU G 250 66.80 -7.00 23.80
N ALA G 251 66.55 -7.17 22.51
CA ALA G 251 65.20 -7.38 22.02
C ALA G 251 65.27 -8.20 20.74
N ILE G 252 64.62 -9.36 20.76
CA ILE G 252 64.44 -10.19 19.57
C ILE G 252 62.94 -10.29 19.34
N ALA G 253 62.52 -10.16 18.09
CA ALA G 253 61.11 -10.14 17.71
C ALA G 253 60.91 -11.09 16.54
N PRO G 254 61.06 -12.39 16.77
CA PRO G 254 60.92 -13.35 15.66
C PRO G 254 59.48 -13.47 15.23
N PRO G 255 59.22 -13.52 13.91
CA PRO G 255 57.83 -13.50 13.44
C PRO G 255 57.02 -14.71 13.88
N ILE G 256 57.69 -15.78 14.30
CA ILE G 256 57.00 -17.04 14.54
C ILE G 256 56.17 -16.98 15.80
N ILE G 257 56.65 -16.28 16.84
CA ILE G 257 55.91 -16.24 18.09
C ILE G 257 54.67 -15.37 17.95
N LYS G 258 54.63 -14.48 16.96
CA LYS G 258 53.47 -13.63 16.74
C LYS G 258 52.23 -14.46 16.41
N GLN G 259 52.41 -15.62 15.78
CA GLN G 259 51.28 -16.41 15.31
C GLN G 259 50.38 -16.84 16.46
N SER G 260 50.96 -17.14 17.62
CA SER G 260 50.21 -17.63 18.76
C SER G 260 50.83 -17.10 20.04
N THR G 261 49.97 -16.66 20.94
CA THR G 261 50.40 -16.09 22.21
C THR G 261 51.21 -17.09 23.03
N ILE G 262 52.29 -16.63 23.63
CA ILE G 262 53.11 -17.45 24.52
C ILE G 262 52.53 -17.34 25.92
N VAL G 263 52.20 -18.47 26.54
CA VAL G 263 51.49 -18.46 27.80
C VAL G 263 52.31 -19.00 28.96
N CYS G 264 53.30 -19.86 28.71
CA CYS G 264 54.04 -20.47 29.81
C CYS G 264 55.53 -20.48 29.49
N HIS G 265 56.34 -20.52 30.54
CA HIS G 265 57.79 -20.57 30.41
C HIS G 265 58.36 -21.45 31.52
N ASN G 266 59.55 -21.96 31.28
CA ASN G 266 60.27 -22.71 32.30
C ASN G 266 61.77 -22.65 32.02
N ARG G 267 62.55 -22.63 33.11
CA ARG G 267 64.00 -22.61 33.02
C ARG G 267 64.52 -24.03 32.89
N VAL G 268 65.39 -24.26 31.91
CA VAL G 268 65.98 -25.58 31.71
C VAL G 268 67.33 -25.63 32.43
N ASP G 269 68.25 -24.77 32.04
CA ASP G 269 69.59 -24.78 32.61
C ASP G 269 69.66 -23.88 33.82
N PRO G 270 70.05 -24.39 35.00
CA PRO G 270 70.23 -23.48 36.15
C PRO G 270 71.16 -22.32 35.85
N ASN G 271 72.11 -22.48 34.91
CA ASN G 271 72.99 -21.35 34.59
C ASN G 271 72.20 -20.22 33.93
N GLY G 272 71.06 -20.52 33.33
CA GLY G 272 70.23 -19.51 32.71
C GLY G 272 70.33 -19.47 31.20
N SER G 273 70.98 -20.45 30.60
CA SER G 273 71.24 -20.41 29.17
C SER G 273 70.01 -20.77 28.35
N ARG G 274 69.16 -21.65 28.85
CA ARG G 274 68.05 -22.18 28.07
C ARG G 274 66.75 -22.14 28.86
N TYR G 275 65.68 -21.71 28.19
CA TYR G 275 64.33 -21.70 28.75
C TYR G 275 63.37 -22.36 27.75
N LEU G 276 62.28 -22.91 28.25
CA LEU G 276 61.21 -23.46 27.41
C LEU G 276 60.04 -22.48 27.35
N LEU G 277 59.43 -22.34 26.17
CA LEU G 277 58.24 -21.51 25.98
C LEU G 277 57.11 -22.31 25.34
N GLY G 278 55.88 -22.04 25.76
CA GLY G 278 54.73 -22.68 25.19
C GLY G 278 53.67 -21.67 24.78
N ASP G 279 52.86 -22.04 23.78
CA ASP G 279 51.87 -21.12 23.24
C ASP G 279 50.51 -21.78 23.12
N MET G 280 49.51 -20.96 22.77
CA MET G 280 48.12 -21.39 22.79
C MET G 280 47.80 -22.40 21.70
N GLU G 281 48.59 -22.45 20.62
CA GLU G 281 48.41 -23.44 19.56
C GLU G 281 49.15 -24.75 19.85
N GLY G 282 49.73 -24.90 21.04
CA GLY G 282 50.40 -26.12 21.42
C GLY G 282 51.85 -26.26 21.02
N ARG G 283 52.46 -25.22 20.47
CA ARG G 283 53.85 -25.26 20.04
C ARG G 283 54.80 -25.06 21.22
N LEU G 284 55.94 -25.74 21.15
CA LEU G 284 56.97 -25.66 22.18
C LEU G 284 58.26 -25.07 21.60
N PHE G 285 58.76 -24.01 22.25
CA PHE G 285 59.95 -23.31 21.81
C PHE G 285 61.05 -23.41 22.86
N MET G 286 62.29 -23.29 22.38
CA MET G 286 63.46 -23.13 23.24
C MET G 286 63.96 -21.69 23.11
N LEU G 287 64.07 -21.00 24.24
CA LEU G 287 64.65 -19.67 24.29
C LEU G 287 66.09 -19.80 24.73
N LEU G 288 67.02 -19.35 23.89
CA LEU G 288 68.44 -19.50 24.15
C LEU G 288 69.08 -18.15 24.44
N LEU G 289 69.87 -18.11 25.51
CA LEU G 289 70.58 -16.91 25.93
C LEU G 289 72.05 -17.05 25.55
N GLU G 290 72.48 -16.26 24.57
CA GLU G 290 73.86 -16.33 24.09
C GLU G 290 74.76 -15.57 25.06
N LYS G 291 75.80 -16.24 25.54
CA LYS G 291 76.63 -15.71 26.60
C LYS G 291 77.85 -14.98 26.03
N GLU G 292 78.35 -14.01 26.79
CA GLU G 292 79.62 -13.37 26.53
C GLU G 292 80.32 -13.37 27.89
N GLU G 293 81.32 -14.24 28.02
CA GLU G 293 82.01 -14.47 29.29
C GLU G 293 83.40 -13.87 29.24
N GLN G 294 83.64 -12.88 30.09
CA GLN G 294 84.94 -12.25 30.19
C GLN G 294 85.85 -13.12 31.05
N MET G 295 87.15 -12.89 30.95
CA MET G 295 88.06 -13.48 31.92
C MET G 295 87.89 -12.87 33.30
N ASP G 296 87.36 -11.64 33.40
CA ASP G 296 86.96 -11.13 34.71
C ASP G 296 85.88 -12.01 35.32
N GLY G 297 85.19 -12.79 34.48
CA GLY G 297 84.08 -13.62 34.90
C GLY G 297 82.71 -12.99 34.74
N THR G 298 82.65 -11.70 34.43
CA THR G 298 81.37 -11.03 34.27
C THR G 298 80.76 -11.44 32.93
N VAL G 299 79.50 -11.84 32.96
CA VAL G 299 78.82 -12.34 31.76
C VAL G 299 77.77 -11.34 31.28
N THR G 300 77.88 -10.95 30.01
CA THR G 300 76.90 -10.12 29.35
C THR G 300 76.24 -10.98 28.28
N LEU G 301 74.99 -10.64 27.95
CA LEU G 301 74.19 -11.44 27.03
C LEU G 301 74.40 -10.90 25.62
N LYS G 302 74.98 -11.72 24.73
CA LYS G 302 75.25 -11.25 23.38
C LYS G 302 73.97 -11.13 22.57
N ASP G 303 73.13 -12.15 22.61
CA ASP G 303 71.87 -12.12 21.88
C ASP G 303 70.97 -13.21 22.42
N LEU G 304 69.72 -13.18 21.97
CA LEU G 304 68.67 -14.13 22.33
C LEU G 304 68.19 -14.85 21.08
N ARG G 305 67.83 -16.11 21.26
CA ARG G 305 67.36 -16.92 20.16
C ARG G 305 66.13 -17.71 20.57
N VAL G 306 65.24 -17.90 19.61
CA VAL G 306 64.04 -18.71 19.79
C VAL G 306 64.04 -19.80 18.73
N GLU G 307 63.80 -21.03 19.15
CA GLU G 307 63.81 -22.19 18.26
C GLU G 307 62.56 -23.02 18.52
N LEU G 308 61.82 -23.33 17.46
CA LEU G 308 60.66 -24.20 17.58
C LEU G 308 61.12 -25.63 17.74
N LEU G 309 60.60 -26.31 18.77
CA LEU G 309 60.94 -27.71 18.98
C LEU G 309 59.89 -28.63 18.36
N GLY G 310 58.61 -28.29 18.51
CA GLY G 310 57.53 -29.15 18.06
C GLY G 310 56.22 -28.72 18.71
N GLU G 311 55.36 -29.73 18.94
CA GLU G 311 54.05 -29.52 19.53
C GLU G 311 53.87 -30.41 20.75
N THR G 312 53.19 -29.88 21.76
CA THR G 312 52.74 -30.62 22.93
C THR G 312 51.24 -30.38 23.05
N SER G 313 50.61 -30.91 24.11
CA SER G 313 49.25 -30.47 24.37
C SER G 313 49.28 -29.00 24.74
N ILE G 314 48.14 -28.32 24.55
CA ILE G 314 48.09 -26.91 24.95
C ILE G 314 48.37 -26.85 26.45
N ALA G 315 49.48 -26.20 26.82
CA ALA G 315 50.05 -26.35 28.16
C ALA G 315 49.79 -25.13 29.02
N GLU G 316 49.20 -25.36 30.20
CA GLU G 316 49.13 -24.32 31.21
C GLU G 316 50.49 -24.10 31.87
N CYS G 317 51.24 -25.17 32.13
CA CYS G 317 52.53 -25.10 32.80
C CYS G 317 53.49 -26.13 32.21
N LEU G 318 54.77 -25.79 32.25
CA LEU G 318 55.85 -26.64 31.80
C LEU G 318 56.86 -26.79 32.92
N THR G 319 57.43 -27.99 33.06
CA THR G 319 58.56 -28.19 33.97
C THR G 319 59.55 -29.15 33.32
N TYR G 320 60.81 -28.74 33.26
CA TYR G 320 61.86 -29.62 32.78
C TYR G 320 62.37 -30.53 33.90
N LEU G 321 62.42 -31.82 33.63
CA LEU G 321 62.94 -32.85 34.53
C LEU G 321 64.32 -33.22 34.00
N ASP G 322 65.09 -33.95 34.80
CA ASP G 322 66.42 -34.34 34.33
C ASP G 322 66.34 -35.28 33.12
N ASN G 323 67.44 -35.32 32.38
CA ASN G 323 67.64 -36.21 31.22
C ASN G 323 66.65 -35.94 30.09
N GLY G 324 66.42 -34.67 29.80
CA GLY G 324 65.65 -34.30 28.62
C GLY G 324 64.16 -34.56 28.68
N VAL G 325 63.63 -34.93 29.84
CA VAL G 325 62.21 -35.19 30.00
C VAL G 325 61.52 -33.92 30.48
N VAL G 326 60.38 -33.60 29.86
CA VAL G 326 59.58 -32.44 30.24
C VAL G 326 58.15 -32.88 30.51
N PHE G 327 57.59 -32.36 31.59
CA PHE G 327 56.20 -32.59 31.95
C PHE G 327 55.34 -31.43 31.45
N VAL G 328 54.41 -31.74 30.56
CA VAL G 328 53.46 -30.77 30.03
C VAL G 328 52.17 -30.87 30.82
N GLY G 329 51.89 -29.80 31.63
CA GLY G 329 50.69 -29.76 32.41
C GLY G 329 49.59 -28.97 31.69
N SER G 330 48.48 -29.65 31.44
CA SER G 330 47.41 -29.09 30.62
C SER G 330 46.09 -29.00 31.38
N ARG G 331 45.39 -27.88 31.16
CA ARG G 331 44.03 -27.67 31.62
C ARG G 331 43.01 -27.88 30.51
N LEU G 332 43.43 -27.65 29.26
CA LEU G 332 42.54 -27.81 28.12
C LEU G 332 42.65 -29.18 27.46
N GLY G 333 43.77 -29.88 27.62
CA GLY G 333 43.94 -31.17 26.99
C GLY G 333 44.57 -32.19 27.91
N ASP G 334 45.13 -33.26 27.34
CA ASP G 334 45.73 -34.31 28.14
C ASP G 334 47.14 -33.91 28.54
N SER G 335 47.44 -34.00 29.83
CA SER G 335 48.80 -33.76 30.32
C SER G 335 49.72 -34.92 29.94
N GLN G 336 51.01 -34.63 29.80
CA GLN G 336 51.92 -35.61 29.24
C GLN G 336 53.35 -35.42 29.75
N LEU G 337 54.14 -36.46 29.54
CA LEU G 337 55.59 -36.44 29.66
C LEU G 337 56.16 -36.60 28.26
N VAL G 338 57.05 -35.69 27.85
CA VAL G 338 57.59 -35.73 26.49
C VAL G 338 59.11 -35.83 26.55
N LYS G 339 59.68 -36.44 25.51
CA LYS G 339 61.12 -36.56 25.36
C LYS G 339 61.60 -35.46 24.43
N LEU G 340 62.55 -34.66 24.88
CA LEU G 340 63.19 -33.65 24.05
C LEU G 340 64.47 -34.26 23.50
N ASN G 341 64.56 -34.34 22.18
CA ASN G 341 65.68 -34.96 21.52
C ASN G 341 66.58 -33.94 20.85
N VAL G 342 67.87 -34.30 20.78
CA VAL G 342 68.83 -33.52 20.00
C VAL G 342 68.55 -33.75 18.52
N ASP G 343 68.06 -34.94 18.18
CA ASP G 343 67.71 -35.28 16.81
C ASP G 343 66.26 -34.96 16.49
N SER G 344 66.03 -34.42 15.31
CA SER G 344 64.68 -34.23 14.78
C SER G 344 64.15 -35.55 14.24
N ASN G 345 62.83 -35.69 14.24
CA ASN G 345 62.20 -36.88 13.68
C ASN G 345 61.89 -36.68 12.20
N GLU G 346 61.11 -37.61 11.64
CA GLU G 346 60.80 -37.64 10.22
C GLU G 346 59.95 -36.45 9.77
N GLN G 347 59.27 -35.79 10.70
CA GLN G 347 58.47 -34.62 10.41
C GLN G 347 59.20 -33.32 10.72
N GLY G 348 60.42 -33.40 11.26
CA GLY G 348 61.16 -32.22 11.66
C GLY G 348 61.02 -31.81 13.11
N SER G 349 60.35 -32.61 13.93
CA SER G 349 60.10 -32.27 15.32
C SER G 349 61.14 -32.90 16.24
N TYR G 350 61.45 -32.18 17.33
CA TYR G 350 62.34 -32.67 18.36
C TYR G 350 61.59 -33.21 19.57
N VAL G 351 60.28 -33.31 19.50
CA VAL G 351 59.44 -33.65 20.65
C VAL G 351 58.74 -34.98 20.39
N VAL G 352 58.86 -35.89 21.36
CA VAL G 352 58.29 -37.24 21.28
C VAL G 352 57.55 -37.58 22.57
N ALA G 353 56.26 -37.87 22.46
CA ALA G 353 55.48 -38.23 23.64
C ALA G 353 55.99 -39.52 24.27
N MET G 354 56.08 -39.53 25.60
CA MET G 354 56.39 -40.72 26.37
C MET G 354 55.15 -41.32 27.02
N GLU G 355 54.43 -40.50 27.78
CA GLU G 355 53.23 -40.91 28.48
C GLU G 355 52.14 -39.87 28.26
N THR G 356 50.90 -40.32 28.35
CA THR G 356 49.72 -39.47 28.24
C THR G 356 48.87 -39.66 29.48
N PHE G 357 48.65 -38.57 30.22
CA PHE G 357 47.83 -38.61 31.42
C PHE G 357 46.45 -38.09 31.05
N THR G 358 45.43 -38.89 31.31
CA THR G 358 44.09 -38.51 30.89
C THR G 358 43.68 -37.26 31.65
N ASN G 359 43.22 -36.26 30.93
CA ASN G 359 42.66 -35.05 31.49
C ASN G 359 41.28 -34.94 30.87
N LEU G 360 40.24 -35.06 31.69
CA LEU G 360 38.88 -34.94 31.17
C LEU G 360 38.64 -33.52 30.67
N GLY G 361 39.64 -32.65 30.83
CA GLY G 361 39.62 -31.32 30.25
C GLY G 361 38.38 -30.56 30.66
N PRO G 362 38.14 -29.40 30.04
CA PRO G 362 36.85 -28.73 30.24
C PRO G 362 35.74 -29.62 29.74
N ILE G 363 34.76 -29.90 30.60
CA ILE G 363 33.61 -30.72 30.22
C ILE G 363 32.52 -29.74 29.83
N VAL G 364 32.44 -29.47 28.53
CA VAL G 364 31.49 -28.48 28.02
C VAL G 364 30.06 -29.01 28.13
N ASP G 365 29.84 -30.28 27.81
CA ASP G 365 28.52 -30.90 27.87
C ASP G 365 28.71 -32.39 28.10
N MET G 366 27.63 -33.06 28.47
CA MET G 366 27.67 -34.51 28.63
C MET G 366 26.26 -35.09 28.62
N CYS G 367 26.17 -36.37 28.23
CA CYS G 367 24.92 -37.13 28.25
C CYS G 367 25.20 -38.53 28.77
N VAL G 368 24.19 -39.13 29.40
CA VAL G 368 24.28 -40.49 29.94
C VAL G 368 23.46 -41.41 29.05
N VAL G 369 24.08 -42.49 28.56
CA VAL G 369 23.42 -43.46 27.69
C VAL G 369 23.96 -44.85 28.02
N ASP G 370 23.03 -45.81 28.15
CA ASP G 370 23.35 -47.22 28.39
C ASP G 370 23.26 -48.00 27.09
N LEU G 371 24.38 -48.11 26.39
CA LEU G 371 24.41 -48.82 25.11
C LEU G 371 24.14 -50.30 25.31
N GLU G 372 24.66 -50.87 26.38
CA GLU G 372 24.54 -52.29 26.68
C GLU G 372 23.19 -52.61 27.32
N ARG G 373 22.37 -51.60 27.55
CA ARG G 373 21.07 -51.80 28.19
C ARG G 373 21.22 -52.58 29.48
N GLN G 374 22.43 -52.57 30.03
CA GLN G 374 22.77 -53.31 31.24
C GLN G 374 22.20 -52.67 32.50
N GLY G 375 21.40 -51.63 32.35
CA GLY G 375 20.92 -50.94 33.53
C GLY G 375 22.00 -50.21 34.27
N GLN G 376 23.17 -50.09 33.66
CA GLN G 376 24.35 -49.46 34.25
C GLN G 376 24.43 -47.99 33.84
N GLY G 377 24.65 -47.74 32.55
CA GLY G 377 24.75 -46.38 32.07
C GLY G 377 26.19 -45.94 31.84
N GLN G 378 26.43 -45.29 30.71
CA GLN G 378 27.72 -44.74 30.33
C GLN G 378 27.62 -43.24 30.07
N LEU G 379 28.72 -42.54 30.36
CA LEU G 379 28.78 -41.09 30.28
C LEU G 379 29.65 -40.68 29.10
N VAL G 380 29.05 -39.99 28.13
CA VAL G 380 29.78 -39.46 26.97
C VAL G 380 29.88 -37.94 27.14
N THR G 381 31.12 -37.42 27.20
CA THR G 381 31.37 -36.02 27.53
C THR G 381 32.01 -35.28 26.35
N CYS G 382 31.58 -34.04 26.14
CA CYS G 382 32.28 -33.11 25.25
C CYS G 382 33.43 -32.49 26.04
N SER G 383 34.66 -32.93 25.80
CA SER G 383 35.78 -32.53 26.64
C SER G 383 36.92 -31.95 25.81
N GLY G 384 37.62 -31.01 26.43
CA GLY G 384 38.76 -30.37 25.80
C GLY G 384 38.32 -29.24 24.88
N ALA G 385 39.31 -28.56 24.31
CA ALA G 385 39.02 -27.49 23.36
C ALA G 385 40.15 -27.37 22.35
N PHE G 386 39.81 -26.79 21.20
CA PHE G 386 40.75 -26.53 20.09
C PHE G 386 41.36 -27.86 19.66
N LYS G 387 42.68 -27.96 19.50
CA LYS G 387 43.28 -29.18 18.97
C LYS G 387 43.19 -30.35 19.94
N GLU G 388 42.90 -30.10 21.20
CA GLU G 388 42.76 -31.12 22.23
C GLU G 388 41.32 -31.59 22.34
N GLY G 389 40.45 -31.18 21.43
CA GLY G 389 39.05 -31.55 21.52
C GLY G 389 38.87 -33.06 21.48
N SER G 390 37.92 -33.54 22.28
CA SER G 390 37.72 -34.97 22.45
C SER G 390 36.27 -35.26 22.85
N LEU G 391 35.89 -36.51 22.63
CA LEU G 391 34.68 -37.12 23.19
C LEU G 391 35.14 -38.28 24.07
N ARG G 392 34.73 -38.29 25.33
CA ARG G 392 35.23 -39.26 26.31
C ARG G 392 34.09 -40.06 26.92
N ILE G 393 34.23 -41.38 26.91
CA ILE G 393 33.23 -42.30 27.43
C ILE G 393 33.68 -42.89 28.76
N ILE G 394 32.85 -42.75 29.81
CA ILE G 394 33.19 -43.18 31.16
C ILE G 394 32.18 -44.20 31.68
N ARG G 395 32.70 -45.32 32.21
CA ARG G 395 31.92 -46.39 32.82
C ARG G 395 32.64 -46.92 34.06
N ASN G 396 31.88 -47.56 34.95
CA ASN G 396 32.42 -48.15 36.17
C ASN G 396 32.95 -49.55 35.95
N GLY G 397 34.14 -49.83 36.49
CA GLY G 397 34.78 -51.12 36.32
C GLY G 397 34.20 -52.18 37.25
N ILE G 398 33.44 -53.11 36.68
CA ILE G 398 32.70 -54.09 37.46
C ILE G 398 33.31 -55.48 37.25
N LYS G 409 37.82 -48.20 40.00
CA LYS G 409 38.18 -47.14 39.07
C LYS G 409 37.26 -47.13 37.85
N LEU G 410 37.35 -46.05 37.09
CA LEU G 410 36.54 -45.79 35.90
C LEU G 410 37.32 -46.05 34.61
N HIS G 411 36.66 -46.70 33.65
CA HIS G 411 37.25 -46.93 32.33
C HIS G 411 36.89 -45.75 31.44
N ILE G 412 37.90 -45.03 30.97
CA ILE G 412 37.73 -43.82 30.17
C ILE G 412 38.35 -44.09 28.80
N ARG G 413 37.56 -43.92 27.75
CA ARG G 413 38.01 -44.08 26.38
C ARG G 413 37.96 -42.73 25.68
N THR G 414 39.04 -42.36 24.99
CA THR G 414 39.16 -41.06 24.36
C THR G 414 38.91 -41.21 22.86
N VAL G 415 37.99 -40.41 22.34
CA VAL G 415 37.73 -40.30 20.90
C VAL G 415 38.15 -38.89 20.48
N PRO G 416 39.27 -38.74 19.78
CA PRO G 416 39.75 -37.38 19.47
C PRO G 416 38.93 -36.75 18.35
N LEU G 417 38.70 -35.45 18.48
CA LEU G 417 38.02 -34.68 17.46
C LEU G 417 38.92 -33.63 16.81
N TYR G 418 39.97 -33.21 17.49
CA TYR G 418 40.90 -32.20 16.97
C TYR G 418 40.20 -30.87 16.69
N GLU G 419 39.01 -30.68 17.25
CA GLU G 419 38.31 -29.41 17.23
C GLU G 419 37.44 -29.31 18.47
N SER G 420 36.92 -28.11 18.71
CA SER G 420 36.22 -27.83 19.95
C SER G 420 34.84 -28.48 19.96
N PRO G 421 34.52 -29.33 20.95
CA PRO G 421 33.17 -29.88 21.06
C PRO G 421 32.33 -29.02 22.00
N ARG G 422 31.08 -28.69 21.65
CA ARG G 422 30.31 -27.75 22.44
C ARG G 422 29.11 -28.36 23.12
N LYS G 423 28.29 -29.14 22.38
CA LYS G 423 27.11 -29.78 22.93
C LYS G 423 26.99 -31.17 22.33
N ILE G 424 26.43 -32.10 23.10
CA ILE G 424 26.25 -33.48 22.67
C ILE G 424 24.83 -33.94 22.92
N CYS G 425 24.29 -34.76 22.01
CA CYS G 425 22.96 -35.32 22.16
C CYS G 425 22.94 -36.70 21.55
N TYR G 426 22.26 -37.64 22.21
CA TYR G 426 22.17 -39.02 21.77
C TYR G 426 20.82 -39.31 21.14
N GLN G 427 20.84 -39.97 19.98
CA GLN G 427 19.64 -40.32 19.23
C GLN G 427 19.63 -41.83 19.01
N GLU G 428 18.82 -42.54 19.81
CA GLU G 428 18.80 -44.00 19.71
C GLU G 428 18.30 -44.44 18.34
N VAL G 429 17.29 -43.75 17.81
CA VAL G 429 16.69 -44.15 16.54
C VAL G 429 17.76 -44.32 15.47
N SER G 430 18.76 -43.46 15.48
CA SER G 430 19.81 -43.50 14.47
C SER G 430 21.09 -44.16 14.96
N GLN G 431 21.08 -44.73 16.16
CA GLN G 431 22.27 -45.35 16.74
C GLN G 431 23.49 -44.46 16.55
N CYS G 432 23.30 -43.18 16.84
CA CYS G 432 24.35 -42.20 16.65
C CYS G 432 24.21 -41.11 17.70
N PHE G 433 25.32 -40.46 18.00
CA PHE G 433 25.35 -39.27 18.84
C PHE G 433 25.46 -38.07 17.91
N GLY G 434 24.75 -36.99 18.24
CA GLY G 434 24.95 -35.71 17.58
C GLY G 434 25.80 -34.78 18.46
N VAL G 435 26.80 -34.18 17.84
CA VAL G 435 27.72 -33.31 18.56
C VAL G 435 27.93 -32.02 17.76
N LEU G 436 27.80 -30.89 18.44
CA LEU G 436 28.09 -29.58 17.87
C LEU G 436 29.56 -29.23 18.13
N SER G 437 30.22 -28.69 17.12
CA SER G 437 31.66 -28.47 17.21
C SER G 437 32.02 -27.10 16.65
N SER G 438 33.22 -26.63 17.00
CA SER G 438 33.79 -25.40 16.47
C SER G 438 35.21 -25.66 15.99
N ARG G 439 35.55 -25.08 14.85
CA ARG G 439 36.86 -25.17 14.22
C ARG G 439 37.36 -23.75 14.03
N ILE G 440 38.65 -23.52 14.31
CA ILE G 440 39.24 -22.20 14.12
C ILE G 440 39.97 -22.18 12.79
N GLU G 441 39.57 -21.26 11.93
CA GLU G 441 40.26 -20.93 10.69
C GLU G 441 40.74 -19.48 10.78
N VAL G 442 41.62 -19.11 9.86
CA VAL G 442 42.22 -17.78 9.84
C VAL G 442 41.99 -17.14 8.49
N GLN G 443 41.68 -15.85 8.51
CA GLN G 443 41.48 -15.09 7.28
C GLN G 443 42.75 -15.11 6.46
N ASP G 444 42.64 -15.52 5.21
CA ASP G 444 43.84 -15.69 4.39
C ASP G 444 43.83 -14.73 3.20
N THR G 445 44.92 -14.78 2.43
CA THR G 445 45.17 -13.85 1.34
C THR G 445 44.22 -14.03 0.17
N SER G 446 43.49 -15.14 0.12
CA SER G 446 42.51 -15.34 -0.94
C SER G 446 41.22 -14.57 -0.70
N GLY G 447 41.06 -13.97 0.47
CA GLY G 447 39.79 -13.44 0.90
C GLY G 447 38.96 -14.42 1.70
N GLY G 448 39.20 -15.71 1.53
CA GLY G 448 38.55 -16.74 2.32
C GLY G 448 39.28 -16.99 3.61
N THR G 449 39.13 -18.21 4.13
CA THR G 449 39.80 -18.59 5.36
C THR G 449 40.42 -19.96 5.21
N THR G 450 41.38 -20.26 6.07
CA THR G 450 42.13 -21.51 6.01
C THR G 450 42.19 -22.14 7.40
N ALA G 451 41.89 -23.42 7.47
CA ALA G 451 41.95 -24.16 8.72
C ALA G 451 43.41 -24.51 9.02
N LEU G 452 43.78 -24.39 10.29
CA LEU G 452 45.16 -24.59 10.70
C LEU G 452 45.56 -26.06 10.68
N ARG G 453 44.58 -26.97 10.74
CA ARG G 453 44.80 -28.40 10.79
C ARG G 453 43.50 -29.08 10.43
N PRO G 454 43.53 -30.30 9.89
CA PRO G 454 42.27 -31.02 9.63
C PRO G 454 41.65 -31.47 10.94
N SER G 455 40.32 -31.58 10.94
CA SER G 455 39.60 -31.98 12.14
C SER G 455 38.29 -32.64 11.75
N ALA G 456 37.53 -33.08 12.76
CA ALA G 456 36.36 -33.91 12.53
C ALA G 456 35.45 -33.32 11.46
N SER G 457 35.29 -32.00 11.47
CA SER G 457 34.37 -31.37 10.53
C SER G 457 34.87 -31.46 9.09
N THR G 458 36.17 -31.58 8.91
CA THR G 458 36.76 -31.73 7.59
C THR G 458 36.98 -33.19 7.23
N GLN G 459 36.96 -34.09 8.20
CA GLN G 459 37.22 -35.49 7.99
C GLN G 459 36.01 -36.38 8.26
N ALA G 460 34.85 -35.98 7.76
CA ALA G 460 33.63 -36.75 7.92
C ALA G 460 33.48 -37.60 6.68
N LEU G 461 32.81 -38.74 6.80
CA LEU G 461 32.62 -39.57 5.62
C LEU G 461 31.85 -38.77 4.55
N SER G 462 30.71 -38.20 4.91
CA SER G 462 29.96 -37.28 4.05
C SER G 462 29.80 -35.95 4.78
N SER G 463 29.62 -34.88 4.02
CA SER G 463 29.54 -33.54 4.60
C SER G 463 28.51 -32.70 3.85
N SER G 464 28.04 -31.65 4.51
CA SER G 464 27.07 -30.74 3.91
C SER G 464 27.33 -29.33 4.44
N VAL G 465 26.88 -28.35 3.66
CA VAL G 465 27.00 -26.93 4.00
C VAL G 465 25.62 -26.29 3.88
N SER G 466 25.30 -25.43 4.83
CA SER G 466 24.01 -24.74 4.81
C SER G 466 23.90 -23.82 3.61
N SER G 467 22.76 -23.88 2.93
CA SER G 467 22.46 -22.99 1.82
C SER G 467 21.39 -21.97 2.19
N SER G 468 21.09 -21.82 3.47
CA SER G 468 19.99 -20.96 3.87
C SER G 468 20.25 -19.53 3.42
N LYS G 469 19.21 -18.90 2.90
CA LYS G 469 19.22 -17.49 2.53
C LYS G 469 18.41 -16.67 3.51
N LEU G 470 18.06 -17.25 4.67
CA LEU G 470 17.16 -16.60 5.62
C LEU G 470 17.63 -15.20 5.97
N PHE G 471 18.91 -15.03 6.25
CA PHE G 471 19.47 -13.70 6.48
C PHE G 471 19.83 -13.00 5.19
N SER G 472 19.75 -13.75 4.08
CA SER G 472 19.84 -13.21 2.73
C SER G 472 20.83 -12.09 2.55
N SER G 473 20.36 -10.92 2.12
CA SER G 473 21.32 -9.86 1.85
C SER G 473 21.80 -9.20 3.13
N SER G 474 20.96 -9.19 4.17
CA SER G 474 21.32 -8.63 5.47
C SER G 474 21.71 -7.16 5.35
N THR G 475 22.41 -6.81 4.27
CA THR G 475 22.88 -5.45 4.01
C THR G 475 23.67 -4.89 5.21
N ALA G 476 24.53 -5.73 5.77
CA ALA G 476 25.40 -5.36 6.88
C ALA G 476 26.78 -5.88 6.55
N PRO G 477 27.53 -5.17 5.69
CA PRO G 477 28.85 -5.67 5.30
C PRO G 477 29.82 -5.54 6.45
N HIS G 478 30.59 -6.60 6.70
CA HIS G 478 31.59 -6.63 7.75
C HIS G 478 32.98 -6.84 7.19
N GLU G 479 33.90 -5.97 7.60
CA GLU G 479 35.25 -6.00 7.09
C GLU G 479 36.00 -7.21 7.66
N THR G 480 36.79 -7.86 6.82
CA THR G 480 37.59 -9.02 7.21
C THR G 480 39.04 -8.65 6.97
N SER G 481 39.89 -8.84 7.98
CA SER G 481 41.30 -8.52 7.90
C SER G 481 42.16 -9.79 7.96
N PHE G 482 43.21 -9.82 7.16
CA PHE G 482 44.10 -10.97 7.12
C PHE G 482 44.70 -11.23 8.50
N GLY G 483 44.72 -12.49 8.90
CA GLY G 483 45.28 -12.88 10.17
C GLY G 483 44.27 -13.01 11.28
N GLU G 484 43.06 -12.48 11.09
CA GLU G 484 42.03 -12.60 12.10
C GLU G 484 41.52 -14.03 12.17
N GLU G 485 41.14 -14.45 13.36
CA GLU G 485 40.56 -15.76 13.54
C GLU G 485 39.04 -15.68 13.37
N VAL G 486 38.46 -16.79 12.90
CA VAL G 486 37.01 -16.96 12.86
C VAL G 486 36.74 -18.37 13.35
N GLU G 487 35.57 -18.57 13.94
CA GLU G 487 35.12 -19.90 14.31
C GLU G 487 34.15 -20.38 13.24
N VAL G 488 34.29 -21.64 12.84
CA VAL G 488 33.39 -22.28 11.88
C VAL G 488 32.71 -23.43 12.62
N HIS G 489 31.39 -23.36 12.72
CA HIS G 489 30.62 -24.29 13.54
C HIS G 489 29.96 -25.35 12.66
N ASN G 490 29.93 -26.58 13.17
CA ASN G 490 29.40 -27.72 12.43
C ASN G 490 28.64 -28.62 13.38
N LEU G 491 27.73 -29.41 12.83
CA LEU G 491 27.09 -30.50 13.55
C LEU G 491 27.64 -31.82 13.02
N LEU G 492 28.17 -32.64 13.92
CA LEU G 492 28.80 -33.90 13.58
C LEU G 492 27.86 -35.03 14.00
N ILE G 493 27.64 -35.99 13.11
CA ILE G 493 26.91 -37.21 13.44
C ILE G 493 27.94 -38.32 13.64
N ILE G 494 27.95 -38.91 14.83
CA ILE G 494 29.01 -39.82 15.26
C ILE G 494 28.33 -41.14 15.62
N ASP G 495 28.90 -42.26 15.14
CA ASP G 495 28.33 -43.57 15.39
C ASP G 495 28.60 -44.04 16.81
N GLN G 496 27.63 -44.76 17.40
CA GLN G 496 27.70 -45.11 18.81
C GLN G 496 28.67 -46.23 19.13
N HIS G 497 29.06 -47.05 18.15
CA HIS G 497 30.04 -48.10 18.38
C HIS G 497 31.39 -47.76 17.77
N THR G 498 31.38 -47.32 16.51
CA THR G 498 32.63 -47.02 15.84
C THR G 498 33.18 -45.68 16.29
N PHE G 499 32.30 -44.77 16.72
CA PHE G 499 32.67 -43.40 17.10
C PHE G 499 33.45 -42.70 15.98
N GLU G 500 32.96 -42.85 14.77
CA GLU G 500 33.49 -42.25 13.56
C GLU G 500 32.52 -41.20 13.05
N VAL G 501 33.07 -40.09 12.53
CA VAL G 501 32.22 -39.01 12.06
C VAL G 501 31.55 -39.46 10.77
N LEU G 502 30.23 -39.68 10.83
CA LEU G 502 29.52 -40.15 9.63
C LEU G 502 29.15 -38.99 8.72
N HIS G 503 28.71 -37.87 9.29
CA HIS G 503 28.30 -36.71 8.51
C HIS G 503 28.55 -35.46 9.34
N ALA G 504 28.89 -34.38 8.64
CA ALA G 504 29.08 -33.07 9.26
C ALA G 504 28.37 -32.01 8.44
N HIS G 505 27.60 -31.15 9.10
CA HIS G 505 26.90 -30.05 8.48
C HIS G 505 27.57 -28.78 8.94
N GLN G 506 28.01 -27.95 8.01
CA GLN G 506 28.66 -26.68 8.33
C GLN G 506 27.61 -25.58 8.30
N PHE G 507 27.51 -24.83 9.39
CA PHE G 507 26.50 -23.79 9.47
C PHE G 507 26.98 -22.54 8.75
N LEU G 508 26.07 -21.56 8.64
CA LEU G 508 26.33 -20.39 7.81
C LEU G 508 27.54 -19.63 8.33
N GLN G 509 28.10 -18.80 7.44
CA GLN G 509 29.22 -17.96 7.80
C GLN G 509 28.87 -17.04 8.97
N ASN G 510 29.73 -17.04 9.98
CA ASN G 510 29.56 -16.26 11.20
C ASN G 510 28.41 -16.76 12.06
N GLU G 511 27.91 -17.97 11.83
CA GLU G 511 26.86 -18.55 12.64
C GLU G 511 27.43 -19.49 13.69
N TYR G 512 26.98 -19.32 14.93
CA TYR G 512 27.37 -20.15 16.07
C TYR G 512 26.23 -21.08 16.44
N ALA G 513 26.54 -22.36 16.61
CA ALA G 513 25.60 -23.34 17.11
C ALA G 513 25.67 -23.36 18.63
N LEU G 514 24.55 -23.08 19.30
CA LEU G 514 24.53 -22.94 20.75
C LEU G 514 23.77 -24.05 21.47
N SER G 515 22.74 -24.62 20.85
CA SER G 515 21.87 -25.58 21.49
C SER G 515 21.55 -26.73 20.55
N LEU G 516 21.40 -27.92 21.12
CA LEU G 516 21.12 -29.12 20.36
C LEU G 516 20.16 -30.01 21.14
N VAL G 517 19.16 -30.56 20.45
CA VAL G 517 18.25 -31.52 21.03
C VAL G 517 17.92 -32.60 19.99
N SER G 518 17.62 -33.79 20.49
CA SER G 518 17.13 -34.91 19.69
C SER G 518 15.80 -35.34 20.27
N CYS G 519 14.74 -35.30 19.45
CA CYS G 519 13.41 -35.59 19.97
C CYS G 519 12.43 -35.74 18.83
N LYS G 520 11.26 -36.28 19.15
CA LYS G 520 10.10 -36.26 18.27
C LYS G 520 9.22 -35.10 18.71
N LEU G 521 8.61 -34.41 17.74
CA LEU G 521 7.75 -33.27 18.03
C LEU G 521 6.36 -33.49 17.45
N GLY G 522 5.36 -33.02 18.18
CA GLY G 522 3.98 -33.09 17.72
C GLY G 522 3.55 -34.52 17.47
N LYS G 523 2.85 -34.73 16.36
CA LYS G 523 2.43 -36.06 15.94
C LYS G 523 3.33 -36.63 14.83
N ASP G 524 4.50 -36.05 14.64
CA ASP G 524 5.44 -36.49 13.61
C ASP G 524 6.28 -37.64 14.16
N PRO G 525 6.23 -38.82 13.55
CA PRO G 525 6.97 -39.97 14.10
C PRO G 525 8.47 -39.90 13.89
N ASN G 526 8.95 -39.01 13.03
CA ASN G 526 10.37 -38.94 12.76
C ASN G 526 11.12 -38.31 13.93
N THR G 527 12.29 -38.86 14.24
CA THR G 527 13.13 -38.31 15.30
C THR G 527 14.13 -37.35 14.67
N TYR G 528 14.13 -36.10 15.14
CA TYR G 528 14.93 -35.05 14.52
C TYR G 528 16.05 -34.60 15.45
N PHE G 529 17.10 -34.05 14.83
CA PHE G 529 18.08 -33.21 15.50
C PHE G 529 17.68 -31.75 15.27
N ILE G 530 17.55 -30.99 16.34
CA ILE G 530 17.17 -29.58 16.23
C ILE G 530 18.30 -28.77 16.83
N VAL G 531 18.77 -27.76 16.11
CA VAL G 531 19.92 -26.96 16.51
C VAL G 531 19.49 -25.51 16.64
N GLY G 532 19.98 -24.85 17.69
CA GLY G 532 19.74 -23.43 17.91
C GLY G 532 21.01 -22.63 17.69
N THR G 533 20.89 -21.54 16.94
CA THR G 533 22.04 -20.79 16.47
C THR G 533 21.89 -19.30 16.76
N ALA G 534 23.00 -18.58 16.57
CA ALA G 534 23.07 -17.13 16.73
C ALA G 534 24.03 -16.55 15.70
N MET G 535 23.62 -15.46 15.05
CA MET G 535 24.53 -14.75 14.15
C MET G 535 25.41 -13.79 14.95
N VAL G 536 26.72 -14.05 14.90
CA VAL G 536 27.71 -13.42 15.78
C VAL G 536 28.62 -12.49 14.97
N TYR G 537 28.56 -11.20 15.26
CA TYR G 537 29.46 -10.20 14.72
C TYR G 537 30.11 -9.41 15.85
N PRO G 538 31.42 -9.12 15.76
CA PRO G 538 32.05 -8.35 16.85
C PRO G 538 31.33 -7.05 17.16
N GLU G 539 30.62 -6.49 16.18
CA GLU G 539 29.98 -5.19 16.36
C GLU G 539 28.81 -5.27 17.33
N GLU G 540 28.13 -6.40 17.42
CA GLU G 540 26.94 -6.51 18.24
C GLU G 540 27.30 -6.93 19.67
N ALA G 541 26.83 -6.15 20.64
CA ALA G 541 27.00 -6.54 22.03
C ALA G 541 26.21 -7.82 22.33
N GLU G 542 25.04 -7.95 21.70
CA GLU G 542 24.16 -9.09 21.86
C GLU G 542 23.68 -9.46 20.47
N PRO G 543 23.69 -10.76 20.13
CA PRO G 543 23.20 -11.16 18.81
C PRO G 543 21.75 -10.76 18.60
N LYS G 544 21.44 -10.28 17.41
CA LYS G 544 20.09 -9.84 17.07
C LYS G 544 19.43 -10.73 16.03
N GLN G 545 20.11 -11.77 15.55
CA GLN G 545 19.53 -12.68 14.58
C GLN G 545 19.91 -14.11 14.99
N GLY G 546 19.10 -15.07 14.56
CA GLY G 546 19.37 -16.46 14.88
C GLY G 546 18.45 -17.37 14.12
N ARG G 547 18.76 -18.67 14.21
CA ARG G 547 17.96 -19.69 13.56
C ARG G 547 17.70 -20.83 14.53
N ILE G 548 16.54 -21.45 14.35
CA ILE G 548 16.25 -22.79 14.87
C ILE G 548 16.05 -23.67 13.64
N VAL G 549 16.89 -24.69 13.50
CA VAL G 549 16.92 -25.53 12.31
C VAL G 549 16.65 -26.97 12.73
N VAL G 550 15.76 -27.64 12.01
CA VAL G 550 15.35 -29.01 12.30
C VAL G 550 16.01 -29.93 11.27
N PHE G 551 16.74 -30.94 11.76
CA PHE G 551 17.42 -31.90 10.88
C PHE G 551 16.91 -33.31 11.13
N GLN G 552 16.89 -34.12 10.06
CA GLN G 552 16.65 -35.56 10.15
C GLN G 552 17.83 -36.29 9.53
N TYR G 553 18.44 -37.19 10.29
CA TYR G 553 19.53 -38.03 9.80
C TYR G 553 18.95 -39.32 9.23
N SER G 554 19.02 -39.49 7.92
CA SER G 554 18.50 -40.68 7.28
C SER G 554 19.46 -41.08 6.17
N ASP G 555 19.80 -42.37 6.12
CA ASP G 555 20.59 -42.93 5.04
C ASP G 555 21.92 -42.20 4.87
N GLY G 556 22.61 -42.00 5.99
CA GLY G 556 23.95 -41.45 6.01
C GLY G 556 24.07 -39.97 5.76
N LYS G 557 22.96 -39.26 5.57
CA LYS G 557 22.96 -37.82 5.35
C LYS G 557 21.82 -37.18 6.14
N LEU G 558 22.06 -35.96 6.61
CA LEU G 558 21.06 -35.18 7.32
C LEU G 558 20.49 -34.10 6.40
N GLN G 559 19.16 -34.03 6.35
CA GLN G 559 18.41 -33.09 5.53
C GLN G 559 17.72 -32.05 6.40
N THR G 560 17.57 -30.85 5.85
CA THR G 560 16.87 -29.78 6.56
C THR G 560 15.36 -29.92 6.37
N VAL G 561 14.65 -30.12 7.48
CA VAL G 561 13.21 -30.32 7.43
C VAL G 561 12.50 -28.97 7.50
N ALA G 562 13.04 -28.05 8.29
CA ALA G 562 12.44 -26.73 8.47
C ALA G 562 13.45 -25.83 9.17
N GLU G 563 13.35 -24.52 8.89
CA GLU G 563 14.16 -23.53 9.57
C GLU G 563 13.25 -22.43 10.08
N LYS G 564 13.54 -21.92 11.27
CA LYS G 564 12.75 -20.86 11.89
C LYS G 564 13.66 -19.70 12.25
N GLU G 565 13.31 -18.51 11.79
CA GLU G 565 14.08 -17.32 12.10
C GLU G 565 13.66 -16.74 13.45
N VAL G 566 14.65 -16.33 14.24
CA VAL G 566 14.42 -15.67 15.52
C VAL G 566 15.30 -14.42 15.57
N LYS G 567 14.96 -13.51 16.49
CA LYS G 567 15.65 -12.22 16.60
C LYS G 567 16.64 -12.21 17.76
N GLY G 568 17.47 -13.23 17.85
CA GLY G 568 18.41 -13.32 18.95
C GLY G 568 19.10 -14.68 18.94
N ALA G 569 19.84 -14.93 20.01
CA ALA G 569 20.57 -16.18 20.16
C ALA G 569 19.69 -17.23 20.81
N VAL G 570 19.64 -18.42 20.21
CA VAL G 570 18.88 -19.55 20.78
C VAL G 570 19.83 -20.24 21.74
N TYR G 571 19.92 -19.69 22.95
CA TYR G 571 20.86 -20.22 23.92
C TYR G 571 20.50 -21.63 24.35
N SER G 572 19.21 -21.93 24.50
CA SER G 572 18.79 -23.22 25.02
C SER G 572 17.51 -23.73 24.36
N MET G 573 17.41 -25.06 24.25
CA MET G 573 16.21 -25.75 23.80
C MET G 573 16.02 -26.99 24.64
N VAL G 574 14.75 -27.37 24.80
CA VAL G 574 14.36 -28.57 25.55
C VAL G 574 13.01 -29.03 25.03
N GLU G 575 12.84 -30.34 24.89
CA GLU G 575 11.57 -30.89 24.45
C GLU G 575 10.53 -30.72 25.55
N PHE G 576 9.34 -30.24 25.19
CA PHE G 576 8.32 -29.92 26.18
C PHE G 576 7.01 -30.53 25.70
N ASN G 577 6.78 -31.77 26.11
CA ASN G 577 5.52 -32.49 25.87
C ASN G 577 5.08 -32.34 24.41
N GLY G 578 5.96 -32.76 23.51
CA GLY G 578 5.71 -32.69 22.09
C GLY G 578 5.89 -31.32 21.46
N LYS G 579 6.31 -30.33 22.24
CA LYS G 579 6.56 -28.98 21.76
C LYS G 579 8.03 -28.62 21.98
N LEU G 580 8.50 -27.62 21.25
CA LEU G 580 9.89 -27.17 21.34
C LEU G 580 9.93 -25.92 22.20
N LEU G 581 10.57 -26.02 23.36
CA LEU G 581 10.77 -24.89 24.26
C LEU G 581 12.17 -24.34 24.00
N ALA G 582 12.24 -23.07 23.59
CA ALA G 582 13.52 -22.46 23.24
C ALA G 582 13.60 -21.08 23.88
N SER G 583 14.82 -20.71 24.23
CA SER G 583 15.13 -19.42 24.85
C SER G 583 15.87 -18.57 23.82
N ILE G 584 15.27 -17.45 23.44
CA ILE G 584 15.85 -16.52 22.48
C ILE G 584 16.13 -15.22 23.24
N ASN G 585 17.41 -14.97 23.56
CA ASN G 585 17.84 -13.81 24.35
C ASN G 585 17.05 -13.73 25.66
N SER G 586 16.28 -12.65 25.86
CA SER G 586 15.45 -12.53 27.07
C SER G 586 14.22 -13.44 27.01
N THR G 587 13.69 -13.68 25.81
CA THR G 587 12.43 -14.38 25.64
C THR G 587 12.59 -15.88 25.87
N VAL G 588 11.60 -16.46 26.54
CA VAL G 588 11.42 -17.91 26.64
C VAL G 588 10.17 -18.25 25.84
N ARG G 589 10.33 -19.08 24.82
CA ARG G 589 9.28 -19.34 23.84
C ARG G 589 8.97 -20.84 23.77
N LEU G 590 7.69 -21.15 23.55
CA LEU G 590 7.22 -22.50 23.31
C LEU G 590 6.69 -22.58 21.88
N TYR G 591 7.28 -23.45 21.08
CA TYR G 591 6.91 -23.67 19.69
C TYR G 591 6.10 -24.96 19.56
N GLU G 592 5.14 -24.96 18.65
CA GLU G 592 4.39 -26.15 18.26
C GLU G 592 4.90 -26.65 16.91
N TRP G 593 4.80 -27.97 16.70
CA TRP G 593 5.25 -28.59 15.45
C TRP G 593 4.01 -28.91 14.62
N THR G 594 3.82 -28.18 13.53
CA THR G 594 2.58 -28.28 12.79
C THR G 594 2.58 -29.53 11.90
N THR G 595 1.41 -29.81 11.34
CA THR G 595 1.25 -30.86 10.36
C THR G 595 1.95 -30.52 9.06
N GLU G 596 2.38 -29.27 8.91
CA GLU G 596 3.14 -28.80 7.76
C GLU G 596 4.64 -28.88 7.98
N LYS G 597 5.08 -29.56 9.05
CA LYS G 597 6.50 -29.71 9.36
C LYS G 597 7.18 -28.34 9.46
N GLU G 598 6.56 -27.43 10.23
CA GLU G 598 7.18 -26.15 10.54
C GLU G 598 6.79 -25.75 11.96
N LEU G 599 7.66 -24.93 12.56
CA LEU G 599 7.45 -24.49 13.93
C LEU G 599 6.53 -23.27 14.01
N ARG G 600 5.60 -23.31 14.94
CA ARG G 600 4.64 -22.23 15.18
C ARG G 600 4.69 -21.86 16.65
N THR G 601 4.85 -20.56 16.92
CA THR G 601 4.98 -20.08 18.29
C THR G 601 3.64 -20.17 19.00
N GLU G 602 3.63 -20.73 20.19
CA GLU G 602 2.41 -20.75 21.00
C GLU G 602 2.35 -19.62 22.03
N CYS G 603 3.38 -19.48 22.87
CA CYS G 603 3.35 -18.47 23.92
C CYS G 603 4.78 -18.10 24.32
N ASN G 604 4.90 -16.96 25.01
CA ASN G 604 6.20 -16.39 25.34
C ASN G 604 6.25 -15.87 26.77
N HIS G 605 7.47 -15.84 27.32
CA HIS G 605 7.80 -15.21 28.59
C HIS G 605 9.00 -14.30 28.38
N TYR G 606 8.91 -13.05 28.88
CA TYR G 606 9.94 -12.06 28.59
C TYR G 606 10.71 -11.55 29.79
N ASN G 607 10.33 -11.92 31.01
CA ASN G 607 10.92 -11.30 32.20
C ASN G 607 12.24 -12.00 32.55
N ASN G 608 13.22 -11.81 31.67
CA ASN G 608 14.55 -12.36 31.87
C ASN G 608 15.54 -11.35 31.34
N ILE G 609 16.74 -11.33 31.93
CA ILE G 609 17.82 -10.54 31.35
C ILE G 609 18.45 -11.30 30.19
N MET G 610 18.90 -12.53 30.45
CA MET G 610 19.40 -13.42 29.42
C MET G 610 19.02 -14.84 29.85
N ALA G 611 18.11 -15.47 29.11
CA ALA G 611 17.58 -16.80 29.43
C ALA G 611 18.56 -17.87 28.93
N LEU G 612 19.56 -18.14 29.76
CA LEU G 612 20.67 -19.00 29.35
C LEU G 612 20.36 -20.49 29.40
N TYR G 613 19.61 -20.94 30.41
CA TYR G 613 19.45 -22.36 30.68
C TYR G 613 18.00 -22.73 30.89
N LEU G 614 17.62 -23.91 30.40
CA LEU G 614 16.27 -24.41 30.54
C LEU G 614 16.30 -25.87 30.98
N LYS G 615 15.39 -26.21 31.91
CA LYS G 615 15.12 -27.57 32.29
C LYS G 615 13.62 -27.69 32.53
N THR G 616 13.04 -28.87 32.29
CA THR G 616 11.61 -29.06 32.43
C THR G 616 11.29 -30.34 33.19
N LYS G 617 10.12 -30.34 33.82
CA LYS G 617 9.56 -31.53 34.48
C LYS G 617 8.05 -31.36 34.41
N GLY G 618 7.37 -32.21 33.65
CA GLY G 618 5.94 -32.04 33.48
C GLY G 618 5.65 -30.75 32.74
N ASP G 619 4.75 -29.94 33.29
CA ASP G 619 4.47 -28.61 32.77
C ASP G 619 5.25 -27.51 33.49
N PHE G 620 6.25 -27.88 34.29
CA PHE G 620 7.08 -26.93 35.01
C PHE G 620 8.36 -26.67 34.23
N ILE G 621 8.79 -25.41 34.20
CA ILE G 621 10.00 -25.01 33.49
C ILE G 621 10.90 -24.28 34.47
N LEU G 622 12.17 -24.66 34.52
CA LEU G 622 13.17 -23.98 35.34
C LEU G 622 14.06 -23.15 34.42
N VAL G 623 14.17 -21.85 34.69
CA VAL G 623 14.94 -20.94 33.86
C VAL G 623 16.12 -20.42 34.65
N GLY G 624 17.31 -20.49 34.06
CA GLY G 624 18.52 -19.93 34.61
C GLY G 624 18.96 -18.71 33.82
N ASP G 625 19.26 -17.63 34.54
CA ASP G 625 19.53 -16.33 33.97
C ASP G 625 20.97 -15.90 34.20
N LEU G 626 21.42 -14.94 33.39
CA LEU G 626 22.80 -14.47 33.49
C LEU G 626 23.09 -13.86 34.87
N MET G 627 22.13 -13.12 35.43
CA MET G 627 22.39 -12.38 36.65
C MET G 627 21.24 -12.40 37.63
N ARG G 628 20.14 -13.06 37.31
CA ARG G 628 18.94 -13.03 38.13
C ARG G 628 18.62 -14.39 38.73
N SER G 629 19.60 -15.30 38.75
CA SER G 629 19.43 -16.58 39.41
C SER G 629 18.39 -17.38 38.67
N VAL G 630 17.38 -17.88 39.37
CA VAL G 630 16.46 -18.88 38.86
C VAL G 630 15.01 -18.43 38.97
N LEU G 631 14.21 -18.79 37.95
CA LEU G 631 12.77 -18.54 37.93
C LEU G 631 12.06 -19.85 37.58
N LEU G 632 11.01 -20.17 38.34
CA LEU G 632 10.18 -21.35 38.06
C LEU G 632 8.95 -20.91 37.27
N LEU G 633 8.88 -21.33 36.01
CA LEU G 633 7.72 -21.07 35.18
C LEU G 633 6.79 -22.28 35.21
N ALA G 634 5.54 -22.05 34.82
CA ALA G 634 4.60 -23.14 34.60
C ALA G 634 3.85 -22.88 33.30
N TYR G 635 3.54 -23.97 32.62
CA TYR G 635 2.71 -23.93 31.41
C TYR G 635 1.27 -24.19 31.85
N LYS G 636 0.39 -23.22 31.59
CA LYS G 636 -1.03 -23.42 31.91
C LYS G 636 -1.76 -23.94 30.69
N PRO G 637 -1.98 -25.25 30.61
CA PRO G 637 -2.54 -25.83 29.38
C PRO G 637 -3.90 -25.26 29.02
N MET G 638 -4.70 -24.89 30.02
CA MET G 638 -6.04 -24.40 29.76
C MET G 638 -6.04 -23.11 28.98
N GLU G 639 -5.06 -22.25 29.24
CA GLU G 639 -5.05 -20.89 28.71
C GLU G 639 -4.08 -20.73 27.56
N GLY G 640 -3.13 -21.65 27.41
CA GLY G 640 -2.17 -21.58 26.33
C GLY G 640 -1.14 -20.49 26.55
N ASN G 641 -0.70 -20.30 27.79
CA ASN G 641 0.23 -19.24 28.17
C ASN G 641 1.14 -19.79 29.25
N PHE G 642 2.00 -18.91 29.78
CA PHE G 642 2.95 -19.24 30.84
C PHE G 642 2.53 -18.51 32.11
N GLU G 643 2.93 -19.05 33.27
CA GLU G 643 2.71 -18.39 34.55
C GLU G 643 3.98 -18.42 35.38
N GLU G 644 4.34 -17.27 35.95
CA GLU G 644 5.49 -17.19 36.85
C GLU G 644 5.07 -17.73 38.19
N ILE G 645 5.58 -18.92 38.56
CA ILE G 645 5.23 -19.49 39.86
C ILE G 645 6.02 -18.83 40.98
N ALA G 646 7.35 -18.77 40.83
CA ALA G 646 8.20 -18.26 41.91
C ALA G 646 9.55 -17.89 41.32
N ARG G 647 10.15 -16.83 41.87
CA ARG G 647 11.46 -16.37 41.46
C ARG G 647 12.35 -16.25 42.68
N ASP G 648 13.64 -16.52 42.47
CA ASP G 648 14.67 -16.32 43.48
C ASP G 648 15.25 -14.93 43.30
N PHE G 649 14.98 -14.03 44.23
CA PHE G 649 15.38 -12.64 44.06
C PHE G 649 16.83 -12.38 44.43
N ASN G 650 17.51 -13.34 45.06
CA ASN G 650 18.94 -13.20 45.26
C ASN G 650 19.65 -13.17 43.91
N PRO G 651 20.51 -12.18 43.65
CA PRO G 651 21.18 -12.12 42.34
C PRO G 651 22.34 -13.11 42.32
N ASN G 652 22.33 -13.99 41.34
CA ASN G 652 23.40 -14.94 41.14
C ASN G 652 23.72 -15.01 39.66
N TRP G 653 24.97 -15.27 39.33
CA TRP G 653 25.42 -15.46 37.97
C TRP G 653 25.47 -16.96 37.72
N MET G 654 24.61 -17.45 36.82
CA MET G 654 24.39 -18.87 36.70
C MET G 654 25.37 -19.49 35.70
N SER G 655 25.81 -20.70 36.02
CA SER G 655 26.59 -21.54 35.10
C SER G 655 25.83 -22.78 34.63
N ALA G 656 24.88 -23.27 35.41
CA ALA G 656 24.01 -24.38 35.01
C ALA G 656 22.89 -24.53 36.04
N VAL G 657 21.78 -25.14 35.63
CA VAL G 657 20.66 -25.39 36.51
C VAL G 657 20.15 -26.83 36.34
N GLU G 658 19.43 -27.31 37.34
CA GLU G 658 18.80 -28.63 37.28
C GLU G 658 17.62 -28.69 38.23
N ILE G 659 16.63 -29.51 37.87
CA ILE G 659 15.46 -29.78 38.69
C ILE G 659 15.69 -31.08 39.44
N LEU G 660 15.59 -31.03 40.77
CA LEU G 660 15.72 -32.24 41.58
C LEU G 660 14.39 -32.95 41.77
N ASP G 661 13.34 -32.22 42.11
CA ASP G 661 11.99 -32.73 42.24
C ASP G 661 11.04 -31.55 42.12
N ASP G 662 9.75 -31.80 42.31
CA ASP G 662 8.74 -30.78 42.02
C ASP G 662 8.88 -29.53 42.89
N ASP G 663 9.59 -29.61 44.01
CA ASP G 663 9.75 -28.46 44.91
C ASP G 663 11.17 -27.98 45.08
N ASN G 664 12.19 -28.81 44.83
CA ASN G 664 13.58 -28.42 45.02
C ASN G 664 14.27 -28.19 43.67
N PHE G 665 15.13 -27.17 43.61
CA PHE G 665 15.84 -26.78 42.40
C PHE G 665 17.31 -26.51 42.71
N LEU G 666 18.20 -27.02 41.86
CA LEU G 666 19.64 -26.97 42.07
C LEU G 666 20.31 -26.01 41.10
N GLY G 667 21.28 -25.24 41.60
CA GLY G 667 21.98 -24.26 40.78
C GLY G 667 23.47 -24.23 41.05
N ALA G 668 24.20 -23.76 40.01
CA ALA G 668 25.65 -23.58 40.06
C ALA G 668 26.00 -22.21 39.50
N GLU G 669 26.81 -21.44 40.24
CA GLU G 669 27.16 -20.07 39.88
C GLU G 669 28.66 -19.92 39.60
N ASN G 670 28.99 -18.77 39.00
CA ASN G 670 30.37 -18.48 38.61
C ASN G 670 31.31 -18.27 39.79
N ALA G 671 30.81 -18.24 41.03
CA ALA G 671 31.66 -18.17 42.20
C ALA G 671 32.05 -19.54 42.74
N PHE G 672 31.74 -20.59 41.99
CA PHE G 672 32.01 -21.98 42.36
C PHE G 672 31.11 -22.43 43.52
N ASN G 673 29.87 -21.97 43.55
CA ASN G 673 28.97 -22.34 44.62
C ASN G 673 27.77 -23.11 44.08
N LEU G 674 27.21 -23.98 44.94
CA LEU G 674 25.99 -24.70 44.66
C LEU G 674 24.93 -24.20 45.63
N PHE G 675 23.70 -24.08 45.16
CA PHE G 675 22.61 -23.67 46.03
C PHE G 675 21.33 -24.36 45.58
N VAL G 676 20.39 -24.49 46.52
CA VAL G 676 19.10 -25.11 46.25
C VAL G 676 18.00 -24.15 46.67
N CYS G 677 17.02 -23.97 45.79
CA CYS G 677 15.85 -23.15 46.05
C CYS G 677 14.64 -24.05 46.21
N GLN G 678 13.71 -23.63 47.06
CA GLN G 678 12.51 -24.43 47.33
C GLN G 678 11.30 -23.54 47.18
N LYS G 679 10.27 -24.07 46.52
CA LYS G 679 8.98 -23.40 46.47
C LYS G 679 8.49 -23.24 47.90
N ASP G 680 8.12 -22.02 48.28
CA ASP G 680 7.90 -21.78 49.70
C ASP G 680 6.68 -22.55 50.19
N SER G 681 6.76 -23.88 50.15
CA SER G 681 5.74 -24.79 50.68
C SER G 681 4.39 -24.42 50.08
N ALA G 682 3.33 -24.35 50.87
CA ALA G 682 1.99 -24.00 50.40
C ALA G 682 1.44 -22.89 51.30
N ALA G 683 2.07 -21.71 51.24
CA ALA G 683 1.67 -20.60 52.08
C ALA G 683 0.51 -19.84 51.44
N THR G 684 -0.31 -19.24 52.29
CA THR G 684 -1.47 -18.51 51.79
C THR G 684 -1.08 -17.23 51.06
N THR G 685 -0.03 -16.57 51.53
CA THR G 685 0.38 -15.32 50.93
C THR G 685 0.84 -15.60 49.50
N ASP G 686 0.23 -14.91 48.53
CA ASP G 686 0.71 -15.02 47.16
C ASP G 686 2.14 -14.56 47.08
N GLU G 687 2.52 -13.61 47.94
CA GLU G 687 3.90 -13.14 47.97
C GLU G 687 4.84 -14.24 48.46
N GLU G 688 4.40 -15.08 49.40
CA GLU G 688 5.25 -16.18 49.84
C GLU G 688 5.40 -17.24 48.74
N ARG G 689 4.30 -17.56 48.05
CA ARG G 689 4.39 -18.61 47.04
C ARG G 689 5.27 -18.21 45.86
N GLN G 690 5.30 -16.93 45.53
CA GLN G 690 6.09 -16.45 44.39
C GLN G 690 7.56 -16.29 44.75
N HIS G 691 7.92 -16.54 46.00
CA HIS G 691 9.28 -16.44 46.49
C HIS G 691 9.92 -17.82 46.62
N LEU G 692 10.99 -18.04 45.86
CA LEU G 692 11.84 -19.20 46.07
C LEU G 692 12.85 -18.95 47.18
N GLN G 693 12.94 -19.89 48.12
CA GLN G 693 13.83 -19.77 49.26
C GLN G 693 15.12 -20.54 48.99
N GLU G 694 16.25 -19.82 49.01
CA GLU G 694 17.56 -20.48 48.94
C GLU G 694 17.74 -21.26 50.24
N VAL G 695 17.55 -22.57 50.16
CA VAL G 695 17.53 -23.41 51.35
C VAL G 695 18.83 -24.18 51.53
N GLY G 696 19.55 -24.41 50.46
CA GLY G 696 20.83 -25.10 50.50
C GLY G 696 21.94 -24.25 49.94
N LEU G 697 23.07 -24.23 50.64
CA LEU G 697 24.25 -23.46 50.21
C LEU G 697 25.50 -24.31 50.42
N PHE G 698 26.37 -24.33 49.42
CA PHE G 698 27.56 -25.17 49.49
C PHE G 698 28.61 -24.63 48.53
N HIS G 699 29.81 -24.39 49.03
CA HIS G 699 30.93 -24.01 48.18
C HIS G 699 31.55 -25.26 47.60
N LEU G 700 31.40 -25.45 46.28
CA LEU G 700 31.94 -26.64 45.64
C LEU G 700 33.42 -26.51 45.36
N GLY G 701 33.87 -25.34 44.90
CA GLY G 701 35.24 -25.16 44.51
C GLY G 701 35.52 -25.45 43.06
N GLU G 702 34.49 -25.78 42.28
CA GLU G 702 34.62 -26.08 40.86
C GLU G 702 33.55 -25.32 40.08
N PHE G 703 33.75 -25.24 38.77
CA PHE G 703 32.85 -24.56 37.84
C PHE G 703 32.04 -25.62 37.10
N VAL G 704 30.72 -25.65 37.35
CA VAL G 704 29.84 -26.66 36.76
C VAL G 704 29.25 -26.11 35.46
N ASN G 705 29.49 -26.82 34.36
CA ASN G 705 28.88 -26.45 33.09
C ASN G 705 27.58 -27.20 32.82
N VAL G 706 27.46 -28.46 33.28
CA VAL G 706 26.38 -29.35 32.87
C VAL G 706 25.92 -30.19 34.05
N PHE G 707 24.62 -30.11 34.37
CA PHE G 707 23.92 -31.04 35.24
C PHE G 707 23.20 -32.09 34.42
N CYS G 708 23.16 -33.33 34.91
CA CYS G 708 22.58 -34.43 34.13
C CYS G 708 22.06 -35.53 35.04
N HIS G 709 20.77 -35.84 34.91
CA HIS G 709 20.17 -36.94 35.66
C HIS G 709 20.67 -38.28 35.17
N GLY G 710 21.04 -39.16 36.07
CA GLY G 710 21.49 -40.50 35.74
C GLY G 710 22.54 -40.96 36.72
N SER G 711 22.89 -42.24 36.61
CA SER G 711 23.98 -42.77 37.41
C SER G 711 24.74 -43.83 36.62
N LEU G 712 26.03 -43.93 36.92
CA LEU G 712 26.94 -44.87 36.30
C LEU G 712 26.93 -46.24 36.98
N VAL G 713 26.35 -46.33 38.18
CA VAL G 713 26.23 -47.56 38.95
C VAL G 713 25.08 -48.41 38.41
N MET G 714 25.05 -49.68 38.81
CA MET G 714 24.09 -50.65 38.30
C MET G 714 22.72 -50.44 38.95
N GLN G 715 21.70 -50.17 38.13
CA GLN G 715 20.36 -49.86 38.64
C GLN G 715 19.56 -51.15 38.77
N ASN G 716 19.11 -51.43 39.99
CA ASN G 716 18.30 -52.61 40.29
C ASN G 716 16.81 -52.28 40.35
N LEU G 717 16.01 -53.35 40.31
CA LEU G 717 14.56 -53.29 40.43
C LEU G 717 14.07 -53.39 41.88
N GLY G 718 14.97 -53.53 42.85
CA GLY G 718 14.57 -53.63 44.25
C GLY G 718 13.84 -52.39 44.73
N GLU G 719 12.63 -52.60 45.23
CA GLU G 719 11.77 -51.54 45.74
C GLU G 719 12.14 -51.06 47.14
N THR G 720 13.14 -51.69 47.79
CA THR G 720 13.54 -51.28 49.14
C THR G 720 14.26 -49.94 49.04
N SER G 721 13.91 -49.02 49.93
CA SER G 721 14.43 -47.66 49.83
C SER G 721 15.87 -47.57 50.29
N THR G 722 16.69 -46.85 49.51
CA THR G 722 18.06 -46.54 49.84
C THR G 722 18.11 -45.16 50.51
N PRO G 723 19.05 -44.91 51.41
CA PRO G 723 19.08 -43.57 52.04
C PRO G 723 19.08 -42.42 51.05
N THR G 724 19.91 -42.48 50.03
CA THR G 724 19.91 -41.49 48.97
C THR G 724 18.70 -41.66 48.05
N GLN G 725 18.17 -40.54 47.57
CA GLN G 725 17.09 -40.51 46.59
C GLN G 725 17.46 -39.57 45.46
N GLY G 726 17.41 -40.07 44.23
CA GLY G 726 17.75 -39.30 43.07
C GLY G 726 19.23 -39.39 42.71
N SER G 727 19.54 -39.08 41.47
CA SER G 727 20.93 -39.09 40.99
C SER G 727 21.09 -38.01 39.93
N VAL G 728 21.89 -37.00 40.26
CA VAL G 728 22.28 -35.95 39.33
C VAL G 728 23.80 -35.98 39.24
N LEU G 729 24.32 -36.15 38.03
CA LEU G 729 25.74 -36.03 37.72
C LEU G 729 26.03 -34.65 37.16
N PHE G 730 27.21 -34.12 37.46
CA PHE G 730 27.58 -32.81 36.96
C PHE G 730 29.06 -32.77 36.56
N GLY G 731 29.34 -32.03 35.48
CA GLY G 731 30.68 -31.91 34.94
C GLY G 731 31.23 -30.50 35.12
N THR G 732 32.55 -30.40 35.28
CA THR G 732 33.20 -29.13 35.60
C THR G 732 34.34 -28.83 34.65
N VAL G 733 34.86 -27.60 34.76
CA VAL G 733 35.91 -27.11 33.88
C VAL G 733 37.22 -27.87 34.09
N ASN G 734 37.51 -28.28 35.32
CA ASN G 734 38.76 -28.95 35.64
C ASN G 734 38.69 -30.46 35.50
N GLY G 735 37.64 -30.98 34.87
CA GLY G 735 37.47 -32.40 34.67
C GLY G 735 36.80 -33.17 35.80
N MET G 736 36.62 -32.55 36.96
CA MET G 736 35.93 -33.20 38.08
C MET G 736 34.50 -33.57 37.70
N ILE G 737 34.11 -34.81 37.99
CA ILE G 737 32.73 -35.27 37.82
C ILE G 737 32.17 -35.63 39.20
N GLY G 738 30.99 -35.10 39.52
CA GLY G 738 30.37 -35.30 40.82
C GLY G 738 28.92 -35.76 40.72
N LEU G 739 28.34 -36.04 41.90
CA LEU G 739 26.98 -36.55 42.01
C LEU G 739 26.27 -35.88 43.16
N VAL G 740 25.03 -35.44 42.92
CA VAL G 740 24.19 -34.83 43.93
C VAL G 740 22.98 -35.75 44.14
N THR G 741 22.61 -35.95 45.40
CA THR G 741 21.46 -36.78 45.75
C THR G 741 20.77 -36.18 46.96
N SER G 742 19.51 -36.56 47.13
CA SER G 742 18.68 -36.04 48.21
C SER G 742 18.67 -37.04 49.36
N LEU G 743 18.51 -36.51 50.58
CA LEU G 743 18.54 -37.32 51.79
C LEU G 743 17.30 -37.05 52.63
N SER G 744 17.05 -37.96 53.58
CA SER G 744 15.98 -37.78 54.55
C SER G 744 16.48 -36.92 55.71
N GLU G 745 15.53 -36.28 56.41
CA GLU G 745 15.94 -35.42 57.52
C GLU G 745 16.74 -36.20 58.55
N SER G 746 16.33 -37.43 58.82
CA SER G 746 17.06 -38.26 59.79
C SER G 746 18.49 -38.52 59.32
N TRP G 747 18.65 -38.88 58.05
CA TRP G 747 19.97 -39.22 57.54
C TRP G 747 20.87 -37.99 57.50
N TYR G 748 20.29 -36.84 57.14
CA TYR G 748 21.05 -35.60 57.13
C TYR G 748 21.62 -35.28 58.50
N ASN G 749 20.77 -35.27 59.52
CA ASN G 749 21.24 -34.88 60.85
C ASN G 749 22.34 -35.81 61.33
N LEU G 750 22.17 -37.11 61.11
CA LEU G 750 23.20 -38.07 61.53
C LEU G 750 24.51 -37.77 60.81
N LEU G 751 24.45 -37.60 59.50
CA LEU G 751 25.67 -37.36 58.73
C LEU G 751 26.25 -35.99 59.04
N LEU G 752 25.40 -35.01 59.34
CA LEU G 752 25.91 -33.69 59.74
C LEU G 752 26.62 -33.79 61.07
N ASP G 753 25.97 -34.43 62.06
CA ASP G 753 26.61 -34.66 63.34
C ASP G 753 27.94 -35.39 63.16
N MET G 754 28.00 -36.30 62.18
CA MET G 754 29.26 -37.00 61.92
C MET G 754 30.31 -36.05 61.36
N GLN G 755 29.91 -35.16 60.44
CA GLN G 755 30.87 -34.22 59.88
C GLN G 755 31.50 -33.37 60.96
N ASN G 756 30.67 -32.70 61.76
CA ASN G 756 31.17 -31.87 62.85
C ASN G 756 32.02 -32.69 63.81
N ARG G 757 31.70 -33.97 63.97
CA ARG G 757 32.58 -34.86 64.73
C ARG G 757 33.84 -35.19 63.94
N LEU G 758 33.69 -35.49 62.66
CA LEU G 758 34.85 -35.85 61.85
C LEU G 758 35.84 -34.70 61.77
N ASN G 759 35.33 -33.46 61.72
CA ASN G 759 36.21 -32.30 61.59
C ASN G 759 37.07 -32.09 62.83
N LYS G 760 36.57 -32.48 64.00
CA LYS G 760 37.38 -32.38 65.21
C LYS G 760 38.51 -33.39 65.19
N VAL G 761 38.33 -34.47 64.43
CA VAL G 761 39.29 -35.57 64.40
C VAL G 761 40.33 -35.39 63.31
N ILE G 762 39.90 -35.01 62.12
CA ILE G 762 40.75 -35.06 60.93
C ILE G 762 41.63 -33.83 60.84
N LYS G 763 42.91 -34.03 60.50
CA LYS G 763 43.84 -32.95 60.26
C LYS G 763 43.90 -32.65 58.76
N SER G 764 43.63 -31.40 58.40
CA SER G 764 43.70 -30.95 57.01
C SER G 764 45.07 -30.37 56.73
N VAL G 765 45.51 -30.47 55.48
CA VAL G 765 46.76 -29.82 55.09
C VAL G 765 46.58 -28.32 55.16
N GLY G 766 47.54 -27.64 55.80
CA GLY G 766 47.44 -26.21 56.04
C GLY G 766 46.58 -25.82 57.20
N LYS G 767 46.03 -26.78 57.95
CA LYS G 767 45.19 -26.49 59.12
C LYS G 767 44.02 -25.58 58.72
N ILE G 768 43.36 -25.93 57.62
CA ILE G 768 42.20 -25.19 57.13
C ILE G 768 40.91 -25.77 57.69
N GLU G 769 40.11 -24.94 58.35
CA GLU G 769 38.82 -25.38 58.87
C GLU G 769 37.89 -25.79 57.74
N HIS G 770 37.31 -26.99 57.86
CA HIS G 770 36.40 -27.48 56.84
C HIS G 770 35.19 -26.58 56.68
N SER G 771 34.63 -26.09 57.80
CA SER G 771 33.46 -25.23 57.72
C SER G 771 33.73 -23.98 56.88
N PHE G 772 34.94 -23.42 57.00
CA PHE G 772 35.32 -22.25 56.21
C PHE G 772 35.36 -22.60 54.72
N TRP G 773 36.07 -23.67 54.38
CA TRP G 773 36.24 -24.06 52.98
C TRP G 773 34.91 -24.23 52.28
N ARG G 774 33.99 -24.97 52.89
CA ARG G 774 32.71 -25.22 52.26
C ARG G 774 31.71 -24.08 52.43
N SER G 775 32.09 -23.00 53.10
CA SER G 775 31.21 -21.86 53.24
C SER G 775 30.99 -21.19 51.87
N PHE G 776 29.73 -20.86 51.59
CA PHE G 776 29.37 -20.10 50.40
C PHE G 776 30.21 -18.83 50.31
N HIS G 777 30.76 -18.56 49.12
CA HIS G 777 31.68 -17.44 49.01
C HIS G 777 31.66 -16.76 47.66
N THR G 778 31.31 -15.48 47.67
CA THR G 778 31.55 -14.55 46.57
C THR G 778 32.49 -13.46 47.08
N GLU G 779 33.02 -12.64 46.17
CA GLU G 779 33.86 -11.53 46.63
C GLU G 779 33.10 -10.64 47.61
N ARG G 780 31.77 -10.53 47.45
CA ARG G 780 30.97 -9.65 48.29
C ARG G 780 30.43 -10.32 49.54
N LYS G 781 30.02 -11.58 49.49
CA LYS G 781 29.44 -12.21 50.68
C LYS G 781 30.06 -13.57 50.95
N THR G 782 29.99 -13.97 52.23
CA THR G 782 30.43 -15.28 52.69
C THR G 782 29.44 -15.76 53.74
N GLU G 783 28.81 -16.91 53.50
CA GLU G 783 27.86 -17.51 54.42
C GLU G 783 28.22 -18.97 54.66
N PRO G 784 27.92 -19.49 55.85
CA PRO G 784 28.18 -20.92 56.10
C PRO G 784 27.28 -21.83 55.30
N ALA G 785 27.84 -23.00 54.93
CA ALA G 785 27.10 -23.97 54.14
C ALA G 785 25.87 -24.46 54.90
N THR G 786 24.84 -24.84 54.15
CA THR G 786 23.61 -25.34 54.74
C THR G 786 22.90 -26.26 53.76
N GLY G 787 22.31 -27.34 54.28
CA GLY G 787 21.56 -28.26 53.47
C GLY G 787 22.38 -29.24 52.67
N PHE G 788 23.70 -29.26 52.88
CA PHE G 788 24.60 -30.06 52.05
C PHE G 788 25.53 -30.89 52.93
N ILE G 789 25.68 -32.16 52.58
CA ILE G 789 26.63 -33.06 53.21
C ILE G 789 27.81 -33.26 52.26
N ASP G 790 29.01 -32.95 52.73
CA ASP G 790 30.23 -33.16 51.95
C ASP G 790 30.50 -34.67 51.88
N GLY G 791 30.04 -35.31 50.81
CA GLY G 791 30.14 -36.77 50.74
C GLY G 791 31.56 -37.28 50.91
N ASP G 792 32.55 -36.50 50.47
CA ASP G 792 33.95 -36.93 50.60
C ASP G 792 34.41 -36.94 52.04
N LEU G 793 33.84 -36.07 52.88
CA LEU G 793 34.19 -36.11 54.30
C LEU G 793 33.57 -37.33 54.97
N ILE G 794 32.30 -37.61 54.66
CA ILE G 794 31.65 -38.80 55.19
C ILE G 794 32.41 -40.05 54.78
N GLU G 795 32.81 -40.13 53.51
CA GLU G 795 33.52 -41.30 53.02
C GLU G 795 34.94 -41.37 53.53
N SER G 796 35.44 -40.33 54.21
CA SER G 796 36.78 -40.41 54.79
C SER G 796 36.78 -41.12 56.15
N PHE G 797 35.59 -41.36 56.71
CA PHE G 797 35.45 -42.14 57.94
C PHE G 797 36.02 -43.55 57.79
N LEU G 798 35.91 -44.14 56.59
CA LEU G 798 36.39 -45.49 56.38
C LEU G 798 37.91 -45.59 56.33
N ASP G 799 38.62 -44.48 56.31
CA ASP G 799 40.07 -44.48 56.25
C ASP G 799 40.71 -44.02 57.55
N ILE G 800 39.92 -43.56 58.53
CA ILE G 800 40.50 -43.05 59.77
C ILE G 800 40.77 -44.22 60.69
N SER G 801 41.75 -44.05 61.58
CA SER G 801 42.15 -45.12 62.48
C SER G 801 41.03 -45.45 63.47
N ARG G 802 41.07 -46.67 63.99
CA ARG G 802 40.05 -47.11 64.93
C ARG G 802 39.95 -46.26 66.20
N PRO G 803 41.04 -45.80 66.82
CA PRO G 803 40.86 -44.88 67.96
C PRO G 803 39.99 -43.71 67.59
N LYS G 804 40.22 -43.16 66.39
CA LYS G 804 39.47 -42.00 65.96
C LYS G 804 38.02 -42.38 65.66
N MET G 805 37.79 -43.57 65.09
CA MET G 805 36.40 -43.99 64.86
C MET G 805 35.63 -43.95 66.16
N GLN G 806 36.24 -44.39 67.25
CA GLN G 806 35.60 -44.31 68.56
C GLN G 806 35.33 -42.89 68.97
N GLU G 807 36.26 -41.97 68.68
CA GLU G 807 36.02 -40.57 69.03
C GLU G 807 34.77 -40.05 68.34
N VAL G 808 34.52 -40.49 67.10
CA VAL G 808 33.35 -40.02 66.37
C VAL G 808 32.07 -40.60 66.96
N VAL G 809 32.07 -41.91 67.27
CA VAL G 809 30.84 -42.55 67.72
C VAL G 809 30.63 -42.38 69.22
N ALA G 810 31.56 -41.72 69.91
CA ALA G 810 31.43 -41.47 71.33
C ALA G 810 30.27 -40.52 71.57
N ASN G 811 29.48 -40.81 72.61
CA ASN G 811 28.37 -39.93 72.94
C ASN G 811 27.42 -39.81 71.76
N LEU G 812 27.41 -40.82 70.90
CA LEU G 812 26.62 -40.78 69.67
C LEU G 812 25.24 -41.31 70.01
N GLN G 813 24.22 -40.54 69.65
CA GLN G 813 22.83 -40.93 69.83
C GLN G 813 22.56 -42.35 69.38
N TYR G 814 21.40 -42.88 69.79
CA TYR G 814 21.02 -44.24 69.42
C TYR G 814 20.65 -44.36 67.96
N ASP G 815 20.55 -43.25 67.22
CA ASP G 815 20.10 -43.30 65.85
C ASP G 815 21.14 -43.96 64.93
N ASP G 816 20.68 -45.00 64.25
CA ASP G 816 21.42 -45.75 63.24
C ASP G 816 20.50 -45.88 62.03
N GLY G 817 21.06 -45.74 60.83
CA GLY G 817 20.23 -45.66 59.65
C GLY G 817 19.41 -44.37 59.70
N SER G 818 18.09 -44.48 59.90
CA SER G 818 17.27 -43.31 60.16
C SER G 818 17.00 -43.13 61.65
N GLY G 819 17.18 -44.19 62.43
CA GLY G 819 17.14 -44.15 63.89
C GLY G 819 16.94 -45.54 64.47
N MET G 820 17.49 -45.76 65.66
CA MET G 820 17.49 -47.07 66.31
C MET G 820 17.20 -46.89 67.78
N LYS G 821 16.96 -48.01 68.46
CA LYS G 821 16.62 -47.98 69.88
C LYS G 821 17.84 -47.85 70.79
N ARG G 822 19.00 -48.33 70.37
CA ARG G 822 20.20 -48.45 71.21
C ARG G 822 21.36 -47.70 70.57
N GLU G 823 22.23 -47.19 71.43
CA GLU G 823 23.33 -46.31 71.03
C GLU G 823 24.18 -46.92 69.92
N ALA G 824 24.69 -46.01 69.08
CA ALA G 824 25.38 -46.39 67.86
C ALA G 824 26.78 -46.93 68.15
N THR G 825 27.20 -47.87 67.34
CA THR G 825 28.52 -48.46 67.39
C THR G 825 29.34 -47.99 66.20
N ALA G 826 30.65 -48.19 66.27
CA ALA G 826 31.51 -47.83 65.15
C ALA G 826 31.18 -48.66 63.91
N ASP G 827 30.98 -49.96 64.08
CA ASP G 827 30.65 -50.83 62.97
C ASP G 827 29.30 -50.47 62.37
N ASP G 828 28.39 -49.93 63.19
CA ASP G 828 27.11 -49.46 62.66
C ASP G 828 27.35 -48.39 61.60
N LEU G 829 28.26 -47.46 61.88
CA LEU G 829 28.52 -46.36 60.94
C LEU G 829 29.34 -46.83 59.75
N ILE G 830 30.28 -47.75 59.96
CA ILE G 830 31.03 -48.31 58.83
C ILE G 830 30.05 -48.87 57.81
N LYS G 831 28.91 -49.39 58.26
CA LYS G 831 27.90 -49.87 57.33
C LYS G 831 27.19 -48.70 56.65
N VAL G 832 26.92 -47.62 57.40
CA VAL G 832 26.25 -46.46 56.83
C VAL G 832 27.10 -45.81 55.76
N VAL G 833 28.39 -45.63 56.03
CA VAL G 833 29.26 -45.01 55.04
C VAL G 833 29.42 -45.90 53.83
N GLU G 834 29.59 -47.20 54.05
CA GLU G 834 29.78 -48.13 52.94
C GLU G 834 28.58 -48.16 52.01
N GLU G 835 27.36 -48.05 52.53
CA GLU G 835 26.20 -48.01 51.65
C GLU G 835 26.21 -46.75 50.78
N LEU G 836 26.72 -45.64 51.32
CA LEU G 836 26.81 -44.39 50.59
C LEU G 836 27.85 -44.45 49.49
N THR G 837 28.83 -45.37 49.58
CA THR G 837 29.79 -45.51 48.48
C THR G 837 29.17 -46.16 47.25
N ARG G 838 27.92 -46.61 47.31
CA ARG G 838 27.35 -47.27 46.15
C ARG G 838 26.76 -46.31 45.13
N ILE G 839 26.49 -45.06 45.51
CA ILE G 839 25.98 -44.11 44.54
C ILE G 839 27.09 -43.56 43.67
N HIS G 840 28.31 -43.51 44.19
CA HIS G 840 29.43 -42.90 43.46
C HIS G 840 30.13 -44.00 42.69
N THR H 7 -7.84 13.62 32.52
CA THR H 7 -6.69 14.50 32.35
C THR H 7 -5.41 13.85 32.85
N GLU H 8 -4.28 14.54 32.65
CA GLU H 8 -2.99 14.01 33.07
C GLU H 8 -2.87 13.89 34.59
N SER H 9 -3.72 14.58 35.34
CA SER H 9 -3.56 14.70 36.78
C SER H 9 -4.45 13.75 37.58
N ASP H 10 -5.48 13.17 36.98
CA ASP H 10 -6.48 12.42 37.75
C ASP H 10 -5.97 11.01 38.01
N TRP H 11 -5.14 10.92 39.05
CA TRP H 11 -4.55 9.65 39.46
C TRP H 11 -5.54 8.82 40.25
N GLY H 12 -5.24 7.52 40.33
CA GLY H 12 -6.05 6.61 41.09
C GLY H 12 -7.30 6.11 40.40
N LYS H 13 -7.60 6.61 39.20
CA LYS H 13 -8.81 6.21 38.49
C LYS H 13 -8.54 5.20 37.38
N ARG H 14 -7.55 5.44 36.54
CA ARG H 14 -7.26 4.53 35.44
C ARG H 14 -6.89 3.15 35.96
N CYS H 15 -7.37 2.13 35.25
CA CYS H 15 -7.26 0.75 35.69
C CYS H 15 -5.94 0.14 35.22
N VAL H 16 -5.44 -0.82 36.00
CA VAL H 16 -4.21 -1.52 35.65
C VAL H 16 -4.38 -2.40 34.43
N ASP H 17 -5.61 -2.59 33.94
CA ASP H 17 -5.82 -3.31 32.69
C ASP H 17 -5.00 -2.74 31.53
N LYS H 18 -4.66 -1.45 31.59
CA LYS H 18 -3.93 -0.77 30.53
C LYS H 18 -2.46 -1.19 30.46
N PHE H 19 -2.03 -2.11 31.32
CA PHE H 19 -0.67 -2.64 31.32
C PHE H 19 -0.67 -4.16 31.15
N ASP H 20 0.25 -4.67 30.34
CA ASP H 20 0.50 -6.11 30.25
C ASP H 20 1.57 -6.49 31.27
N ILE H 21 1.20 -7.30 32.27
CA ILE H 21 2.17 -7.67 33.30
C ILE H 21 3.16 -8.66 32.70
N ILE H 22 4.45 -8.35 32.83
CA ILE H 22 5.50 -9.19 32.24
C ILE H 22 6.09 -10.16 33.25
N GLY H 23 6.17 -9.77 34.52
CA GLY H 23 6.73 -10.64 35.53
C GLY H 23 6.98 -9.84 36.78
N ILE H 24 7.53 -10.52 37.78
CA ILE H 24 7.80 -9.90 39.07
C ILE H 24 9.30 -9.57 39.12
N ILE H 25 9.60 -8.27 39.10
CA ILE H 25 11.00 -7.83 39.12
C ILE H 25 11.54 -7.85 40.54
N GLY H 26 10.70 -7.55 41.53
CA GLY H 26 11.21 -7.50 42.88
C GLY H 26 10.12 -7.59 43.93
N GLU H 27 10.59 -7.74 45.17
CA GLU H 27 9.76 -7.70 46.37
C GLU H 27 10.03 -6.38 47.08
N GLY H 28 8.96 -5.66 47.39
CA GLY H 28 9.07 -4.37 48.03
C GLY H 28 8.69 -4.39 49.50
N THR H 29 8.75 -3.20 50.09
CA THR H 29 8.40 -3.07 51.51
C THR H 29 6.92 -3.31 51.75
N TYR H 30 6.04 -2.78 50.89
CA TYR H 30 4.60 -2.91 51.08
C TYR H 30 3.91 -3.89 50.15
N GLY H 31 4.58 -4.33 49.09
CA GLY H 31 3.99 -5.28 48.18
C GLY H 31 5.02 -5.80 47.20
N GLN H 32 4.53 -6.48 46.17
CA GLN H 32 5.40 -7.05 45.14
C GLN H 32 5.52 -6.05 44.00
N VAL H 33 6.72 -5.96 43.42
CA VAL H 33 7.01 -5.03 42.34
C VAL H 33 7.01 -5.80 41.02
N TYR H 34 6.22 -5.33 40.05
CA TYR H 34 6.08 -5.98 38.75
C TYR H 34 6.63 -5.08 37.65
N LYS H 35 7.12 -5.71 36.58
CA LYS H 35 7.50 -5.04 35.34
C LYS H 35 6.36 -5.21 34.34
N ALA H 36 5.97 -4.12 33.69
CA ALA H 36 4.79 -4.16 32.83
C ALA H 36 5.02 -3.30 31.59
N LYS H 37 4.32 -3.67 30.52
CA LYS H 37 4.31 -2.90 29.27
C LYS H 37 2.98 -2.15 29.18
N ASP H 38 3.07 -0.86 28.87
CA ASP H 38 1.87 -0.05 28.67
C ASP H 38 1.24 -0.43 27.33
N LYS H 39 -0.06 -0.71 27.35
CA LYS H 39 -0.72 -1.19 26.12
C LYS H 39 -0.85 -0.10 25.06
N ASP H 40 -0.97 1.16 25.47
CA ASP H 40 -1.18 2.23 24.50
C ASP H 40 0.12 2.79 23.94
N THR H 41 1.13 2.95 24.78
CA THR H 41 2.38 3.58 24.40
C THR H 41 3.52 2.60 24.20
N GLY H 42 3.44 1.42 24.79
CA GLY H 42 4.50 0.44 24.70
C GLY H 42 5.59 0.62 25.73
N GLU H 43 5.55 1.71 26.50
CA GLU H 43 6.60 1.98 27.46
C GLU H 43 6.66 0.90 28.53
N LEU H 44 7.90 0.55 28.91
CA LEU H 44 8.09 -0.35 30.04
C LEU H 44 8.00 0.50 31.31
N VAL H 45 7.25 0.00 32.29
CA VAL H 45 7.02 0.70 33.55
C VAL H 45 7.27 -0.30 34.66
N ALA H 46 7.27 0.19 35.89
CA ALA H 46 7.40 -0.67 37.07
C ALA H 46 6.22 -0.37 37.99
N LEU H 47 5.51 -1.43 38.41
CA LEU H 47 4.32 -1.31 39.23
C LEU H 47 4.60 -1.86 40.63
N LYS H 48 4.37 -1.04 41.65
CA LYS H 48 4.50 -1.46 43.03
C LYS H 48 3.09 -1.68 43.57
N LYS H 49 2.78 -2.91 43.99
CA LYS H 49 1.42 -3.21 44.43
C LYS H 49 1.27 -2.78 45.89
N VAL H 50 0.30 -1.90 46.14
CA VAL H 50 -0.01 -1.45 47.49
C VAL H 50 -1.29 -2.19 47.85
N ARG H 51 -1.19 -3.09 48.82
CA ARG H 51 -2.31 -3.93 49.21
C ARG H 51 -3.00 -3.30 50.41
N LEU H 52 -4.26 -2.93 50.22
CA LEU H 52 -5.08 -2.46 51.34
C LEU H 52 -5.87 -3.60 51.95
N ASP H 53 -5.68 -4.82 51.46
CA ASP H 53 -6.42 -5.96 51.94
C ASP H 53 -6.08 -6.32 53.38
N ASN H 54 -4.85 -6.01 53.81
CA ASN H 54 -4.51 -6.25 55.21
C ASN H 54 -5.36 -5.35 56.11
N GLU H 55 -5.57 -4.09 55.68
CA GLU H 55 -6.46 -3.16 56.34
C GLU H 55 -6.17 -3.11 57.84
N LYS H 56 -4.90 -3.37 58.20
CA LYS H 56 -4.47 -3.23 59.58
C LYS H 56 -4.61 -1.76 60.00
N GLU H 57 -4.05 -0.88 59.19
CA GLU H 57 -4.16 0.57 59.29
C GLU H 57 -4.38 1.18 57.91
N GLY H 58 -4.97 0.40 57.00
CA GLY H 58 -5.34 0.91 55.70
C GLY H 58 -4.11 1.15 54.83
N PHE H 59 -4.17 2.20 54.01
CA PHE H 59 -3.09 2.49 53.07
C PHE H 59 -1.76 2.63 53.82
N PRO H 60 -0.72 1.88 53.43
CA PRO H 60 0.55 1.94 54.16
C PRO H 60 1.16 3.32 54.10
N ILE H 61 1.72 3.76 55.23
CA ILE H 61 2.37 5.07 55.26
C ILE H 61 3.68 5.04 54.46
N THR H 62 4.32 3.87 54.35
CA THR H 62 5.53 3.79 53.53
C THR H 62 5.23 4.18 52.09
N ALA H 63 4.04 3.84 51.59
CA ALA H 63 3.65 4.26 50.25
C ALA H 63 3.21 5.72 50.25
N ILE H 64 2.45 6.14 51.27
CA ILE H 64 2.03 7.53 51.37
C ILE H 64 3.23 8.45 51.33
N ARG H 65 4.29 8.10 52.05
CA ARG H 65 5.51 8.89 52.01
C ARG H 65 6.06 8.97 50.59
N GLU H 66 6.01 7.86 49.87
CA GLU H 66 6.57 7.84 48.52
C GLU H 66 5.69 8.56 47.52
N ILE H 67 4.37 8.54 47.73
CA ILE H 67 3.46 9.26 46.84
C ILE H 67 3.50 10.75 47.14
N LYS H 68 3.53 11.11 48.42
CA LYS H 68 3.60 12.51 48.82
C LYS H 68 4.87 13.15 48.33
N ILE H 69 6.00 12.44 48.45
CA ILE H 69 7.30 13.06 48.21
C ILE H 69 7.66 13.06 46.74
N LEU H 70 7.38 11.98 46.03
CA LEU H 70 7.82 11.91 44.64
C LEU H 70 6.95 12.69 43.67
N ARG H 71 5.76 13.14 44.09
CA ARG H 71 5.03 14.11 43.28
C ARG H 71 5.53 15.53 43.49
N GLN H 72 6.41 15.72 44.46
CA GLN H 72 7.06 17.01 44.66
C GLN H 72 8.41 17.05 43.96
N LEU H 73 9.09 15.91 43.86
CA LEU H 73 10.47 15.87 43.36
C LEU H 73 10.51 15.62 41.86
N ILE H 74 11.13 16.55 41.15
CA ILE H 74 11.38 16.43 39.71
C ILE H 74 12.89 16.52 39.52
N HIS H 75 13.53 15.43 39.17
CA HIS H 75 14.96 15.47 38.93
C HIS H 75 15.36 14.26 38.09
N ARG H 76 16.35 14.48 37.21
CA ARG H 76 16.78 13.41 36.32
C ARG H 76 17.27 12.19 37.09
N SER H 77 17.84 12.39 38.27
CA SER H 77 18.43 11.32 39.05
C SER H 77 17.52 10.81 40.16
N VAL H 78 16.25 11.23 40.18
CA VAL H 78 15.26 10.73 41.12
C VAL H 78 14.24 9.91 40.34
N VAL H 79 13.88 8.74 40.88
CA VAL H 79 12.93 7.87 40.19
C VAL H 79 11.63 8.65 39.96
N ASN H 80 10.92 8.30 38.90
CA ASN H 80 9.72 9.05 38.55
C ASN H 80 8.48 8.19 38.79
N MET H 81 7.53 8.74 39.54
CA MET H 81 6.22 8.13 39.69
C MET H 81 5.34 8.75 38.61
N LYS H 82 5.02 7.98 37.57
CA LYS H 82 4.25 8.51 36.46
C LYS H 82 2.77 8.66 36.83
N GLU H 83 2.19 7.66 37.48
CA GLU H 83 0.79 7.75 37.88
C GLU H 83 0.47 6.62 38.86
N ILE H 84 -0.80 6.54 39.25
CA ILE H 84 -1.33 5.52 40.14
C ILE H 84 -2.59 4.93 39.51
N VAL H 85 -2.65 3.60 39.45
CA VAL H 85 -3.76 2.88 38.85
C VAL H 85 -4.31 1.90 39.88
N THR H 86 -5.49 1.36 39.59
CA THR H 86 -6.23 0.54 40.54
C THR H 86 -6.65 -0.78 39.91
N ASP H 87 -6.90 -1.78 40.76
CA ASP H 87 -7.56 -2.99 40.30
C ASP H 87 -8.99 -2.69 39.85
N LYS H 88 -9.49 -3.54 38.97
CA LYS H 88 -10.85 -3.38 38.46
C LYS H 88 -11.85 -3.34 39.59
N GLN H 89 -12.61 -2.25 39.69
CA GLN H 89 -13.62 -2.09 40.73
C GLN H 89 -14.87 -2.85 40.30
N ASP H 90 -14.73 -4.18 40.28
CA ASP H 90 -15.84 -5.02 39.84
C ASP H 90 -16.93 -5.08 40.90
N ALA H 91 -16.57 -4.85 42.16
CA ALA H 91 -17.53 -4.86 43.25
C ALA H 91 -18.49 -3.69 43.14
N LEU H 92 -19.75 -3.95 43.50
CA LEU H 92 -20.79 -2.95 43.32
C LEU H 92 -20.60 -1.75 44.24
N ASP H 93 -20.28 -1.99 45.51
CA ASP H 93 -20.20 -0.97 46.54
C ASP H 93 -18.76 -0.59 46.87
N PHE H 94 -18.56 0.66 47.31
CA PHE H 94 -17.23 1.07 47.76
C PHE H 94 -16.80 0.25 48.99
N LYS H 95 -17.78 -0.17 49.81
CA LYS H 95 -17.48 -1.07 50.92
C LYS H 95 -16.98 -2.42 50.42
N LYS H 96 -17.57 -2.93 49.33
CA LYS H 96 -17.22 -4.26 48.85
C LYS H 96 -15.78 -4.36 48.30
N ASP H 97 -15.31 -3.32 47.61
CA ASP H 97 -14.04 -3.41 46.90
C ASP H 97 -12.87 -3.71 47.84
N LYS H 98 -12.09 -4.73 47.49
CA LYS H 98 -10.86 -5.07 48.21
C LYS H 98 -9.63 -5.03 47.30
N GLY H 99 -9.81 -4.66 46.04
CA GLY H 99 -8.68 -4.57 45.14
C GLY H 99 -7.63 -3.58 45.60
N ALA H 100 -6.42 -3.74 45.06
CA ALA H 100 -5.29 -2.96 45.49
C ALA H 100 -5.00 -1.82 44.50
N PHE H 101 -3.95 -1.06 44.81
CA PHE H 101 -3.50 0.08 44.02
C PHE H 101 -2.07 -0.20 43.57
N TYR H 102 -1.71 0.26 42.38
CA TYR H 102 -0.39 0.07 41.82
C TYR H 102 0.23 1.44 41.55
N LEU H 103 1.45 1.65 42.03
CA LEU H 103 2.19 2.88 41.79
C LEU H 103 3.05 2.70 40.53
N VAL H 104 2.79 3.51 39.51
CA VAL H 104 3.50 3.39 38.24
C VAL H 104 4.79 4.19 38.33
N PHE H 105 5.90 3.52 38.03
CA PHE H 105 7.23 4.13 38.00
C PHE H 105 7.86 3.92 36.63
N GLU H 106 8.83 4.77 36.30
CA GLU H 106 9.68 4.53 35.14
C GLU H 106 10.58 3.32 35.37
N TYR H 107 10.64 2.43 34.38
CA TYR H 107 11.42 1.21 34.49
C TYR H 107 12.91 1.49 34.30
N MET H 108 13.73 0.86 35.13
CA MET H 108 15.18 0.95 35.04
C MET H 108 15.74 -0.45 34.83
N ASP H 109 16.73 -0.57 33.95
CA ASP H 109 17.15 -1.89 33.50
C ASP H 109 17.71 -2.73 34.65
N HIS H 110 18.48 -2.13 35.55
CA HIS H 110 19.16 -2.89 36.60
C HIS H 110 19.23 -2.08 37.89
N ASP H 111 19.72 -2.74 38.93
CA ASP H 111 20.07 -2.13 40.21
C ASP H 111 21.55 -2.37 40.50
N LEU H 112 22.15 -1.48 41.28
CA LEU H 112 23.60 -1.58 41.48
C LEU H 112 23.95 -2.88 42.19
N MET H 113 23.15 -3.28 43.19
CA MET H 113 23.43 -4.54 43.88
C MET H 113 23.43 -5.72 42.91
N GLY H 114 22.47 -5.74 42.00
CA GLY H 114 22.38 -6.85 41.06
C GLY H 114 23.58 -6.92 40.15
N LEU H 115 24.04 -5.76 39.68
CA LEU H 115 25.20 -5.76 38.79
C LEU H 115 26.47 -6.17 39.55
N LEU H 116 26.58 -5.78 40.80
CA LEU H 116 27.77 -6.07 41.59
C LEU H 116 27.75 -7.47 42.21
N GLU H 117 26.60 -7.86 42.80
CA GLU H 117 26.53 -9.16 43.47
C GLU H 117 26.86 -10.27 42.49
N SER H 118 26.33 -10.20 41.27
CA SER H 118 26.62 -11.17 40.22
C SER H 118 28.03 -11.01 39.62
N GLY H 119 28.80 -9.99 40.02
CA GLY H 119 30.17 -9.86 39.58
C GLY H 119 30.39 -9.49 38.13
N LEU H 120 29.39 -8.94 37.46
CA LEU H 120 29.38 -8.72 36.01
C LEU H 120 29.93 -7.37 35.57
N VAL H 121 30.13 -6.41 36.48
CA VAL H 121 30.53 -5.05 36.12
C VAL H 121 31.94 -4.69 36.55
N HIS H 122 32.58 -3.82 35.75
CA HIS H 122 33.83 -3.15 36.13
C HIS H 122 33.66 -1.65 35.97
N PHE H 123 33.86 -0.91 37.07
CA PHE H 123 33.76 0.54 37.05
C PHE H 123 35.15 1.12 36.94
N SER H 124 35.37 1.98 35.95
CA SER H 124 36.59 2.76 35.87
C SER H 124 36.41 4.03 36.69
N GLU H 125 37.49 4.79 36.83
CA GLU H 125 37.37 6.07 37.53
C GLU H 125 36.32 6.94 36.85
N ASP H 126 36.38 7.04 35.51
CA ASP H 126 35.42 7.87 34.79
C ASP H 126 34.00 7.37 34.99
N HIS H 127 33.81 6.05 35.05
CA HIS H 127 32.48 5.53 35.34
C HIS H 127 32.03 5.96 36.72
N ILE H 128 32.94 5.93 37.70
CA ILE H 128 32.57 6.35 39.04
C ILE H 128 32.30 7.84 39.08
N LYS H 129 33.03 8.63 38.29
CA LYS H 129 32.74 10.06 38.24
C LYS H 129 31.34 10.31 37.70
N SER H 130 31.01 9.70 36.55
CA SER H 130 29.69 9.89 35.97
C SER H 130 28.61 9.39 36.92
N PHE H 131 28.90 8.33 37.68
CA PHE H 131 27.95 7.76 38.62
C PHE H 131 27.74 8.68 39.82
N MET H 132 28.83 9.06 40.47
CA MET H 132 28.71 9.86 41.69
C MET H 132 28.13 11.24 41.40
N LYS H 133 28.50 11.85 40.28
CA LYS H 133 27.96 13.16 40.01
C LYS H 133 26.45 13.10 39.92
N GLN H 134 25.93 12.06 39.26
CA GLN H 134 24.48 11.91 39.18
C GLN H 134 23.90 11.63 40.56
N LEU H 135 24.49 10.71 41.31
CA LEU H 135 23.93 10.37 42.61
C LEU H 135 23.93 11.59 43.52
N MET H 136 25.07 12.28 43.61
CA MET H 136 25.17 13.43 44.50
C MET H 136 24.28 14.58 44.03
N GLU H 137 24.15 14.77 42.72
CA GLU H 137 23.22 15.80 42.24
C GLU H 137 21.80 15.47 42.63
N GLY H 138 21.40 14.20 42.52
CA GLY H 138 20.09 13.81 42.99
C GLY H 138 19.92 14.02 44.48
N LEU H 139 20.93 13.67 45.27
CA LEU H 139 20.84 13.84 46.71
C LEU H 139 20.76 15.31 47.09
N GLU H 140 21.55 16.16 46.41
CA GLU H 140 21.46 17.61 46.67
C GLU H 140 20.06 18.12 46.43
N TYR H 141 19.43 17.71 45.34
CA TYR H 141 18.08 18.18 45.04
C TYR H 141 17.12 17.90 46.18
N CYS H 142 17.13 16.66 46.68
CA CYS H 142 16.22 16.27 47.75
C CYS H 142 16.56 17.00 49.05
N HIS H 143 17.85 17.09 49.38
CA HIS H 143 18.24 17.81 50.59
C HIS H 143 17.91 19.29 50.47
N LYS H 144 17.94 19.84 49.26
CA LYS H 144 17.50 21.22 49.07
C LYS H 144 16.01 21.35 49.28
N LYS H 145 15.24 20.31 48.95
CA LYS H 145 13.80 20.31 49.23
C LYS H 145 13.51 19.79 50.63
N ASN H 146 14.54 19.64 51.47
CA ASN H 146 14.40 19.24 52.87
C ASN H 146 13.78 17.85 53.04
N PHE H 147 14.27 16.89 52.27
CA PHE H 147 13.85 15.50 52.42
C PHE H 147 15.06 14.64 52.76
N LEU H 148 14.85 13.65 53.62
CA LEU H 148 15.91 12.74 54.05
C LEU H 148 15.58 11.37 53.47
N HIS H 149 16.54 10.74 52.79
CA HIS H 149 16.21 9.46 52.18
C HIS H 149 16.13 8.36 53.23
N ARG H 150 17.17 8.18 54.04
CA ARG H 150 17.16 7.33 55.21
C ARG H 150 17.17 5.86 54.84
N ASP H 151 17.21 5.53 53.55
CA ASP H 151 17.34 4.15 53.11
C ASP H 151 18.20 4.08 51.85
N ILE H 152 19.40 4.64 51.92
CA ILE H 152 20.33 4.60 50.81
C ILE H 152 21.15 3.31 50.92
N LYS H 153 21.03 2.45 49.91
CA LYS H 153 21.78 1.22 49.81
C LYS H 153 22.00 0.99 48.33
N CYS H 154 22.91 0.09 47.98
CA CYS H 154 23.18 -0.16 46.57
C CYS H 154 21.93 -0.62 45.83
N SER H 155 21.05 -1.35 46.51
CA SER H 155 19.84 -1.86 45.87
C SER H 155 18.90 -0.74 45.41
N ASN H 156 18.81 0.33 46.17
CA ASN H 156 17.88 1.41 45.86
C ASN H 156 18.47 2.44 44.89
N ILE H 157 19.62 2.13 44.29
CA ILE H 157 20.19 2.90 43.19
C ILE H 157 19.92 2.13 41.90
N LEU H 158 18.95 2.60 41.13
CA LEU H 158 18.56 1.95 39.88
C LEU H 158 19.29 2.62 38.73
N LEU H 159 19.97 1.83 37.91
CA LEU H 159 20.70 2.33 36.75
C LEU H 159 20.24 1.57 35.52
N ASN H 160 19.93 2.29 34.44
CA ASN H 160 19.64 1.68 33.15
C ASN H 160 20.94 1.56 32.34
N ASN H 161 20.86 0.82 31.23
CA ASN H 161 22.08 0.49 30.49
C ASN H 161 22.79 1.70 29.92
N SER H 162 22.09 2.79 29.63
CA SER H 162 22.76 3.94 29.05
C SER H 162 23.79 4.53 30.01
N GLY H 163 23.64 4.27 31.31
CA GLY H 163 24.48 4.86 32.33
C GLY H 163 23.78 5.88 33.21
N GLN H 164 22.49 6.11 33.01
CA GLN H 164 21.73 7.00 33.89
C GLN H 164 21.49 6.32 35.23
N ILE H 165 21.51 7.12 36.29
CA ILE H 165 21.33 6.65 37.66
C ILE H 165 20.09 7.35 38.23
N LYS H 166 19.26 6.59 38.95
CA LYS H 166 18.09 7.15 39.63
C LYS H 166 17.95 6.55 41.02
N LEU H 167 17.71 7.40 42.02
CA LEU H 167 17.45 6.98 43.39
C LEU H 167 16.00 6.54 43.56
N ALA H 168 15.78 5.56 44.46
CA ALA H 168 14.49 4.89 44.38
C ALA H 168 13.57 4.69 45.58
N ASP H 169 13.99 4.03 46.65
CA ASP H 169 13.03 3.67 47.68
C ASP H 169 12.84 4.84 48.64
N PHE H 170 11.86 5.70 48.32
CA PHE H 170 11.50 6.82 49.17
C PHE H 170 10.36 6.48 50.14
N GLY H 171 10.32 5.23 50.60
CA GLY H 171 9.32 4.80 51.56
C GLY H 171 9.62 5.23 52.98
N LEU H 172 10.88 5.55 53.26
CA LEU H 172 11.30 6.02 54.57
C LEU H 172 11.72 7.49 54.54
N ALA H 173 11.30 8.23 53.52
CA ALA H 173 11.68 9.63 53.39
C ALA H 173 10.82 10.48 54.31
N ARG H 174 11.45 11.48 54.92
CA ARG H 174 10.73 12.37 55.82
C ARG H 174 11.32 13.76 55.69
N LEU H 175 10.52 14.76 56.06
CA LEU H 175 10.96 16.15 56.01
C LEU H 175 11.89 16.45 57.18
N TYR H 176 12.86 17.32 56.95
CA TYR H 176 13.82 17.72 57.96
C TYR H 176 13.71 19.22 58.23
N ASN H 177 13.55 19.58 59.51
CA ASN H 177 13.57 20.98 59.92
C ASN H 177 14.70 21.16 60.93
N SER H 178 15.68 21.99 60.56
CA SER H 178 16.78 22.31 61.46
C SER H 178 16.31 23.12 62.66
N GLU H 179 15.43 24.10 62.43
CA GLU H 179 14.98 24.98 63.49
C GLU H 179 14.16 24.23 64.54
N GLU H 180 13.32 23.30 64.11
CA GLU H 180 12.46 22.50 64.99
C GLU H 180 12.91 21.04 64.90
N SER H 181 13.74 20.63 65.84
CA SER H 181 14.16 19.24 65.91
C SER H 181 13.08 18.34 66.53
N ARG H 182 12.71 17.28 65.82
CA ARG H 182 11.72 16.32 66.26
C ARG H 182 12.38 14.94 66.32
N PRO H 183 12.04 14.10 67.30
CA PRO H 183 12.70 12.78 67.38
C PRO H 183 12.26 11.89 66.22
N TYR H 184 13.24 11.34 65.51
CA TYR H 184 12.95 10.45 64.41
C TYR H 184 13.27 9.03 64.91
N TPO H 185 13.09 8.05 64.05
CA TPO H 185 13.37 6.66 64.36
CB TPO H 185 12.53 5.79 63.38
CG2 TPO H 185 12.60 4.33 63.86
OG1 TPO H 185 11.18 6.25 63.34
P TPO H 185 10.70 6.91 61.92
O1P TPO H 185 11.83 7.23 61.02
O2P TPO H 185 9.89 8.28 62.24
O3P TPO H 185 9.67 5.94 61.16
C TPO H 185 14.86 6.32 64.30
O TPO H 185 15.50 6.52 63.29
H TPO H 185 12.80 8.17 63.25
HA TPO H 185 13.10 6.47 65.28
HB TPO H 185 12.94 5.86 62.37
HG21 TPO H 185 12.04 3.70 63.17
HG22 TPO H 185 12.17 4.25 64.86
HG23 TPO H 185 13.64 4.01 63.89
N ASN H 186 15.42 5.85 65.43
CA ASN H 186 16.87 5.65 65.50
C ASN H 186 17.49 4.74 64.44
N LYS H 187 16.74 3.72 64.05
CA LYS H 187 17.21 2.65 63.16
C LYS H 187 16.55 2.78 61.79
N VAL H 188 17.15 3.60 60.93
CA VAL H 188 16.62 3.85 59.60
C VAL H 188 17.42 3.14 58.49
N ILE H 189 18.70 3.49 58.31
CA ILE H 189 19.45 2.99 57.16
C ILE H 189 19.96 1.58 57.43
N THR H 190 20.18 0.79 56.35
CA THR H 190 20.67 -0.57 56.49
C THR H 190 22.04 -0.57 57.18
N LEU H 191 22.31 -1.63 57.94
CA LEU H 191 23.46 -1.59 58.84
C LEU H 191 24.75 -1.29 58.10
N TRP H 192 24.95 -1.88 56.92
CA TRP H 192 26.19 -1.69 56.18
C TRP H 192 26.40 -0.23 55.78
N TYR H 193 25.32 0.48 55.51
CA TYR H 193 25.36 1.85 55.08
C TYR H 193 24.86 2.80 56.16
N ARG H 194 24.76 2.33 57.41
CA ARG H 194 24.24 3.19 58.45
C ARG H 194 25.39 4.01 59.03
N PRO H 195 25.16 5.30 59.28
CA PRO H 195 26.23 6.17 59.82
C PRO H 195 26.49 5.89 61.31
N PRO H 196 27.67 6.28 61.79
CA PRO H 196 27.99 6.01 63.21
C PRO H 196 27.04 6.69 64.17
N GLU H 197 26.61 7.92 63.88
CA GLU H 197 25.73 8.62 64.81
C GLU H 197 24.47 7.81 65.10
N LEU H 198 23.94 7.15 64.07
CA LEU H 198 22.74 6.34 64.26
C LEU H 198 23.06 5.08 65.05
N LEU H 199 24.28 4.56 64.89
CA LEU H 199 24.70 3.43 65.71
C LEU H 199 24.77 3.81 67.18
N LEU H 200 25.27 5.01 67.47
CA LEU H 200 25.36 5.55 68.82
C LEU H 200 24.05 6.14 69.35
N GLY H 201 22.94 5.96 68.64
CA GLY H 201 21.63 6.24 69.18
C GLY H 201 21.12 7.66 69.02
N GLU H 202 21.58 8.38 68.01
CA GLU H 202 21.03 9.70 67.73
C GLU H 202 19.61 9.56 67.18
N GLU H 203 18.67 10.27 67.77
CA GLU H 203 17.28 10.26 67.33
C GLU H 203 16.88 11.55 66.61
N ARG H 204 17.70 12.59 66.65
CA ARG H 204 17.51 13.83 65.93
C ARG H 204 18.69 13.96 64.97
N TYR H 205 18.53 13.45 63.76
CA TYR H 205 19.65 13.35 62.83
C TYR H 205 19.47 14.27 61.64
N THR H 206 20.58 14.50 60.97
CA THR H 206 20.72 15.40 59.84
C THR H 206 20.60 14.67 58.52
N PRO H 207 20.57 15.43 57.42
CA PRO H 207 20.81 14.83 56.10
C PRO H 207 22.20 14.21 55.99
N ALA H 208 23.07 14.43 56.96
CA ALA H 208 24.40 13.83 56.91
C ALA H 208 24.34 12.31 56.91
N ILE H 209 23.22 11.72 57.36
CA ILE H 209 23.07 10.28 57.31
C ILE H 209 23.15 9.77 55.87
N ASP H 210 22.50 10.48 54.95
CA ASP H 210 22.48 10.04 53.56
C ASP H 210 23.85 10.19 52.91
N VAL H 211 24.61 11.22 53.31
CA VAL H 211 25.96 11.38 52.76
C VAL H 211 26.83 10.20 53.17
N TRP H 212 26.75 9.79 54.44
CA TRP H 212 27.53 8.65 54.89
C TRP H 212 27.23 7.41 54.05
N SER H 213 25.94 7.12 53.83
CA SER H 213 25.58 5.97 53.00
C SER H 213 26.22 6.09 51.62
N CYS H 214 26.10 7.25 50.98
CA CYS H 214 26.68 7.43 49.66
C CYS H 214 28.20 7.34 49.69
N GLY H 215 28.82 7.73 50.80
CA GLY H 215 30.25 7.53 50.93
C GLY H 215 30.63 6.07 50.99
N CYS H 216 29.82 5.27 51.69
CA CYS H 216 30.03 3.83 51.68
C CYS H 216 29.95 3.29 50.25
N ILE H 217 29.02 3.80 49.44
CA ILE H 217 28.92 3.38 48.06
C ILE H 217 30.13 3.83 47.26
N LEU H 218 30.61 5.06 47.50
CA LEU H 218 31.78 5.51 46.77
C LEU H 218 32.95 4.55 46.97
N GLY H 219 33.22 4.17 48.21
CA GLY H 219 34.28 3.21 48.45
C GLY H 219 34.00 1.87 47.80
N GLU H 220 32.76 1.39 47.91
CA GLU H 220 32.39 0.09 47.38
C GLU H 220 32.59 0.01 45.88
N LEU H 221 32.50 1.15 45.18
CA LEU H 221 32.70 1.13 43.74
C LEU H 221 34.18 0.93 43.40
N PHE H 222 35.08 1.30 44.31
CA PHE H 222 36.50 1.10 44.07
C PHE H 222 36.95 -0.31 44.47
N THR H 223 36.27 -0.92 45.46
CA THR H 223 36.60 -2.30 45.84
C THR H 223 35.66 -3.36 45.28
N LYS H 224 34.46 -2.97 44.84
CA LYS H 224 33.40 -3.87 44.38
C LYS H 224 32.82 -4.69 45.54
N LYS H 225 33.21 -4.38 46.78
CA LYS H 225 32.75 -5.01 48.01
C LYS H 225 32.37 -3.96 49.03
N PRO H 226 31.27 -4.16 49.77
CA PRO H 226 30.91 -3.18 50.81
C PRO H 226 32.01 -3.02 51.84
N ILE H 227 32.15 -1.78 52.33
CA ILE H 227 33.29 -1.44 53.19
C ILE H 227 33.11 -2.02 54.57
N PHE H 228 31.93 -1.89 55.14
CA PHE H 228 31.65 -2.23 56.53
C PHE H 228 30.58 -3.33 56.54
N GLN H 229 31.01 -4.58 56.58
CA GLN H 229 30.06 -5.69 56.62
C GLN H 229 30.11 -6.33 58.00
N ALA H 230 29.00 -6.22 58.72
CA ALA H 230 28.82 -6.84 60.01
C ALA H 230 27.34 -7.11 60.16
N ASN H 231 27.00 -7.91 61.16
CA ASN H 231 25.63 -8.32 61.39
C ASN H 231 24.99 -7.66 62.59
N LEU H 232 25.80 -7.07 63.46
CA LEU H 232 25.30 -6.43 64.66
C LEU H 232 25.81 -4.99 64.77
N GLU H 233 24.99 -4.16 65.40
CA GLU H 233 25.29 -2.73 65.50
C GLU H 233 26.62 -2.47 66.16
N LEU H 234 26.95 -3.22 67.22
CA LEU H 234 28.25 -3.02 67.83
C LEU H 234 29.38 -3.49 66.92
N ALA H 235 29.21 -4.65 66.28
CA ALA H 235 30.22 -5.13 65.35
C ALA H 235 30.43 -4.13 64.21
N GLN H 236 29.35 -3.46 63.78
CA GLN H 236 29.46 -2.47 62.73
C GLN H 236 30.29 -1.26 63.18
N LEU H 237 30.01 -0.75 64.38
CA LEU H 237 30.74 0.41 64.87
C LEU H 237 32.24 0.11 64.98
N GLU H 238 32.59 -1.12 65.36
CA GLU H 238 33.99 -1.50 65.46
C GLU H 238 34.66 -1.46 64.10
N LEU H 239 33.99 -1.98 63.07
CA LEU H 239 34.55 -1.93 61.72
C LEU H 239 34.74 -0.48 61.27
N ILE H 240 33.74 0.36 61.51
CA ILE H 240 33.87 1.77 61.20
C ILE H 240 35.04 2.38 61.95
N SER H 241 35.22 1.98 63.22
CA SER H 241 36.26 2.57 64.05
C SER H 241 37.66 2.15 63.60
N ARG H 242 37.83 0.90 63.18
CA ARG H 242 39.14 0.46 62.70
C ARG H 242 39.63 1.33 61.56
N LEU H 243 38.71 1.71 60.68
CA LEU H 243 39.06 2.46 59.48
C LEU H 243 39.03 3.96 59.72
N CYS H 244 37.94 4.47 60.27
CA CYS H 244 37.74 5.90 60.40
C CYS H 244 38.32 6.49 61.67
N GLY H 245 38.76 5.67 62.61
CA GLY H 245 39.07 6.14 63.94
C GLY H 245 37.89 5.95 64.87
N SER H 246 38.18 5.85 66.15
CA SER H 246 37.10 5.60 67.11
C SER H 246 36.36 6.90 67.43
N PRO H 247 35.04 6.85 67.58
CA PRO H 247 34.32 8.05 68.05
C PRO H 247 34.84 8.49 69.42
N CYS H 248 35.27 9.75 69.49
CA CYS H 248 35.78 10.30 70.74
C CYS H 248 35.64 11.82 70.69
N PRO H 249 35.58 12.47 71.85
CA PRO H 249 35.40 13.93 71.84
C PRO H 249 36.47 14.69 71.09
N ALA H 250 37.69 14.14 70.98
CA ALA H 250 38.78 14.86 70.34
C ALA H 250 38.42 15.20 68.90
N VAL H 251 37.81 14.25 68.17
CA VAL H 251 37.44 14.48 66.78
C VAL H 251 35.95 14.77 66.58
N TRP H 252 35.12 14.51 67.58
CA TRP H 252 33.67 14.63 67.49
C TRP H 252 33.21 15.19 68.81
N PRO H 253 33.34 16.50 69.02
CA PRO H 253 33.15 17.06 70.37
C PRO H 253 31.82 16.70 71.01
N ASP H 254 30.73 16.66 70.25
CA ASP H 254 29.41 16.42 70.82
C ASP H 254 29.03 14.95 70.89
N VAL H 255 29.98 14.03 70.70
CA VAL H 255 29.63 12.61 70.79
C VAL H 255 29.17 12.25 72.19
N ILE H 256 29.68 12.97 73.20
CA ILE H 256 29.36 12.66 74.59
C ILE H 256 27.88 12.81 74.90
N ARG H 257 27.16 13.59 74.10
CA ARG H 257 25.72 13.71 74.29
C ARG H 257 24.94 12.50 73.79
N LEU H 258 25.57 11.60 73.10
CA LEU H 258 24.79 10.53 72.48
C LEU H 258 24.44 9.45 73.50
N PRO H 259 23.26 8.85 73.38
CA PRO H 259 22.83 7.89 74.40
C PRO H 259 23.85 6.80 74.67
N TYR H 260 24.39 6.19 73.62
CA TYR H 260 25.18 4.98 73.76
C TYR H 260 26.68 5.24 73.69
N PHE H 261 27.12 6.49 73.86
CA PHE H 261 28.54 6.77 73.73
C PHE H 261 29.36 5.98 74.74
N ASN H 262 28.92 5.97 76.00
CA ASN H 262 29.59 5.14 77.00
C ASN H 262 29.31 3.66 76.74
N THR H 263 28.07 3.36 76.34
CA THR H 263 27.63 1.98 76.21
C THR H 263 28.37 1.24 75.10
N MET H 264 28.39 1.79 73.90
CA MET H 264 28.97 1.10 72.75
C MET H 264 30.39 1.62 72.60
N LYS H 265 31.33 0.95 73.25
CA LYS H 265 32.69 1.40 73.06
C LYS H 265 33.40 0.41 72.15
N PRO H 266 34.22 0.89 71.23
CA PRO H 266 35.01 -0.03 70.40
C PRO H 266 36.08 -0.74 71.23
N LYS H 267 36.60 -1.82 70.64
CA LYS H 267 37.63 -2.62 71.31
C LYS H 267 38.77 -1.74 71.79
N LYS H 268 39.20 -0.81 70.95
CA LYS H 268 40.25 0.14 71.28
C LYS H 268 39.82 1.55 70.88
N GLN H 269 40.69 2.52 71.21
CA GLN H 269 40.63 3.87 70.65
C GLN H 269 41.52 3.86 69.42
N TYR H 270 40.91 3.59 68.27
CA TYR H 270 41.66 3.42 67.03
C TYR H 270 41.99 4.76 66.40
N ARG H 271 43.15 4.83 65.76
CA ARG H 271 43.47 5.98 64.92
C ARG H 271 42.80 5.81 63.56
N ARG H 272 42.69 6.92 62.84
CA ARG H 272 42.09 6.88 61.51
C ARG H 272 43.09 6.32 60.50
N ARG H 273 42.66 5.35 59.72
CA ARG H 273 43.48 4.69 58.72
C ARG H 273 42.86 4.78 57.33
N LEU H 274 41.85 5.65 57.17
CA LEU H 274 41.07 5.68 55.94
C LEU H 274 41.96 5.92 54.73
N ARG H 275 42.81 6.94 54.78
CA ARG H 275 43.70 7.20 53.65
C ARG H 275 44.68 6.06 53.45
N GLU H 276 45.14 5.44 54.54
CA GLU H 276 46.11 4.36 54.41
C GLU H 276 45.47 3.15 53.74
N GLU H 277 44.33 2.70 54.24
CA GLU H 277 43.70 1.49 53.72
C GLU H 277 43.14 1.68 52.32
N PHE H 278 42.76 2.91 51.97
CA PHE H 278 42.31 3.21 50.61
C PHE H 278 43.37 3.95 49.80
N SER H 279 44.65 3.66 50.05
CA SER H 279 45.71 4.36 49.32
C SER H 279 45.63 4.11 47.82
N PHE H 280 45.04 2.98 47.40
CA PHE H 280 44.97 2.64 45.99
C PHE H 280 44.04 3.57 45.20
N ILE H 281 43.17 4.33 45.88
CA ILE H 281 42.19 5.21 45.25
C ILE H 281 42.83 6.51 44.76
N PRO H 282 42.40 7.02 43.59
CA PRO H 282 42.89 8.33 43.14
C PRO H 282 42.73 9.42 44.21
N SER H 283 43.63 10.40 44.16
CA SER H 283 43.68 11.41 45.22
C SER H 283 42.37 12.22 45.29
N ALA H 284 41.90 12.72 44.14
CA ALA H 284 40.67 13.51 44.16
C ALA H 284 39.54 12.72 44.81
N ALA H 285 39.52 11.40 44.60
CA ALA H 285 38.48 10.58 45.21
C ALA H 285 38.77 10.33 46.68
N LEU H 286 40.02 10.02 47.04
CA LEU H 286 40.31 9.74 48.44
C LEU H 286 39.93 10.93 49.31
N ASP H 287 40.18 12.16 48.82
CA ASP H 287 39.74 13.33 49.56
C ASP H 287 38.22 13.33 49.73
N LEU H 288 37.49 12.95 48.67
CA LEU H 288 36.04 12.89 48.78
C LEU H 288 35.62 11.82 49.79
N LEU H 289 36.23 10.63 49.70
CA LEU H 289 35.87 9.54 50.59
C LEU H 289 36.15 9.92 52.05
N ASP H 290 37.32 10.50 52.30
CA ASP H 290 37.70 10.88 53.65
C ASP H 290 36.70 11.86 54.24
N HIS H 291 36.21 12.79 53.43
CA HIS H 291 35.26 13.80 53.87
C HIS H 291 33.84 13.28 54.02
N MET H 292 33.45 12.31 53.21
CA MET H 292 32.12 11.73 53.35
C MET H 292 32.05 10.78 54.54
N LEU H 293 33.11 10.05 54.83
CA LEU H 293 33.18 9.14 55.96
C LEU H 293 33.87 9.79 57.14
N THR H 294 33.45 11.02 57.43
CA THR H 294 33.88 11.75 58.62
C THR H 294 32.91 11.45 59.76
N LEU H 295 33.45 11.13 60.93
CA LEU H 295 32.61 10.62 62.01
C LEU H 295 31.58 11.65 62.46
N ASP H 296 32.01 12.88 62.73
CA ASP H 296 31.10 13.88 63.26
C ASP H 296 30.20 14.40 62.14
N PRO H 297 28.89 14.16 62.20
CA PRO H 297 28.03 14.61 61.09
C PRO H 297 28.11 16.10 60.83
N SER H 298 28.44 16.90 61.84
CA SER H 298 28.57 18.33 61.65
C SER H 298 29.85 18.71 60.91
N LYS H 299 30.83 17.80 60.85
CA LYS H 299 32.05 18.02 60.07
C LYS H 299 32.01 17.31 58.73
N ARG H 300 31.09 16.37 58.54
CA ARG H 300 30.93 15.64 57.29
C ARG H 300 30.44 16.57 56.20
N CYS H 301 31.04 16.46 55.03
CA CYS H 301 30.65 17.31 53.91
C CYS H 301 29.19 17.07 53.54
N THR H 302 28.61 18.07 52.89
CA THR H 302 27.24 18.00 52.42
C THR H 302 27.21 17.46 50.98
N ALA H 303 26.01 17.26 50.45
CA ALA H 303 25.90 16.89 49.04
C ALA H 303 26.46 18.00 48.15
N GLU H 304 26.09 19.26 48.43
CA GLU H 304 26.59 20.34 47.60
C GLU H 304 28.12 20.35 47.57
N GLN H 305 28.74 20.14 48.72
CA GLN H 305 30.20 20.22 48.79
C GLN H 305 30.87 19.15 47.96
N THR H 306 30.29 17.94 47.92
CA THR H 306 30.88 16.90 47.08
C THR H 306 30.83 17.28 45.62
N LEU H 307 29.76 17.95 45.20
CA LEU H 307 29.66 18.44 43.83
C LEU H 307 30.64 19.56 43.56
N GLN H 308 31.11 20.24 44.59
CA GLN H 308 32.18 21.23 44.44
C GLN H 308 33.52 20.63 44.91
N SER H 309 33.77 19.39 44.48
CA SER H 309 35.00 18.69 44.81
C SER H 309 35.85 18.53 43.55
N ASP H 310 37.17 18.42 43.74
CA ASP H 310 38.04 18.20 42.60
C ASP H 310 37.64 16.97 41.82
N PHE H 311 37.01 16.00 42.48
CA PHE H 311 36.64 14.75 41.83
C PHE H 311 35.43 14.95 40.92
N LEU H 312 34.41 15.65 41.40
CA LEU H 312 33.13 15.77 40.70
C LEU H 312 32.87 17.16 40.14
N LYS H 313 33.66 18.16 40.51
CA LYS H 313 33.34 19.54 40.16
C LYS H 313 33.30 19.72 38.66
N ASP H 314 34.29 19.15 37.98
CA ASP H 314 34.49 19.36 36.55
C ASP H 314 33.94 18.23 35.69
N VAL H 315 33.15 17.31 36.26
CA VAL H 315 32.56 16.25 35.47
C VAL H 315 31.44 16.79 34.60
N GLU H 316 31.37 16.27 33.37
CA GLU H 316 30.34 16.65 32.40
C GLU H 316 29.37 15.48 32.25
N LEU H 317 28.10 15.70 32.58
CA LEU H 317 27.08 14.66 32.50
C LEU H 317 26.67 14.35 31.06
N SER H 318 26.99 15.24 30.11
CA SER H 318 26.72 14.96 28.70
C SER H 318 27.49 13.74 28.21
N LYS H 319 28.70 13.55 28.72
CA LYS H 319 29.47 12.36 28.40
C LYS H 319 28.72 11.09 28.77
N MET H 320 28.19 11.04 29.99
CA MET H 320 27.39 9.90 30.46
C MET H 320 27.98 8.58 29.97
N ALA H 321 29.29 8.44 30.16
CA ALA H 321 30.00 7.29 29.60
C ALA H 321 29.37 5.98 30.08
N PRO H 322 28.86 5.15 29.19
CA PRO H 322 28.14 3.93 29.61
C PRO H 322 29.09 2.91 30.22
N PRO H 323 28.64 2.18 31.23
CA PRO H 323 29.51 1.20 31.89
C PRO H 323 29.85 -0.01 31.02
N ASP H 324 30.94 -0.67 31.42
CA ASP H 324 31.47 -1.83 30.72
C ASP H 324 30.56 -3.03 30.96
N THR I 24 0.21 17.93 34.88
CA THR I 24 1.09 17.40 35.91
C THR I 24 0.31 17.16 37.21
N LYS I 25 0.09 18.22 38.00
CA LYS I 25 -0.65 18.18 39.26
C LYS I 25 -1.97 18.94 39.14
N PRO I 26 -3.01 18.52 39.85
CA PRO I 26 -4.36 19.06 39.61
C PRO I 26 -4.62 20.43 40.20
N CYS I 27 -5.68 21.06 39.67
CA CYS I 27 -6.16 22.36 40.09
C CYS I 27 -7.23 22.19 41.17
N TRP I 28 -6.98 22.76 42.35
CA TRP I 28 -7.87 22.59 43.50
C TRP I 28 -8.62 23.87 43.89
N TYR I 29 -8.80 24.81 42.98
CA TYR I 29 -9.46 26.07 43.33
C TYR I 29 -10.61 26.35 42.38
N TRP I 30 -11.75 26.74 42.94
CA TRP I 30 -12.97 27.05 42.23
C TRP I 30 -13.29 28.53 42.40
N ASP I 31 -14.38 28.96 41.78
CA ASP I 31 -14.92 30.30 41.99
C ASP I 31 -16.15 30.17 42.87
N LYS I 32 -16.41 31.22 43.66
CA LYS I 32 -17.56 31.20 44.56
C LYS I 32 -18.82 30.77 43.82
N LYS I 33 -19.01 31.29 42.60
CA LYS I 33 -20.21 30.96 41.83
C LYS I 33 -20.37 29.46 41.65
N ASP I 34 -19.27 28.72 41.63
CA ASP I 34 -19.29 27.30 41.34
C ASP I 34 -19.85 26.48 42.49
N LEU I 35 -19.84 27.01 43.71
CA LEU I 35 -20.37 26.27 44.85
C LEU I 35 -21.88 26.10 44.80
N ALA I 36 -22.57 26.83 43.90
CA ALA I 36 -23.98 26.61 43.68
C ALA I 36 -24.26 25.29 43.00
N HIS I 37 -23.21 24.58 42.57
CA HIS I 37 -23.35 23.40 41.73
C HIS I 37 -22.57 22.22 42.29
N THR I 38 -22.40 22.16 43.60
CA THR I 38 -21.80 20.99 44.20
C THR I 38 -22.78 19.82 44.11
N PRO I 39 -22.27 18.59 44.15
CA PRO I 39 -23.19 17.43 44.21
C PRO I 39 -24.28 17.62 45.26
N SER I 40 -23.93 18.18 46.42
CA SER I 40 -24.90 18.39 47.48
C SER I 40 -26.01 19.33 47.04
N GLN I 41 -25.65 20.45 46.42
CA GLN I 41 -26.68 21.38 45.94
C GLN I 41 -27.59 20.71 44.93
N LEU I 42 -27.01 19.93 44.01
CA LEU I 42 -27.76 19.33 42.92
C LEU I 42 -28.59 18.14 43.37
N GLU I 43 -28.33 17.60 44.55
CA GLU I 43 -29.21 16.61 45.16
C GLU I 43 -30.28 17.23 46.04
N GLY I 44 -30.46 18.55 45.98
CA GLY I 44 -31.54 19.21 46.69
C GLY I 44 -31.18 19.83 48.02
N LEU I 45 -29.92 19.74 48.43
CA LEU I 45 -29.48 20.43 49.64
C LEU I 45 -29.38 21.92 49.37
N ASP I 46 -29.93 22.73 50.27
CA ASP I 46 -29.89 24.17 50.03
C ASP I 46 -28.57 24.77 50.51
N PRO I 47 -28.24 25.98 50.04
CA PRO I 47 -26.91 26.54 50.37
C PRO I 47 -26.66 26.66 51.86
N ALA I 48 -27.65 27.09 52.64
CA ALA I 48 -27.44 27.23 54.08
C ALA I 48 -27.08 25.90 54.70
N THR I 49 -27.74 24.82 54.28
CA THR I 49 -27.48 23.51 54.89
C THR I 49 -26.07 23.01 54.55
N GLU I 50 -25.66 23.12 53.28
CA GLU I 50 -24.33 22.62 52.94
C GLU I 50 -23.26 23.41 53.69
N ALA I 51 -23.43 24.72 53.79
CA ALA I 51 -22.48 25.51 54.58
C ALA I 51 -22.44 25.03 56.01
N ARG I 52 -23.61 24.76 56.60
CA ARG I 52 -23.67 24.26 57.97
C ARG I 52 -22.94 22.93 58.09
N TYR I 53 -23.22 22.00 57.17
CA TYR I 53 -22.54 20.70 57.21
C TYR I 53 -21.02 20.86 57.11
N ARG I 54 -20.56 21.82 56.31
CA ARG I 54 -19.12 22.06 56.22
C ARG I 54 -18.56 22.56 57.53
N ARG I 55 -19.27 23.48 58.20
CA ARG I 55 -18.80 23.96 59.50
C ARG I 55 -18.78 22.83 60.51
N GLU I 56 -19.87 22.05 60.56
CA GLU I 56 -19.96 20.98 61.54
C GLU I 56 -18.88 19.95 61.32
N GLY I 57 -18.66 19.56 60.07
CA GLY I 57 -17.60 18.61 59.79
C GLY I 57 -16.22 19.17 60.07
N ALA I 58 -15.99 20.44 59.71
CA ALA I 58 -14.69 21.05 59.97
C ALA I 58 -14.42 21.14 61.47
N ARG I 59 -15.39 21.65 62.24
CA ARG I 59 -15.20 21.74 63.68
C ARG I 59 -15.10 20.37 64.34
N PHE I 60 -15.81 19.37 63.81
CA PHE I 60 -15.66 18.00 64.31
C PHE I 60 -14.22 17.53 64.13
N ILE I 61 -13.66 17.69 62.92
CA ILE I 61 -12.26 17.32 62.71
C ILE I 61 -11.36 18.09 63.66
N PHE I 62 -11.64 19.39 63.84
CA PHE I 62 -10.82 20.22 64.71
C PHE I 62 -10.89 19.74 66.15
N ASP I 63 -12.11 19.49 66.66
CA ASP I 63 -12.26 19.10 68.05
C ASP I 63 -11.66 17.72 68.30
N VAL I 64 -11.93 16.76 67.40
CA VAL I 64 -11.42 15.41 67.58
C VAL I 64 -9.90 15.42 67.63
N GLY I 65 -9.28 16.07 66.64
CA GLY I 65 -7.83 16.09 66.59
C GLY I 65 -7.20 16.85 67.73
N THR I 66 -7.85 17.92 68.19
CA THR I 66 -7.32 18.65 69.33
C THR I 66 -7.28 17.78 70.57
N ARG I 67 -8.32 16.98 70.80
CA ARG I 67 -8.29 16.06 71.93
C ARG I 67 -7.15 15.06 71.80
N LEU I 68 -6.80 14.67 70.58
CA LEU I 68 -5.72 13.73 70.38
C LEU I 68 -4.33 14.37 70.46
N GLY I 69 -4.27 15.68 70.60
CA GLY I 69 -2.98 16.35 70.73
C GLY I 69 -2.28 16.56 69.41
N LEU I 70 -3.03 16.68 68.34
CA LEU I 70 -2.44 16.73 67.01
C LEU I 70 -1.94 18.13 66.65
N HIS I 71 -0.86 18.16 65.87
CA HIS I 71 -0.31 19.40 65.37
C HIS I 71 -1.38 20.16 64.59
N TYR I 72 -1.23 21.49 64.51
CA TYR I 72 -2.26 22.28 63.84
C TYR I 72 -2.32 21.97 62.34
N ASP I 73 -1.17 21.70 61.73
CA ASP I 73 -1.16 21.38 60.29
C ASP I 73 -1.97 20.12 60.02
N THR I 74 -1.88 19.13 60.91
CA THR I 74 -2.58 17.88 60.70
C THR I 74 -4.08 18.10 60.67
N LEU I 75 -4.59 18.95 61.55
CA LEU I 75 -6.02 19.27 61.53
C LEU I 75 -6.40 19.94 60.22
N ALA I 76 -5.63 20.94 59.81
CA ALA I 76 -5.96 21.67 58.59
C ALA I 76 -5.94 20.74 57.38
N THR I 77 -4.92 19.89 57.28
CA THR I 77 -4.86 18.97 56.16
C THR I 77 -6.11 18.11 56.10
N GLY I 78 -6.50 17.53 57.23
CA GLY I 78 -7.74 16.77 57.26
C GLY I 78 -8.94 17.58 56.82
N ILE I 79 -9.02 18.83 57.26
CA ILE I 79 -10.16 19.65 56.91
C ILE I 79 -10.17 19.97 55.42
N ILE I 80 -9.01 20.26 54.83
CA ILE I 80 -9.00 20.53 53.40
C ILE I 80 -9.36 19.28 52.61
N TYR I 81 -8.84 18.11 53.03
CA TYR I 81 -9.31 16.87 52.43
C TYR I 81 -10.84 16.81 52.49
N PHE I 82 -11.40 17.12 53.67
CA PHE I 82 -12.85 17.09 53.86
C PHE I 82 -13.56 18.04 52.91
N HIS I 83 -13.14 19.31 52.87
CA HIS I 83 -13.81 20.27 52.01
C HIS I 83 -13.76 19.83 50.55
N ARG I 84 -12.60 19.36 50.11
CA ARG I 84 -12.45 18.94 48.72
C ARG I 84 -13.33 17.73 48.44
N PHE I 85 -13.42 16.82 49.39
CA PHE I 85 -14.25 15.63 49.22
C PHE I 85 -15.67 16.01 48.79
N TYR I 86 -16.26 17.00 49.44
CA TYR I 86 -17.64 17.37 49.14
C TYR I 86 -17.77 18.33 47.97
N MET I 87 -16.67 18.55 47.26
CA MET I 87 -16.74 19.07 45.90
C MET I 87 -16.91 17.95 44.89
N PHE I 88 -16.71 16.70 45.31
CA PHE I 88 -16.84 15.53 44.45
C PHE I 88 -17.95 14.57 44.88
N HIS I 89 -18.55 14.77 46.03
CA HIS I 89 -19.60 13.89 46.53
C HIS I 89 -20.68 14.72 47.19
N SER I 90 -21.81 14.08 47.44
CA SER I 90 -22.94 14.73 48.08
C SER I 90 -22.93 14.41 49.57
N PHE I 91 -23.28 15.39 50.40
CA PHE I 91 -23.44 15.12 51.82
C PHE I 91 -24.56 14.12 52.08
N LYS I 92 -25.49 13.96 51.14
CA LYS I 92 -26.59 13.02 51.34
C LYS I 92 -26.19 11.58 51.12
N GLN I 93 -25.06 11.32 50.46
CA GLN I 93 -24.62 9.97 50.19
C GLN I 93 -23.44 9.53 51.05
N PHE I 94 -22.65 10.48 51.56
CA PHE I 94 -21.52 10.19 52.43
C PHE I 94 -21.67 10.96 53.74
N PRO I 95 -22.03 10.29 54.85
CA PRO I 95 -22.25 11.03 56.11
C PRO I 95 -21.02 11.83 56.52
N ARG I 96 -21.26 13.05 57.02
CA ARG I 96 -20.17 14.01 57.12
C ARG I 96 -19.18 13.63 58.22
N TYR I 97 -19.66 13.12 59.35
CA TYR I 97 -18.72 12.83 60.44
C TYR I 97 -17.88 11.60 60.16
N VAL I 98 -18.40 10.65 59.39
CA VAL I 98 -17.55 9.53 58.96
C VAL I 98 -16.47 10.02 58.03
N THR I 99 -16.84 10.81 57.02
CA THR I 99 -15.86 11.42 56.13
C THR I 99 -14.80 12.19 56.92
N GLY I 100 -15.25 13.04 57.83
CA GLY I 100 -14.29 13.80 58.63
C GLY I 100 -13.29 12.91 59.32
N ALA I 101 -13.78 11.87 60.02
CA ALA I 101 -12.88 10.96 60.72
C ALA I 101 -11.89 10.33 59.76
N CYS I 102 -12.37 9.91 58.59
CA CYS I 102 -11.48 9.31 57.60
C CYS I 102 -10.42 10.30 57.14
N CYS I 103 -10.83 11.56 56.92
CA CYS I 103 -9.87 12.60 56.54
C CYS I 103 -8.78 12.75 57.59
N LEU I 104 -9.17 12.88 58.86
CA LEU I 104 -8.17 13.05 59.91
C LEU I 104 -7.27 11.83 59.99
N PHE I 105 -7.84 10.63 59.84
CA PHE I 105 -7.04 9.42 59.86
C PHE I 105 -5.98 9.46 58.76
N LEU I 106 -6.39 9.79 57.54
CA LEU I 106 -5.42 9.87 56.46
C LEU I 106 -4.45 11.02 56.68
N ALA I 107 -4.97 12.17 57.11
CA ALA I 107 -4.12 13.32 57.36
C ALA I 107 -2.99 12.98 58.33
N GLY I 108 -3.31 12.20 59.37
CA GLY I 108 -2.29 11.84 60.33
C GLY I 108 -1.11 11.12 59.70
N LYS I 109 -1.39 10.16 58.83
CA LYS I 109 -0.31 9.44 58.16
C LYS I 109 0.41 10.34 57.16
N VAL I 110 -0.34 11.22 56.49
CA VAL I 110 0.27 12.12 55.52
C VAL I 110 1.25 13.06 56.22
N GLU I 111 0.84 13.64 57.35
CA GLU I 111 1.63 14.67 58.03
C GLU I 111 2.60 14.07 59.06
N GLU I 112 2.77 12.76 59.11
CA GLU I 112 3.69 12.10 60.03
C GLU I 112 3.29 12.36 61.49
N THR I 113 1.99 12.43 61.74
CA THR I 113 1.43 12.46 63.10
C THR I 113 0.36 11.37 63.21
N PRO I 114 0.71 10.12 62.95
CA PRO I 114 -0.34 9.10 62.80
C PRO I 114 -1.02 8.74 64.11
N LYS I 115 -2.30 8.38 64.00
CA LYS I 115 -3.10 7.88 65.10
C LYS I 115 -3.85 6.65 64.64
N LYS I 116 -4.16 5.77 65.59
CA LYS I 116 -4.87 4.54 65.26
C LYS I 116 -6.33 4.83 64.95
N CYS I 117 -6.87 4.13 63.96
CA CYS I 117 -8.28 4.32 63.66
C CYS I 117 -9.13 4.08 64.91
N LYS I 118 -8.68 3.15 65.75
CA LYS I 118 -9.39 2.83 66.99
C LYS I 118 -9.48 4.04 67.90
N ASP I 119 -8.44 4.85 67.96
CA ASP I 119 -8.44 6.02 68.86
C ASP I 119 -9.34 7.13 68.33
N ILE I 120 -9.36 7.34 67.01
CA ILE I 120 -10.19 8.38 66.43
C ILE I 120 -11.67 8.10 66.69
N ILE I 121 -12.08 6.84 66.55
CA ILE I 121 -13.47 6.50 66.81
C ILE I 121 -13.84 6.76 68.26
N LYS I 122 -12.96 6.36 69.18
CA LYS I 122 -13.24 6.54 70.60
C LYS I 122 -13.44 8.01 70.93
N THR I 123 -12.55 8.88 70.41
CA THR I 123 -12.71 10.32 70.61
C THR I 123 -13.97 10.84 69.96
N ALA I 124 -14.28 10.37 68.74
CA ALA I 124 -15.49 10.80 68.07
C ALA I 124 -16.72 10.46 68.90
N ARG I 125 -16.69 9.34 69.62
CA ARG I 125 -17.81 8.98 70.48
C ARG I 125 -17.95 9.96 71.64
N SER I 126 -16.83 10.40 72.22
CA SER I 126 -16.91 11.36 73.32
C SER I 126 -17.58 12.66 72.87
N LEU I 127 -17.28 13.11 71.66
CA LEU I 127 -17.73 14.41 71.19
C LEU I 127 -19.11 14.36 70.57
N LEU I 128 -19.49 13.23 69.97
CA LEU I 128 -20.76 13.12 69.27
C LEU I 128 -21.82 12.52 70.20
N ASN I 129 -23.04 13.03 70.09
CA ASN I 129 -24.18 12.44 70.80
C ASN I 129 -24.61 11.16 70.08
N ASP I 130 -25.69 10.54 70.58
CA ASP I 130 -26.06 9.24 70.04
C ASP I 130 -26.63 9.36 68.62
N VAL I 131 -27.41 10.41 68.35
CA VAL I 131 -27.95 10.60 67.01
C VAL I 131 -26.84 10.80 66.00
N GLN I 132 -25.90 11.70 66.31
CA GLN I 132 -24.79 11.96 65.40
C GLN I 132 -23.99 10.69 65.18
N PHE I 133 -23.61 10.01 66.27
CA PHE I 133 -22.80 8.82 66.16
C PHE I 133 -23.51 7.69 65.43
N GLY I 134 -24.81 7.83 65.15
CA GLY I 134 -25.48 6.85 64.32
C GLY I 134 -24.88 6.74 62.94
N GLN I 135 -24.29 7.82 62.44
CA GLN I 135 -23.71 7.79 61.10
C GLN I 135 -22.68 6.69 60.97
N PHE I 136 -21.97 6.37 62.05
CA PHE I 136 -20.94 5.34 61.97
C PHE I 136 -21.53 3.93 61.89
N GLY I 137 -22.80 3.77 62.19
CA GLY I 137 -23.35 2.46 61.95
C GLY I 137 -22.85 1.43 62.95
N ASP I 138 -22.95 0.17 62.52
CA ASP I 138 -22.67 -0.94 63.41
C ASP I 138 -21.17 -1.11 63.69
N ASP I 139 -20.32 -0.84 62.69
CA ASP I 139 -18.87 -1.00 62.83
C ASP I 139 -18.21 0.32 62.48
N PRO I 140 -17.99 1.20 63.46
CA PRO I 140 -17.40 2.51 63.14
C PRO I 140 -16.04 2.42 62.45
N LYS I 141 -15.12 1.62 62.97
CA LYS I 141 -13.81 1.53 62.35
C LYS I 141 -13.91 1.17 60.88
N GLU I 142 -14.70 0.16 60.55
CA GLU I 142 -14.81 -0.28 59.16
C GLU I 142 -15.37 0.82 58.27
N GLU I 143 -16.44 1.49 58.73
CA GLU I 143 -17.01 2.56 57.92
C GLU I 143 -15.96 3.59 57.55
N VAL I 144 -15.02 3.87 58.47
CA VAL I 144 -13.96 4.82 58.17
C VAL I 144 -12.94 4.19 57.22
N MET I 145 -12.43 2.99 57.57
CA MET I 145 -11.35 2.42 56.78
C MET I 145 -11.76 2.21 55.33
N VAL I 146 -13.02 1.83 55.11
CA VAL I 146 -13.49 1.60 53.75
C VAL I 146 -13.41 2.87 52.92
N LEU I 147 -13.69 4.01 53.56
CA LEU I 147 -13.75 5.27 52.83
C LEU I 147 -12.37 5.73 52.36
N GLU I 148 -11.30 5.20 52.96
CA GLU I 148 -9.96 5.67 52.63
C GLU I 148 -9.68 5.50 51.15
N ARG I 149 -10.13 4.39 50.57
CA ARG I 149 -9.95 4.19 49.14
C ARG I 149 -10.60 5.29 48.33
N ILE I 150 -11.84 5.63 48.67
CA ILE I 150 -12.56 6.65 47.93
C ILE I 150 -11.97 8.03 48.20
N LEU I 151 -11.59 8.31 49.46
CA LEU I 151 -10.95 9.60 49.75
C LEU I 151 -9.66 9.75 48.94
N LEU I 152 -8.78 8.75 48.98
CA LEU I 152 -7.54 8.80 48.23
C LEU I 152 -7.80 9.00 46.74
N GLN I 153 -8.75 8.24 46.20
CA GLN I 153 -9.09 8.43 44.78
C GLN I 153 -9.68 9.81 44.54
N THR I 154 -10.50 10.30 45.47
CA THR I 154 -11.17 11.58 45.28
C THR I 154 -10.18 12.73 45.25
N ILE I 155 -9.22 12.74 46.17
CA ILE I 155 -8.21 13.79 46.22
C ILE I 155 -7.07 13.49 45.26
N LYS I 156 -7.30 12.53 44.35
CA LYS I 156 -6.41 12.26 43.23
C LYS I 156 -4.98 11.96 43.67
N PHE I 157 -4.84 11.36 44.85
CA PHE I 157 -3.53 11.02 45.41
C PHE I 157 -2.59 12.21 45.44
N ASP I 158 -3.13 13.42 45.41
CA ASP I 158 -2.36 14.64 45.59
C ASP I 158 -2.39 14.96 47.08
N LEU I 159 -1.45 14.37 47.82
CA LEU I 159 -1.55 14.39 49.27
C LEU I 159 -0.91 15.63 49.89
N GLN I 160 0.08 16.23 49.24
CA GLN I 160 0.77 17.37 49.80
C GLN I 160 -0.13 18.61 49.77
N VAL I 161 -0.24 19.27 50.92
CA VAL I 161 -1.08 20.46 51.07
C VAL I 161 -0.33 21.51 51.88
N GLU I 162 -0.46 22.78 51.47
CA GLU I 162 0.12 23.91 52.17
C GLU I 162 -1.00 24.67 52.87
N HIS I 163 -0.68 25.30 54.00
CA HIS I 163 -1.71 25.98 54.78
C HIS I 163 -1.32 27.41 55.09
N PRO I 164 -2.29 28.30 55.32
CA PRO I 164 -1.96 29.71 55.57
C PRO I 164 -1.02 29.94 56.74
N TYR I 165 -0.97 29.01 57.71
CA TYR I 165 -0.21 29.31 58.93
C TYR I 165 1.25 29.61 58.62
N GLN I 166 1.88 28.74 57.84
CA GLN I 166 3.31 28.91 57.57
C GLN I 166 3.61 30.22 56.88
N PHE I 167 2.71 30.68 56.02
CA PHE I 167 2.92 31.95 55.33
C PHE I 167 2.66 33.11 56.28
N LEU I 168 1.66 32.97 57.16
CA LEU I 168 1.46 33.96 58.20
C LEU I 168 2.73 34.17 59.01
N LEU I 169 3.46 33.09 59.29
CA LEU I 169 4.69 33.20 60.06
C LEU I 169 5.84 33.71 59.19
N LYS I 170 5.93 33.20 57.96
CA LYS I 170 7.01 33.60 57.06
C LYS I 170 6.94 35.10 56.78
N TYR I 171 5.74 35.61 56.50
CA TYR I 171 5.59 37.02 56.17
C TYR I 171 5.80 37.90 57.39
N ALA I 172 5.25 37.51 58.54
CA ALA I 172 5.39 38.32 59.74
C ALA I 172 6.84 38.38 60.18
N LYS I 173 7.60 37.30 59.96
CA LYS I 173 9.02 37.27 60.32
C LYS I 173 9.79 38.41 59.66
N GLN I 174 9.32 38.88 58.51
CA GLN I 174 9.95 39.99 57.79
C GLN I 174 9.41 41.35 58.24
N LEU I 175 8.56 41.39 59.27
CA LEU I 175 8.10 42.63 59.85
C LEU I 175 8.99 42.99 61.03
N LYS I 176 9.39 44.26 61.11
CA LYS I 176 10.25 44.77 62.16
C LYS I 176 9.61 46.03 62.74
N GLY I 177 9.56 46.09 64.06
CA GLY I 177 8.94 47.22 64.74
C GLY I 177 8.60 46.82 66.17
N ASP I 178 7.57 47.47 66.70
CA ASP I 178 7.08 47.13 68.03
C ASP I 178 6.75 45.63 68.05
N LYS I 179 7.53 44.84 68.80
CA LYS I 179 7.32 43.40 68.79
C LYS I 179 5.91 43.04 69.26
N ASN I 180 5.40 43.75 70.27
CA ASN I 180 4.12 43.36 70.85
C ASN I 180 2.96 43.66 69.91
N LYS I 181 3.08 44.73 69.12
CA LYS I 181 2.04 44.99 68.12
C LYS I 181 2.09 43.94 67.01
N ILE I 182 3.30 43.55 66.60
CA ILE I 182 3.43 42.52 65.57
C ILE I 182 2.90 41.20 66.07
N GLN I 183 3.16 40.87 67.35
CA GLN I 183 2.65 39.61 67.89
C GLN I 183 1.12 39.62 67.97
N LYS I 184 0.52 40.74 68.38
CA LYS I 184 -0.94 40.79 68.43
C LYS I 184 -1.54 40.57 67.05
N LEU I 185 -0.90 41.12 66.02
CA LEU I 185 -1.34 40.90 64.65
C LEU I 185 -1.31 39.42 64.29
N VAL I 186 -0.19 38.76 64.56
CA VAL I 186 -0.04 37.36 64.18
C VAL I 186 -1.12 36.51 64.85
N GLN I 187 -1.33 36.73 66.13
CA GLN I 187 -2.26 35.91 66.89
C GLN I 187 -3.68 36.08 66.39
N MET I 188 -4.09 37.31 66.14
CA MET I 188 -5.41 37.58 65.60
C MET I 188 -5.57 36.92 64.23
N ALA I 189 -4.53 36.98 63.41
CA ALA I 189 -4.56 36.32 62.12
C ALA I 189 -4.63 34.81 62.27
N TRP I 190 -3.85 34.26 63.19
CA TRP I 190 -3.91 32.84 63.46
C TRP I 190 -5.33 32.42 63.80
N THR I 191 -5.99 33.21 64.65
CA THR I 191 -7.39 32.96 64.98
C THR I 191 -8.27 33.03 63.73
N PHE I 192 -8.05 34.05 62.89
CA PHE I 192 -8.84 34.16 61.67
C PHE I 192 -8.58 32.97 60.74
N VAL I 193 -7.34 32.50 60.70
CA VAL I 193 -7.03 31.30 59.91
C VAL I 193 -7.82 30.11 60.45
N ASN I 194 -7.79 29.91 61.76
CA ASN I 194 -8.55 28.82 62.36
C ASN I 194 -10.02 28.93 61.99
N ASP I 195 -10.54 30.15 61.92
CA ASP I 195 -11.95 30.34 61.59
C ASP I 195 -12.24 30.12 60.11
N SER I 196 -11.27 30.45 59.23
CA SER I 196 -11.52 30.30 57.81
C SER I 196 -11.62 28.84 57.41
N LEU I 197 -11.11 27.93 58.24
CA LEU I 197 -11.22 26.51 57.96
C LEU I 197 -12.66 26.02 57.97
N CYS I 198 -13.56 26.74 58.64
CA CYS I 198 -14.97 26.36 58.61
C CYS I 198 -15.65 26.79 57.31
N THR I 199 -14.93 27.50 56.45
CA THR I 199 -15.48 28.05 55.23
C THR I 199 -14.83 27.39 54.02
N THR I 200 -15.36 27.70 52.85
CA THR I 200 -14.84 27.18 51.58
C THR I 200 -13.70 28.02 51.03
N LEU I 201 -13.20 28.98 51.81
CA LEU I 201 -12.05 29.77 51.36
C LEU I 201 -10.86 28.86 51.04
N SER I 202 -10.73 27.74 51.76
CA SER I 202 -9.69 26.77 51.45
C SER I 202 -9.77 26.33 49.99
N LEU I 203 -10.96 26.39 49.41
CA LEU I 203 -11.20 25.95 48.05
C LEU I 203 -11.18 27.08 47.03
N GLN I 204 -11.11 28.33 47.48
CA GLN I 204 -11.18 29.46 46.56
C GLN I 204 -9.83 30.11 46.28
N TRP I 205 -8.95 30.19 47.27
CA TRP I 205 -7.72 30.98 47.16
C TRP I 205 -6.53 30.18 47.65
N GLU I 206 -5.38 30.41 47.04
CA GLU I 206 -4.16 29.74 47.50
C GLU I 206 -3.89 30.15 48.95
N PRO I 207 -3.21 29.29 49.71
CA PRO I 207 -2.98 29.63 51.13
C PRO I 207 -2.24 30.94 51.31
N GLU I 208 -1.30 31.23 50.41
CA GLU I 208 -0.51 32.46 50.54
C GLU I 208 -1.42 33.68 50.51
N ILE I 209 -2.45 33.63 49.66
CA ILE I 209 -3.41 34.73 49.59
C ILE I 209 -4.22 34.84 50.87
N ILE I 210 -4.59 33.69 51.44
CA ILE I 210 -5.36 33.71 52.69
C ILE I 210 -4.53 34.25 53.84
N ALA I 211 -3.25 33.86 53.90
CA ALA I 211 -2.39 34.37 54.97
C ALA I 211 -2.33 35.89 54.94
N VAL I 212 -2.19 36.47 53.75
CA VAL I 212 -2.17 37.92 53.62
C VAL I 212 -3.50 38.53 54.04
N ALA I 213 -4.60 37.87 53.68
CA ALA I 213 -5.92 38.42 54.01
C ALA I 213 -6.10 38.55 55.51
N VAL I 214 -5.69 37.54 56.28
CA VAL I 214 -5.89 37.59 57.73
C VAL I 214 -4.96 38.63 58.36
N MET I 215 -3.74 38.78 57.83
CA MET I 215 -2.91 39.90 58.27
C MET I 215 -3.59 41.23 57.93
N TYR I 216 -4.12 41.32 56.72
CA TYR I 216 -4.83 42.53 56.28
C TYR I 216 -6.01 42.83 57.20
N LEU I 217 -6.79 41.81 57.54
CA LEU I 217 -7.93 42.03 58.44
C LEU I 217 -7.47 42.43 59.82
N ALA I 218 -6.56 41.64 60.41
CA ALA I 218 -6.05 41.97 61.74
C ALA I 218 -5.49 43.39 61.76
N GLY I 219 -4.79 43.78 60.69
CA GLY I 219 -4.29 45.14 60.61
C GLY I 219 -5.39 46.18 60.66
N ARG I 220 -6.49 45.94 59.94
CA ARG I 220 -7.60 46.88 59.98
C ARG I 220 -8.20 46.98 61.38
N LEU I 221 -8.41 45.83 62.03
CA LEU I 221 -9.07 45.83 63.33
C LEU I 221 -8.18 46.46 64.41
N CYS I 222 -6.88 46.20 64.36
CA CYS I 222 -5.94 46.79 65.33
C CYS I 222 -5.44 48.17 64.95
N LYS I 223 -5.90 48.73 63.84
CA LYS I 223 -5.50 50.07 63.40
C LYS I 223 -3.99 50.17 63.24
N PHE I 224 -3.38 49.14 62.64
CA PHE I 224 -1.96 49.12 62.35
C PHE I 224 -1.72 49.49 60.89
N GLU I 225 -0.60 50.14 60.63
CA GLU I 225 -0.15 50.47 59.27
C GLU I 225 1.00 49.52 58.96
N ILE I 226 0.65 48.34 58.44
CA ILE I 226 1.62 47.25 58.34
C ILE I 226 2.81 47.66 57.49
N GLN I 227 2.60 48.51 56.48
CA GLN I 227 3.72 48.84 55.60
C GLN I 227 4.91 49.37 56.40
N GLU I 228 4.66 50.04 57.53
CA GLU I 228 5.75 50.66 58.28
C GLU I 228 6.77 49.65 58.78
N TRP I 229 6.34 48.42 59.05
CA TRP I 229 7.25 47.41 59.57
C TRP I 229 8.01 46.68 58.46
N THR I 230 7.67 46.92 57.20
CA THR I 230 8.29 46.22 56.09
C THR I 230 9.59 46.89 55.68
N SER I 231 10.35 46.20 54.85
CA SER I 231 11.57 46.78 54.29
C SER I 231 11.24 47.97 53.39
N LYS I 232 9.99 48.11 52.96
CA LYS I 232 9.53 49.20 52.10
C LYS I 232 8.43 49.99 52.79
N PRO I 233 8.80 50.90 53.69
CA PRO I 233 7.78 51.54 54.55
C PRO I 233 6.85 52.54 53.86
N MET I 234 7.12 52.98 52.63
CA MET I 234 6.24 53.91 51.93
C MET I 234 5.52 53.26 50.75
N TYR I 235 5.55 51.94 50.68
CA TYR I 235 4.80 51.15 49.71
C TYR I 235 3.50 50.75 50.40
N ARG I 236 2.41 51.46 50.11
CA ARG I 236 1.16 51.22 50.83
C ARG I 236 0.66 49.79 50.61
N ARG I 237 0.85 49.24 49.42
CA ARG I 237 0.42 47.86 49.15
C ARG I 237 1.56 46.93 49.54
N TRP I 238 1.65 46.69 50.85
CA TRP I 238 2.72 45.87 51.40
C TRP I 238 2.63 44.41 50.95
N TRP I 239 1.43 43.89 50.71
CA TRP I 239 1.32 42.47 50.40
C TRP I 239 2.11 42.10 49.15
N GLU I 240 2.27 43.04 48.22
CA GLU I 240 2.83 42.71 46.91
C GLU I 240 4.24 42.14 47.01
N GLN I 241 5.00 42.50 48.06
CA GLN I 241 6.32 41.90 48.21
C GLN I 241 6.26 40.43 48.61
N PHE I 242 5.16 39.99 49.21
CA PHE I 242 5.00 38.59 49.63
C PHE I 242 4.25 37.75 48.60
N VAL I 243 3.01 38.12 48.30
CA VAL I 243 2.19 37.43 47.32
C VAL I 243 1.93 38.44 46.20
N GLN I 244 2.40 38.12 45.00
CA GLN I 244 2.31 39.02 43.88
C GLN I 244 0.95 38.94 43.20
N ASP I 245 0.51 40.06 42.65
CA ASP I 245 -0.69 40.10 41.81
C ASP I 245 -1.95 39.73 42.60
N VAL I 246 -2.07 40.21 43.82
CA VAL I 246 -3.29 39.98 44.58
C VAL I 246 -4.04 41.31 44.65
N PRO I 247 -5.14 41.47 43.93
CA PRO I 247 -5.89 42.73 43.99
C PRO I 247 -6.55 42.91 45.35
N VAL I 248 -6.79 44.18 45.69
CA VAL I 248 -7.37 44.48 46.99
C VAL I 248 -8.77 43.90 47.11
N ASP I 249 -9.52 43.83 46.01
CA ASP I 249 -10.87 43.27 46.08
C ASP I 249 -10.83 41.86 46.66
N VAL I 250 -9.88 41.05 46.20
CA VAL I 250 -9.76 39.69 46.70
C VAL I 250 -9.61 39.68 48.21
N LEU I 251 -8.69 40.50 48.72
CA LEU I 251 -8.45 40.57 50.15
C LEU I 251 -9.71 41.03 50.89
N GLU I 252 -10.50 41.89 50.26
CA GLU I 252 -11.71 42.38 50.90
C GLU I 252 -12.80 41.31 50.89
N ASP I 253 -12.94 40.58 49.77
CA ASP I 253 -13.88 39.46 49.77
C ASP I 253 -13.54 38.45 50.85
N ILE I 254 -12.25 38.13 51.00
CA ILE I 254 -11.87 37.11 51.98
C ILE I 254 -12.19 37.60 53.39
N CYS I 255 -11.81 38.84 53.72
CA CYS I 255 -12.10 39.38 55.04
C CYS I 255 -13.59 39.34 55.32
N HIS I 256 -14.39 39.72 54.34
CA HIS I 256 -15.84 39.72 54.50
C HIS I 256 -16.36 38.38 54.96
N GLN I 257 -15.86 37.30 54.37
CA GLN I 257 -16.36 35.98 54.74
C GLN I 257 -16.06 35.65 56.19
N ILE I 258 -14.89 36.05 56.68
CA ILE I 258 -14.57 35.79 58.08
C ILE I 258 -15.46 36.66 58.96
N LEU I 259 -15.62 37.93 58.58
CA LEU I 259 -16.46 38.82 59.36
C LEU I 259 -17.91 38.38 59.33
N ASP I 260 -18.35 37.77 58.22
CA ASP I 260 -19.71 37.24 58.17
C ASP I 260 -19.89 36.11 59.17
N LEU I 261 -18.87 35.26 59.34
CA LEU I 261 -18.98 34.23 60.34
C LEU I 261 -19.11 34.82 61.74
N TYR I 262 -18.41 35.93 62.00
CA TYR I 262 -18.44 36.50 63.35
C TYR I 262 -19.73 37.24 63.66
N SER I 263 -20.43 37.75 62.66
CA SER I 263 -21.68 38.48 62.92
C SER I 263 -22.91 37.59 62.84
N GLN I 264 -22.81 36.49 62.09
CA GLN I 264 -23.91 35.55 61.97
C GLN I 264 -24.17 34.81 63.28
N GLY I 265 -23.12 34.26 63.89
CA GLY I 265 -23.21 33.64 65.19
C GLY I 265 -23.09 34.56 66.36
N LYS I 266 -22.92 35.86 66.10
CA LYS I 266 -22.73 36.87 67.13
C LYS I 266 -21.57 36.49 68.06
N GLN I 267 -20.49 35.99 67.47
CA GLN I 267 -19.20 35.70 68.10
C GLN I 267 -18.40 37.00 68.03
N GLN I 268 -17.30 37.09 68.76
CA GLN I 268 -16.66 38.38 68.93
C GLN I 268 -15.30 38.43 68.23
N MET I 269 -15.14 39.41 67.33
CA MET I 269 -13.88 39.61 66.65
C MET I 269 -12.76 39.87 67.67
N PRO I 270 -11.57 39.30 67.48
CA PRO I 270 -10.56 39.39 68.53
C PRO I 270 -10.23 40.84 68.90
S SO4 J . -53.27 35.61 38.10
O1 SO4 J . -53.00 34.80 36.90
O2 SO4 J . -53.67 36.97 37.70
O3 SO4 J . -54.36 34.99 38.87
O4 SO4 J . -52.07 35.67 38.93
S SO4 K . -20.90 -4.38 6.95
O1 SO4 K . -20.61 -4.50 5.52
O2 SO4 K . -19.65 -4.58 7.70
O3 SO4 K . -21.88 -5.41 7.34
O4 SO4 K . -21.45 -3.05 7.25
S SO4 L . -21.13 -2.10 25.43
O1 SO4 L . -20.39 -3.11 24.66
O2 SO4 L . -20.33 -0.87 25.49
O3 SO4 L . -22.42 -1.82 24.79
O4 SO4 L . -21.36 -2.61 26.80
S SO4 M . -62.62 55.23 24.59
O1 SO4 M . -61.80 56.19 23.85
O2 SO4 M . -63.81 54.87 23.80
O3 SO4 M . -63.06 55.84 25.87
O4 SO4 M . -61.83 54.02 24.87
S SO4 N . -41.49 3.41 15.26
O1 SO4 N . -41.20 2.92 13.91
O2 SO4 N . -40.27 3.97 15.86
O3 SO4 N . -42.53 4.45 15.19
O4 SO4 N . -41.98 2.29 16.09
S SO4 O . -58.05 32.33 37.80
O1 SO4 O . -57.71 31.06 37.13
O2 SO4 O . -57.12 33.38 37.33
O3 SO4 O . -57.91 32.15 39.25
O4 SO4 O . -59.44 32.70 37.48
S SO4 P . -53.19 13.20 -4.60
O1 SO4 P . -53.88 12.45 -5.67
O2 SO4 P . -52.05 13.94 -5.18
O3 SO4 P . -54.12 14.14 -3.97
O4 SO4 P . -52.67 12.26 -3.58
S SO4 Q . -45.93 -10.02 8.66
O1 SO4 Q . -46.80 -10.11 7.47
O2 SO4 Q . -44.59 -9.56 8.25
O3 SO4 Q . -46.52 -9.07 9.62
O4 SO4 Q . -45.82 -11.35 9.29
C13 RW6 R . -35.19 16.32 -2.77
C14 RW6 R . -37.49 16.33 -3.59
C15 RW6 R . -36.49 14.26 -2.60
C17 RW6 R . -38.78 14.18 -2.94
C18 RW6 R . -38.56 12.93 -2.47
C12 RW6 R . -35.10 14.81 -2.60
C8 RW6 R . -35.96 18.81 -10.69
C7 RW6 R . -37.27 18.99 -10.16
C6 RW6 R . -37.49 18.88 -8.82
C1 RW6 R . -35.72 18.17 -5.78
C9 RW6 R . -34.92 18.51 -9.87
C5 RW6 R . -36.43 18.57 -7.94
C4 RW6 R . -35.14 18.38 -8.47
C3 RW6 R . -35.93 18.06 -4.29
C2 RW6 R . -34.06 18.07 -7.55
C10 RW6 R . -34.57 19.03 -12.63
C11 RW6 R . -38.91 18.22 -11.71
C16 RW6 R . -37.59 14.94 -3.04
N1 RW6 R . -34.42 17.99 -6.22
N2 RW6 R . -36.69 18.45 -6.57
N3 RW6 R . -36.08 16.66 -3.88
O1 RW6 R . -32.88 17.90 -7.88
O2 RW6 R . -35.87 18.97 -12.05
O3 RW6 R . -38.21 19.29 -11.09
S1 RW6 R . -36.91 12.66 -2.09
H131 RW6 R . -35.53 16.72 -1.94
H132 RW6 R . -34.30 16.68 -2.94
H142 RW6 R . -38.02 16.40 -4.40
H141 RW6 R . -37.85 16.98 -2.93
H171 RW6 R . -39.64 14.50 -3.18
H181 RW6 R . -39.22 12.27 -2.36
H122 RW6 R . -34.66 14.59 -1.74
H121 RW6 R . -34.58 14.41 -3.33
H61 RW6 R . -38.36 19.01 -8.48
H91 RW6 R . -34.06 18.40 -10.22
H32 RW6 R . -36.74 18.56 -4.04
H31 RW6 R . -35.16 18.45 -3.82
H103 RW6 R . -34.63 19.38 -13.54
H102 RW6 R . -34.18 18.15 -12.65
H101 RW6 R . -34.01 19.63 -12.10
H112 RW6 R . -39.52 18.57 -12.38
H113 RW6 R . -39.42 17.74 -11.03
H111 RW6 R . -38.28 17.61 -12.12
H11 RW6 R . -33.79 17.82 -5.63
S SO4 S . -21.64 38.88 -4.82
O1 SO4 S . -22.47 38.50 -5.97
O2 SO4 S . -20.45 39.60 -5.30
O3 SO4 S . -22.42 39.76 -3.92
O4 SO4 S . -21.23 37.68 -4.10
S SO4 T . -38.18 49.22 9.29
O1 SO4 T . -38.19 50.66 9.61
O2 SO4 T . -37.73 49.04 7.90
O3 SO4 T . -39.54 48.69 9.44
O4 SO4 T . -37.27 48.52 10.20
S SO4 U . -33.09 10.93 -58.16
O1 SO4 U . -31.88 10.69 -58.94
O2 SO4 U . -33.53 12.33 -58.33
O3 SO4 U . -34.16 10.03 -58.62
O4 SO4 U . -32.83 10.67 -56.73
S SO4 V . -7.98 40.66 -46.83
O1 SO4 V . -6.95 41.25 -45.96
O2 SO4 V . -8.00 41.38 -48.13
O3 SO4 V . -7.68 39.23 -47.08
O4 SO4 V . -9.30 40.76 -46.20
S SO4 W . 0.21 3.27 -74.22
O1 SO4 W . -0.24 2.67 -75.48
O2 SO4 W . 1.66 3.53 -74.29
O3 SO4 W . -0.07 2.33 -73.12
O4 SO4 W . -0.49 4.53 -73.97
S SO4 X . -2.12 -16.59 -17.71
O1 SO4 X . -2.68 -17.78 -18.37
O2 SO4 X . -1.34 -15.80 -18.68
O3 SO4 X . -1.25 -17.01 -16.60
O4 SO4 X . -3.22 -15.76 -17.17
S SO4 Y . -17.21 -9.90 -27.78
O1 SO4 Y . -16.68 -10.80 -28.81
O2 SO4 Y . -16.26 -8.78 -27.57
O3 SO4 Y . -18.52 -9.36 -28.22
O4 SO4 Y . -17.37 -10.62 -26.50
S SO4 Z . -1.21 -35.79 -35.96
O1 SO4 Z . -0.03 -36.65 -35.77
O2 SO4 Z . -1.10 -35.07 -37.24
O3 SO4 Z . -2.42 -36.63 -35.97
O4 SO4 Z . -1.29 -34.82 -34.85
S SO4 AA . -8.72 -27.63 -14.80
O1 SO4 AA . -7.87 -27.32 -15.97
O2 SO4 AA . -9.83 -26.67 -14.74
O3 SO4 AA . -9.24 -29.00 -14.94
O4 SO4 AA . -7.91 -27.53 -13.58
S SO4 BA . -0.66 -20.63 -40.95
O1 SO4 BA . -0.52 -19.28 -40.39
O2 SO4 BA . 0.51 -20.95 -41.79
O3 SO4 BA . -1.88 -20.70 -41.76
O4 SO4 BA . -0.75 -21.61 -39.85
S SO4 CA . 7.67 -20.00 -18.84
O1 SO4 CA . 7.37 -20.63 -20.15
O2 SO4 CA . 7.50 -18.55 -18.93
O3 SO4 CA . 9.06 -20.32 -18.46
O4 SO4 CA . 6.75 -20.55 -17.83
S SO4 DA . -1.28 -2.14 -76.65
O1 SO4 DA . -0.37 -1.10 -76.11
O2 SO4 DA . -0.52 -3.02 -77.56
O3 SO4 DA . -2.38 -1.49 -77.39
O4 SO4 DA . -1.83 -2.92 -75.54
S SO4 EA . 29.02 -2.18 -70.39
O1 SO4 EA . 29.08 -0.85 -71.01
O2 SO4 EA . 28.83 -3.20 -71.44
O3 SO4 EA . 30.27 -2.44 -69.67
O4 SO4 EA . 27.88 -2.23 -69.46
C13 RW6 FA . 19.20 -13.18 -33.64
C14 RW6 FA . 20.52 -15.02 -34.48
C15 RW6 FA . 18.22 -15.41 -33.62
C17 RW6 FA . 19.15 -17.20 -34.74
C18 RW6 FA . 17.94 -17.72 -34.40
C12 RW6 FA . 18.13 -14.05 -33.02
C8 RW6 FA . 27.19 -14.34 -31.14
C7 RW6 FA . 27.00 -15.10 -32.34
C6 RW6 FA . 25.87 -14.94 -33.08
C1 RW6 FA . 22.80 -13.09 -33.08
C9 RW6 FA . 26.23 -13.46 -30.73
C5 RW6 FA . 24.87 -14.04 -32.68
C4 RW6 FA . 25.05 -13.29 -31.49
C3 RW6 FA . 21.59 -12.95 -33.95
C2 RW6 FA . 23.99 -12.37 -31.10
C10 RW6 FA . 28.79 -13.70 -29.47
C11 RW6 FA . 27.94 -16.76 -33.81
C16 RW6 FA . 19.30 -15.87 -34.27
N1 RW6 FA . 22.90 -12.32 -31.94
N2 RW6 FA . 23.73 -13.91 -33.46
N3 RW6 FA . 20.51 -13.86 -33.58
O1 RW6 FA . 24.03 -11.66 -30.09
O2 RW6 FA . 28.37 -14.59 -30.50
O3 RW6 FA . 28.03 -15.94 -32.64
S1 RW6 FA . 16.98 -16.60 -33.52
H131 RW6 FA . 19.26 -12.33 -33.16
H132 RW6 FA . 18.97 -13.00 -34.57
H142 RW6 FA . 21.33 -15.55 -34.31
H141 RW6 FA . 20.54 -14.70 -35.40
H171 RW6 FA . 19.81 -17.68 -35.23
H181 RW6 FA . 17.66 -18.59 -34.61
H122 RW6 FA . 17.24 -13.66 -33.18
H121 RW6 FA . 18.26 -14.11 -32.04
H61 RW6 FA . 25.76 -15.43 -33.88
H91 RW6 FA . 26.34 -12.97 -29.94
H32 RW6 FA . 21.84 -13.13 -34.89
H31 RW6 FA . 21.26 -12.03 -33.91
H103 RW6 FA . 28.14 -13.71 -28.75
H102 RW6 FA . 28.86 -12.80 -29.84
H101 RW6 FA . 29.65 -13.98 -29.14
H112 RW6 FA . 27.17 -17.33 -33.74
H113 RW6 FA . 28.75 -17.29 -33.89
H111 RW6 FA . 27.87 -16.18 -34.59
H11 RW6 FA . 22.24 -11.77 -31.73
S SO4 GA . 35.74 7.99 -63.03
O1 SO4 GA . 34.98 8.83 -63.97
O2 SO4 GA . 36.37 6.88 -63.77
O3 SO4 GA . 36.79 8.80 -62.38
O4 SO4 GA . 34.84 7.45 -62.01
S SO4 HA . 27.70 12.61 -56.04
O1 SO4 HA . 27.53 14.08 -56.08
O2 SO4 HA . 28.42 12.18 -57.24
O3 SO4 HA . 28.45 12.23 -54.83
O4 SO4 HA . 26.37 11.97 -56.00
S SO4 IA . 36.63 -11.78 -70.92
O1 SO4 IA . 36.37 -11.11 -72.21
O2 SO4 IA . 37.46 -12.97 -71.14
O3 SO4 IA . 35.35 -12.17 -70.31
O4 SO4 IA . 37.33 -10.85 -70.01
S SO4 JA . 31.38 -9.39 -66.15
O1 SO4 JA . 31.15 -8.68 -67.42
O2 SO4 JA . 32.30 -8.60 -65.30
O3 SO4 JA . 31.99 -10.71 -66.41
O4 SO4 JA . 30.10 -9.56 -65.45
S SO4 KA . 60.85 10.33 -1.34
O1 SO4 KA . 61.32 9.88 -2.67
O2 SO4 KA . 61.61 11.53 -0.96
O3 SO4 KA . 59.42 10.66 -1.42
O4 SO4 KA . 61.06 9.27 -0.35
S SO4 LA . 60.59 -30.68 0.51
O1 SO4 LA . 62.00 -30.26 0.41
O2 SO4 LA . 59.82 -30.04 -0.54
O3 SO4 LA . 60.50 -32.14 0.36
O4 SO4 LA . 60.06 -30.29 1.83
S SO4 MA . 49.42 -37.15 -28.59
O1 SO4 MA . 50.10 -36.27 -29.55
O2 SO4 MA . 50.10 -38.45 -28.52
O3 SO4 MA . 49.41 -36.53 -27.26
O4 SO4 MA . 48.01 -37.38 -29.02
S SO4 NA . 69.42 -16.80 -8.82
O1 SO4 NA . 68.88 -17.77 -9.79
O2 SO4 NA . 70.17 -15.74 -9.53
O3 SO4 NA . 70.33 -17.50 -7.88
O4 SO4 NA . 68.32 -16.17 -8.06
S SO4 OA . 61.08 -19.90 35.36
O1 SO4 OA . 60.65 -18.70 36.10
O2 SO4 OA . 61.80 -19.49 34.14
O3 SO4 OA . 59.90 -20.69 34.98
O4 SO4 OA . 61.96 -20.71 36.21
S SO4 PA . 5.02 -17.80 14.54
O1 SO4 PA . 4.64 -17.28 13.22
O2 SO4 PA . 6.01 -16.91 15.17
O3 SO4 PA . 5.59 -19.15 14.39
O4 SO4 PA . 3.83 -17.88 15.40
S SO4 QA . 16.35 -16.11 50.75
O1 SO4 QA . 15.88 -16.51 49.41
O2 SO4 QA . 17.13 -14.87 50.65
O3 SO4 QA . 15.19 -15.90 51.62
O4 SO4 QA . 17.20 -17.18 51.31
S SO4 RA . 2.25 -13.33 23.21
O1 SO4 RA . 3.34 -12.75 22.41
O2 SO4 RA . 1.09 -13.60 22.34
O3 SO4 RA . 1.86 -12.35 24.25
O4 SO4 RA . 2.71 -14.57 23.84
S SO4 SA . 20.19 -25.13 5.35
O1 SO4 SA . 20.83 -24.24 4.37
O2 SO4 SA . 20.73 -26.49 5.20
O3 SO4 SA . 20.47 -24.64 6.71
O4 SO4 SA . 18.73 -25.14 5.12
S SO4 TA . 66.60 -4.92 55.47
O1 SO4 TA . 68.01 -5.33 55.50
O2 SO4 TA . 66.51 -3.45 55.44
O3 SO4 TA . 65.93 -5.43 56.68
O4 SO4 TA . 65.96 -5.47 54.27
S SO4 UA . 21.14 -26.16 28.71
O1 SO4 UA . 21.74 -25.20 27.77
O2 SO4 UA . 20.92 -27.44 28.03
O3 SO4 UA . 19.84 -25.64 29.19
O4 SO4 UA . 22.04 -26.34 29.85
S SO4 VA . 60.00 -25.32 38.45
O1 SO4 VA . 59.82 -23.89 38.14
O2 SO4 VA . 61.32 -25.76 37.95
O3 SO4 VA . 59.96 -25.50 39.90
O4 SO4 VA . 58.94 -26.10 37.80
S SO4 WA . 49.45 -3.64 57.18
O1 SO4 WA . 49.30 -4.96 56.54
O2 SO4 WA . 49.96 -2.67 56.19
O3 SO4 WA . 50.38 -3.72 58.31
O4 SO4 WA . 48.13 -3.18 57.67
C13 RW6 XA . 15.54 -5.70 36.16
C14 RW6 XA . 15.24 -6.55 38.40
C15 RW6 XA . 14.56 -7.91 36.42
C17 RW6 XA . 14.57 -9.06 38.43
C18 RW6 XA . 14.15 -10.04 37.58
C12 RW6 XA . 14.70 -6.77 35.48
C8 RW6 XA . 11.54 -0.79 41.68
C7 RW6 XA . 12.18 -1.82 42.46
C6 RW6 XA . 13.09 -2.65 41.89
C1 RW6 XA . 14.60 -3.28 38.69
C9 RW6 XA . 11.83 -0.66 40.36
C5 RW6 XA . 13.40 -2.52 40.51
C4 RW6 XA . 12.77 -1.52 39.74
C3 RW6 XA . 15.62 -4.22 38.08
C2 RW6 XA . 13.11 -1.42 38.33
C10 RW6 XA . 10.20 1.18 41.80
C11 RW6 XA . 12.38 -2.81 44.62
C16 RW6 XA . 14.79 -7.82 37.75
N1 RW6 XA . 14.03 -2.33 37.86
N2 RW6 XA . 14.34 -3.39 39.95
N3 RW6 XA . 15.01 -5.41 37.50
O1 RW6 XA . 12.61 -0.59 37.55
O2 RW6 XA . 10.67 -0.03 42.40
O3 RW6 XA . 11.81 -1.83 43.76
S1 RW6 XA . 14.04 -9.49 35.97
H131 RW6 XA . 16.47 -6.01 36.24
H132 RW6 XA . 15.53 -4.88 35.63
H142 RW6 XA . 14.73 -6.41 39.23
H141 RW6 XA . 16.18 -6.61 38.63
H171 RW6 XA . 14.69 -9.18 39.36
H181 RW6 XA . 13.96 -10.92 37.85
H122 RW6 XA . 13.82 -6.40 35.25
H121 RW6 XA . 15.14 -7.06 34.65
H61 RW6 XA . 13.52 -3.30 42.39
H91 RW6 XA . 11.40 0.01 39.85
H32 RW6 XA . 16.12 -3.74 37.38
H31 RW6 XA . 16.26 -4.47 38.77
H103 RW6 XA . 10.95 1.75 41.59
H102 RW6 XA . 9.71 0.97 40.98
H101 RW6 XA . 9.61 1.64 42.42
H112 RW6 XA . 13.35 -2.69 44.65
H113 RW6 XA . 12.18 -3.69 44.29
H111 RW6 XA . 12.02 -2.70 45.51
H11 RW6 XA . 14.26 -2.29 37.01
S SO4 YA . 25.41 19.04 33.04
O1 SO4 YA . 26.11 17.84 32.54
O2 SO4 YA . 25.35 20.04 31.97
O3 SO4 YA . 24.04 18.67 33.45
O4 SO4 YA . 26.13 19.59 34.19
S SO4 ZA . 48.92 10.91 47.01
O1 SO4 ZA . 49.23 11.84 45.92
O2 SO4 ZA . 50.18 10.53 47.70
O3 SO4 ZA . 48.29 9.69 46.46
O4 SO4 ZA . 48.02 11.54 47.98
S SO4 AB . 45.75 10.76 41.13
O1 SO4 AB . 46.67 11.61 40.36
O2 SO4 AB . 45.51 9.51 40.39
O3 SO4 AB . 44.47 11.48 41.32
O4 SO4 AB . 46.34 10.45 42.44
S SO4 BB . 48.33 10.20 53.53
O1 SO4 BB . 47.55 10.62 52.35
O2 SO4 BB . 49.74 10.60 53.35
O3 SO4 BB . 47.79 10.86 54.73
O4 SO4 BB . 48.24 8.75 53.68
S SO4 CB . 19.53 -5.26 50.18
O1 SO4 CB . 18.51 -4.60 49.33
O2 SO4 CB . 20.79 -4.52 50.13
O3 SO4 CB . 19.03 -5.31 51.57
O4 SO4 CB . 19.76 -6.63 49.69
S SO4 DB . 13.45 23.55 41.59
O1 SO4 DB . 13.17 24.51 40.50
O2 SO4 DB . 14.77 22.93 41.35
O3 SO4 DB . 13.48 24.27 42.87
O4 SO4 DB . 12.40 22.52 41.61
S SO4 EB . -7.29 47.04 43.11
O1 SO4 EB . -7.74 47.43 41.75
O2 SO4 EB . -5.95 46.46 43.04
O3 SO4 EB . -8.24 46.07 43.67
O4 SO4 EB . -7.27 48.24 43.97
S SO4 FB . -29.22 17.46 60.35
O1 SO4 FB . -28.26 16.92 59.37
O2 SO4 FB . -30.26 18.23 59.65
O3 SO4 FB . -29.84 16.33 61.06
O4 SO4 FB . -28.52 18.31 61.31
#